data_8QQJ
#
_entry.id   8QQJ
#
_cell.length_a   1.00
_cell.length_b   1.00
_cell.length_c   1.00
_cell.angle_alpha   90.00
_cell.angle_beta   90.00
_cell.angle_gamma   90.00
#
_symmetry.space_group_name_H-M   'P 1'
#
loop_
_entity.id
_entity.type
_entity.pdbx_description
1 polymer 'Type IV narrow pilus major component PilA5'
2 branched '7-Acetamido-5-acetimidoyl-3,5,7,9-tetradeoxy-L-glycero-L-manno-nonulosonic aci-(1-4)-alpha-D-mannopyranose-(1-3)-2-acetamido-2-deoxy-alpha-D-galactopyranose-(1-3)-2-acetamido-2-deoxy-alpha-D-galactopyranose'
3 non-polymer 'MAGNESIUM ION'
#
_entity_poly.entity_id   1
_entity_poly.type   'polypeptide(L)'
_entity_poly.pdbx_seq_one_letter_code
;FTLIELAIVIVIIGILVAIAVPRFVDLTDQANQANVDATAAAVRSAYAIATVQAKGIPTCDQVFANLEGGSTSGSTWTSS
DNSTTVSCNASADTFTISRGGKTRTLNLTVN
;
_entity_poly.pdbx_strand_id   J,A,B,C,D,E,F,G,H,I,K,L,M,N,O,P,Q,R,S,T,U,V,W,X,Y,Z,a,b,c,d,e
#
loop_
_chem_comp.id
_chem_comp.type
_chem_comp.name
_chem_comp.formula
A2G D-saccharide, alpha linking 2-acetamido-2-deoxy-alpha-D-galactopyranose 'C8 H15 N O6'
MAN D-saccharide, alpha linking alpha-D-mannopyranose 'C6 H12 O6'
MG non-polymer 'MAGNESIUM ION' 'Mg 2'
WT8 L-saccharide '7-Acetamido-5-acetimidoyl-3,5,7,9-tetradeoxy-L-glycero-L-manno-nonulosonic aci' 'C13 H23 N3 O7'
#
# COMPACT_ATOMS: atom_id res chain seq x y z
N PHE A 1 -7.88 0.92 12.30
CA PHE A 1 -7.84 -0.53 12.65
C PHE A 1 -7.32 -1.30 11.44
N THR A 2 -6.57 -2.39 11.68
CA THR A 2 -6.11 -3.24 10.58
C THR A 2 -7.28 -4.07 10.03
N LEU A 3 -7.10 -4.63 8.82
CA LEU A 3 -8.11 -5.47 8.20
C LEU A 3 -8.34 -6.77 8.99
N ILE A 4 -7.28 -7.28 9.64
CA ILE A 4 -7.38 -8.46 10.49
C ILE A 4 -8.31 -8.19 11.68
N GLU A 5 -8.12 -7.05 12.37
CA GLU A 5 -8.96 -6.68 13.51
C GLU A 5 -10.42 -6.55 13.09
N LEU A 6 -10.69 -5.93 11.94
CA LEU A 6 -12.05 -5.83 11.41
C LEU A 6 -12.63 -7.21 11.08
N ALA A 7 -11.83 -8.14 10.53
CA ALA A 7 -12.26 -9.49 10.23
C ALA A 7 -12.65 -10.25 11.51
N ILE A 8 -11.83 -10.12 12.56
CA ILE A 8 -12.09 -10.69 13.87
C ILE A 8 -13.38 -10.12 14.46
N VAL A 9 -13.59 -8.80 14.37
CA VAL A 9 -14.81 -8.14 14.81
C VAL A 9 -16.03 -8.65 14.06
N ILE A 10 -15.95 -8.79 12.73
CA ILE A 10 -17.03 -9.31 11.90
C ILE A 10 -17.42 -10.73 12.31
N VAL A 11 -16.44 -11.55 12.71
CA VAL A 11 -16.69 -12.89 13.23
C VAL A 11 -17.40 -12.84 14.59
N ILE A 12 -16.85 -12.09 15.55
CA ILE A 12 -17.32 -12.11 16.93
C ILE A 12 -18.71 -11.47 17.06
N ILE A 13 -18.99 -10.39 16.33
CA ILE A 13 -20.33 -9.79 16.33
C ILE A 13 -21.38 -10.84 15.96
N GLY A 14 -21.09 -11.65 14.93
CA GLY A 14 -22.02 -12.66 14.46
C GLY A 14 -22.29 -13.77 15.48
N ILE A 15 -21.41 -13.92 16.49
CA ILE A 15 -21.52 -14.94 17.51
C ILE A 15 -22.09 -14.38 18.83
N LEU A 16 -21.86 -13.10 19.15
CA LEU A 16 -22.46 -12.49 20.33
C LEU A 16 -23.91 -12.06 20.07
N VAL A 17 -24.27 -11.84 18.81
CA VAL A 17 -25.66 -11.91 18.37
C VAL A 17 -25.99 -13.39 18.19
N ALA A 18 -27.27 -13.75 17.95
CA ALA A 18 -27.67 -15.16 17.87
C ALA A 18 -27.48 -15.90 19.21
N ILE A 19 -27.58 -15.13 20.31
CA ILE A 19 -27.94 -15.64 21.62
C ILE A 19 -29.47 -15.70 21.69
N ALA A 20 -30.00 -16.39 22.71
CA ALA A 20 -31.37 -16.10 23.14
C ALA A 20 -31.41 -14.81 23.96
N VAL A 21 -32.58 -14.17 24.01
CA VAL A 21 -32.84 -13.03 24.89
C VAL A 21 -34.28 -13.16 25.38
N PRO A 22 -34.61 -12.83 26.66
CA PRO A 22 -35.98 -12.98 27.13
C PRO A 22 -36.93 -11.97 26.50
N ARG A 23 -38.19 -12.37 26.32
CA ARG A 23 -39.25 -11.42 26.00
C ARG A 23 -39.65 -10.69 27.27
N PHE A 24 -39.98 -9.39 27.14
CA PHE A 24 -40.78 -8.78 28.18
C PHE A 24 -42.20 -9.32 28.08
N VAL A 25 -42.87 -9.53 29.23
CA VAL A 25 -44.22 -10.04 29.27
C VAL A 25 -45.05 -9.17 30.21
N ASP A 26 -46.28 -8.83 29.79
CA ASP A 26 -47.19 -8.11 30.64
C ASP A 26 -47.79 -9.05 31.70
N LEU A 27 -47.05 -9.22 32.81
CA LEU A 27 -47.48 -10.05 33.93
C LEU A 27 -48.41 -9.31 34.90
N THR A 28 -48.96 -8.15 34.49
CA THR A 28 -49.75 -7.35 35.42
C THR A 28 -51.06 -8.02 35.80
N ASP A 29 -51.60 -8.92 34.98
CA ASP A 29 -52.81 -9.66 35.34
C ASP A 29 -52.60 -10.55 36.57
N GLN A 30 -51.51 -11.33 36.57
CA GLN A 30 -51.16 -12.21 37.68
C GLN A 30 -50.86 -11.41 38.94
N ALA A 31 -50.10 -10.31 38.80
CA ALA A 31 -49.78 -9.43 39.91
C ALA A 31 -51.03 -8.72 40.45
N ASN A 32 -51.92 -8.24 39.57
CA ASN A 32 -53.17 -7.62 39.97
C ASN A 32 -54.06 -8.59 40.74
N GLN A 33 -54.12 -9.85 40.30
CA GLN A 33 -54.89 -10.87 41.00
C GLN A 33 -54.36 -11.06 42.42
N ALA A 34 -53.04 -11.19 42.58
CA ALA A 34 -52.42 -11.31 43.89
C ALA A 34 -52.65 -10.08 44.77
N ASN A 35 -52.64 -8.87 44.19
CA ASN A 35 -52.96 -7.65 44.91
C ASN A 35 -54.40 -7.68 45.44
N VAL A 36 -55.36 -8.07 44.59
CA VAL A 36 -56.76 -8.17 44.95
C VAL A 36 -56.97 -9.20 46.05
N ASP A 37 -56.33 -10.37 45.94
CA ASP A 37 -56.41 -11.43 46.94
C ASP A 37 -55.81 -10.99 48.28
N ALA A 38 -54.59 -10.46 48.28
CA ALA A 38 -53.96 -9.94 49.50
C ALA A 38 -54.80 -8.84 50.15
N THR A 39 -55.39 -7.96 49.34
CA THR A 39 -56.27 -6.91 49.83
C THR A 39 -57.55 -7.50 50.42
N ALA A 40 -58.11 -8.54 49.81
CA ALA A 40 -59.29 -9.24 50.33
C ALA A 40 -59.01 -9.86 51.71
N ALA A 41 -57.83 -10.47 51.90
CA ALA A 41 -57.40 -10.96 53.20
C ALA A 41 -57.35 -9.84 54.23
N ALA A 42 -56.77 -8.69 53.85
CA ALA A 42 -56.70 -7.53 54.72
C ALA A 42 -58.09 -7.01 55.10
N VAL A 43 -59.04 -6.95 54.17
CA VAL A 43 -60.41 -6.50 54.43
C VAL A 43 -61.10 -7.43 55.43
N ARG A 44 -60.94 -8.76 55.28
CA ARG A 44 -61.49 -9.72 56.24
C ARG A 44 -60.96 -9.50 57.65
N SER A 45 -59.64 -9.33 57.81
CA SER A 45 -59.04 -9.07 59.10
C SER A 45 -59.50 -7.72 59.68
N ALA A 46 -59.54 -6.68 58.85
CA ALA A 46 -59.99 -5.34 59.26
C ALA A 46 -61.45 -5.37 59.72
N TYR A 47 -62.29 -6.16 59.05
CA TYR A 47 -63.66 -6.39 59.45
C TYR A 47 -63.73 -7.11 60.79
N ALA A 48 -62.99 -8.21 60.96
CA ALA A 48 -62.98 -8.95 62.21
C ALA A 48 -62.57 -8.06 63.39
N ILE A 49 -61.48 -7.29 63.25
CA ILE A 49 -61.05 -6.30 64.23
C ILE A 49 -62.16 -5.29 64.52
N ALA A 50 -62.84 -4.80 63.47
CA ALA A 50 -63.95 -3.86 63.61
C ALA A 50 -65.12 -4.43 64.41
N THR A 51 -65.41 -5.74 64.31
CA THR A 51 -66.51 -6.33 65.10
C THR A 51 -66.22 -6.32 66.60
N VAL A 52 -64.94 -6.34 67.01
CA VAL A 52 -64.57 -6.19 68.41
C VAL A 52 -64.71 -4.72 68.84
N GLN A 53 -64.17 -3.78 68.04
CA GLN A 53 -64.26 -2.35 68.32
C GLN A 53 -65.72 -1.88 68.43
N ALA A 54 -66.57 -2.31 67.48
CA ALA A 54 -67.97 -1.96 67.41
C ALA A 54 -68.82 -2.65 68.49
N LYS A 55 -68.30 -3.72 69.12
CA LYS A 55 -69.04 -4.60 70.02
C LYS A 55 -70.35 -5.05 69.37
N GLY A 56 -70.26 -5.51 68.11
CA GLY A 56 -71.40 -5.82 67.27
C GLY A 56 -71.05 -5.70 65.78
N ILE A 57 -72.07 -5.57 64.92
CA ILE A 57 -71.87 -5.37 63.49
C ILE A 57 -71.23 -4.00 63.26
N PRO A 58 -70.08 -3.90 62.53
CA PRO A 58 -69.41 -2.63 62.31
C PRO A 58 -70.04 -1.81 61.18
N THR A 59 -69.78 -0.51 61.23
CA THR A 59 -70.08 0.36 60.09
C THR A 59 -69.01 0.21 59.01
N CYS A 60 -69.34 0.60 57.78
CA CYS A 60 -68.40 0.60 56.67
C CYS A 60 -67.12 1.40 56.98
N ASP A 61 -67.26 2.55 57.66
CA ASP A 61 -66.14 3.39 58.07
C ASP A 61 -65.27 2.74 59.14
N GLN A 62 -65.87 2.02 60.11
CA GLN A 62 -65.13 1.30 61.13
C GLN A 62 -64.23 0.23 60.52
N VAL A 63 -64.69 -0.43 59.45
CA VAL A 63 -63.88 -1.41 58.73
C VAL A 63 -62.70 -0.72 58.05
N PHE A 64 -62.93 0.33 57.27
CA PHE A 64 -61.84 1.00 56.56
C PHE A 64 -60.85 1.71 57.50
N ALA A 65 -61.28 2.09 58.71
CA ALA A 65 -60.38 2.65 59.72
C ALA A 65 -59.22 1.69 60.04
N ASN A 66 -59.42 0.38 59.90
CA ASN A 66 -58.42 -0.64 60.20
C ASN A 66 -57.53 -1.02 59.00
N LEU A 67 -57.62 -0.34 57.86
CA LEU A 67 -56.76 -0.59 56.70
C LEU A 67 -55.69 0.49 56.58
N GLU A 68 -54.44 0.07 56.40
CA GLU A 68 -53.28 0.96 56.50
C GLU A 68 -52.91 1.62 55.16
N GLY A 69 -52.96 0.87 54.05
CA GLY A 69 -52.22 1.22 52.85
C GLY A 69 -52.85 2.24 51.89
N GLY A 70 -53.66 3.16 52.39
CA GLY A 70 -54.46 4.03 51.53
C GLY A 70 -55.37 4.98 52.32
N SER A 71 -56.40 5.50 51.63
CA SER A 71 -57.28 6.53 52.16
C SER A 71 -58.73 6.23 51.80
N THR A 72 -59.67 6.89 52.47
CA THR A 72 -61.10 6.64 52.27
C THR A 72 -61.87 7.93 51.97
N SER A 73 -62.85 7.82 51.06
CA SER A 73 -63.89 8.80 50.80
C SER A 73 -65.21 8.04 50.84
N GLY A 74 -66.25 8.63 51.44
CA GLY A 74 -67.40 7.90 51.98
C GLY A 74 -67.81 6.62 51.24
N SER A 75 -67.79 5.47 51.96
CA SER A 75 -68.12 4.12 51.48
C SER A 75 -67.08 3.47 50.54
N THR A 76 -65.95 4.11 50.25
CA THR A 76 -64.87 3.48 49.47
C THR A 76 -63.49 3.79 50.06
N TRP A 77 -62.57 2.83 49.91
CA TRP A 77 -61.18 2.94 50.30
C TRP A 77 -60.32 2.72 49.05
N THR A 78 -59.23 3.47 48.90
CA THR A 78 -58.38 3.43 47.72
C THR A 78 -56.91 3.36 48.14
N SER A 79 -56.12 2.46 47.53
CA SER A 79 -54.69 2.35 47.83
C SER A 79 -53.96 3.65 47.50
N SER A 80 -52.87 3.97 48.23
CA SER A 80 -52.19 5.24 48.06
C SER A 80 -51.66 5.47 46.64
N ASP A 81 -51.21 4.40 45.97
CA ASP A 81 -51.11 4.35 44.52
C ASP A 81 -52.48 3.90 44.01
N ASN A 82 -53.23 4.80 43.33
CA ASN A 82 -54.70 4.80 43.30
C ASN A 82 -55.41 3.61 42.63
N SER A 83 -54.70 2.59 42.14
CA SER A 83 -55.29 1.57 41.28
C SER A 83 -56.17 0.53 42.00
N THR A 84 -55.88 0.19 43.26
CA THR A 84 -56.69 -0.77 44.00
C THR A 84 -57.80 -0.06 44.77
N THR A 85 -59.03 -0.54 44.60
CA THR A 85 -60.21 0.03 45.24
C THR A 85 -60.92 -1.03 46.10
N VAL A 86 -61.45 -0.62 47.24
CA VAL A 86 -62.43 -1.39 48.00
C VAL A 86 -63.68 -0.53 48.16
N SER A 87 -64.89 -1.11 48.08
CA SER A 87 -66.10 -0.35 48.32
C SER A 87 -67.17 -1.17 49.02
N CYS A 88 -67.94 -0.54 49.90
CA CYS A 88 -69.12 -1.15 50.51
C CYS A 88 -70.37 -0.90 49.68
N ASN A 89 -71.27 -1.89 49.70
CA ASN A 89 -72.69 -1.67 49.51
C ASN A 89 -73.35 -2.09 50.80
N ALA A 90 -73.49 -1.16 51.76
CA ALA A 90 -73.92 -1.47 53.11
C ALA A 90 -75.35 -2.02 53.20
N SER A 91 -76.19 -1.65 52.21
CA SER A 91 -77.54 -2.17 52.00
C SER A 91 -77.54 -3.59 51.42
N ALA A 92 -76.47 -3.95 50.69
CA ALA A 92 -76.29 -5.27 50.08
C ALA A 92 -75.33 -6.17 50.88
N ASP A 93 -74.88 -5.72 52.07
CA ASP A 93 -74.00 -6.47 52.98
C ASP A 93 -72.79 -7.07 52.24
N THR A 94 -72.10 -6.20 51.49
CA THR A 94 -71.09 -6.63 50.53
C THR A 94 -69.92 -5.64 50.45
N PHE A 95 -68.69 -6.15 50.38
CA PHE A 95 -67.50 -5.40 49.98
C PHE A 95 -67.01 -5.90 48.61
N THR A 96 -66.69 -4.99 47.69
CA THR A 96 -66.02 -5.37 46.46
C THR A 96 -64.60 -4.83 46.45
N ILE A 97 -63.62 -5.71 46.17
CA ILE A 97 -62.22 -5.36 46.04
C ILE A 97 -61.85 -5.50 44.56
N SER A 98 -61.24 -4.48 43.96
CA SER A 98 -60.89 -4.57 42.54
C SER A 98 -59.62 -3.79 42.18
N ARG A 99 -58.93 -4.26 41.12
CA ARG A 99 -57.74 -3.64 40.56
C ARG A 99 -57.55 -4.10 39.12
N GLY A 100 -57.48 -3.15 38.17
CA GLY A 100 -57.20 -3.45 36.77
C GLY A 100 -58.09 -4.55 36.18
N GLY A 101 -59.38 -4.55 36.57
CA GLY A 101 -60.32 -5.53 36.03
C GLY A 101 -60.38 -6.84 36.79
N LYS A 102 -59.34 -7.17 37.57
CA LYS A 102 -59.39 -8.30 38.51
C LYS A 102 -60.24 -7.87 39.70
N THR A 103 -61.09 -8.78 40.22
CA THR A 103 -62.09 -8.40 41.22
C THR A 103 -62.39 -9.55 42.18
N ARG A 104 -62.85 -9.22 43.40
CA ARG A 104 -63.30 -10.18 44.40
C ARG A 104 -64.40 -9.54 45.25
N THR A 105 -65.31 -10.36 45.77
CA THR A 105 -66.45 -9.86 46.54
C THR A 105 -66.55 -10.62 47.86
N LEU A 106 -66.74 -9.88 48.96
CA LEU A 106 -66.92 -10.44 50.30
C LEU A 106 -68.33 -10.15 50.81
N ASN A 107 -69.09 -11.19 51.18
CA ASN A 107 -70.44 -11.01 51.68
C ASN A 107 -70.46 -10.96 53.21
N LEU A 108 -69.99 -9.82 53.76
CA LEU A 108 -69.91 -9.55 55.18
C LEU A 108 -70.98 -8.53 55.59
N THR A 109 -71.79 -8.85 56.60
CA THR A 109 -72.85 -7.95 57.06
C THR A 109 -72.26 -6.68 57.69
N VAL A 110 -72.70 -5.51 57.22
CA VAL A 110 -72.12 -4.22 57.57
C VAL A 110 -73.23 -3.15 57.54
N ASN A 111 -73.03 -2.03 58.26
CA ASN A 111 -73.99 -0.93 58.27
C ASN A 111 -73.33 0.46 58.32
N PHE B 1 -76.38 -16.76 84.67
CA PHE B 1 -75.82 -17.81 85.58
C PHE B 1 -74.80 -18.64 84.80
N THR B 2 -73.75 -19.10 85.49
CA THR B 2 -72.77 -19.99 84.85
C THR B 2 -73.35 -21.39 84.67
N LEU B 3 -72.73 -22.19 83.78
CA LEU B 3 -73.16 -23.57 83.56
C LEU B 3 -73.00 -24.43 84.82
N ILE B 4 -71.99 -24.15 85.64
CA ILE B 4 -71.77 -24.85 86.89
C ILE B 4 -72.95 -24.61 87.85
N GLU B 5 -73.38 -23.35 88.01
CA GLU B 5 -74.50 -23.03 88.88
C GLU B 5 -75.78 -23.73 88.42
N LEU B 6 -76.04 -23.76 87.11
CA LEU B 6 -77.19 -24.48 86.57
C LEU B 6 -77.07 -25.99 86.82
N ALA B 7 -75.87 -26.57 86.72
CA ALA B 7 -75.65 -27.99 87.01
C ALA B 7 -75.95 -28.32 88.47
N ILE B 8 -75.47 -27.47 89.39
CA ILE B 8 -75.73 -27.57 90.82
C ILE B 8 -77.24 -27.49 91.09
N VAL B 9 -77.93 -26.54 90.46
CA VAL B 9 -79.38 -26.39 90.58
C VAL B 9 -80.11 -27.64 90.09
N ILE B 10 -79.72 -28.19 88.94
CA ILE B 10 -80.30 -29.40 88.37
C ILE B 10 -80.16 -30.59 89.34
N VAL B 11 -79.02 -30.67 90.05
CA VAL B 11 -78.81 -31.69 91.07
C VAL B 11 -79.72 -31.47 92.27
N ILE B 12 -79.72 -30.27 92.86
CA ILE B 12 -80.41 -30.01 94.11
C ILE B 12 -81.93 -30.06 93.96
N ILE B 13 -82.49 -29.57 92.84
CA ILE B 13 -83.92 -29.69 92.57
C ILE B 13 -84.35 -31.16 92.65
N GLY B 14 -83.57 -32.05 92.05
CA GLY B 14 -83.89 -33.48 92.03
C GLY B 14 -83.87 -34.14 93.42
N ILE B 15 -83.23 -33.48 94.40
CA ILE B 15 -83.11 -34.00 95.77
C ILE B 15 -84.10 -33.34 96.72
N LEU B 16 -84.48 -32.07 96.48
CA LEU B 16 -85.50 -31.42 97.30
C LEU B 16 -86.92 -31.80 96.87
N VAL B 17 -87.09 -32.25 95.63
CA VAL B 17 -88.21 -33.10 95.24
C VAL B 17 -87.88 -34.52 95.67
N ALA B 18 -88.83 -35.47 95.58
CA ALA B 18 -88.63 -36.84 96.09
C ALA B 18 -88.41 -36.88 97.60
N ILE B 19 -89.01 -35.90 98.29
CA ILE B 19 -89.37 -36.00 99.69
C ILE B 19 -90.72 -36.71 99.77
N ALA B 20 -91.12 -37.14 100.98
CA ALA B 20 -92.52 -37.37 101.26
C ALA B 20 -93.27 -36.05 101.47
N VAL B 21 -94.58 -36.05 101.22
CA VAL B 21 -95.46 -34.93 101.55
C VAL B 21 -96.78 -35.52 102.02
N PRO B 22 -97.48 -34.95 103.05
CA PRO B 22 -98.73 -35.54 103.51
C PRO B 22 -99.86 -35.35 102.50
N ARG B 23 -100.78 -36.32 102.47
CA ARG B 23 -102.05 -36.12 101.77
C ARG B 23 -102.96 -35.25 102.63
N PHE B 24 -103.76 -34.39 101.98
CA PHE B 24 -104.93 -33.88 102.66
C PHE B 24 -105.96 -35.01 102.77
N VAL B 25 -106.70 -35.06 103.89
CA VAL B 25 -107.70 -36.08 104.13
C VAL B 25 -108.98 -35.41 104.63
N ASP B 26 -110.11 -35.85 104.09
CA ASP B 26 -111.41 -35.37 104.57
C ASP B 26 -111.74 -36.00 105.92
N LEU B 27 -111.23 -35.41 107.00
CA LEU B 27 -111.49 -35.87 108.36
C LEU B 27 -112.81 -35.32 108.93
N THR B 28 -113.70 -34.77 108.07
CA THR B 28 -114.91 -34.14 108.57
C THR B 28 -115.88 -35.13 109.18
N ASP B 29 -115.84 -36.42 108.80
CA ASP B 29 -116.68 -37.45 109.41
C ASP B 29 -116.37 -37.62 110.91
N GLN B 30 -115.08 -37.76 111.24
CA GLN B 30 -114.63 -37.92 112.62
C GLN B 30 -114.94 -36.66 113.45
N ALA B 31 -114.68 -35.48 112.88
CA ALA B 31 -114.97 -34.21 113.52
C ALA B 31 -116.49 -34.00 113.70
N ASN B 32 -117.30 -34.35 112.70
CA ASN B 32 -118.76 -34.26 112.78
C ASN B 32 -119.29 -35.17 113.87
N GLN B 33 -118.76 -36.39 113.99
CA GLN B 33 -119.17 -37.31 115.04
C GLN B 33 -118.89 -36.72 116.43
N ALA B 34 -117.70 -36.17 116.64
CA ALA B 34 -117.34 -35.51 117.89
C ALA B 34 -118.24 -34.29 118.18
N ASN B 35 -118.60 -33.52 117.15
CA ASN B 35 -119.53 -32.41 117.30
C ASN B 35 -120.91 -32.89 117.77
N VAL B 36 -121.43 -33.95 117.15
CA VAL B 36 -122.72 -34.54 117.50
C VAL B 36 -122.70 -35.08 118.93
N ASP B 37 -121.63 -35.78 119.31
CA ASP B 37 -121.47 -36.32 120.66
C ASP B 37 -121.37 -35.21 121.71
N ALA B 38 -120.50 -34.21 121.51
CA ALA B 38 -120.40 -33.07 122.42
C ALA B 38 -121.72 -32.32 122.54
N THR B 39 -122.45 -32.16 121.43
CA THR B 39 -123.77 -31.53 121.43
C THR B 39 -124.78 -32.37 122.20
N ALA B 40 -124.74 -33.70 122.06
CA ALA B 40 -125.60 -34.61 122.81
C ALA B 40 -125.37 -34.50 124.32
N ALA B 41 -124.11 -34.39 124.77
CA ALA B 41 -123.77 -34.12 126.16
C ALA B 41 -124.40 -32.80 126.64
N ALA B 42 -124.27 -31.75 125.83
CA ALA B 42 -124.85 -30.45 126.14
C ALA B 42 -126.38 -30.52 126.26
N VAL B 43 -127.07 -31.24 125.35
CA VAL B 43 -128.52 -31.40 125.41
C VAL B 43 -128.95 -32.11 126.69
N ARG B 44 -128.24 -33.17 127.11
CA ARG B 44 -128.53 -33.86 128.36
C ARG B 44 -128.42 -32.92 129.57
N SER B 45 -127.35 -32.13 129.65
CA SER B 45 -127.18 -31.17 130.73
C SER B 45 -128.25 -30.07 130.70
N ALA B 46 -128.54 -29.53 129.51
CA ALA B 46 -129.57 -28.52 129.32
C ALA B 46 -130.95 -29.02 129.74
N TYR B 47 -131.25 -30.30 129.44
CA TYR B 47 -132.46 -30.97 129.89
C TYR B 47 -132.49 -31.10 131.41
N ALA B 48 -131.41 -31.59 132.02
CA ALA B 48 -131.34 -31.74 133.47
C ALA B 48 -131.58 -30.40 134.17
N ILE B 49 -130.90 -29.32 133.74
CA ILE B 49 -131.12 -27.97 134.24
C ILE B 49 -132.57 -27.55 134.06
N ALA B 50 -133.17 -27.84 132.89
CA ALA B 50 -134.56 -27.53 132.61
C ALA B 50 -135.54 -28.24 133.57
N THR B 51 -135.25 -29.47 134.02
CA THR B 51 -136.12 -30.17 134.96
C THR B 51 -136.18 -29.47 136.33
N VAL B 52 -135.11 -28.77 136.73
CA VAL B 52 -135.13 -27.97 137.95
C VAL B 52 -135.94 -26.69 137.73
N GLN B 53 -135.68 -25.95 136.63
CA GLN B 53 -136.41 -24.74 136.28
C GLN B 53 -137.92 -24.98 136.17
N ALA B 54 -138.31 -26.07 135.49
CA ALA B 54 -139.69 -26.45 135.25
C ALA B 54 -140.37 -27.00 136.51
N LYS B 55 -139.60 -27.39 137.54
CA LYS B 55 -140.07 -28.13 138.71
C LYS B 55 -140.93 -29.33 138.29
N GLY B 56 -140.40 -30.12 137.33
CA GLY B 56 -141.14 -31.19 136.67
C GLY B 56 -140.57 -31.49 135.27
N ILE B 57 -141.37 -32.15 134.43
CA ILE B 57 -140.97 -32.41 133.04
C ILE B 57 -140.92 -31.09 132.28
N PRO B 58 -139.80 -30.75 131.58
CA PRO B 58 -139.67 -29.49 130.88
C PRO B 58 -140.34 -29.52 129.50
N THR B 59 -140.67 -28.32 129.00
CA THR B 59 -141.06 -28.15 127.60
C THR B 59 -139.83 -28.19 126.69
N CYS B 60 -140.04 -28.47 125.40
CA CYS B 60 -138.98 -28.44 124.41
C CYS B 60 -138.23 -27.10 124.37
N ASP B 61 -138.96 -25.99 124.51
CA ASP B 61 -138.40 -24.65 124.56
C ASP B 61 -137.57 -24.39 125.82
N GLN B 62 -138.00 -24.89 126.98
CA GLN B 62 -137.24 -24.77 128.22
C GLN B 62 -135.88 -25.46 128.12
N VAL B 63 -135.81 -26.59 127.41
CA VAL B 63 -134.55 -27.28 127.16
C VAL B 63 -133.63 -26.43 126.28
N PHE B 64 -134.11 -25.95 125.13
CA PHE B 64 -133.29 -25.17 124.23
C PHE B 64 -132.89 -23.80 124.80
N ALA B 65 -133.67 -23.25 125.75
CA ALA B 65 -133.29 -22.03 126.44
C ALA B 65 -131.92 -22.16 127.15
N ASN B 66 -131.54 -23.37 127.55
CA ASN B 66 -130.29 -23.64 128.25
C ASN B 66 -129.10 -23.97 127.34
N LEU B 67 -129.24 -23.87 126.01
CA LEU B 67 -128.14 -24.10 125.07
C LEU B 67 -127.62 -22.76 124.52
N GLU B 68 -126.29 -22.60 124.55
CA GLU B 68 -125.65 -21.31 124.29
C GLU B 68 -125.32 -21.09 122.81
N GLY B 69 -124.84 -22.13 122.11
CA GLY B 69 -124.07 -21.96 120.88
C GLY B 69 -124.86 -21.77 119.58
N GLY B 70 -126.06 -21.19 119.65
CA GLY B 70 -126.96 -21.17 118.49
C GLY B 70 -128.30 -20.52 118.80
N SER B 71 -129.30 -20.82 117.95
CA SER B 71 -130.61 -20.18 117.99
C SER B 71 -131.71 -21.23 117.77
N THR B 72 -132.96 -20.86 118.10
CA THR B 72 -134.08 -21.80 118.00
C THR B 72 -135.25 -21.21 117.20
N SER B 73 -135.89 -22.08 116.40
CA SER B 73 -137.17 -21.84 115.73
C SER B 73 -138.04 -23.03 116.08
N GLY B 74 -139.34 -22.82 116.38
CA GLY B 74 -140.18 -23.76 117.12
C GLY B 74 -139.85 -25.25 116.98
N SER B 75 -139.52 -25.92 118.10
CA SER B 75 -139.16 -27.33 118.22
C SER B 75 -137.78 -27.73 117.66
N THR B 76 -136.98 -26.80 117.14
CA THR B 76 -135.60 -27.10 116.71
C THR B 76 -134.61 -26.01 117.14
N TRP B 77 -133.37 -26.42 117.40
CA TRP B 77 -132.26 -25.56 117.73
C TRP B 77 -131.15 -25.80 116.70
N THR B 78 -130.45 -24.74 116.27
CA THR B 78 -129.44 -24.82 115.22
C THR B 78 -128.19 -24.06 115.66
N SER B 79 -127.00 -24.65 115.47
CA SER B 79 -125.74 -23.99 115.82
C SER B 79 -125.56 -22.71 114.99
N SER B 80 -124.86 -21.70 115.53
CA SER B 80 -124.76 -20.40 114.87
C SER B 80 -124.08 -20.49 113.48
N ASP B 81 -123.11 -21.39 113.33
CA ASP B 81 -122.72 -21.92 112.02
C ASP B 81 -123.64 -23.10 111.73
N ASN B 82 -124.54 -22.96 110.73
CA ASN B 82 -125.84 -23.63 110.67
C ASN B 82 -125.86 -25.17 110.55
N SER B 83 -124.71 -25.86 110.54
CA SER B 83 -124.65 -27.26 110.15
C SER B 83 -125.16 -28.24 111.23
N THR B 84 -125.00 -27.94 112.53
CA THR B 84 -125.48 -28.82 113.59
C THR B 84 -126.91 -28.46 113.97
N THR B 85 -127.78 -29.48 114.01
CA THR B 85 -129.19 -29.31 114.34
C THR B 85 -129.55 -30.19 115.53
N VAL B 86 -130.43 -29.69 116.42
CA VAL B 86 -131.14 -30.48 117.41
C VAL B 86 -132.63 -30.29 117.18
N SER B 87 -133.45 -31.35 117.33
CA SER B 87 -134.90 -31.19 117.22
C SER B 87 -135.64 -32.09 118.20
N CYS B 88 -136.77 -31.61 118.72
CA CYS B 88 -137.69 -32.42 119.51
C CYS B 88 -138.74 -33.10 118.64
N ASN B 89 -139.14 -34.30 119.06
CA ASN B 89 -140.45 -34.84 118.76
C ASN B 89 -141.13 -35.02 120.11
N ALA B 90 -141.83 -33.98 120.59
CA ALA B 90 -142.34 -33.93 121.95
C ALA B 90 -143.42 -34.99 122.23
N SER B 91 -144.12 -35.44 121.17
CA SER B 91 -145.07 -36.55 121.18
C SER B 91 -144.38 -37.92 121.23
N ALA B 92 -143.12 -37.99 120.74
CA ALA B 92 -142.31 -39.20 120.73
C ALA B 92 -141.24 -39.20 121.85
N ASP B 93 -141.25 -38.20 122.75
CA ASP B 93 -140.35 -38.09 123.89
C ASP B 93 -138.89 -38.28 123.48
N THR B 94 -138.47 -37.54 122.45
CA THR B 94 -137.20 -37.78 121.77
C THR B 94 -136.56 -36.47 121.30
N PHE B 95 -135.22 -36.35 121.46
CA PHE B 95 -134.40 -35.35 120.80
C PHE B 95 -133.49 -36.02 119.77
N THR B 96 -133.40 -35.47 118.55
CA THR B 96 -132.40 -35.93 117.59
C THR B 96 -131.35 -34.84 117.39
N ILE B 97 -130.07 -35.20 117.50
CA ILE B 97 -128.94 -34.33 117.26
C ILE B 97 -128.27 -34.82 115.97
N SER B 98 -128.01 -33.92 115.01
CA SER B 98 -127.38 -34.34 113.76
C SER B 98 -126.49 -33.26 113.13
N ARG B 99 -125.48 -33.72 112.36
CA ARG B 99 -124.55 -32.87 111.62
C ARG B 99 -123.92 -33.69 110.49
N GLY B 100 -124.06 -33.22 109.24
CA GLY B 100 -123.42 -33.84 108.09
C GLY B 100 -123.65 -35.35 107.99
N GLY B 101 -124.87 -35.81 108.31
CA GLY B 101 -125.20 -37.22 108.21
C GLY B 101 -124.88 -38.04 109.46
N LYS B 102 -123.96 -37.56 110.33
CA LYS B 102 -123.73 -38.16 111.63
C LYS B 102 -124.91 -37.77 112.54
N THR B 103 -125.38 -38.70 113.38
CA THR B 103 -126.62 -38.49 114.13
C THR B 103 -126.61 -39.23 115.47
N ARG B 104 -127.39 -38.72 116.43
CA ARG B 104 -127.60 -39.35 117.73
C ARG B 104 -129.01 -39.02 118.23
N THR B 105 -129.59 -39.91 119.04
CA THR B 105 -130.96 -39.75 119.52
C THR B 105 -131.00 -39.92 121.03
N LEU B 106 -131.70 -39.01 121.73
CA LEU B 106 -131.88 -39.07 123.18
C LEU B 106 -133.36 -39.27 123.51
N ASN B 107 -133.68 -40.33 124.27
CA ASN B 107 -135.06 -40.63 124.64
C ASN B 107 -135.40 -40.04 125.99
N LEU B 108 -135.56 -38.71 126.03
CA LEU B 108 -135.88 -37.93 127.22
C LEU B 108 -137.33 -37.43 127.16
N THR B 109 -138.13 -37.70 128.21
CA THR B 109 -139.53 -37.28 128.24
C THR B 109 -139.65 -35.76 128.30
N VAL B 110 -140.42 -35.18 127.39
CA VAL B 110 -140.51 -33.74 127.17
C VAL B 110 -141.92 -33.38 126.68
N ASN B 111 -142.35 -32.11 126.89
CA ASN B 111 -143.66 -31.65 126.42
C ASN B 111 -143.63 -30.19 125.92
N PHE C 1 -65.34 -17.88 78.99
CA PHE C 1 -66.16 -19.07 78.61
C PHE C 1 -66.16 -19.22 77.10
N THR C 2 -66.19 -20.45 76.59
CA THR C 2 -66.28 -20.69 75.16
C THR C 2 -67.70 -20.36 74.65
N LEU C 3 -67.84 -20.18 73.33
CA LEU C 3 -69.14 -19.92 72.72
C LEU C 3 -70.09 -21.10 72.90
N ILE C 4 -69.56 -22.33 72.90
CA ILE C 4 -70.35 -23.53 73.13
C ILE C 4 -70.98 -23.51 74.53
N GLU C 5 -70.18 -23.21 75.55
CA GLU C 5 -70.68 -23.14 76.92
C GLU C 5 -71.79 -22.08 77.07
N LEU C 6 -71.61 -20.91 76.45
CA LEU C 6 -72.63 -19.88 76.44
C LEU C 6 -73.91 -20.33 75.71
N ALA C 7 -73.77 -21.08 74.61
CA ALA C 7 -74.91 -21.63 73.87
C ALA C 7 -75.70 -22.62 74.74
N ILE C 8 -74.99 -23.51 75.43
CA ILE C 8 -75.56 -24.48 76.36
C ILE C 8 -76.30 -23.75 77.50
N VAL C 9 -75.69 -22.70 78.06
CA VAL C 9 -76.31 -21.87 79.09
C VAL C 9 -77.59 -21.21 78.59
N ILE C 10 -77.57 -20.63 77.39
CA ILE C 10 -78.73 -19.99 76.76
C ILE C 10 -79.88 -20.99 76.59
N VAL C 11 -79.58 -22.26 76.27
CA VAL C 11 -80.57 -23.32 76.18
C VAL C 11 -81.15 -23.64 77.56
N ILE C 12 -80.29 -23.93 78.56
CA ILE C 12 -80.72 -24.44 79.85
C ILE C 12 -81.48 -23.39 80.65
N ILE C 13 -81.07 -22.11 80.60
CA ILE C 13 -81.80 -21.04 81.26
C ILE C 13 -83.26 -21.01 80.79
N GLY C 14 -83.47 -21.16 79.48
CA GLY C 14 -84.80 -21.13 78.89
C GLY C 14 -85.69 -22.30 79.34
N ILE C 15 -85.09 -23.38 79.87
CA ILE C 15 -85.80 -24.57 80.31
C ILE C 15 -85.97 -24.60 81.83
N LEU C 16 -85.04 -24.02 82.60
CA LEU C 16 -85.21 -23.93 84.05
C LEU C 16 -86.12 -22.78 84.46
N VAL C 17 -86.26 -21.77 83.60
CA VAL C 17 -87.42 -20.88 83.61
C VAL C 17 -88.55 -21.62 82.88
N ALA C 18 -89.78 -21.09 82.89
CA ALA C 18 -90.94 -21.79 82.33
C ALA C 18 -91.26 -23.10 83.07
N ILE C 19 -90.91 -23.11 84.36
CA ILE C 19 -91.53 -23.99 85.35
C ILE C 19 -92.80 -23.30 85.84
N ALA C 20 -93.66 -24.05 86.55
CA ALA C 20 -94.62 -23.41 87.45
C ALA C 20 -93.93 -22.94 88.73
N VAL C 21 -94.51 -21.94 89.39
CA VAL C 21 -94.10 -21.50 90.72
C VAL C 21 -95.37 -21.12 91.48
N PRO C 22 -95.49 -21.40 92.81
CA PRO C 22 -96.71 -21.07 93.53
C PRO C 22 -96.86 -19.55 93.73
N ARG C 23 -98.11 -19.09 93.75
CA ARG C 23 -98.40 -17.74 94.22
C ARG C 23 -98.34 -17.72 95.75
N PHE C 24 -97.85 -16.61 96.31
CA PHE C 24 -98.17 -16.34 97.70
C PHE C 24 -99.65 -15.94 97.80
N VAL C 25 -100.33 -16.36 98.87
CA VAL C 25 -101.74 -16.06 99.07
C VAL C 25 -101.93 -15.56 100.50
N ASP C 26 -102.72 -14.49 100.66
CA ASP C 26 -103.07 -13.99 101.98
C ASP C 26 -104.11 -14.91 102.62
N LEU C 27 -103.63 -15.99 103.27
CA LEU C 27 -104.49 -16.94 103.98
C LEU C 27 -104.83 -16.48 105.40
N THR C 28 -104.59 -15.20 105.73
CA THR C 28 -104.79 -14.75 107.10
C THR C 28 -106.25 -14.74 107.52
N ASP C 29 -107.20 -14.65 106.58
CA ASP C 29 -108.63 -14.74 106.90
C ASP C 29 -109.00 -16.10 107.50
N GLN C 30 -108.57 -17.18 106.84
CA GLN C 30 -108.83 -18.55 107.28
C GLN C 30 -108.13 -18.83 108.62
N ALA C 31 -106.88 -18.38 108.76
CA ALA C 31 -106.12 -18.53 110.00
C ALA C 31 -106.75 -17.70 111.14
N ASN C 32 -107.17 -16.47 110.87
CA ASN C 32 -107.84 -15.61 111.85
C ASN C 32 -109.14 -16.26 112.32
N GLN C 33 -109.92 -16.84 111.41
CA GLN C 33 -111.15 -17.52 111.77
C GLN C 33 -110.87 -18.68 112.74
N ALA C 34 -109.88 -19.51 112.43
CA ALA C 34 -109.48 -20.60 113.30
C ALA C 34 -108.97 -20.11 114.66
N ASN C 35 -108.24 -18.99 114.70
CA ASN C 35 -107.81 -18.39 115.95
C ASN C 35 -109.01 -17.96 116.81
N VAL C 36 -110.00 -17.29 116.20
CA VAL C 36 -111.20 -16.83 116.86
C VAL C 36 -112.00 -18.02 117.40
N ASP C 37 -112.16 -19.08 116.60
CA ASP C 37 -112.87 -20.29 117.00
C ASP C 37 -112.16 -21.02 118.14
N ALA C 38 -110.85 -21.27 118.03
CA ALA C 38 -110.09 -21.88 119.10
C ALA C 38 -110.13 -21.06 120.39
N THR C 39 -110.08 -19.73 120.27
CA THR C 39 -110.20 -18.83 121.41
C THR C 39 -111.60 -18.90 122.02
N ALA C 40 -112.65 -19.00 121.20
CA ALA C 40 -114.01 -19.16 121.68
C ALA C 40 -114.19 -20.45 122.49
N ALA C 41 -113.59 -21.57 122.03
CA ALA C 41 -113.56 -22.81 122.79
C ALA C 41 -112.88 -22.62 124.15
N ALA C 42 -111.74 -21.93 124.17
CA ALA C 42 -111.02 -21.64 125.40
C ALA C 42 -111.86 -20.78 126.37
N VAL C 43 -112.57 -19.77 125.87
CA VAL C 43 -113.43 -18.92 126.70
C VAL C 43 -114.56 -19.75 127.33
N ARG C 44 -115.19 -20.66 126.57
CA ARG C 44 -116.22 -21.53 127.11
C ARG C 44 -115.69 -22.40 128.25
N SER C 45 -114.52 -23.03 128.08
CA SER C 45 -113.91 -23.84 129.12
C SER C 45 -113.52 -23.00 130.33
N ALA C 46 -112.92 -21.83 130.11
CA ALA C 46 -112.53 -20.91 131.17
C ALA C 46 -113.74 -20.45 131.99
N TYR C 47 -114.87 -20.20 131.32
CA TYR C 47 -116.14 -19.88 131.95
C TYR C 47 -116.64 -21.06 132.79
N ALA C 48 -116.67 -22.26 132.22
CA ALA C 48 -117.12 -23.44 132.95
C ALA C 48 -116.30 -23.67 134.22
N ILE C 49 -114.97 -23.60 134.13
CA ILE C 49 -114.06 -23.68 135.28
C ILE C 49 -114.39 -22.57 136.30
N ALA C 50 -114.63 -21.35 135.82
CA ALA C 50 -114.99 -20.22 136.68
C ALA C 50 -116.30 -20.45 137.44
N THR C 51 -117.30 -21.15 136.87
CA THR C 51 -118.55 -21.42 137.58
C THR C 51 -118.34 -22.35 138.78
N VAL C 52 -117.33 -23.22 138.74
CA VAL C 52 -116.97 -24.05 139.89
C VAL C 52 -116.24 -23.21 140.94
N GLN C 53 -115.23 -22.42 140.53
CA GLN C 53 -114.49 -21.54 141.43
C GLN C 53 -115.41 -20.55 142.16
N ALA C 54 -116.33 -19.92 141.42
CA ALA C 54 -117.27 -18.93 141.92
C ALA C 54 -118.39 -19.55 142.77
N LYS C 55 -118.58 -20.88 142.69
CA LYS C 55 -119.73 -21.58 143.26
C LYS C 55 -121.05 -20.89 142.89
N GLY C 56 -121.20 -20.59 141.60
CA GLY C 56 -122.29 -19.77 141.08
C GLY C 56 -121.91 -19.07 139.77
N ILE C 57 -122.64 -18.01 139.40
CA ILE C 57 -122.32 -17.22 138.22
C ILE C 57 -120.99 -16.49 138.44
N PRO C 58 -119.99 -16.61 137.54
CA PRO C 58 -118.70 -15.96 137.72
C PRO C 58 -118.71 -14.49 137.31
N THR C 59 -117.74 -13.75 137.86
CA THR C 59 -117.44 -12.41 137.38
C THR C 59 -116.64 -12.47 136.07
N CYS C 60 -116.66 -11.37 135.30
CA CYS C 60 -115.86 -11.27 134.09
C CYS C 60 -114.37 -11.52 134.33
N ASP C 61 -113.84 -11.03 135.45
CA ASP C 61 -112.45 -11.23 135.86
C ASP C 61 -112.13 -12.68 136.22
N GLN C 62 -113.07 -13.38 136.89
CA GLN C 62 -112.90 -14.80 137.22
C GLN C 62 -112.78 -15.66 135.96
N VAL C 63 -113.51 -15.30 134.89
CA VAL C 63 -113.40 -15.99 133.62
C VAL C 63 -112.02 -15.76 132.99
N PHE C 64 -111.58 -14.51 132.87
CA PHE C 64 -110.29 -14.22 132.27
C PHE C 64 -109.10 -14.73 133.09
N ALA C 65 -109.25 -14.90 134.41
CA ALA C 65 -108.22 -15.51 135.23
C ALA C 65 -107.84 -16.91 134.76
N ASN C 66 -108.77 -17.63 134.10
CA ASN C 66 -108.54 -18.98 133.61
C ASN C 66 -108.02 -19.06 132.16
N LEU C 67 -107.66 -17.93 131.53
CA LEU C 67 -107.07 -17.92 130.19
C LEU C 67 -105.57 -17.65 130.27
N GLU C 68 -104.78 -18.47 129.56
CA GLU C 68 -103.33 -18.50 129.71
C GLU C 68 -102.61 -17.52 128.77
N GLY C 69 -103.06 -17.42 127.50
CA GLY C 69 -102.23 -16.93 126.41
C GLY C 69 -102.15 -15.41 126.23
N GLY C 70 -102.28 -14.63 127.31
CA GLY C 70 -102.40 -13.18 127.20
C GLY C 70 -102.60 -12.51 128.55
N SER C 71 -103.12 -11.27 128.51
CA SER C 71 -103.24 -10.40 129.66
C SER C 71 -104.60 -9.69 129.64
N THR C 72 -105.00 -9.11 130.79
CA THR C 72 -106.31 -8.47 130.92
C THR C 72 -106.18 -7.05 131.48
N SER C 73 -107.02 -6.14 130.94
CA SER C 73 -107.29 -4.81 131.46
C SER C 73 -108.81 -4.69 131.54
N GLY C 74 -109.33 -4.09 132.63
CA GLY C 74 -110.71 -4.28 133.08
C GLY C 74 -111.76 -4.56 132.00
N SER C 75 -112.44 -5.73 132.09
CA SER C 75 -113.47 -6.22 131.18
C SER C 75 -112.98 -6.70 129.80
N THR C 76 -111.67 -6.68 129.50
CA THR C 76 -111.15 -7.23 128.25
C THR C 76 -109.85 -8.03 128.48
N TRP C 77 -109.66 -9.06 127.66
CA TRP C 77 -108.47 -9.89 127.64
C TRP C 77 -107.87 -9.81 126.22
N THR C 78 -106.53 -9.77 126.11
CA THR C 78 -105.85 -9.61 124.84
C THR C 78 -104.70 -10.61 124.75
N SER C 79 -104.56 -11.30 123.60
CA SER C 79 -103.48 -12.26 123.38
C SER C 79 -102.12 -11.56 123.47
N SER C 80 -101.07 -12.27 123.91
CA SER C 80 -99.76 -11.65 124.14
C SER C 80 -99.17 -11.01 122.88
N ASP C 81 -99.39 -11.62 121.70
CA ASP C 81 -99.31 -10.93 120.43
C ASP C 81 -100.68 -10.28 120.19
N ASN C 82 -100.75 -8.94 120.24
CA ASN C 82 -101.93 -8.17 120.64
C ASN C 82 -103.19 -8.27 119.75
N SER C 83 -103.20 -9.06 118.67
CA SER C 83 -104.25 -9.00 117.66
C SER C 83 -105.58 -9.64 118.06
N THR C 84 -105.57 -10.70 118.90
CA THR C 84 -106.82 -11.34 119.34
C THR C 84 -107.33 -10.70 120.63
N THR C 85 -108.61 -10.32 120.63
CA THR C 85 -109.25 -9.69 121.77
C THR C 85 -110.45 -10.50 122.22
N VAL C 86 -110.68 -10.57 123.55
CA VAL C 86 -111.95 -11.00 124.12
C VAL C 86 -112.47 -9.86 125.00
N SER C 87 -113.78 -9.62 125.04
CA SER C 87 -114.33 -8.61 125.92
C SER C 87 -115.70 -9.02 126.46
N CYS C 88 -115.99 -8.67 127.73
CA CYS C 88 -117.31 -8.82 128.32
C CYS C 88 -118.18 -7.58 128.08
N ASN C 89 -119.48 -7.81 127.93
CA ASN C 89 -120.50 -6.85 128.26
C ASN C 89 -121.33 -7.48 129.37
N ALA C 90 -120.91 -7.29 130.63
CA ALA C 90 -121.47 -8.02 131.77
C ALA C 90 -122.96 -7.70 132.02
N SER C 91 -123.41 -6.52 131.59
CA SER C 91 -124.81 -6.08 131.58
C SER C 91 -125.61 -6.73 130.46
N ALA C 92 -124.93 -7.13 129.37
CA ALA C 92 -125.54 -7.80 128.21
C ALA C 92 -125.30 -9.32 128.21
N ASP C 93 -124.70 -9.87 129.27
CA ASP C 93 -124.45 -11.30 129.45
C ASP C 93 -123.79 -11.92 128.21
N THR C 94 -122.71 -11.28 127.75
CA THR C 94 -122.11 -11.58 126.45
C THR C 94 -120.58 -11.44 126.49
N PHE C 95 -119.87 -12.37 125.83
CA PHE C 95 -118.45 -12.24 125.49
C PHE C 95 -118.31 -12.11 123.97
N THR C 96 -117.51 -11.14 123.49
CA THR C 96 -117.15 -11.08 122.08
C THR C 96 -115.68 -11.43 121.91
N ILE C 97 -115.38 -12.37 121.00
CA ILE C 97 -114.03 -12.76 120.63
C ILE C 97 -113.78 -12.26 119.21
N SER C 98 -112.66 -11.55 118.97
CA SER C 98 -112.40 -11.03 117.63
C SER C 98 -110.90 -10.95 117.30
N ARG C 99 -110.59 -11.04 116.00
CA ARG C 99 -109.25 -10.93 115.46
C ARG C 99 -109.33 -10.57 113.97
N GLY C 100 -108.69 -9.46 113.57
CA GLY C 100 -108.61 -9.05 112.17
C GLY C 100 -109.95 -9.03 111.44
N GLY C 101 -111.02 -8.59 112.14
CA GLY C 101 -112.33 -8.49 111.53
C GLY C 101 -113.18 -9.77 111.61
N LYS C 102 -112.54 -10.94 111.82
CA LYS C 102 -113.25 -12.17 112.12
C LYS C 102 -113.73 -12.09 113.58
N THR C 103 -114.95 -12.56 113.85
CA THR C 103 -115.58 -12.33 115.17
C THR C 103 -116.52 -13.48 115.54
N ARG C 104 -116.73 -13.67 116.85
CA ARG C 104 -117.67 -14.63 117.41
C ARG C 104 -118.21 -14.10 118.73
N THR C 105 -119.45 -14.48 119.08
CA THR C 105 -120.11 -13.97 120.27
C THR C 105 -120.65 -15.15 121.10
N LEU C 106 -120.41 -15.14 122.41
CA LEU C 106 -120.92 -16.14 123.33
C LEU C 106 -121.90 -15.50 124.33
N ASN C 107 -123.13 -16.04 124.40
CA ASN C 107 -124.16 -15.50 125.29
C ASN C 107 -124.17 -16.27 126.61
N LEU C 108 -123.15 -16.02 127.44
CA LEU C 108 -122.95 -16.64 128.75
C LEU C 108 -123.23 -15.61 129.87
N THR C 109 -124.11 -15.96 130.82
CA THR C 109 -124.46 -15.06 131.92
C THR C 109 -123.26 -14.84 132.84
N VAL C 110 -122.94 -13.57 133.09
CA VAL C 110 -121.72 -13.15 133.79
C VAL C 110 -121.99 -11.85 134.56
N ASN C 111 -121.20 -11.57 135.62
CA ASN C 111 -121.34 -10.34 136.40
C ASN C 111 -119.99 -9.77 136.87
N PHE D 1 -59.37 -20.52 68.35
CA PHE D 1 -60.67 -19.87 68.00
C PHE D 1 -60.40 -18.72 67.02
N THR D 2 -61.33 -18.48 66.10
CA THR D 2 -61.20 -17.34 65.19
C THR D 2 -61.50 -16.03 65.93
N LEU D 3 -61.08 -14.90 65.35
CA LEU D 3 -61.35 -13.59 65.93
C LEU D 3 -62.86 -13.28 65.98
N ILE D 4 -63.61 -13.78 64.99
CA ILE D 4 -65.06 -13.62 64.96
C ILE D 4 -65.71 -14.31 66.16
N GLU D 5 -65.32 -15.56 66.44
CA GLU D 5 -65.85 -16.30 67.58
C GLU D 5 -65.56 -15.58 68.90
N LEU D 6 -64.34 -15.06 69.06
CA LEU D 6 -63.98 -14.28 70.24
C LEU D 6 -64.81 -12.99 70.34
N ALA D 7 -65.08 -12.31 69.22
CA ALA D 7 -65.91 -11.12 69.19
C ALA D 7 -67.34 -11.42 69.65
N ILE D 8 -67.91 -12.52 69.14
CA ILE D 8 -69.23 -13.00 69.51
C ILE D 8 -69.28 -13.32 71.02
N VAL D 9 -68.25 -14.01 71.53
CA VAL D 9 -68.12 -14.31 72.95
C VAL D 9 -68.07 -13.04 73.81
N ILE D 10 -67.27 -12.04 73.40
CA ILE D 10 -67.15 -10.76 74.08
C ILE D 10 -68.51 -10.04 74.15
N VAL D 11 -69.33 -10.14 73.10
CA VAL D 11 -70.68 -9.60 73.09
C VAL D 11 -71.59 -10.37 74.07
N ILE D 12 -71.64 -11.70 73.97
CA ILE D 12 -72.62 -12.49 74.71
C ILE D 12 -72.32 -12.51 76.21
N ILE D 13 -71.03 -12.56 76.62
CA ILE D 13 -70.66 -12.46 78.02
C ILE D 13 -71.25 -11.19 78.64
N GLY D 14 -71.14 -10.06 77.93
CA GLY D 14 -71.62 -8.78 78.41
C GLY D 14 -73.15 -8.73 78.60
N ILE D 15 -73.88 -9.65 77.96
CA ILE D 15 -75.34 -9.70 78.01
C ILE D 15 -75.83 -10.78 78.98
N LEU D 16 -75.08 -11.88 79.18
CA LEU D 16 -75.47 -12.88 80.17
C LEU D 16 -75.06 -12.48 81.59
N VAL D 17 -74.06 -11.60 81.71
CA VAL D 17 -73.89 -10.76 82.90
C VAL D 17 -74.88 -9.60 82.78
N ALA D 18 -75.05 -8.77 83.82
CA ALA D 18 -76.07 -7.71 83.83
C ALA D 18 -77.49 -8.26 83.73
N ILE D 19 -77.67 -9.48 84.27
CA ILE D 19 -78.96 -9.97 84.76
C ILE D 19 -79.13 -9.47 86.19
N ALA D 20 -80.35 -9.59 86.73
CA ALA D 20 -80.52 -9.60 88.16
C ALA D 20 -80.11 -10.96 88.74
N VAL D 21 -79.73 -10.98 90.03
CA VAL D 21 -79.50 -12.20 90.79
C VAL D 21 -79.98 -11.95 92.21
N PRO D 22 -80.62 -12.94 92.90
CA PRO D 22 -81.12 -12.69 94.25
C PRO D 22 -79.99 -12.55 95.27
N ARG D 23 -80.21 -11.72 96.29
CA ARG D 23 -79.36 -11.74 97.47
C ARG D 23 -79.69 -12.94 98.34
N PHE D 24 -78.67 -13.53 98.96
CA PHE D 24 -78.96 -14.36 100.11
C PHE D 24 -79.37 -13.47 101.28
N VAL D 25 -80.33 -13.93 102.10
CA VAL D 25 -80.82 -13.18 103.24
C VAL D 25 -80.85 -14.09 104.45
N ASP D 26 -80.39 -13.58 105.60
CA ASP D 26 -80.48 -14.32 106.85
C ASP D 26 -81.93 -14.30 107.38
N LEU D 27 -82.75 -15.23 106.88
CA LEU D 27 -84.14 -15.38 107.30
C LEU D 27 -84.28 -16.20 108.59
N THR D 28 -83.18 -16.43 109.33
CA THR D 28 -83.25 -17.31 110.49
C THR D 28 -84.07 -16.72 111.63
N ASP D 29 -84.22 -15.39 111.70
CA ASP D 29 -85.08 -14.77 112.71
C ASP D 29 -86.54 -15.17 112.55
N GLN D 30 -87.07 -15.08 111.32
CA GLN D 30 -88.44 -15.44 111.01
C GLN D 30 -88.67 -16.94 111.22
N ALA D 31 -87.73 -17.77 110.77
CA ALA D 31 -87.79 -19.21 110.97
C ALA D 31 -87.70 -19.60 112.44
N ASN D 32 -86.81 -18.96 113.21
CA ASN D 32 -86.67 -19.19 114.65
C ASN D 32 -87.97 -18.83 115.38
N GLN D 33 -88.60 -17.72 115.01
CA GLN D 33 -89.87 -17.32 115.60
C GLN D 33 -90.94 -18.39 115.38
N ALA D 34 -91.07 -18.89 114.14
CA ALA D 34 -92.01 -19.96 113.81
C ALA D 34 -91.69 -21.25 114.57
N ASN D 35 -90.41 -21.59 114.75
CA ASN D 35 -90.01 -22.74 115.54
C ASN D 35 -90.46 -22.60 116.99
N VAL D 36 -90.23 -21.43 117.59
CA VAL D 36 -90.62 -21.13 118.97
C VAL D 36 -92.14 -21.20 119.14
N ASP D 37 -92.89 -20.63 118.19
CA ASP D 37 -94.34 -20.66 118.21
C ASP D 37 -94.90 -22.07 118.06
N ALA D 38 -94.43 -22.83 117.06
CA ALA D 38 -94.83 -24.22 116.88
C ALA D 38 -94.49 -25.08 118.11
N THR D 39 -93.33 -24.85 118.72
CA THR D 39 -92.93 -25.53 119.94
C THR D 39 -93.83 -25.14 121.11
N ALA D 40 -94.22 -23.87 121.22
CA ALA D 40 -95.15 -23.41 122.25
C ALA D 40 -96.53 -24.10 122.13
N ALA D 41 -97.04 -24.27 120.90
CA ALA D 41 -98.26 -25.03 120.65
C ALA D 41 -98.10 -26.48 121.13
N ALA D 42 -96.97 -27.11 120.82
CA ALA D 42 -96.69 -28.47 121.26
C ALA D 42 -96.64 -28.58 122.78
N VAL D 43 -96.01 -27.62 123.47
CA VAL D 43 -95.94 -27.62 124.94
C VAL D 43 -97.33 -27.52 125.55
N ARG D 44 -98.21 -26.66 125.02
CA ARG D 44 -99.59 -26.54 125.49
C ARG D 44 -100.34 -27.86 125.36
N SER D 45 -100.25 -28.54 124.21
CA SER D 45 -100.88 -29.83 124.01
C SER D 45 -100.30 -30.90 124.93
N ALA D 46 -98.97 -30.95 125.05
CA ALA D 46 -98.28 -31.90 125.93
C ALA D 46 -98.70 -31.71 127.40
N TYR D 47 -98.87 -30.46 127.82
CA TYR D 47 -99.39 -30.12 129.13
C TYR D 47 -100.83 -30.59 129.30
N ALA D 48 -101.71 -30.30 128.34
CA ALA D 48 -103.09 -30.73 128.41
C ALA D 48 -103.20 -32.27 128.54
N ILE D 49 -102.47 -33.02 127.70
CA ILE D 49 -102.39 -34.47 127.78
C ILE D 49 -101.88 -34.91 129.16
N ALA D 50 -100.86 -34.23 129.69
CA ALA D 50 -100.31 -34.52 131.01
C ALA D 50 -101.34 -34.32 132.13
N THR D 51 -102.27 -33.35 132.04
CA THR D 51 -103.29 -33.17 133.07
C THR D 51 -104.26 -34.35 133.14
N VAL D 52 -104.48 -35.07 132.03
CA VAL D 52 -105.29 -36.28 132.04
C VAL D 52 -104.49 -37.43 132.66
N GLN D 53 -103.24 -37.64 132.23
CA GLN D 53 -102.37 -38.68 132.77
C GLN D 53 -102.18 -38.54 134.28
N ALA D 54 -101.92 -37.31 134.75
CA ALA D 54 -101.68 -36.99 136.15
C ALA D 54 -102.97 -37.04 136.99
N LYS D 55 -104.14 -37.01 136.36
CA LYS D 55 -105.44 -36.85 137.01
C LYS D 55 -105.41 -35.65 137.97
N GLY D 56 -104.91 -34.51 137.48
CA GLY D 56 -104.62 -33.33 138.29
C GLY D 56 -103.53 -32.46 137.66
N ILE D 57 -102.91 -31.58 138.46
CA ILE D 57 -101.79 -30.77 137.99
C ILE D 57 -100.60 -31.67 137.71
N PRO D 58 -99.96 -31.60 136.50
CA PRO D 58 -98.84 -32.47 136.17
C PRO D 58 -97.52 -31.95 136.72
N THR D 59 -96.56 -32.87 136.85
CA THR D 59 -95.18 -32.51 137.11
C THR D 59 -94.50 -32.01 135.83
N CYS D 60 -93.41 -31.26 135.97
CA CYS D 60 -92.61 -30.81 134.84
C CYS D 60 -92.16 -31.96 133.92
N ASP D 61 -91.76 -33.09 134.52
CA ASP D 61 -91.36 -34.30 133.80
C ASP D 61 -92.52 -34.96 133.04
N GLN D 62 -93.72 -35.00 133.63
CA GLN D 62 -94.90 -35.53 132.96
C GLN D 62 -95.24 -34.74 131.69
N VAL D 63 -95.04 -33.42 131.71
CA VAL D 63 -95.23 -32.59 130.53
C VAL D 63 -94.21 -32.94 129.44
N PHE D 64 -92.91 -32.95 129.77
CA PHE D 64 -91.88 -33.26 128.78
C PHE D 64 -91.92 -34.70 128.27
N ALA D 65 -92.49 -35.64 129.04
CA ALA D 65 -92.70 -37.00 128.57
C ALA D 65 -93.55 -37.05 127.29
N ASN D 66 -94.44 -36.06 127.09
CA ASN D 66 -95.34 -36.00 125.94
C ASN D 66 -94.78 -35.22 124.75
N LEU D 67 -93.50 -34.81 124.76
CA LEU D 67 -92.87 -34.14 123.64
C LEU D 67 -91.91 -35.09 122.91
N GLU D 68 -92.04 -35.14 121.58
CA GLU D 68 -91.39 -36.17 120.76
C GLU D 68 -89.98 -35.75 120.28
N GLY D 69 -89.80 -34.49 119.88
CA GLY D 69 -88.71 -34.09 119.01
C GLY D 69 -87.34 -33.82 119.66
N GLY D 70 -87.04 -34.46 120.79
CA GLY D 70 -85.86 -34.10 121.58
C GLY D 70 -85.73 -34.93 122.85
N SER D 71 -84.95 -34.41 123.80
CA SER D 71 -84.59 -35.12 125.03
C SER D 71 -84.65 -34.16 126.22
N THR D 72 -84.65 -34.73 127.44
CA THR D 72 -84.79 -33.93 128.66
C THR D 72 -83.69 -34.25 129.68
N SER D 73 -83.20 -33.20 130.35
CA SER D 73 -82.36 -33.25 131.54
C SER D 73 -83.03 -32.37 132.58
N GLY D 74 -83.06 -32.80 133.85
CA GLY D 74 -84.01 -32.31 134.86
C GLY D 74 -84.49 -30.86 134.72
N SER D 75 -85.81 -30.67 134.56
CA SER D 75 -86.51 -29.38 134.39
C SER D 75 -86.31 -28.68 133.03
N THR D 76 -85.58 -29.26 132.07
CA THR D 76 -85.46 -28.70 130.73
C THR D 76 -85.55 -29.79 129.64
N TRP D 77 -86.11 -29.41 128.48
CA TRP D 77 -86.21 -30.24 127.29
C TRP D 77 -85.49 -29.51 126.15
N THR D 78 -84.78 -30.25 125.30
CA THR D 78 -83.97 -29.67 124.23
C THR D 78 -84.24 -30.45 122.93
N SER D 79 -84.44 -29.74 121.82
CA SER D 79 -84.65 -30.37 120.51
C SER D 79 -83.43 -31.19 120.10
N SER D 80 -83.62 -32.27 119.34
CA SER D 80 -82.52 -33.19 119.01
C SER D 80 -81.37 -32.50 118.25
N ASP D 81 -81.69 -31.53 117.38
CA ASP D 81 -80.75 -30.50 116.96
C ASP D 81 -80.81 -29.38 118.00
N ASN D 82 -79.75 -29.20 118.79
CA ASN D 82 -79.79 -28.66 120.15
C ASN D 82 -80.28 -27.22 120.36
N SER D 83 -80.66 -26.48 119.31
CA SER D 83 -80.87 -25.04 119.39
C SER D 83 -82.16 -24.61 120.10
N THR D 84 -83.25 -25.39 120.01
CA THR D 84 -84.50 -25.05 120.68
C THR D 84 -84.54 -25.64 122.08
N THR D 85 -84.85 -24.80 123.07
CA THR D 85 -84.93 -25.20 124.47
C THR D 85 -86.32 -24.90 125.04
N VAL D 86 -86.82 -25.79 125.91
CA VAL D 86 -87.95 -25.51 126.78
C VAL D 86 -87.49 -25.72 128.22
N SER D 87 -87.93 -24.89 129.17
CA SER D 87 -87.59 -25.11 130.58
C SER D 87 -88.74 -24.73 131.51
N CYS D 88 -88.90 -25.47 132.61
CA CYS D 88 -89.83 -25.13 133.67
C CYS D 88 -89.16 -24.24 134.73
N ASN D 89 -89.95 -23.35 135.30
CA ASN D 89 -89.73 -22.84 136.65
C ASN D 89 -90.95 -23.27 137.45
N ALA D 90 -90.90 -24.47 138.04
CA ALA D 90 -92.07 -25.10 138.65
C ALA D 90 -92.61 -24.34 139.88
N SER D 91 -91.72 -23.56 140.54
CA SER D 91 -92.04 -22.63 141.62
C SER D 91 -92.70 -21.34 141.10
N ALA D 92 -92.43 -20.98 139.84
CA ALA D 92 -92.99 -19.80 139.18
C ALA D 92 -94.14 -20.15 138.22
N ASP D 93 -94.58 -21.42 138.18
CA ASP D 93 -95.69 -21.90 137.36
C ASP D 93 -95.57 -21.44 135.90
N THR D 94 -94.38 -21.66 135.31
CA THR D 94 -94.00 -21.07 134.03
C THR D 94 -93.15 -22.03 133.20
N PHE D 95 -93.41 -22.08 131.88
CA PHE D 95 -92.53 -22.68 130.89
C PHE D 95 -91.96 -21.58 129.99
N THR D 96 -90.64 -21.59 129.73
CA THR D 96 -90.06 -20.71 128.73
C THR D 96 -89.57 -21.54 127.54
N ILE D 97 -89.99 -21.14 126.33
CA ILE D 97 -89.56 -21.75 125.07
C ILE D 97 -88.65 -20.74 124.37
N SER D 98 -87.46 -21.15 123.93
CA SER D 98 -86.55 -20.22 123.26
C SER D 98 -85.67 -20.88 122.19
N ARG D 99 -85.27 -20.08 121.20
CA ARG D 99 -84.37 -20.49 120.12
C ARG D 99 -83.73 -19.25 119.50
N GLY D 100 -82.39 -19.18 119.48
CA GLY D 100 -81.66 -18.11 118.83
C GLY D 100 -82.12 -16.70 119.24
N GLY D 101 -82.45 -16.52 120.52
CA GLY D 101 -82.86 -15.21 121.02
C GLY D 101 -84.37 -14.93 120.90
N LYS D 102 -85.07 -15.63 120.01
CA LYS D 102 -86.53 -15.59 119.96
C LYS D 102 -87.06 -16.41 121.14
N THR D 103 -88.12 -15.92 121.80
CA THR D 103 -88.58 -16.51 123.06
C THR D 103 -90.09 -16.37 123.24
N ARG D 104 -90.68 -17.28 124.03
CA ARG D 104 -92.08 -17.24 124.42
C ARG D 104 -92.25 -17.86 125.81
N THR D 105 -93.26 -17.41 126.56
CA THR D 105 -93.47 -17.86 127.93
C THR D 105 -94.91 -18.31 128.11
N LEU D 106 -95.11 -19.47 128.74
CA LEU D 106 -96.44 -20.01 129.05
C LEU D 106 -96.65 -20.07 130.56
N ASN D 107 -97.70 -19.43 131.08
CA ASN D 107 -97.99 -19.42 132.50
C ASN D 107 -98.97 -20.53 132.88
N LEU D 108 -98.47 -21.77 132.87
CA LEU D 108 -99.22 -22.98 133.18
C LEU D 108 -98.79 -23.54 134.54
N THR D 109 -99.75 -23.78 135.45
CA THR D 109 -99.45 -24.29 136.79
C THR D 109 -98.91 -25.72 136.71
N VAL D 110 -97.75 -25.95 137.35
CA VAL D 110 -96.99 -27.19 137.24
C VAL D 110 -96.23 -27.44 138.54
N ASN D 111 -95.88 -28.70 138.82
CA ASN D 111 -95.12 -29.05 140.02
C ASN D 111 -94.10 -30.19 139.79
N PHE E 1 -55.91 -16.32 57.12
CA PHE E 1 -55.93 -15.15 58.06
C PHE E 1 -54.60 -14.42 57.95
N THR E 2 -54.61 -13.08 58.10
CA THR E 2 -53.38 -12.31 58.10
C THR E 2 -52.62 -12.52 59.41
N LEU E 3 -51.32 -12.17 59.43
CA LEU E 3 -50.51 -12.28 60.64
C LEU E 3 -51.01 -11.34 61.75
N ILE E 4 -51.55 -10.18 61.37
CA ILE E 4 -52.13 -9.24 62.31
C ILE E 4 -53.32 -9.86 63.04
N GLU E 5 -54.24 -10.49 62.30
CA GLU E 5 -55.41 -11.12 62.89
C GLU E 5 -54.99 -12.24 63.86
N LEU E 6 -53.99 -13.05 63.50
CA LEU E 6 -53.46 -14.08 64.39
C LEU E 6 -52.83 -13.47 65.63
N ALA E 7 -52.12 -12.35 65.51
CA ALA E 7 -51.52 -11.64 66.65
C ALA E 7 -52.60 -11.15 67.62
N ILE E 8 -53.67 -10.55 67.08
CA ILE E 8 -54.81 -10.09 67.84
C ILE E 8 -55.48 -11.27 68.58
N VAL E 9 -55.67 -12.40 67.89
CA VAL E 9 -56.23 -13.62 68.47
C VAL E 9 -55.34 -14.13 69.62
N ILE E 10 -54.03 -14.18 69.43
CA ILE E 10 -53.07 -14.61 70.45
C ILE E 10 -53.15 -13.72 71.70
N VAL E 11 -53.39 -12.42 71.53
CA VAL E 11 -53.60 -11.49 72.64
C VAL E 11 -54.92 -11.79 73.36
N ILE E 12 -56.04 -11.85 72.62
CA ILE E 12 -57.37 -11.93 73.21
C ILE E 12 -57.60 -13.29 73.90
N ILE E 13 -57.12 -14.40 73.32
CA ILE E 13 -57.21 -15.71 73.97
C ILE E 13 -56.60 -15.65 75.37
N GLY E 14 -55.42 -15.02 75.49
CA GLY E 14 -54.73 -14.91 76.76
C GLY E 14 -55.47 -14.11 77.82
N ILE E 15 -56.45 -13.28 77.40
CA ILE E 15 -57.22 -12.42 78.29
C ILE E 15 -58.61 -13.01 78.58
N LEU E 16 -59.20 -13.78 77.65
CA LEU E 16 -60.47 -14.44 77.93
C LEU E 16 -60.29 -15.74 78.71
N VAL E 17 -59.10 -16.33 78.66
CA VAL E 17 -58.61 -17.24 79.69
C VAL E 17 -58.10 -16.37 80.85
N ALA E 18 -57.77 -16.96 82.01
CA ALA E 18 -57.39 -16.19 83.19
C ALA E 18 -58.53 -15.31 83.71
N ILE E 19 -59.76 -15.78 83.47
CA ILE E 19 -60.93 -15.43 84.28
C ILE E 19 -60.95 -16.37 85.49
N ALA E 20 -61.79 -16.04 86.49
CA ALA E 20 -62.24 -17.05 87.43
C ALA E 20 -63.33 -17.94 86.78
N VAL E 21 -63.47 -19.17 87.28
CA VAL E 21 -64.57 -20.05 86.92
C VAL E 21 -64.99 -20.82 88.18
N PRO E 22 -66.29 -21.10 88.43
CA PRO E 22 -66.68 -21.80 89.65
C PRO E 22 -66.24 -23.26 89.63
N ARG E 23 -65.93 -23.80 90.82
CA ARG E 23 -65.80 -25.25 90.97
C ARG E 23 -67.20 -25.86 91.03
N PHE E 24 -67.35 -27.06 90.45
CA PHE E 24 -68.48 -27.89 90.85
C PHE E 24 -68.23 -28.42 92.26
N VAL E 25 -69.29 -28.52 93.08
CA VAL E 25 -69.17 -28.99 94.44
C VAL E 25 -70.26 -30.03 94.68
N ASP E 26 -69.89 -31.14 95.35
CA ASP E 26 -70.86 -32.15 95.74
C ASP E 26 -71.67 -31.65 96.94
N LEU E 27 -72.74 -30.88 96.66
CA LEU E 27 -73.65 -30.37 97.68
C LEU E 27 -74.73 -31.39 98.07
N THR E 28 -74.57 -32.67 97.71
CA THR E 28 -75.62 -33.65 97.94
C THR E 28 -75.83 -33.93 99.43
N ASP E 29 -74.82 -33.72 100.28
CA ASP E 29 -74.98 -33.89 101.72
C ASP E 29 -76.00 -32.92 102.31
N GLN E 30 -75.87 -31.63 101.97
CA GLN E 30 -76.77 -30.58 102.43
C GLN E 30 -78.18 -30.80 101.88
N ALA E 31 -78.29 -31.15 100.60
CA ALA E 31 -79.57 -31.45 99.98
C ALA E 31 -80.22 -32.70 100.57
N ASN E 32 -79.44 -33.76 100.82
CA ASN E 32 -79.93 -34.98 101.45
C ASN E 32 -80.45 -34.70 102.85
N GLN E 33 -79.75 -33.86 103.62
CA GLN E 33 -80.19 -33.50 104.95
C GLN E 33 -81.56 -32.80 104.89
N ALA E 34 -81.72 -31.83 103.99
CA ALA E 34 -82.98 -31.14 103.80
C ALA E 34 -84.10 -32.09 103.34
N ASN E 35 -83.80 -33.07 102.48
CA ASN E 35 -84.76 -34.08 102.08
C ASN E 35 -85.23 -34.91 103.28
N VAL E 36 -84.30 -35.36 104.12
CA VAL E 36 -84.58 -36.14 105.32
C VAL E 36 -85.44 -35.34 106.29
N ASP E 37 -85.09 -34.07 106.52
CA ASP E 37 -85.84 -33.18 107.40
C ASP E 37 -87.25 -32.91 106.88
N ALA E 38 -87.41 -32.52 105.62
CA ALA E 38 -88.72 -32.33 105.00
C ALA E 38 -89.57 -33.60 105.06
N THR E 39 -88.95 -34.76 104.83
CA THR E 39 -89.63 -36.05 104.92
C THR E 39 -90.05 -36.34 106.36
N ALA E 40 -89.22 -36.02 107.35
CA ALA E 40 -89.55 -36.17 108.76
C ALA E 40 -90.76 -35.32 109.16
N ALA E 41 -90.85 -34.08 108.67
CA ALA E 41 -92.02 -33.24 108.85
C ALA E 41 -93.27 -33.89 108.27
N ALA E 42 -93.17 -34.44 107.06
CA ALA E 42 -94.27 -35.13 106.41
C ALA E 42 -94.72 -36.36 107.21
N VAL E 43 -93.79 -37.16 107.74
CA VAL E 43 -94.11 -38.33 108.55
C VAL E 43 -94.86 -37.92 109.81
N ARG E 44 -94.46 -36.85 110.50
CA ARG E 44 -95.16 -36.34 111.68
C ARG E 44 -96.60 -35.96 111.35
N SER E 45 -96.83 -35.22 110.26
CA SER E 45 -98.16 -34.83 109.84
C SER E 45 -99.00 -36.05 109.44
N ALA E 46 -98.42 -36.98 108.68
CA ALA E 46 -99.08 -38.22 108.26
C ALA E 46 -99.50 -39.07 109.46
N TYR E 47 -98.65 -39.12 110.49
CA TYR E 47 -98.95 -39.77 111.76
C TYR E 47 -100.11 -39.07 112.48
N ALA E 48 -100.05 -37.75 112.61
CA ALA E 48 -101.12 -37.00 113.26
C ALA E 48 -102.47 -37.23 112.58
N ILE E 49 -102.53 -37.13 111.24
CA ILE E 49 -103.71 -37.45 110.46
C ILE E 49 -104.17 -38.89 110.71
N ALA E 50 -103.24 -39.84 110.76
CA ALA E 50 -103.55 -41.23 111.04
C ALA E 50 -104.17 -41.44 112.43
N THR E 51 -103.80 -40.66 113.46
CA THR E 51 -104.40 -40.80 114.78
C THR E 51 -105.89 -40.42 114.78
N VAL E 52 -106.31 -39.51 113.89
CA VAL E 52 -107.72 -39.18 113.73
C VAL E 52 -108.44 -40.31 112.99
N GLN E 53 -107.89 -40.78 111.86
CA GLN E 53 -108.46 -41.88 111.08
C GLN E 53 -108.63 -43.15 111.92
N ALA E 54 -107.60 -43.51 112.69
CA ALA E 54 -107.56 -44.69 113.54
C ALA E 54 -108.45 -44.56 114.79
N LYS E 55 -108.86 -43.33 115.15
CA LYS E 55 -109.53 -43.01 116.41
C LYS E 55 -108.76 -43.62 117.59
N GLY E 56 -107.43 -43.39 117.62
CA GLY E 56 -106.51 -44.03 118.55
C GLY E 56 -105.09 -44.11 117.97
N ILE E 57 -104.25 -45.00 118.55
CA ILE E 57 -102.90 -45.21 118.03
C ILE E 57 -103.00 -45.86 116.65
N PRO E 58 -102.33 -45.31 115.61
CA PRO E 58 -102.41 -45.86 114.25
C PRO E 58 -101.46 -47.04 114.05
N THR E 59 -101.79 -47.86 113.04
CA THR E 59 -100.87 -48.87 112.54
C THR E 59 -99.80 -48.22 111.66
N CYS E 60 -98.67 -48.92 111.47
CA CYS E 60 -97.61 -48.47 110.58
C CYS E 60 -98.11 -48.20 109.15
N ASP E 61 -99.01 -49.06 108.65
CA ASP E 61 -99.64 -48.91 107.33
C ASP E 61 -100.57 -47.70 107.24
N GLN E 62 -101.34 -47.42 108.30
CA GLN E 62 -102.20 -46.24 108.33
C GLN E 62 -101.40 -44.94 108.23
N VAL E 63 -100.20 -44.91 108.83
CA VAL E 63 -99.31 -43.76 108.71
C VAL E 63 -98.81 -43.60 107.26
N PHE E 64 -98.27 -44.66 106.65
CA PHE E 64 -97.76 -44.57 105.29
C PHE E 64 -98.86 -44.34 104.25
N ALA E 65 -100.11 -44.72 104.52
CA ALA E 65 -101.23 -44.41 103.64
C ALA E 65 -101.38 -42.89 103.40
N ASN E 66 -100.94 -42.06 104.35
CA ASN E 66 -101.04 -40.60 104.27
C ASN E 66 -99.82 -39.92 103.65
N LEU E 67 -98.84 -40.67 103.10
CA LEU E 67 -97.69 -40.10 102.42
C LEU E 67 -97.83 -40.24 100.90
N GLU E 68 -97.61 -39.14 100.17
CA GLU E 68 -97.92 -39.06 98.75
C GLU E 68 -96.77 -39.51 97.84
N GLY E 69 -95.52 -39.13 98.18
CA GLY E 69 -94.43 -39.10 97.21
C GLY E 69 -93.69 -40.40 96.92
N GLY E 70 -94.37 -41.56 97.03
CA GLY E 70 -93.69 -42.84 96.97
C GLY E 70 -94.64 -44.02 97.18
N SER E 71 -94.06 -45.18 97.54
CA SER E 71 -94.77 -46.44 97.64
C SER E 71 -94.31 -47.20 98.90
N THR E 72 -95.09 -48.22 99.32
CA THR E 72 -94.79 -48.96 100.53
C THR E 72 -94.77 -50.47 100.28
N SER E 73 -93.83 -51.15 100.94
CA SER E 73 -93.76 -52.61 101.08
C SER E 73 -93.61 -52.88 102.57
N GLY E 74 -94.30 -53.90 103.11
CA GLY E 74 -94.62 -54.03 104.53
C GLY E 74 -93.61 -53.43 105.52
N SER E 75 -94.07 -52.45 106.35
CA SER E 75 -93.30 -51.71 107.35
C SER E 75 -92.27 -50.69 106.82
N THR E 76 -92.16 -50.49 105.50
CA THR E 76 -91.29 -49.44 104.95
C THR E 76 -91.97 -48.70 103.79
N TRP E 77 -91.64 -47.41 103.66
CA TRP E 77 -92.08 -46.54 102.59
C TRP E 77 -90.83 -46.00 101.88
N THR E 78 -90.88 -45.88 100.55
CA THR E 78 -89.73 -45.48 99.74
C THR E 78 -90.18 -44.41 98.74
N SER E 79 -89.40 -43.32 98.58
CA SER E 79 -89.71 -42.28 97.62
C SER E 79 -89.68 -42.83 96.19
N SER E 80 -90.49 -42.26 95.28
CA SER E 80 -90.62 -42.80 93.93
C SER E 80 -89.30 -42.84 93.16
N ASP E 81 -88.43 -41.84 93.37
CA ASP E 81 -87.00 -41.96 93.10
C ASP E 81 -86.36 -42.57 94.35
N ASN E 82 -85.88 -43.82 94.26
CA ASN E 82 -85.81 -44.78 95.36
C ASN E 82 -84.89 -44.45 96.55
N SER E 83 -84.20 -43.30 96.57
CA SER E 83 -83.13 -43.05 97.52
C SER E 83 -83.58 -42.72 98.95
N THR E 84 -84.76 -42.08 99.15
CA THR E 84 -85.25 -41.78 100.49
C THR E 84 -86.12 -42.92 101.01
N THR E 85 -85.83 -43.38 102.23
CA THR E 85 -86.55 -44.47 102.87
C THR E 85 -87.12 -44.00 104.20
N VAL E 86 -88.33 -44.49 104.54
CA VAL E 86 -88.87 -44.42 105.89
C VAL E 86 -89.18 -45.86 106.33
N SER E 87 -88.95 -46.21 107.61
CA SER E 87 -89.32 -47.53 108.09
C SER E 87 -89.80 -47.48 109.54
N CYS E 88 -90.78 -48.33 109.88
CA CYS E 88 -91.21 -48.55 111.26
C CYS E 88 -90.41 -49.65 111.94
N ASN E 89 -90.20 -49.48 113.25
CA ASN E 89 -90.02 -50.59 114.15
C ASN E 89 -91.18 -50.51 115.14
N ALA E 90 -92.31 -51.16 114.81
CA ALA E 90 -93.56 -50.99 115.54
C ALA E 90 -93.49 -51.50 116.99
N SER E 91 -92.58 -52.46 117.25
CA SER E 91 -92.23 -52.97 118.57
C SER E 91 -91.36 -51.99 119.37
N ALA E 92 -90.60 -51.13 118.67
CA ALA E 92 -89.72 -50.12 119.25
C ALA E 92 -90.34 -48.71 119.21
N ASP E 93 -91.60 -48.58 118.76
CA ASP E 93 -92.35 -47.32 118.71
C ASP E 93 -91.53 -46.20 118.04
N THR E 94 -91.00 -46.52 116.85
CA THR E 94 -89.99 -45.69 116.19
C THR E 94 -90.17 -45.69 114.66
N PHE E 95 -90.01 -44.51 114.03
CA PHE E 95 -89.81 -44.38 112.60
C PHE E 95 -88.39 -43.89 112.32
N THR E 96 -87.68 -44.51 111.36
CA THR E 96 -86.41 -43.97 110.89
C THR E 96 -86.56 -43.47 109.46
N ILE E 97 -86.13 -42.22 109.22
CA ILE E 97 -86.11 -41.60 107.90
C ILE E 97 -84.65 -41.48 107.48
N SER E 98 -84.29 -41.94 106.27
CA SER E 98 -82.90 -41.85 105.84
C SER E 98 -82.75 -41.67 104.32
N ARG E 99 -81.63 -41.03 103.92
CA ARG E 99 -81.25 -40.81 102.53
C ARG E 99 -79.74 -40.56 102.45
N GLY E 100 -79.02 -41.37 101.66
CA GLY E 100 -77.61 -41.18 101.41
C GLY E 100 -76.77 -41.02 102.69
N GLY E 101 -77.10 -41.78 103.73
CA GLY E 101 -76.34 -41.74 104.97
C GLY E 101 -76.81 -40.68 105.97
N LYS E 102 -77.53 -39.64 105.50
CA LYS E 102 -78.20 -38.70 106.39
C LYS E 102 -79.44 -39.39 106.96
N THR E 103 -79.73 -39.17 108.26
CA THR E 103 -80.76 -39.95 108.95
C THR E 103 -81.44 -39.13 110.06
N ARG E 104 -82.69 -39.50 110.38
CA ARG E 104 -83.45 -38.92 111.48
C ARG E 104 -84.38 -39.99 112.06
N THR E 105 -84.69 -39.87 113.36
CA THR E 105 -85.52 -40.86 114.04
C THR E 105 -86.66 -40.17 114.78
N LEU E 106 -87.89 -40.68 114.64
CA LEU E 106 -89.06 -40.17 115.35
C LEU E 106 -89.59 -41.23 116.31
N ASN E 107 -89.71 -40.88 117.60
CA ASN E 107 -90.20 -41.81 118.62
C ASN E 107 -91.71 -41.63 118.83
N LEU E 108 -92.49 -42.11 117.86
CA LEU E 108 -93.95 -42.04 117.84
C LEU E 108 -94.54 -43.43 118.08
N THR E 109 -95.44 -43.57 119.07
CA THR E 109 -96.06 -44.87 119.39
C THR E 109 -96.96 -45.34 118.25
N VAL E 110 -96.74 -46.57 117.78
CA VAL E 110 -97.37 -47.12 116.58
C VAL E 110 -97.52 -48.63 116.75
N ASN E 111 -98.48 -49.25 116.02
CA ASN E 111 -98.70 -50.69 116.07
C ASN E 111 -99.07 -51.29 114.70
N PHE F 1 -47.90 -9.22 50.70
CA PHE F 1 -47.17 -9.76 51.88
C PHE F 1 -45.87 -10.41 51.40
N THR F 2 -44.81 -10.33 52.22
CA THR F 2 -43.56 -11.01 51.88
C THR F 2 -43.69 -12.52 52.07
N LEU F 3 -42.77 -13.29 51.46
CA LEU F 3 -42.76 -14.74 51.62
C LEU F 3 -42.50 -15.16 53.07
N ILE F 4 -41.71 -14.38 53.80
CA ILE F 4 -41.44 -14.63 55.22
C ILE F 4 -42.74 -14.52 56.03
N GLU F 5 -43.52 -13.46 55.82
CA GLU F 5 -44.78 -13.29 56.54
C GLU F 5 -45.75 -14.44 56.26
N LEU F 6 -45.83 -14.89 55.00
CA LEU F 6 -46.66 -16.04 54.64
C LEU F 6 -46.15 -17.32 55.31
N ALA F 7 -44.82 -17.52 55.41
CA ALA F 7 -44.24 -18.67 56.08
C ALA F 7 -44.60 -18.69 57.57
N ILE F 8 -44.49 -17.53 58.23
CA ILE F 8 -44.87 -17.34 59.62
C ILE F 8 -46.36 -17.66 59.83
N VAL F 9 -47.21 -17.16 58.93
CA VAL F 9 -48.65 -17.43 58.95
C VAL F 9 -48.94 -18.93 58.82
N ILE F 10 -48.28 -19.61 57.87
CA ILE F 10 -48.43 -21.04 57.65
C ILE F 10 -48.05 -21.83 58.90
N VAL F 11 -47.03 -21.39 59.65
CA VAL F 11 -46.65 -21.99 60.92
C VAL F 11 -47.72 -21.77 61.99
N ILE F 12 -48.14 -20.51 62.21
CA ILE F 12 -49.01 -20.16 63.32
C ILE F 12 -50.43 -20.72 63.13
N ILE F 13 -50.96 -20.72 61.91
CA ILE F 13 -52.26 -21.34 61.64
C ILE F 13 -52.28 -22.79 62.11
N GLY F 14 -51.20 -23.53 61.80
CA GLY F 14 -51.09 -24.94 62.17
C GLY F 14 -51.04 -25.18 63.68
N ILE F 15 -50.73 -24.15 64.48
CA ILE F 15 -50.63 -24.24 65.92
C ILE F 15 -51.87 -23.68 66.62
N LEU F 16 -52.57 -22.69 66.03
CA LEU F 16 -53.82 -22.21 66.61
C LEU F 16 -55.01 -23.10 66.26
N VAL F 17 -54.90 -23.87 65.18
CA VAL F 17 -55.68 -25.10 65.00
C VAL F 17 -55.00 -26.20 65.83
N ALA F 18 -55.62 -27.37 65.99
CA ALA F 18 -55.08 -28.41 66.86
C ALA F 18 -55.04 -27.99 68.34
N ILE F 19 -55.98 -27.11 68.70
CA ILE F 19 -56.47 -26.96 70.06
C ILE F 19 -57.56 -28.00 70.28
N ALA F 20 -57.96 -28.21 71.54
CA ALA F 20 -59.26 -28.79 71.82
C ALA F 20 -60.36 -27.74 71.62
N VAL F 21 -61.59 -28.21 71.35
CA VAL F 21 -62.77 -27.36 71.32
C VAL F 21 -63.93 -28.18 71.90
N PRO F 22 -64.87 -27.60 72.69
CA PRO F 22 -65.95 -28.39 73.27
C PRO F 22 -66.96 -28.85 72.21
N ARG F 23 -67.55 -30.03 72.42
CA ARG F 23 -68.73 -30.41 71.66
C ARG F 23 -69.95 -29.68 72.21
N PHE F 24 -70.87 -29.30 71.32
CA PHE F 24 -72.22 -29.02 71.80
C PHE F 24 -72.89 -30.34 72.19
N VAL F 25 -73.70 -30.32 73.26
CA VAL F 25 -74.39 -31.52 73.73
C VAL F 25 -75.85 -31.16 73.97
N ASP F 26 -76.75 -32.05 73.54
CA ASP F 26 -78.17 -31.88 73.82
C ASP F 26 -78.46 -32.24 75.28
N LEU F 27 -78.28 -31.26 76.17
CA LEU F 27 -78.56 -31.41 77.60
C LEU F 27 -80.03 -31.18 77.94
N THR F 28 -80.93 -31.17 76.94
CA THR F 28 -82.32 -30.84 77.20
C THR F 28 -83.04 -31.89 78.04
N ASP F 29 -82.58 -33.15 78.03
CA ASP F 29 -83.16 -34.19 78.87
C ASP F 29 -82.99 -33.88 80.37
N GLN F 30 -81.77 -33.52 80.77
CA GLN F 30 -81.44 -33.18 82.16
C GLN F 30 -82.20 -31.91 82.58
N ALA F 31 -82.22 -30.90 81.71
CA ALA F 31 -82.94 -29.66 81.97
C ALA F 31 -84.46 -29.89 82.05
N ASN F 32 -85.02 -30.71 81.14
CA ASN F 32 -86.43 -31.04 81.15
C ASN F 32 -86.82 -31.77 82.44
N GLN F 33 -85.97 -32.69 82.91
CA GLN F 33 -86.21 -33.39 84.16
C GLN F 33 -86.29 -32.42 85.33
N ALA F 34 -85.33 -31.48 85.42
CA ALA F 34 -85.33 -30.46 86.45
C ALA F 34 -86.56 -29.54 86.35
N ASN F 35 -87.01 -29.20 85.14
CA ASN F 35 -88.23 -28.42 84.95
C ASN F 35 -89.45 -29.17 85.48
N VAL F 36 -89.58 -30.46 85.17
CA VAL F 36 -90.67 -31.31 85.62
C VAL F 36 -90.66 -31.43 87.14
N ASP F 37 -89.50 -31.65 87.75
CA ASP F 37 -89.35 -31.74 89.19
C ASP F 37 -89.69 -30.43 89.90
N ALA F 38 -89.12 -29.31 89.45
CA ALA F 38 -89.46 -27.99 90.01
C ALA F 38 -90.95 -27.67 89.87
N THR F 39 -91.55 -28.04 88.74
CA THR F 39 -92.99 -27.86 88.52
C THR F 39 -93.80 -28.75 89.46
N ALA F 40 -93.37 -29.99 89.69
CA ALA F 40 -94.01 -30.89 90.63
C ALA F 40 -94.00 -30.34 92.07
N ALA F 41 -92.88 -29.74 92.50
CA ALA F 41 -92.81 -29.04 93.78
C ALA F 41 -93.83 -27.90 93.85
N ALA F 42 -93.92 -27.09 92.78
CA ALA F 42 -94.88 -26.01 92.70
C ALA F 42 -96.33 -26.51 92.78
N VAL F 43 -96.66 -27.61 92.09
CA VAL F 43 -98.01 -28.19 92.13
C VAL F 43 -98.36 -28.64 93.55
N ARG F 44 -97.43 -29.29 94.27
CA ARG F 44 -97.66 -29.69 95.66
C ARG F 44 -97.96 -28.49 96.56
N SER F 45 -97.18 -27.41 96.45
CA SER F 45 -97.42 -26.20 97.24
C SER F 45 -98.75 -25.54 96.86
N ALA F 46 -99.04 -25.43 95.56
CA ALA F 46 -100.28 -24.86 95.07
C ALA F 46 -101.51 -25.65 95.56
N TYR F 47 -101.39 -26.98 95.61
CA TYR F 47 -102.40 -27.85 96.18
C TYR F 47 -102.57 -27.59 97.68
N ALA F 48 -101.47 -27.56 98.44
CA ALA F 48 -101.53 -27.30 99.87
C ALA F 48 -102.22 -25.96 100.16
N ILE F 49 -101.83 -24.88 99.48
CA ILE F 49 -102.48 -23.57 99.58
C ILE F 49 -103.98 -23.68 99.24
N ALA F 50 -104.32 -24.43 98.17
CA ALA F 50 -105.70 -24.65 97.77
C ALA F 50 -106.53 -25.35 98.86
N THR F 51 -105.96 -26.28 99.65
CA THR F 51 -106.71 -26.94 100.72
C THR F 51 -107.12 -25.97 101.82
N VAL F 52 -106.36 -24.90 102.05
CA VAL F 52 -106.73 -23.86 103.00
C VAL F 52 -107.84 -22.98 102.40
N GLN F 53 -107.67 -22.52 101.15
CA GLN F 53 -108.67 -21.71 100.45
C GLN F 53 -110.03 -22.43 100.36
N ALA F 54 -110.01 -23.71 99.99
CA ALA F 54 -111.20 -24.55 99.83
C ALA F 54 -111.83 -24.94 101.17
N LYS F 55 -111.10 -24.80 102.29
CA LYS F 55 -111.48 -25.32 103.60
C LYS F 55 -111.90 -26.79 103.50
N GLY F 56 -111.08 -27.60 102.83
CA GLY F 56 -111.38 -28.98 102.46
C GLY F 56 -110.60 -29.43 101.23
N ILE F 57 -111.07 -30.50 100.56
CA ILE F 57 -110.46 -30.98 99.33
C ILE F 57 -110.70 -29.93 98.22
N PRO F 58 -109.65 -29.46 97.51
CA PRO F 58 -109.81 -28.46 96.47
C PRO F 58 -110.27 -29.03 95.14
N THR F 59 -110.86 -28.16 94.31
CA THR F 59 -111.12 -28.49 92.92
C THR F 59 -109.83 -28.38 92.09
N CYS F 60 -109.81 -29.03 90.93
CA CYS F 60 -108.69 -28.94 90.00
C CYS F 60 -108.35 -27.49 89.62
N ASP F 61 -109.38 -26.65 89.42
CA ASP F 61 -109.23 -25.23 89.11
C ASP F 61 -108.67 -24.42 90.27
N GLN F 62 -109.07 -24.72 91.52
CA GLN F 62 -108.52 -24.05 92.70
C GLN F 62 -107.02 -24.30 92.84
N VAL F 63 -106.55 -25.49 92.48
CA VAL F 63 -105.13 -25.80 92.48
C VAL F 63 -104.39 -24.97 91.42
N PHE F 64 -104.86 -24.99 90.16
CA PHE F 64 -104.18 -24.23 89.10
C PHE F 64 -104.27 -22.72 89.29
N ALA F 65 -105.27 -22.21 90.01
CA ALA F 65 -105.33 -20.79 90.35
C ALA F 65 -104.09 -20.31 91.11
N ASN F 66 -103.42 -21.20 91.85
CA ASN F 66 -102.25 -20.88 92.65
C ASN F 66 -100.91 -21.06 91.91
N LEU F 67 -100.91 -21.34 90.59
CA LEU F 67 -99.69 -21.47 89.80
C LEU F 67 -99.51 -20.23 88.92
N GLU F 68 -98.29 -19.66 88.95
CA GLU F 68 -98.01 -18.36 88.36
C GLU F 68 -97.60 -18.43 86.88
N GLY F 69 -96.76 -19.40 86.52
CA GLY F 69 -95.94 -19.33 85.32
C GLY F 69 -96.59 -19.74 83.99
N GLY F 70 -97.92 -19.56 83.85
CA GLY F 70 -98.64 -20.11 82.71
C GLY F 70 -100.14 -19.84 82.77
N SER F 71 -100.91 -20.63 82.01
CA SER F 71 -102.34 -20.45 81.83
C SER F 71 -103.05 -21.79 81.87
N THR F 72 -104.39 -21.77 82.04
CA THR F 72 -105.18 -22.99 82.16
C THR F 72 -106.36 -23.00 81.19
N SER F 73 -106.63 -24.20 80.63
CA SER F 73 -107.83 -24.54 79.89
C SER F 73 -108.37 -25.83 80.53
N GLY F 74 -109.69 -25.95 80.71
CA GLY F 74 -110.31 -26.86 81.68
C GLY F 74 -109.56 -28.18 81.95
N SER F 75 -109.19 -28.39 83.24
CA SER F 75 -108.45 -29.56 83.75
C SER F 75 -106.96 -29.65 83.37
N THR F 76 -106.40 -28.67 82.63
CA THR F 76 -104.96 -28.63 82.35
C THR F 76 -104.38 -27.23 82.49
N TRP F 77 -103.11 -27.16 82.90
CA TRP F 77 -102.33 -25.94 83.02
C TRP F 77 -101.09 -26.09 82.12
N THR F 78 -100.68 -25.02 81.44
CA THR F 78 -99.58 -25.05 80.49
C THR F 78 -98.66 -23.85 80.75
N SER F 79 -97.34 -24.07 80.78
CA SER F 79 -96.37 -23.00 80.96
C SER F 79 -96.45 -21.98 79.82
N SER F 80 -96.15 -20.71 80.08
CA SER F 80 -96.33 -19.65 79.08
C SER F 80 -95.51 -19.89 77.80
N ASP F 81 -94.30 -20.46 77.94
CA ASP F 81 -93.63 -21.14 76.85
C ASP F 81 -94.14 -22.59 76.85
N ASN F 82 -94.92 -22.98 75.84
CA ASN F 82 -95.97 -24.01 75.92
C ASN F 82 -95.53 -25.47 76.23
N SER F 83 -94.24 -25.75 76.45
CA SER F 83 -93.73 -27.12 76.48
C SER F 83 -94.06 -27.89 77.77
N THR F 84 -94.15 -27.23 78.93
CA THR F 84 -94.48 -27.92 80.18
C THR F 84 -95.98 -27.93 80.40
N THR F 85 -96.53 -29.12 80.69
CA THR F 85 -97.96 -29.31 80.92
C THR F 85 -98.19 -29.93 82.29
N VAL F 86 -99.27 -29.51 82.96
CA VAL F 86 -99.83 -30.20 84.13
C VAL F 86 -101.28 -30.54 83.79
N SER F 87 -101.78 -31.72 84.21
CA SER F 87 -103.19 -32.04 84.00
C SER F 87 -103.74 -32.86 85.17
N CYS F 88 -105.03 -32.62 85.51
CA CYS F 88 -105.76 -33.43 86.45
C CYS F 88 -106.46 -34.62 85.77
N ASN F 89 -106.55 -35.73 86.49
CA ASN F 89 -107.61 -36.70 86.32
C ASN F 89 -108.37 -36.72 87.65
N ALA F 90 -109.38 -35.85 87.78
CA ALA F 90 -110.04 -35.62 89.06
C ALA F 90 -110.79 -36.85 89.60
N SER F 91 -111.21 -37.74 88.68
CA SER F 91 -111.80 -39.05 88.96
C SER F 91 -110.75 -40.09 89.42
N ALA F 92 -109.48 -39.89 89.00
CA ALA F 92 -108.35 -40.75 89.36
C ALA F 92 -107.47 -40.15 90.47
N ASP F 93 -107.88 -39.01 91.06
CA ASP F 93 -107.18 -38.33 92.15
C ASP F 93 -105.68 -38.16 91.86
N THR F 94 -105.38 -37.62 90.68
CA THR F 94 -104.03 -37.62 90.13
C THR F 94 -103.73 -36.35 89.34
N PHE F 95 -102.52 -35.80 89.50
CA PHE F 95 -101.95 -34.78 88.62
C PHE F 95 -100.76 -35.38 87.85
N THR F 96 -100.69 -35.17 86.53
CA THR F 96 -99.50 -35.53 85.78
C THR F 96 -98.79 -34.26 85.31
N ILE F 97 -97.48 -34.17 85.57
CA ILE F 97 -96.62 -33.08 85.13
C ILE F 97 -95.69 -33.65 84.05
N SER F 98 -95.59 -33.00 82.88
CA SER F 98 -94.73 -33.52 81.83
C SER F 98 -94.12 -32.42 80.95
N ARG F 99 -92.95 -32.73 80.37
CA ARG F 99 -92.21 -31.86 79.45
C ARG F 99 -91.24 -32.69 78.62
N GLY F 100 -91.36 -32.63 77.29
CA GLY F 100 -90.44 -33.30 76.37
C GLY F 100 -90.22 -34.78 76.70
N GLY F 101 -91.28 -35.48 77.10
CA GLY F 101 -91.18 -36.91 77.38
C GLY F 101 -90.79 -37.24 78.82
N LYS F 102 -90.16 -36.30 79.54
CA LYS F 102 -89.93 -36.44 80.97
C LYS F 102 -91.25 -36.21 81.70
N THR F 103 -91.54 -37.00 82.74
CA THR F 103 -92.87 -36.99 83.36
C THR F 103 -92.80 -37.32 84.86
N ARG F 104 -93.81 -36.85 85.61
CA ARG F 104 -93.97 -37.15 87.02
C ARG F 104 -95.47 -37.15 87.36
N THR F 105 -95.86 -37.95 88.37
CA THR F 105 -97.26 -38.09 88.74
C THR F 105 -97.42 -37.87 90.23
N LEU F 106 -98.43 -37.07 90.63
CA LEU F 106 -98.76 -36.81 92.03
C LEU F 106 -100.14 -37.37 92.35
N ASN F 107 -100.24 -38.26 93.36
CA ASN F 107 -101.51 -38.86 93.75
C ASN F 107 -102.16 -38.06 94.88
N LEU F 108 -102.70 -36.88 94.54
CA LEU F 108 -103.36 -35.96 95.46
C LEU F 108 -104.87 -35.97 95.21
N THR F 109 -105.69 -36.19 96.26
CA THR F 109 -107.14 -36.22 96.12
C THR F 109 -107.69 -34.85 95.76
N VAL F 110 -108.49 -34.79 94.69
CA VAL F 110 -108.96 -33.55 94.08
C VAL F 110 -110.34 -33.78 93.46
N ASN F 111 -111.13 -32.71 93.29
CA ASN F 111 -112.46 -32.80 92.68
C ASN F 111 -112.80 -31.59 91.78
N PHE G 1 -36.44 -8.27 45.88
CA PHE G 1 -36.83 -9.70 45.83
C PHE G 1 -36.61 -10.22 44.41
N THR G 2 -36.22 -11.50 44.28
CA THR G 2 -36.08 -12.11 42.96
C THR G 2 -37.44 -12.38 42.34
N LEU G 3 -37.49 -12.59 41.01
CA LEU G 3 -38.72 -12.91 40.31
C LEU G 3 -39.32 -14.25 40.77
N ILE G 4 -38.45 -15.20 41.14
CA ILE G 4 -38.89 -16.49 41.66
C ILE G 4 -39.65 -16.30 42.98
N GLU G 5 -39.10 -15.52 43.92
CA GLU G 5 -39.75 -15.27 45.19
C GLU G 5 -41.11 -14.60 45.00
N LEU G 6 -41.21 -13.64 44.08
CA LEU G 6 -42.49 -13.00 43.75
C LEU G 6 -43.47 -14.00 43.14
N ALA G 7 -43.01 -14.92 42.29
CA ALA G 7 -43.85 -15.96 41.70
C ALA G 7 -44.42 -16.89 42.78
N ILE G 8 -43.57 -17.32 43.73
CA ILE G 8 -43.95 -18.13 44.87
C ILE G 8 -44.99 -17.41 45.72
N VAL G 9 -44.78 -16.11 46.00
CA VAL G 9 -45.72 -15.28 46.74
C VAL G 9 -47.07 -15.18 46.02
N ILE G 10 -47.08 -14.97 44.70
CA ILE G 10 -48.28 -14.89 43.89
C ILE G 10 -49.07 -16.20 43.97
N VAL G 11 -48.39 -17.35 44.02
CA VAL G 11 -49.02 -18.65 44.22
C VAL G 11 -49.64 -18.77 45.61
N ILE G 12 -48.85 -18.51 46.66
CA ILE G 12 -49.26 -18.79 48.03
C ILE G 12 -50.39 -17.84 48.48
N ILE G 13 -50.34 -16.56 48.10
CA ILE G 13 -51.43 -15.63 48.40
C ILE G 13 -52.77 -16.18 47.90
N GLY G 14 -52.77 -16.71 46.67
CA GLY G 14 -53.98 -17.25 46.06
C GLY G 14 -54.55 -18.47 46.78
N ILE G 15 -53.73 -19.14 47.61
CA ILE G 15 -54.13 -20.34 48.34
C ILE G 15 -54.44 -20.03 49.82
N LEU G 16 -53.82 -19.02 50.41
CA LEU G 16 -54.17 -18.62 51.78
C LEU G 16 -55.42 -17.73 51.82
N VAL G 17 -55.74 -17.07 50.71
CA VAL G 17 -57.09 -16.60 50.42
C VAL G 17 -57.88 -17.81 49.91
N ALA G 18 -59.21 -17.72 49.74
CA ALA G 18 -60.02 -18.87 49.36
C ALA G 18 -60.02 -19.97 50.43
N ILE G 19 -59.84 -19.54 51.68
CA ILE G 19 -60.30 -20.28 52.85
C ILE G 19 -61.76 -19.92 53.09
N ALA G 20 -62.45 -20.68 53.95
CA ALA G 20 -63.65 -20.16 54.60
C ALA G 20 -63.26 -19.19 55.73
N VAL G 21 -64.18 -18.27 56.07
CA VAL G 21 -64.06 -17.41 57.24
C VAL G 21 -65.46 -17.24 57.83
N PRO G 22 -65.64 -17.20 59.17
CA PRO G 22 -66.98 -17.08 59.74
C PRO G 22 -67.58 -15.69 59.49
N ARG G 23 -68.91 -15.64 59.35
CA ARG G 23 -69.62 -14.38 59.41
C ARG G 23 -69.75 -13.95 60.87
N PHE G 24 -69.66 -12.64 61.13
CA PHE G 24 -70.21 -12.15 62.38
C PHE G 24 -71.73 -12.19 62.31
N VAL G 25 -72.39 -12.51 63.43
CA VAL G 25 -73.85 -12.61 63.49
C VAL G 25 -74.34 -11.84 64.70
N ASP G 26 -75.40 -11.06 64.52
CA ASP G 26 -76.03 -10.38 65.64
C ASP G 26 -76.85 -11.36 66.48
N LEU G 27 -76.17 -12.05 67.42
CA LEU G 27 -76.80 -13.00 68.33
C LEU G 27 -77.42 -12.31 69.55
N THR G 28 -77.60 -10.98 69.53
CA THR G 28 -78.06 -10.27 70.71
C THR G 28 -79.51 -10.62 71.06
N ASP G 29 -80.33 -11.07 70.10
CA ASP G 29 -81.70 -11.49 70.38
C ASP G 29 -81.73 -12.71 71.32
N GLN G 30 -80.94 -13.74 71.00
CA GLN G 30 -80.85 -14.95 71.79
C GLN G 30 -80.27 -14.66 73.18
N ALA G 31 -79.22 -13.84 73.24
CA ALA G 31 -78.60 -13.43 74.49
C ALA G 31 -79.56 -12.57 75.33
N ASN G 32 -80.28 -11.63 74.71
CA ASN G 32 -81.27 -10.80 75.40
C ASN G 32 -82.39 -11.66 75.99
N GLN G 33 -82.85 -12.67 75.26
CA GLN G 33 -83.88 -13.58 75.75
C GLN G 33 -83.40 -14.30 77.01
N ALA G 34 -82.17 -14.85 76.98
CA ALA G 34 -81.58 -15.51 78.13
C ALA G 34 -81.39 -14.56 79.31
N ASN G 35 -81.03 -13.29 79.06
CA ASN G 35 -80.93 -12.29 80.11
C ASN G 35 -82.29 -12.05 80.77
N VAL G 36 -83.35 -11.89 79.97
CA VAL G 36 -84.71 -11.67 80.44
C VAL G 36 -85.18 -12.87 81.27
N ASP G 37 -84.95 -14.09 80.78
CA ASP G 37 -85.32 -15.32 81.48
C ASP G 37 -84.57 -15.48 82.80
N ALA G 38 -83.24 -15.34 82.81
CA ALA G 38 -82.46 -15.38 84.03
C ALA G 38 -82.89 -14.32 85.04
N THR G 39 -83.20 -13.11 84.56
CA THR G 39 -83.70 -12.03 85.39
C THR G 39 -85.08 -12.37 85.96
N ALA G 40 -85.96 -12.98 85.17
CA ALA G 40 -87.27 -13.42 85.63
C ALA G 40 -87.16 -14.47 86.75
N ALA G 41 -86.22 -15.42 86.65
CA ALA G 41 -85.93 -16.36 87.72
C ALA G 41 -85.50 -15.63 88.99
N ALA G 42 -84.60 -14.65 88.87
CA ALA G 42 -84.15 -13.84 89.99
C ALA G 42 -85.30 -13.07 90.65
N VAL G 43 -86.21 -12.48 89.87
CA VAL G 43 -87.36 -11.75 90.39
C VAL G 43 -88.27 -12.69 91.19
N ARG G 44 -88.54 -13.91 90.70
CA ARG G 44 -89.33 -14.89 91.42
C ARG G 44 -88.72 -15.24 92.77
N SER G 45 -87.41 -15.50 92.82
CA SER G 45 -86.72 -15.80 94.07
C SER G 45 -86.72 -14.59 95.02
N ALA G 46 -86.45 -13.39 94.49
CA ALA G 46 -86.45 -12.17 95.27
C ALA G 46 -87.83 -11.89 95.88
N TYR G 47 -88.90 -12.18 95.13
CA TYR G 47 -90.27 -12.12 95.60
C TYR G 47 -90.53 -13.13 96.72
N ALA G 48 -90.14 -14.39 96.51
CA ALA G 48 -90.32 -15.42 97.52
C ALA G 48 -89.62 -15.05 98.83
N ILE G 49 -88.35 -14.62 98.78
CA ILE G 49 -87.61 -14.12 99.92
C ILE G 49 -88.35 -12.95 100.59
N ALA G 50 -88.87 -12.02 99.78
CA ALA G 50 -89.63 -10.87 100.28
C ALA G 50 -90.90 -11.29 101.04
N THR G 51 -91.59 -12.37 100.65
CA THR G 51 -92.78 -12.83 101.36
C THR G 51 -92.46 -13.31 102.78
N VAL G 52 -91.24 -13.82 103.03
CA VAL G 52 -90.80 -14.17 104.36
C VAL G 52 -90.47 -12.91 105.16
N GLN G 53 -89.68 -11.98 104.58
CA GLN G 53 -89.33 -10.72 105.23
C GLN G 53 -90.56 -9.90 105.62
N ALA G 54 -91.53 -9.79 104.70
CA ALA G 54 -92.77 -9.04 104.88
C ALA G 54 -93.75 -9.73 105.84
N LYS G 55 -93.56 -11.03 106.11
CA LYS G 55 -94.51 -11.88 106.83
C LYS G 55 -95.92 -11.73 106.24
N GLY G 56 -96.00 -11.84 104.90
CA GLY G 56 -97.22 -11.55 104.14
C GLY G 56 -96.90 -11.13 102.70
N ILE G 57 -97.86 -10.47 102.03
CA ILE G 57 -97.63 -9.95 100.68
C ILE G 57 -96.61 -8.82 100.75
N PRO G 58 -95.53 -8.85 99.94
CA PRO G 58 -94.49 -7.82 99.98
C PRO G 58 -94.87 -6.58 99.17
N THR G 59 -94.22 -5.46 99.53
CA THR G 59 -94.27 -4.27 98.69
C THR G 59 -93.33 -4.41 97.49
N CYS G 60 -93.57 -3.62 96.45
CA CYS G 60 -92.71 -3.58 95.28
C CYS G 60 -91.24 -3.30 95.63
N ASP G 61 -91.00 -2.40 96.59
CA ASP G 61 -89.67 -2.05 97.08
C ASP G 61 -89.00 -3.21 97.85
N GLN G 62 -89.76 -3.96 98.66
CA GLN G 62 -89.24 -5.12 99.36
C GLN G 62 -88.75 -6.20 98.40
N VAL G 63 -89.42 -6.36 97.26
CA VAL G 63 -88.97 -7.28 96.23
C VAL G 63 -87.65 -6.81 95.60
N PHE G 64 -87.57 -5.56 95.15
CA PHE G 64 -86.34 -5.06 94.53
C PHE G 64 -85.17 -4.95 95.51
N ALA G 65 -85.42 -4.83 96.81
CA ALA G 65 -84.35 -4.86 97.81
C ALA G 65 -83.54 -6.15 97.75
N ASN G 66 -84.14 -7.26 97.29
CA ASN G 66 -83.50 -8.56 97.21
C ASN G 66 -82.80 -8.84 95.86
N LEU G 67 -82.71 -7.86 94.94
CA LEU G 67 -82.00 -8.01 93.68
C LEU G 67 -80.66 -7.29 93.72
N GLU G 68 -79.59 -7.99 93.30
CA GLU G 68 -78.22 -7.54 93.48
C GLU G 68 -77.70 -6.67 92.33
N GLY G 69 -78.02 -7.03 91.08
CA GLY G 69 -77.24 -6.59 89.91
C GLY G 69 -77.56 -5.21 89.34
N GLY G 70 -78.03 -4.27 90.16
CA GLY G 70 -78.56 -3.01 89.64
C GLY G 70 -79.09 -2.09 90.74
N SER G 71 -79.94 -1.13 90.34
CA SER G 71 -80.44 -0.08 91.21
C SER G 71 -81.92 0.16 90.95
N THR G 72 -82.61 0.86 91.87
CA THR G 72 -84.04 1.09 91.77
C THR G 72 -84.39 2.58 91.92
N SER G 73 -85.37 3.02 91.12
CA SER G 73 -86.07 4.29 91.24
C SER G 73 -87.56 3.95 91.25
N GLY G 74 -88.36 4.62 92.09
CA GLY G 74 -89.67 4.14 92.55
C GLY G 74 -90.47 3.29 91.55
N SER G 75 -90.79 2.04 91.94
CA SER G 75 -91.52 1.02 91.17
C SER G 75 -90.77 0.39 89.99
N THR G 76 -89.49 0.73 89.74
CA THR G 76 -88.69 0.07 88.71
C THR G 76 -87.26 -0.21 89.19
N TRP G 77 -86.69 -1.31 88.70
CA TRP G 77 -85.31 -1.72 88.95
C TRP G 77 -84.60 -1.82 87.59
N THR G 78 -83.34 -1.41 87.52
CA THR G 78 -82.58 -1.36 86.27
C THR G 78 -81.19 -1.97 86.49
N SER G 79 -80.73 -2.84 85.59
CA SER G 79 -79.41 -3.45 85.69
C SER G 79 -78.32 -2.36 85.62
N SER G 80 -77.17 -2.59 86.27
CA SER G 80 -76.13 -1.58 86.37
C SER G 80 -75.60 -1.12 85.00
N ASP G 81 -75.51 -2.04 84.03
CA ASP G 81 -75.48 -1.71 82.62
C ASP G 81 -76.93 -1.59 82.16
N ASN G 82 -77.39 -0.37 81.83
CA ASN G 82 -78.78 0.07 81.96
C ASN G 82 -79.86 -0.63 81.10
N SER G 83 -79.51 -1.63 80.28
CA SER G 83 -80.41 -2.15 79.26
C SER G 83 -81.54 -3.05 79.79
N THR G 84 -81.33 -3.80 80.88
CA THR G 84 -82.38 -4.67 81.44
C THR G 84 -83.19 -3.90 82.48
N THR G 85 -84.53 -3.93 82.34
CA THR G 85 -85.43 -3.25 83.23
C THR G 85 -86.41 -4.26 83.85
N VAL G 86 -86.76 -4.05 85.13
CA VAL G 86 -87.91 -4.69 85.76
C VAL G 86 -88.83 -3.58 86.28
N SER G 87 -90.15 -3.75 86.20
CA SER G 87 -91.07 -2.76 86.76
C SER G 87 -92.32 -3.42 87.34
N CYS G 88 -92.83 -2.86 88.44
CA CYS G 88 -94.12 -3.24 89.01
C CYS G 88 -95.27 -2.43 88.40
N ASN G 89 -96.42 -3.08 88.28
CA ASN G 89 -97.71 -2.42 88.30
C ASN G 89 -98.44 -2.98 89.52
N ALA G 90 -98.24 -2.35 90.69
CA ALA G 90 -98.70 -2.89 91.96
C ALA G 90 -100.24 -3.00 92.07
N SER G 91 -100.94 -2.16 91.31
CA SER G 91 -102.40 -2.18 91.13
C SER G 91 -102.86 -3.31 90.21
N ALA G 92 -101.97 -3.76 89.29
CA ALA G 92 -102.21 -4.85 88.34
C ALA G 92 -101.56 -6.17 88.78
N ASP G 93 -100.96 -6.22 89.98
CA ASP G 93 -100.33 -7.41 90.55
C ASP G 93 -99.38 -8.09 89.56
N THR G 94 -98.48 -7.29 88.98
CA THR G 94 -97.68 -7.71 87.83
C THR G 94 -96.27 -7.11 87.88
N PHE G 95 -95.26 -7.92 87.53
CA PHE G 95 -93.91 -7.46 87.20
C PHE G 95 -93.63 -7.68 85.72
N THR G 96 -93.08 -6.67 85.02
CA THR G 96 -92.60 -6.87 83.67
C THR G 96 -91.07 -6.78 83.64
N ILE G 97 -90.42 -7.79 83.04
CA ILE G 97 -88.99 -7.84 82.84
C ILE G 97 -88.73 -7.65 81.34
N SER G 98 -87.84 -6.72 80.96
CA SER G 98 -87.58 -6.51 79.53
C SER G 98 -86.15 -6.07 79.24
N ARG G 99 -85.67 -6.39 78.02
CA ARG G 99 -84.36 -6.02 77.51
C ARG G 99 -84.37 -6.08 75.99
N GLY G 100 -84.04 -4.98 75.32
CA GLY G 100 -83.91 -4.92 73.86
C GLY G 100 -85.12 -5.51 73.12
N GLY G 101 -86.33 -5.26 73.62
CA GLY G 101 -87.54 -5.72 72.96
C GLY G 101 -87.99 -7.13 73.38
N LYS G 102 -87.07 -7.95 73.91
CA LYS G 102 -87.44 -9.22 74.53
C LYS G 102 -88.08 -8.93 75.89
N THR G 103 -89.15 -9.66 76.25
CA THR G 103 -89.95 -9.31 77.42
C THR G 103 -90.57 -10.55 78.08
N ARG G 104 -90.86 -10.45 79.38
CA ARG G 104 -91.55 -11.47 80.14
C ARG G 104 -92.37 -10.82 81.25
N THR G 105 -93.48 -11.45 81.65
CA THR G 105 -94.39 -10.89 82.63
C THR G 105 -94.66 -11.92 83.72
N LEU G 106 -94.59 -11.49 85.01
CA LEU G 106 -94.89 -12.34 86.15
C LEU G 106 -96.12 -11.81 86.89
N ASN G 107 -97.16 -12.64 87.06
CA ASN G 107 -98.38 -12.23 87.73
C ASN G 107 -98.33 -12.60 89.22
N LEU G 108 -97.53 -11.84 89.98
CA LEU G 108 -97.31 -12.02 91.41
C LEU G 108 -98.00 -10.90 92.19
N THR G 109 -98.85 -11.24 93.18
CA THR G 109 -99.56 -10.23 93.96
C THR G 109 -98.59 -9.43 94.83
N VAL G 110 -98.67 -8.09 94.73
CA VAL G 110 -97.71 -7.17 95.33
C VAL G 110 -98.43 -5.86 95.69
N ASN G 111 -97.88 -5.10 96.66
CA ASN G 111 -98.46 -3.82 97.06
C ASN G 111 -97.39 -2.75 97.39
N PHE H 1 -28.77 -11.52 36.59
CA PHE H 1 -30.14 -11.43 36.03
C PHE H 1 -30.11 -10.54 34.78
N THR H 2 -30.95 -10.86 33.79
CA THR H 2 -31.06 -10.01 32.61
C THR H 2 -31.80 -8.72 32.93
N LEU H 3 -31.66 -7.69 32.07
CA LEU H 3 -32.37 -6.43 32.26
C LEU H 3 -33.88 -6.59 32.16
N ILE H 4 -34.35 -7.54 31.33
CA ILE H 4 -35.77 -7.85 31.22
C ILE H 4 -36.32 -8.38 32.54
N GLU H 5 -35.63 -9.33 33.17
CA GLU H 5 -36.06 -9.88 34.45
C GLU H 5 -36.13 -8.79 35.52
N LEU H 6 -35.14 -7.89 35.57
CA LEU H 6 -35.16 -6.76 36.50
C LEU H 6 -36.33 -5.81 36.20
N ALA H 7 -36.65 -5.56 34.93
CA ALA H 7 -37.79 -4.73 34.55
C ALA H 7 -39.11 -5.33 35.02
N ILE H 8 -39.28 -6.65 34.83
CA ILE H 8 -40.44 -7.41 35.28
C ILE H 8 -40.56 -7.32 36.81
N VAL H 9 -39.44 -7.50 37.54
CA VAL H 9 -39.40 -7.37 38.99
C VAL H 9 -39.81 -5.97 39.44
N ILE H 10 -39.30 -4.92 38.80
CA ILE H 10 -39.63 -3.54 39.10
C ILE H 10 -41.14 -3.27 38.93
N VAL H 11 -41.76 -3.90 37.92
CA VAL H 11 -43.21 -3.82 37.72
C VAL H 11 -43.96 -4.54 38.84
N ILE H 12 -43.63 -5.81 39.11
CA ILE H 12 -44.39 -6.64 40.02
C ILE H 12 -44.27 -6.18 41.48
N ILE H 13 -43.09 -5.73 41.91
CA ILE H 13 -42.93 -5.16 43.25
C ILE H 13 -43.92 -4.02 43.48
N GLY H 14 -44.06 -3.14 42.48
CA GLY H 14 -44.94 -1.99 42.57
C GLY H 14 -46.42 -2.36 42.68
N ILE H 15 -46.79 -3.60 42.30
CA ILE H 15 -48.16 -4.08 42.33
C ILE H 15 -48.43 -4.98 43.55
N LEU H 16 -47.42 -5.70 44.06
CA LEU H 16 -47.61 -6.47 45.29
C LEU H 16 -47.49 -5.62 46.55
N VAL H 17 -46.82 -4.47 46.46
CA VAL H 17 -47.03 -3.35 47.36
C VAL H 17 -48.31 -2.62 46.89
N ALA H 18 -48.84 -1.66 47.66
CA ALA H 18 -50.10 -1.01 47.31
C ALA H 18 -51.29 -1.99 47.34
N ILE H 19 -51.16 -3.00 48.19
CA ILE H 19 -52.29 -3.73 48.75
C ILE H 19 -52.78 -2.95 49.98
N ALA H 20 -53.96 -3.30 50.49
CA ALA H 20 -54.28 -2.98 51.88
C ALA H 20 -53.57 -3.96 52.82
N VAL H 21 -53.34 -3.52 54.07
CA VAL H 21 -52.86 -4.39 55.14
C VAL H 21 -53.57 -3.97 56.43
N PRO H 22 -53.94 -4.89 57.34
CA PRO H 22 -54.66 -4.49 58.56
C PRO H 22 -53.75 -3.73 59.53
N ARG H 23 -54.33 -2.79 60.28
CA ARG H 23 -53.64 -2.23 61.43
C ARG H 23 -53.71 -3.23 62.59
N PHE H 24 -52.64 -3.29 63.39
CA PHE H 24 -52.80 -3.85 64.72
C PHE H 24 -53.58 -2.85 65.57
N VAL H 25 -54.45 -3.36 66.46
CA VAL H 25 -55.27 -2.52 67.33
C VAL H 25 -55.17 -3.06 68.75
N ASP H 26 -55.01 -2.16 69.72
CA ASP H 26 -55.02 -2.53 71.12
C ASP H 26 -56.46 -2.81 71.57
N LEU H 27 -56.93 -4.04 71.34
CA LEU H 27 -58.26 -4.48 71.74
C LEU H 27 -58.30 -4.97 73.20
N THR H 28 -57.27 -4.65 74.01
CA THR H 28 -57.22 -5.17 75.37
C THR H 28 -58.30 -4.60 76.27
N ASP H 29 -58.84 -3.40 75.97
CA ASP H 29 -59.94 -2.84 76.74
C ASP H 29 -61.21 -3.70 76.65
N GLN H 30 -61.58 -4.09 75.43
CA GLN H 30 -62.75 -4.93 75.18
C GLN H 30 -62.57 -6.31 75.79
N ALA H 31 -61.38 -6.90 75.63
CA ALA H 31 -61.05 -8.19 76.21
C ALA H 31 -61.02 -8.14 77.74
N ASN H 32 -60.44 -7.09 78.33
CA ASN H 32 -60.41 -6.88 79.78
C ASN H 32 -61.83 -6.77 80.34
N GLN H 33 -62.72 -6.04 79.64
CA GLN H 33 -64.09 -5.92 80.07
C GLN H 33 -64.78 -7.29 80.12
N ALA H 34 -64.62 -8.09 79.06
CA ALA H 34 -65.17 -9.44 79.02
C ALA H 34 -64.58 -10.34 80.11
N ASN H 35 -63.29 -10.21 80.42
CA ASN H 35 -62.66 -10.94 81.51
C ASN H 35 -63.30 -10.58 82.86
N VAL H 36 -63.49 -9.28 83.11
CA VAL H 36 -64.10 -8.77 84.35
C VAL H 36 -65.53 -9.27 84.47
N ASP H 37 -66.31 -9.22 83.38
CA ASP H 37 -67.69 -9.68 83.36
C ASP H 37 -67.79 -11.19 83.59
N ALA H 38 -67.02 -12.01 82.86
CA ALA H 38 -66.97 -13.45 83.07
C ALA H 38 -66.55 -13.81 84.50
N THR H 39 -65.58 -13.08 85.04
CA THR H 39 -65.14 -13.27 86.42
C THR H 39 -66.24 -12.91 87.42
N ALA H 40 -66.99 -11.83 87.16
CA ALA H 40 -68.13 -11.42 87.98
C ALA H 40 -69.22 -12.51 88.01
N ALA H 41 -69.52 -13.13 86.87
CA ALA H 41 -70.43 -14.27 86.80
C ALA H 41 -69.93 -15.43 87.68
N ALA H 42 -68.64 -15.75 87.59
CA ALA H 42 -68.03 -16.79 88.40
C ALA H 42 -68.12 -16.48 89.90
N VAL H 43 -67.87 -15.23 90.32
CA VAL H 43 -67.97 -14.83 91.71
C VAL H 43 -69.40 -15.00 92.23
N ARG H 44 -70.42 -14.63 91.45
CA ARG H 44 -71.81 -14.83 91.83
C ARG H 44 -72.13 -16.30 92.06
N SER H 45 -71.73 -17.18 91.14
CA SER H 45 -71.94 -18.61 91.29
C SER H 45 -71.19 -19.18 92.49
N ALA H 46 -69.92 -18.79 92.66
CA ALA H 46 -69.09 -19.21 93.78
C ALA H 46 -69.70 -18.80 95.13
N TYR H 47 -70.28 -17.59 95.18
CA TYR H 47 -71.01 -17.11 96.33
C TYR H 47 -72.27 -17.95 96.59
N ALA H 48 -73.08 -18.20 95.56
CA ALA H 48 -74.28 -19.00 95.70
C ALA H 48 -73.95 -20.40 96.24
N ILE H 49 -72.96 -21.08 95.67
CA ILE H 49 -72.46 -22.36 96.15
C ILE H 49 -72.01 -22.26 97.61
N ALA H 50 -71.29 -21.19 97.97
CA ALA H 50 -70.84 -20.94 99.33
C ALA H 50 -72.00 -20.80 100.33
N THR H 51 -73.15 -20.22 99.93
CA THR H 51 -74.29 -20.09 100.84
C THR H 51 -74.89 -21.45 101.21
N VAL H 52 -74.77 -22.47 100.33
CA VAL H 52 -75.19 -23.82 100.66
C VAL H 52 -74.16 -24.47 101.60
N GLN H 53 -72.87 -24.39 101.28
CA GLN H 53 -71.80 -24.94 102.11
C GLN H 53 -71.83 -24.36 103.54
N ALA H 54 -71.99 -23.04 103.65
CA ALA H 54 -72.02 -22.31 104.91
C ALA H 54 -73.31 -22.53 105.69
N LYS H 55 -74.38 -23.04 105.04
CA LYS H 55 -75.73 -23.12 105.59
C LYS H 55 -76.16 -21.76 106.18
N GLY H 56 -75.95 -20.69 105.40
CA GLY H 56 -76.12 -19.31 105.85
C GLY H 56 -75.24 -18.35 105.04
N ILE H 57 -75.01 -17.14 105.58
CA ILE H 57 -74.13 -16.18 104.94
C ILE H 57 -72.69 -16.70 104.96
N PRO H 58 -71.98 -16.75 103.80
CA PRO H 58 -70.62 -17.29 103.76
C PRO H 58 -69.58 -16.27 104.19
N THR H 59 -68.42 -16.78 104.60
CA THR H 59 -67.24 -15.95 104.78
C THR H 59 -66.59 -15.61 103.44
N CYS H 60 -65.78 -14.56 103.40
CA CYS H 60 -65.03 -14.19 102.21
C CYS H 60 -64.17 -15.33 101.67
N ASP H 61 -63.53 -16.10 102.57
CA ASP H 61 -62.71 -17.26 102.23
C ASP H 61 -63.53 -18.41 101.65
N GLN H 62 -64.74 -18.67 102.18
CA GLN H 62 -65.63 -19.70 101.66
C GLN H 62 -66.03 -19.40 100.20
N VAL H 63 -66.22 -18.14 99.87
CA VAL H 63 -66.51 -17.73 98.50
C VAL H 63 -65.31 -18.02 97.58
N PHE H 64 -64.11 -17.54 97.94
CA PHE H 64 -62.94 -17.76 97.10
C PHE H 64 -62.51 -19.22 97.00
N ALA H 65 -62.85 -20.05 97.99
CA ALA H 65 -62.61 -21.49 97.91
C ALA H 65 -63.26 -22.13 96.68
N ASN H 66 -64.37 -21.55 96.19
CA ASN H 66 -65.11 -22.06 95.04
C ASN H 66 -64.67 -21.49 93.69
N LEU H 67 -63.57 -20.70 93.62
CA LEU H 67 -63.05 -20.19 92.37
C LEU H 67 -61.79 -20.95 91.96
N GLU H 68 -61.74 -21.37 90.69
CA GLU H 68 -60.73 -22.31 90.21
C GLU H 68 -59.45 -21.62 89.68
N GLY H 69 -59.60 -20.51 88.95
CA GLY H 69 -58.56 -20.03 88.04
C GLY H 69 -57.43 -19.20 88.64
N GLY H 70 -57.07 -19.41 89.92
CA GLY H 70 -56.15 -18.52 90.60
C GLY H 70 -55.94 -18.91 92.07
N SER H 71 -55.45 -17.95 92.86
CA SER H 71 -55.04 -18.17 94.24
C SER H 71 -55.51 -17.02 95.12
N THR H 72 -55.50 -17.22 96.45
CA THR H 72 -55.99 -16.22 97.39
C THR H 72 -54.96 -15.91 98.49
N SER H 73 -54.88 -14.62 98.86
CA SER H 73 -54.19 -14.12 100.04
C SER H 73 -55.20 -13.23 100.77
N GLY H 74 -55.26 -13.31 102.11
CA GLY H 74 -56.42 -12.92 102.91
C GLY H 74 -57.28 -11.77 102.35
N SER H 75 -58.57 -12.04 102.10
CA SER H 75 -59.58 -11.12 101.57
C SER H 75 -59.44 -10.77 100.07
N THR H 76 -58.46 -11.31 99.34
CA THR H 76 -58.36 -11.11 97.89
C THR H 76 -58.01 -12.41 97.16
N TRP H 77 -58.51 -12.52 95.92
CA TRP H 77 -58.25 -13.62 95.01
C TRP H 77 -57.64 -13.02 93.73
N THR H 78 -56.66 -13.70 93.14
CA THR H 78 -55.92 -13.20 91.98
C THR H 78 -55.81 -14.32 90.94
N SER H 79 -56.07 -14.02 89.66
CA SER H 79 -55.94 -14.99 88.58
C SER H 79 -54.50 -15.48 88.45
N SER H 80 -54.28 -16.72 88.01
CA SER H 80 -52.94 -17.29 87.99
C SER H 80 -51.95 -16.51 87.11
N ASP H 81 -52.44 -15.95 86.00
CA ASP H 81 -51.79 -14.82 85.34
C ASP H 81 -52.29 -13.55 86.02
N ASN H 82 -51.42 -12.84 86.76
CA ASN H 82 -51.77 -12.03 87.92
C ASN H 82 -52.68 -10.79 87.70
N SER H 83 -53.13 -10.51 86.47
CA SER H 83 -53.75 -9.23 86.14
C SER H 83 -55.19 -9.06 86.66
N THR H 84 -55.99 -10.14 86.76
CA THR H 84 -57.36 -10.03 87.27
C THR H 84 -57.39 -10.23 88.78
N THR H 85 -58.04 -9.30 89.49
CA THR H 85 -58.15 -9.34 90.94
C THR H 85 -59.62 -9.35 91.35
N VAL H 86 -59.95 -10.09 92.42
CA VAL H 86 -61.20 -9.96 93.14
C VAL H 86 -60.86 -9.64 94.60
N SER H 87 -61.63 -8.77 95.28
CA SER H 87 -61.40 -8.50 96.69
C SER H 87 -62.72 -8.28 97.43
N CYS H 88 -62.78 -8.73 98.69
CA CYS H 88 -63.88 -8.41 99.60
C CYS H 88 -63.62 -7.13 100.38
N ASN H 89 -64.70 -6.41 100.67
CA ASN H 89 -64.78 -5.53 101.82
C ASN H 89 -65.91 -6.11 102.67
N ALA H 90 -65.59 -7.04 103.57
CA ALA H 90 -66.59 -7.82 104.31
C ALA H 90 -67.46 -6.96 105.24
N SER H 91 -66.92 -5.82 105.69
CA SER H 91 -67.61 -4.78 106.45
C SER H 91 -68.55 -3.94 105.58
N ALA H 92 -68.25 -3.85 104.28
CA ALA H 92 -69.04 -3.10 103.29
C ALA H 92 -69.92 -4.02 102.43
N ASP H 93 -69.97 -5.33 102.73
CA ASP H 93 -70.80 -6.32 102.05
C ASP H 93 -70.66 -6.24 100.52
N THR H 94 -69.39 -6.23 100.06
CA THR H 94 -69.06 -5.91 98.68
C THR H 94 -67.87 -6.74 98.18
N PHE H 95 -67.96 -7.21 96.91
CA PHE H 95 -66.82 -7.73 96.15
C PHE H 95 -66.50 -6.78 95.01
N THR H 96 -65.23 -6.45 94.80
CA THR H 96 -64.81 -5.72 93.61
C THR H 96 -63.97 -6.63 92.71
N ILE H 97 -64.34 -6.71 91.43
CA ILE H 97 -63.62 -7.46 90.41
C ILE H 97 -62.96 -6.43 89.48
N SER H 98 -61.65 -6.56 89.21
CA SER H 98 -60.99 -5.59 88.33
C SER H 98 -59.84 -6.19 87.52
N ARG H 99 -59.58 -5.59 86.35
CA ARG H 99 -58.49 -5.96 85.46
C ARG H 99 -58.17 -4.79 84.53
N GLY H 100 -56.90 -4.32 84.54
CA GLY H 100 -56.44 -3.27 83.65
C GLY H 100 -57.34 -2.02 83.62
N GLY H 101 -57.85 -1.63 84.80
CA GLY H 101 -58.68 -0.42 84.90
C GLY H 101 -60.17 -0.67 84.66
N LYS H 102 -60.54 -1.76 83.98
CA LYS H 102 -61.93 -2.18 83.87
C LYS H 102 -62.34 -2.80 85.22
N THR H 103 -63.56 -2.50 85.68
CA THR H 103 -63.96 -2.86 87.04
C THR H 103 -65.46 -3.16 87.13
N ARG H 104 -65.85 -3.97 88.13
CA ARG H 104 -67.24 -4.27 88.44
C ARG H 104 -67.37 -4.53 89.95
N THR H 105 -68.55 -4.24 90.50
CA THR H 105 -68.78 -4.36 91.94
C THR H 105 -70.04 -5.18 92.20
N LEU H 106 -69.97 -6.15 93.12
CA LEU H 106 -71.11 -6.96 93.52
C LEU H 106 -71.45 -6.69 94.99
N ASN H 107 -72.71 -6.29 95.26
CA ASN H 107 -73.15 -6.00 96.63
C ASN H 107 -73.80 -7.24 97.25
N LEU H 108 -72.96 -8.22 97.62
CA LEU H 108 -73.37 -9.48 98.24
C LEU H 108 -72.96 -9.51 99.71
N THR H 109 -73.91 -9.79 100.62
CA THR H 109 -73.63 -9.82 102.04
C THR H 109 -72.69 -10.98 102.39
N VAL H 110 -71.60 -10.68 103.10
CA VAL H 110 -70.50 -11.61 103.36
C VAL H 110 -69.86 -11.27 104.71
N ASN H 111 -69.20 -12.25 105.35
CA ASN H 111 -68.51 -12.03 106.63
C ASN H 111 -67.18 -12.80 106.74
N PHE I 1 -25.36 -9.53 24.76
CA PHE I 1 -25.82 -8.23 25.32
C PHE I 1 -24.76 -7.18 25.05
N THR I 2 -25.17 -5.92 24.82
CA THR I 2 -24.22 -4.83 24.65
C THR I 2 -23.60 -4.44 25.99
N LEU I 3 -22.47 -3.73 25.96
CA LEU I 3 -21.81 -3.27 27.17
C LEU I 3 -22.67 -2.28 27.95
N ILE I 4 -23.48 -1.48 27.24
CA ILE I 4 -24.41 -0.55 27.86
C ILE I 4 -25.45 -1.29 28.70
N GLU I 5 -26.06 -2.35 28.13
CA GLU I 5 -27.06 -3.14 28.84
C GLU I 5 -26.46 -3.78 30.09
N LEU I 6 -25.23 -4.30 30.00
CA LEU I 6 -24.53 -4.85 31.17
C LEU I 6 -24.25 -3.79 32.22
N ALA I 7 -23.89 -2.56 31.81
CA ALA I 7 -23.65 -1.45 32.72
C ALA I 7 -24.93 -1.08 33.48
N ILE I 8 -26.06 -1.00 32.76
CA ILE I 8 -27.37 -0.73 33.32
C ILE I 8 -27.74 -1.82 34.33
N VAL I 9 -27.52 -3.10 33.99
CA VAL I 9 -27.76 -4.23 34.87
C VAL I 9 -26.91 -4.14 36.14
N ILE I 10 -25.62 -3.82 36.01
CA ILE I 10 -24.71 -3.67 37.14
C ILE I 10 -25.19 -2.56 38.09
N VAL I 11 -25.76 -1.48 37.56
CA VAL I 11 -26.36 -0.42 38.36
C VAL I 11 -27.61 -0.92 39.09
N ILE I 12 -28.57 -1.50 38.36
CA ILE I 12 -29.88 -1.84 38.91
C ILE I 12 -29.79 -2.98 39.93
N ILE I 13 -28.94 -3.98 39.71
CA ILE I 13 -28.73 -5.05 40.70
C ILE I 13 -28.32 -4.46 42.04
N GLY I 14 -27.41 -3.47 42.02
CA GLY I 14 -26.92 -2.85 43.24
C GLY I 14 -27.99 -2.06 44.00
N ILE I 15 -29.09 -1.71 43.34
CA ILE I 15 -30.18 -0.94 43.93
C ILE I 15 -31.37 -1.84 44.32
N LEU I 16 -31.60 -2.96 43.63
CA LEU I 16 -32.65 -3.89 44.03
C LEU I 16 -32.19 -4.83 45.16
N VAL I 17 -30.88 -5.01 45.31
CA VAL I 17 -30.29 -5.43 46.57
C VAL I 17 -30.18 -4.18 47.46
N ALA I 18 -29.84 -4.32 48.74
CA ALA I 18 -29.83 -3.18 49.66
C ALA I 18 -31.23 -2.60 49.89
N ILE I 19 -32.23 -3.47 49.76
CA ILE I 19 -33.53 -3.30 50.39
C ILE I 19 -33.43 -3.85 51.81
N ALA I 20 -34.43 -3.55 52.65
CA ALA I 20 -34.68 -4.38 53.82
C ALA I 20 -35.38 -5.69 53.40
N VAL I 21 -35.22 -6.74 54.23
CA VAL I 21 -35.96 -7.98 54.09
C VAL I 21 -36.29 -8.48 55.49
N PRO I 22 -37.48 -9.08 55.77
CA PRO I 22 -37.80 -9.52 57.12
C PRO I 22 -36.96 -10.73 57.53
N ARG I 23 -36.67 -10.82 58.83
CA ARG I 23 -36.15 -12.07 59.39
C ARG I 23 -37.29 -13.04 59.57
N PHE I 24 -37.02 -14.34 59.36
CA PHE I 24 -37.90 -15.33 59.92
C PHE I 24 -37.67 -15.38 61.44
N VAL I 25 -38.75 -15.59 62.21
CA VAL I 25 -38.67 -15.65 63.66
C VAL I 25 -39.43 -16.89 64.14
N ASP I 26 -38.84 -17.61 65.10
CA ASP I 26 -39.52 -18.74 65.71
C ASP I 26 -40.57 -18.23 66.71
N LEU I 27 -41.77 -17.93 66.19
CA LEU I 27 -42.89 -17.47 67.00
C LEU I 27 -43.68 -18.64 67.62
N THR I 28 -43.12 -19.86 67.64
CA THR I 28 -43.86 -21.01 68.11
C THR I 28 -44.15 -20.96 69.61
N ASP I 29 -43.34 -20.23 70.39
CA ASP I 29 -43.60 -20.07 71.83
C ASP I 29 -44.93 -19.33 72.08
N GLN I 30 -45.13 -18.19 71.39
CA GLN I 30 -46.34 -17.40 71.51
C GLN I 30 -47.56 -18.17 71.02
N ALA I 31 -47.42 -18.86 69.88
CA ALA I 31 -48.48 -19.68 69.32
C ALA I 31 -48.81 -20.88 70.22
N ASN I 32 -47.79 -21.55 70.78
CA ASN I 32 -47.98 -22.66 71.71
C ASN I 32 -48.72 -22.20 72.96
N GLN I 33 -48.38 -21.02 73.49
CA GLN I 33 -49.06 -20.48 74.65
C GLN I 33 -50.55 -20.27 74.36
N ALA I 34 -50.87 -19.67 73.22
CA ALA I 34 -52.25 -19.47 72.80
C ALA I 34 -52.99 -20.80 72.59
N ASN I 35 -52.32 -21.82 72.05
CA ASN I 35 -52.90 -23.15 71.91
C ASN I 35 -53.25 -23.75 73.28
N VAL I 36 -52.32 -23.66 74.25
CA VAL I 36 -52.51 -24.16 75.60
C VAL I 36 -53.66 -23.43 76.29
N ASP I 37 -53.73 -22.11 76.16
CA ASP I 37 -54.80 -21.29 76.74
C ASP I 37 -56.16 -21.62 76.11
N ALA I 38 -56.27 -21.63 74.78
CA ALA I 38 -57.51 -22.02 74.10
C ALA I 38 -57.96 -23.43 74.48
N THR I 39 -57.01 -24.37 74.60
CA THR I 39 -57.29 -25.72 75.04
C THR I 39 -57.78 -25.75 76.48
N ALA I 40 -57.19 -24.95 77.37
CA ALA I 40 -57.62 -24.83 78.75
C ALA I 40 -59.07 -24.32 78.86
N ALA I 41 -59.45 -23.33 78.04
CA ALA I 41 -60.83 -22.87 77.95
C ALA I 41 -61.77 -24.01 77.53
N ALA I 42 -61.37 -24.78 76.52
CA ALA I 42 -62.14 -25.93 76.05
C ALA I 42 -62.32 -26.99 77.15
N VAL I 43 -61.25 -27.29 77.93
CA VAL I 43 -61.32 -28.26 79.01
C VAL I 43 -62.30 -27.80 80.09
N ARG I 44 -62.29 -26.52 80.46
CA ARG I 44 -63.25 -25.97 81.42
C ARG I 44 -64.68 -26.14 80.96
N SER I 45 -64.98 -25.81 79.69
CA SER I 45 -66.32 -25.98 79.14
C SER I 45 -66.72 -27.45 79.07
N ALA I 46 -65.82 -28.32 78.62
CA ALA I 46 -66.04 -29.76 78.55
C ALA I 46 -66.34 -30.35 79.92
N TYR I 47 -65.63 -29.89 80.95
CA TYR I 47 -65.88 -30.25 82.34
C TYR I 47 -67.26 -29.78 82.80
N ALA I 48 -67.61 -28.52 82.56
CA ALA I 48 -68.90 -27.99 82.94
C ALA I 48 -70.05 -28.80 82.30
N ILE I 49 -69.97 -29.07 80.99
CA ILE I 49 -70.93 -29.92 80.29
C ILE I 49 -70.98 -31.31 80.92
N ALA I 50 -69.82 -31.89 81.26
CA ALA I 50 -69.74 -33.20 81.91
C ALA I 50 -70.44 -33.22 83.28
N THR I 51 -70.43 -32.13 84.06
CA THR I 51 -71.12 -32.10 85.35
C THR I 51 -72.64 -32.20 85.20
N VAL I 52 -73.20 -31.73 84.07
CA VAL I 52 -74.62 -31.90 83.79
C VAL I 52 -74.89 -33.35 83.36
N GLN I 53 -74.10 -33.90 82.43
CA GLN I 53 -74.24 -35.28 81.97
C GLN I 53 -74.14 -36.28 83.12
N ALA I 54 -73.14 -36.09 83.99
CA ALA I 54 -72.86 -36.95 85.14
C ALA I 54 -73.89 -36.78 86.27
N LYS I 55 -74.67 -35.69 86.26
CA LYS I 55 -75.54 -35.28 87.36
C LYS I 55 -74.77 -35.29 88.70
N GLY I 56 -73.59 -34.67 88.69
CA GLY I 56 -72.63 -34.73 89.79
C GLY I 56 -71.19 -34.52 89.31
N ILE I 57 -70.21 -34.93 90.13
CA ILE I 57 -68.80 -34.85 89.75
C ILE I 57 -68.54 -35.83 88.59
N PRO I 58 -67.94 -35.38 87.46
CA PRO I 58 -67.70 -36.26 86.32
C PRO I 58 -66.44 -37.10 86.48
N THR I 59 -66.41 -38.21 85.73
CA THR I 59 -65.18 -38.97 85.56
C THR I 59 -64.24 -38.29 84.56
N CYS I 60 -62.95 -38.63 84.62
CA CYS I 60 -61.97 -38.11 83.67
C CYS I 60 -62.36 -38.40 82.21
N ASP I 61 -62.92 -39.58 81.94
CA ASP I 61 -63.40 -39.97 80.61
C ASP I 61 -64.62 -39.17 80.16
N GLN I 62 -65.56 -38.87 81.07
CA GLN I 62 -66.72 -38.05 80.75
C GLN I 62 -66.32 -36.64 80.31
N VAL I 63 -65.25 -36.09 80.91
CA VAL I 63 -64.72 -34.80 80.50
C VAL I 63 -64.14 -34.87 79.09
N PHE I 64 -63.24 -35.83 78.82
CA PHE I 64 -62.63 -35.95 77.51
C PHE I 64 -63.61 -36.33 76.40
N ALA I 65 -64.73 -36.99 76.74
CA ALA I 65 -65.78 -37.27 75.76
C ALA I 65 -66.33 -36.00 75.11
N ASN I 66 -66.26 -34.85 75.80
CA ASN I 66 -66.77 -33.58 75.32
C ASN I 66 -65.73 -32.73 74.56
N LEU I 67 -64.52 -33.25 74.28
CA LEU I 67 -63.51 -32.55 73.50
C LEU I 67 -63.43 -33.11 72.08
N GLU I 68 -63.43 -32.21 71.09
CA GLU I 68 -63.59 -32.59 69.69
C GLU I 68 -62.27 -32.88 68.98
N GLY I 69 -61.22 -32.08 69.24
CA GLY I 69 -60.09 -31.96 68.34
C GLY I 69 -58.98 -33.01 68.44
N GLY I 70 -59.31 -34.24 68.85
CA GLY I 70 -58.29 -35.23 69.17
C GLY I 70 -58.87 -36.55 69.68
N SER I 71 -58.04 -37.33 70.36
CA SER I 71 -58.37 -38.69 70.79
C SER I 71 -57.86 -38.92 72.22
N THR I 72 -58.35 -39.98 72.87
CA THR I 72 -58.00 -40.28 74.25
C THR I 72 -57.50 -41.72 74.43
N SER I 73 -56.49 -41.87 75.29
CA SER I 73 -56.02 -43.15 75.83
C SER I 73 -55.97 -42.97 77.34
N GLY I 74 -56.40 -43.99 78.12
CA GLY I 74 -56.85 -43.83 79.50
C GLY I 74 -56.17 -42.72 80.32
N SER I 75 -56.97 -41.75 80.82
CA SER I 75 -56.58 -40.59 81.61
C SER I 75 -55.83 -39.48 80.86
N THR I 76 -55.62 -39.59 79.54
CA THR I 76 -55.04 -38.50 78.75
C THR I 76 -55.76 -38.32 77.40
N TRP I 77 -55.79 -37.08 76.93
CA TRP I 77 -56.34 -36.69 75.64
C TRP I 77 -55.24 -35.99 74.85
N THR I 78 -55.16 -36.24 73.53
CA THR I 78 -54.10 -35.73 72.69
C THR I 78 -54.70 -35.15 71.41
N SER I 79 -54.26 -33.95 70.99
CA SER I 79 -54.74 -33.33 69.76
C SER I 79 -54.39 -34.19 68.54
N SER I 80 -55.22 -34.15 67.48
CA SER I 80 -55.02 -35.04 66.34
C SER I 80 -53.67 -34.87 65.65
N ASP I 81 -53.15 -33.62 65.60
CA ASP I 81 -51.73 -33.37 65.43
C ASP I 81 -51.09 -33.41 66.81
N ASN I 82 -50.27 -34.44 67.10
CA ASN I 82 -50.04 -35.01 68.43
C ASN I 82 -49.41 -34.10 69.50
N SER I 83 -49.09 -32.84 69.22
CA SER I 83 -48.25 -32.03 70.10
C SER I 83 -48.94 -31.51 71.36
N THR I 84 -50.26 -31.24 71.33
CA THR I 84 -50.98 -30.77 72.52
C THR I 84 -51.54 -31.95 73.31
N THR I 85 -51.25 -31.96 74.62
CA THR I 85 -51.70 -33.02 75.51
C THR I 85 -52.55 -32.44 76.65
N VAL I 86 -53.59 -33.15 77.06
CA VAL I 86 -54.29 -32.92 78.33
C VAL I 86 -54.21 -34.22 79.14
N SER I 87 -54.04 -34.13 80.47
CA SER I 87 -54.07 -35.34 81.30
C SER I 87 -54.71 -35.07 82.66
N CYS I 88 -55.43 -36.06 83.19
CA CYS I 88 -55.95 -36.04 84.54
C CYS I 88 -54.93 -36.64 85.53
N ASN I 89 -54.94 -36.08 86.75
CA ASN I 89 -54.56 -36.81 87.94
C ASN I 89 -55.80 -36.84 88.82
N ALA I 90 -56.64 -37.87 88.65
CA ALA I 90 -57.96 -37.92 89.26
C ALA I 90 -57.92 -37.98 90.80
N SER I 91 -56.81 -38.51 91.34
CA SER I 91 -56.48 -38.55 92.77
C SER I 91 -56.02 -37.17 93.29
N ALA I 92 -55.46 -36.33 92.40
CA ALA I 92 -54.99 -34.98 92.70
C ALA I 92 -55.98 -33.89 92.25
N ASP I 93 -57.17 -34.27 91.75
CA ASP I 93 -58.23 -33.36 91.32
C ASP I 93 -57.70 -32.26 90.39
N THR I 94 -56.97 -32.69 89.36
CA THR I 94 -56.18 -31.78 88.52
C THR I 94 -56.16 -32.23 87.06
N PHE I 95 -56.27 -31.28 86.13
CA PHE I 95 -55.96 -31.46 84.71
C PHE I 95 -54.72 -30.64 84.35
N THR I 96 -53.77 -31.24 83.63
CA THR I 96 -52.65 -30.48 83.07
C THR I 96 -52.77 -30.42 81.55
N ILE I 97 -52.69 -29.21 80.99
CA ILE I 97 -52.70 -28.97 79.55
C ILE I 97 -51.29 -28.52 79.17
N SER I 98 -50.69 -29.14 78.14
CA SER I 98 -49.33 -28.74 77.75
C SER I 98 -49.07 -28.91 76.25
N ARG I 99 -48.14 -28.09 75.73
CA ARG I 99 -47.69 -28.13 74.35
C ARG I 99 -46.31 -27.46 74.24
N GLY I 100 -45.31 -28.18 73.73
CA GLY I 100 -43.98 -27.63 73.49
C GLY I 100 -43.38 -26.90 74.69
N GLY I 101 -43.60 -27.44 75.90
CA GLY I 101 -43.03 -26.84 77.11
C GLY I 101 -43.90 -25.75 77.74
N LYS I 102 -44.82 -25.15 76.98
CA LYS I 102 -45.84 -24.26 77.55
C LYS I 102 -46.89 -25.14 78.26
N THR I 103 -47.37 -24.69 79.42
CA THR I 103 -48.20 -25.54 80.26
C THR I 103 -49.21 -24.72 81.08
N ARG I 104 -50.33 -25.36 81.46
CA ARG I 104 -51.35 -24.78 82.33
C ARG I 104 -52.00 -25.89 83.15
N THR I 105 -52.48 -25.56 84.35
CA THR I 105 -53.05 -26.55 85.26
C THR I 105 -54.42 -26.07 85.74
N LEU I 106 -55.43 -26.96 85.71
CA LEU I 106 -56.76 -26.66 86.21
C LEU I 106 -57.09 -27.55 87.41
N ASN I 107 -57.44 -26.93 88.55
CA ASN I 107 -57.76 -27.68 89.77
C ASN I 107 -59.26 -27.93 89.87
N LEU I 108 -59.76 -28.85 89.04
CA LEU I 108 -61.16 -29.25 88.97
C LEU I 108 -61.35 -30.63 89.57
N THR I 109 -62.29 -30.79 90.52
CA THR I 109 -62.54 -32.08 91.16
C THR I 109 -63.13 -33.08 90.18
N VAL I 110 -62.52 -34.26 90.08
CA VAL I 110 -62.82 -35.26 89.07
C VAL I 110 -62.56 -36.66 89.64
N ASN I 111 -63.21 -37.70 89.08
CA ASN I 111 -63.00 -39.08 89.52
C ASN I 111 -63.03 -40.09 88.36
N PHE J 1 -19.05 -2.23 16.84
CA PHE J 1 -18.35 -2.20 18.15
C PHE J 1 -16.87 -2.52 17.92
N THR J 2 -15.98 -1.91 18.71
CA THR J 2 -14.56 -2.22 18.62
C THR J 2 -14.26 -3.59 19.23
N LEU J 3 -13.09 -4.18 18.90
CA LEU J 3 -12.69 -5.47 19.45
C LEU J 3 -12.49 -5.40 20.97
N ILE J 4 -12.05 -4.25 21.48
CA ILE J 4 -11.89 -4.02 22.91
C ILE J 4 -13.24 -4.12 23.62
N GLU J 5 -14.27 -3.45 23.11
CA GLU J 5 -15.59 -3.48 23.70
C GLU J 5 -16.16 -4.91 23.71
N LEU J 6 -15.96 -5.67 22.63
CA LEU J 6 -16.37 -7.07 22.59
C LEU J 6 -15.60 -7.92 23.60
N ALA J 7 -14.30 -7.67 23.79
CA ALA J 7 -13.48 -8.37 24.78
C ALA J 7 -13.99 -8.11 26.20
N ILE J 8 -14.30 -6.85 26.51
CA ILE J 8 -14.88 -6.43 27.79
C ILE J 8 -16.22 -7.13 28.02
N VAL J 9 -17.09 -7.17 27.00
CA VAL J 9 -18.38 -7.86 27.05
C VAL J 9 -18.20 -9.35 27.32
N ILE J 10 -17.27 -10.01 26.63
CA ILE J 10 -16.97 -11.43 26.81
C ILE J 10 -16.52 -11.72 28.25
N VAL J 11 -15.78 -10.80 28.87
CA VAL J 11 -15.39 -10.92 30.27
C VAL J 11 -16.60 -10.77 31.19
N ILE J 12 -17.38 -9.69 31.05
CA ILE J 12 -18.44 -9.35 31.98
C ILE J 12 -19.60 -10.34 31.91
N ILE J 13 -19.97 -10.83 30.72
CA ILE J 13 -21.00 -11.86 30.59
C ILE J 13 -20.64 -13.07 31.44
N GLY J 14 -19.38 -13.50 31.40
CA GLY J 14 -18.91 -14.66 32.14
C GLY J 14 -18.98 -14.48 33.66
N ILE J 15 -19.07 -13.23 34.15
CA ILE J 15 -19.11 -12.91 35.56
C ILE J 15 -20.53 -12.60 36.04
N LEU J 16 -21.41 -12.07 35.17
CA LEU J 16 -22.80 -11.86 35.54
C LEU J 16 -23.63 -13.14 35.42
N VAL J 17 -23.18 -14.09 34.61
CA VAL J 17 -23.56 -15.49 34.76
C VAL J 17 -22.69 -16.08 35.88
N ALA J 18 -22.96 -17.31 36.35
CA ALA J 18 -22.23 -17.88 37.49
C ALA J 18 -22.49 -17.10 38.79
N ILE J 19 -23.68 -16.49 38.86
CA ILE J 19 -24.34 -16.15 40.11
C ILE J 19 -25.10 -17.38 40.58
N ALA J 20 -25.56 -17.37 41.84
CA ALA J 20 -26.67 -18.24 42.23
C ALA J 20 -27.99 -17.66 41.71
N VAL J 21 -29.00 -18.53 41.53
CA VAL J 21 -30.37 -18.13 41.24
C VAL J 21 -31.30 -19.08 41.99
N PRO J 22 -32.44 -18.63 42.55
CA PRO J 22 -33.32 -19.54 43.30
C PRO J 22 -34.02 -20.54 42.38
N ARG J 23 -34.28 -21.73 42.91
CA ARG J 23 -35.19 -22.65 42.25
C ARG J 23 -36.62 -22.21 42.52
N PHE J 24 -37.51 -22.38 41.53
CA PHE J 24 -38.92 -22.41 41.87
C PHE J 24 -39.23 -23.73 42.58
N VAL J 25 -40.13 -23.68 43.59
CA VAL J 25 -40.49 -24.87 44.35
C VAL J 25 -42.02 -24.93 44.43
N ASP J 26 -42.58 -26.14 44.23
CA ASP J 26 -44.00 -26.34 44.40
C ASP J 26 -44.35 -26.39 45.89
N LEU J 27 -44.56 -25.20 46.48
CA LEU J 27 -44.94 -25.07 47.89
C LEU J 27 -46.45 -25.23 48.10
N THR J 28 -47.19 -25.75 47.12
CA THR J 28 -48.64 -25.80 47.23
C THR J 28 -49.11 -26.78 48.30
N ASP J 29 -48.31 -27.80 48.66
CA ASP J 29 -48.67 -28.71 49.75
C ASP J 29 -48.77 -27.99 51.09
N GLN J 30 -47.75 -27.19 51.43
CA GLN J 30 -47.71 -26.42 52.67
C GLN J 30 -48.82 -25.38 52.70
N ALA J 31 -49.04 -24.67 51.59
CA ALA J 31 -50.11 -23.70 51.47
C ALA J 31 -51.49 -24.35 51.55
N ASN J 32 -51.69 -25.51 50.89
CA ASN J 32 -52.94 -26.26 50.95
C ASN J 32 -53.24 -26.70 52.38
N GLN J 33 -52.23 -27.16 53.11
CA GLN J 33 -52.41 -27.57 54.50
C GLN J 33 -52.89 -26.39 55.35
N ALA J 34 -52.25 -25.23 55.20
CA ALA J 34 -52.67 -24.02 55.90
C ALA J 34 -54.09 -23.58 55.53
N ASN J 35 -54.48 -23.71 54.26
CA ASN J 35 -55.83 -23.43 53.81
C ASN J 35 -56.85 -24.35 54.50
N VAL J 36 -56.56 -25.65 54.54
CA VAL J 36 -57.41 -26.65 55.19
C VAL J 36 -57.55 -26.36 56.68
N ASP J 37 -56.44 -26.05 57.36
CA ASP J 37 -56.43 -25.73 58.78
C ASP J 37 -57.22 -24.44 59.08
N ALA J 38 -56.95 -23.36 58.36
CA ALA J 38 -57.70 -22.11 58.50
C ALA J 38 -59.20 -22.30 58.25
N THR J 39 -59.55 -23.12 57.24
CA THR J 39 -60.93 -23.45 56.94
C THR J 39 -61.55 -24.28 58.06
N ALA J 40 -60.81 -25.22 58.65
CA ALA J 40 -61.28 -26.01 59.79
C ALA J 40 -61.58 -25.13 61.00
N ALA J 41 -60.75 -24.13 61.29
CA ALA J 41 -61.02 -23.13 62.32
C ALA J 41 -62.32 -22.38 62.04
N ALA J 42 -62.52 -21.95 60.79
CA ALA J 42 -63.74 -21.26 60.38
C ALA J 42 -64.98 -22.15 60.55
N VAL J 43 -64.91 -23.44 60.18
CA VAL J 43 -66.03 -24.37 60.34
C VAL J 43 -66.39 -24.53 61.82
N ARG J 44 -65.41 -24.65 62.72
CA ARG J 44 -65.67 -24.73 64.15
C ARG J 44 -66.40 -23.51 64.68
N SER J 45 -65.96 -22.30 64.29
CA SER J 45 -66.62 -21.07 64.70
C SER J 45 -68.03 -20.97 64.11
N ALA J 46 -68.19 -21.29 62.83
CA ALA J 46 -69.48 -21.28 62.15
C ALA J 46 -70.47 -22.24 62.82
N TYR J 47 -69.99 -23.41 63.24
CA TYR J 47 -70.76 -24.37 64.00
C TYR J 47 -71.17 -23.81 65.36
N ALA J 48 -70.22 -23.25 66.11
CA ALA J 48 -70.52 -22.67 67.41
C ALA J 48 -71.59 -21.58 67.31
N ILE J 49 -71.44 -20.65 66.35
CA ILE J 49 -72.45 -19.62 66.07
C ILE J 49 -73.80 -20.26 65.72
N ALA J 50 -73.79 -21.32 64.91
CA ALA J 50 -75.01 -22.05 64.54
C ALA J 50 -75.72 -22.67 65.74
N THR J 51 -74.99 -23.14 66.77
CA THR J 51 -75.64 -23.70 67.96
C THR J 51 -76.43 -22.66 68.75
N VAL J 52 -76.03 -21.38 68.69
CA VAL J 52 -76.80 -20.30 69.29
C VAL J 52 -78.04 -20.00 68.44
N GLN J 53 -77.87 -19.84 67.11
CA GLN J 53 -78.98 -19.58 66.19
C GLN J 53 -80.04 -20.67 66.26
N ALA J 54 -79.62 -21.94 66.26
CA ALA J 54 -80.49 -23.11 66.30
C ALA J 54 -81.14 -23.33 67.67
N LYS J 55 -80.61 -22.69 68.73
CA LYS J 55 -80.97 -22.95 70.12
C LYS J 55 -80.94 -24.45 70.42
N GLY J 56 -79.84 -25.11 70.04
CA GLY J 56 -79.70 -26.56 70.05
C GLY J 56 -78.69 -27.05 69.02
N ILE J 57 -78.75 -28.35 68.67
CA ILE J 57 -77.90 -28.91 67.63
C ILE J 57 -78.29 -28.31 66.27
N PRO J 58 -77.34 -27.75 65.49
CA PRO J 58 -77.67 -27.13 64.21
C PRO J 58 -77.79 -28.15 63.08
N THR J 59 -78.51 -27.74 62.02
CA THR J 59 -78.49 -28.48 60.76
C THR J 59 -77.21 -28.19 59.98
N CYS J 60 -76.87 -29.08 59.04
CA CYS J 60 -75.72 -28.88 58.17
C CYS J 60 -75.78 -27.54 57.40
N ASP J 61 -76.98 -27.15 56.95
CA ASP J 61 -77.21 -25.88 56.25
C ASP J 61 -77.03 -24.67 57.16
N GLN J 62 -77.47 -24.74 58.43
CA GLN J 62 -77.27 -23.67 59.40
C GLN J 62 -75.79 -23.40 59.65
N VAL J 63 -74.96 -24.44 59.65
CA VAL J 63 -73.52 -24.29 59.78
C VAL J 63 -72.94 -23.57 58.56
N PHE J 64 -73.23 -24.04 57.34
CA PHE J 64 -72.69 -23.42 56.14
C PHE J 64 -73.22 -22.00 55.89
N ALA J 65 -74.40 -21.66 56.42
CA ALA J 65 -74.91 -20.30 56.35
C ALA J 65 -73.95 -19.28 56.98
N ASN J 66 -73.14 -19.70 57.96
CA ASN J 66 -72.20 -18.85 58.67
C ASN J 66 -70.79 -18.79 58.05
N LEU J 67 -70.57 -19.38 56.87
CA LEU J 67 -69.28 -19.32 56.18
C LEU J 67 -69.35 -18.36 55.00
N GLU J 68 -68.36 -17.46 54.91
CA GLU J 68 -68.40 -16.33 53.99
C GLU J 68 -67.82 -16.64 52.60
N GLY J 69 -66.70 -17.38 52.55
CA GLY J 69 -65.81 -17.37 51.39
C GLY J 69 -66.17 -18.28 50.20
N GLY J 70 -67.46 -18.55 49.99
CA GLY J 70 -67.86 -19.57 49.02
C GLY J 70 -69.38 -19.78 48.97
N SER J 71 -69.79 -20.92 48.43
CA SER J 71 -71.19 -21.24 48.16
C SER J 71 -71.48 -22.69 48.55
N THR J 72 -72.78 -23.03 48.67
CA THR J 72 -73.20 -24.35 49.10
C THR J 72 -74.20 -24.99 48.14
N SER J 73 -74.05 -26.30 47.92
CA SER J 73 -75.02 -27.18 47.27
C SER J 73 -75.23 -28.36 48.21
N GLY J 74 -76.47 -28.83 48.38
CA GLY J 74 -76.91 -29.60 49.54
C GLY J 74 -75.85 -30.50 50.20
N SER J 75 -75.58 -30.26 51.50
CA SER J 75 -74.61 -30.96 52.35
C SER J 75 -73.13 -30.70 52.05
N THR J 76 -72.78 -29.82 51.09
CA THR J 76 -71.40 -29.43 50.86
C THR J 76 -71.26 -27.91 50.62
N TRP J 77 -70.12 -27.36 51.03
CA TRP J 77 -69.74 -25.97 50.82
C TRP J 77 -68.42 -25.96 50.06
N THR J 78 -68.26 -25.02 49.12
CA THR J 78 -67.09 -24.96 48.24
C THR J 78 -66.58 -23.52 48.18
N SER J 79 -65.27 -23.31 48.31
CA SER J 79 -64.67 -21.97 48.22
C SER J 79 -64.92 -21.36 46.84
N SER J 80 -65.02 -20.02 46.74
CA SER J 80 -65.38 -19.38 45.48
C SER J 80 -64.39 -19.67 44.34
N ASP J 81 -63.10 -19.79 44.66
CA ASP J 81 -62.14 -20.50 43.83
C ASP J 81 -62.21 -21.97 44.23
N ASN J 82 -62.73 -22.84 43.34
CA ASN J 82 -63.42 -24.08 43.68
C ASN J 82 -62.64 -25.19 44.40
N SER J 83 -61.35 -25.00 44.72
CA SER J 83 -60.48 -26.09 45.15
C SER J 83 -60.71 -26.57 46.59
N THR J 84 -61.13 -25.69 47.52
CA THR J 84 -61.38 -26.10 48.90
C THR J 84 -62.84 -26.52 49.08
N THR J 85 -63.04 -27.70 49.66
CA THR J 85 -64.37 -28.25 49.88
C THR J 85 -64.58 -28.54 51.37
N VAL J 86 -65.80 -28.31 51.86
CA VAL J 86 -66.27 -28.83 53.15
C VAL J 86 -67.52 -29.67 52.89
N SER J 87 -67.70 -30.80 53.59
CA SER J 87 -68.92 -31.58 53.45
C SER J 87 -69.35 -32.19 54.77
N CYS J 88 -70.68 -32.28 54.99
CA CYS J 88 -71.24 -33.02 56.11
C CYS J 88 -71.49 -34.49 55.75
N ASN J 89 -71.34 -35.35 56.75
CA ASN J 89 -72.06 -36.61 56.82
C ASN J 89 -72.93 -36.51 58.08
N ALA J 90 -74.15 -36.00 57.94
CA ALA J 90 -75.00 -35.66 59.08
C ALA J 90 -75.41 -36.89 59.92
N SER J 91 -75.45 -38.07 59.27
CA SER J 91 -75.66 -39.38 59.88
C SER J 91 -74.43 -39.88 60.65
N ALA J 92 -73.23 -39.42 60.23
CA ALA J 92 -71.95 -39.77 60.84
C ALA J 92 -71.41 -38.67 61.77
N ASP J 93 -72.20 -37.59 62.00
CA ASP J 93 -71.85 -36.48 62.89
C ASP J 93 -70.44 -35.95 62.61
N THR J 94 -70.17 -35.66 61.33
CA THR J 94 -68.82 -35.38 60.85
C THR J 94 -68.82 -34.32 59.74
N PHE J 95 -67.84 -33.40 59.78
CA PHE J 95 -67.48 -32.53 58.68
C PHE J 95 -66.10 -32.91 58.14
N THR J 96 -65.94 -33.02 56.82
CA THR J 96 -64.61 -33.18 56.23
C THR J 96 -64.25 -31.93 55.45
N ILE J 97 -63.06 -31.37 55.72
CA ILE J 97 -62.49 -30.23 55.02
C ILE J 97 -61.33 -30.74 54.17
N SER J 98 -61.29 -30.41 52.88
CA SER J 98 -60.20 -30.89 52.04
C SER J 98 -59.83 -29.92 50.91
N ARG J 99 -58.56 -29.99 50.48
CA ARG J 99 -58.02 -29.20 49.37
C ARG J 99 -56.76 -29.88 48.84
N GLY J 100 -56.74 -30.20 47.53
CA GLY J 100 -55.57 -30.77 46.88
C GLY J 100 -54.96 -31.97 47.61
N GLY J 101 -55.82 -32.84 48.16
CA GLY J 101 -55.36 -34.05 48.83
C GLY J 101 -55.04 -33.86 50.32
N LYS J 102 -54.79 -32.62 50.77
CA LYS J 102 -54.69 -32.32 52.18
C LYS J 102 -56.11 -32.32 52.77
N THR J 103 -56.28 -32.87 53.99
CA THR J 103 -57.62 -33.11 54.53
C THR J 103 -57.62 -33.01 56.05
N ARG J 104 -58.80 -32.68 56.62
CA ARG J 104 -59.04 -32.66 58.05
C ARG J 104 -60.49 -33.03 58.33
N THR J 105 -60.75 -33.63 59.51
CA THR J 105 -62.09 -34.09 59.85
C THR J 105 -62.48 -33.56 61.23
N LEU J 106 -63.71 -33.03 61.35
CA LEU J 106 -64.25 -32.55 62.62
C LEU J 106 -65.45 -33.40 63.04
N ASN J 107 -65.40 -33.97 64.24
CA ASN J 107 -66.48 -34.82 64.74
C ASN J 107 -67.46 -34.00 65.60
N LEU J 108 -68.27 -33.17 64.92
CA LEU J 108 -69.27 -32.30 65.52
C LEU J 108 -70.68 -32.82 65.24
N THR J 109 -71.51 -33.01 66.29
CA THR J 109 -72.86 -33.53 66.11
C THR J 109 -73.73 -32.52 65.37
N VAL J 110 -74.39 -32.99 64.30
CA VAL J 110 -75.12 -32.15 63.35
C VAL J 110 -76.31 -32.94 62.78
N ASN J 111 -77.35 -32.25 62.29
CA ASN J 111 -78.51 -32.90 61.68
C ASN J 111 -79.08 -32.12 60.48
N PHE K 1 1.40 -2.10 4.53
CA PHE K 1 0.12 -2.58 3.93
C PHE K 1 0.05 -2.07 2.49
N THR K 2 -0.55 -2.87 1.59
CA THR K 2 -0.76 -2.42 0.21
C THR K 2 -1.88 -1.38 0.15
N LEU K 3 -1.94 -0.62 -0.95
CA LEU K 3 -3.00 0.37 -1.15
C LEU K 3 -4.38 -0.27 -1.25
N ILE K 4 -4.46 -1.49 -1.79
CA ILE K 4 -5.71 -2.24 -1.86
C ILE K 4 -6.23 -2.55 -0.46
N GLU K 5 -5.37 -3.05 0.43
CA GLU K 5 -5.77 -3.37 1.80
C GLU K 5 -6.27 -2.12 2.53
N LEU K 6 -5.60 -0.97 2.35
CA LEU K 6 -6.04 0.29 2.93
C LEU K 6 -7.39 0.74 2.35
N ALA K 7 -7.62 0.53 1.05
CA ALA K 7 -8.90 0.86 0.41
C ALA K 7 -10.04 0.01 0.99
N ILE K 8 -9.80 -1.29 1.16
CA ILE K 8 -10.74 -2.23 1.78
C ILE K 8 -11.05 -1.80 3.22
N VAL K 9 -10.02 -1.43 3.99
CA VAL K 9 -10.18 -0.93 5.35
C VAL K 9 -11.03 0.34 5.39
N ILE K 10 -10.76 1.30 4.50
CA ILE K 10 -11.51 2.55 4.39
C ILE K 10 -12.99 2.28 4.10
N VAL K 11 -13.30 1.26 3.30
CA VAL K 11 -14.67 0.84 3.04
C VAL K 11 -15.31 0.23 4.29
N ILE K 12 -14.66 -0.75 4.91
CA ILE K 12 -15.25 -1.53 5.99
C ILE K 12 -15.44 -0.69 7.27
N ILE K 13 -14.50 0.20 7.60
CA ILE K 13 -14.65 1.10 8.73
C ILE K 13 -15.94 1.91 8.59
N GLY K 14 -16.22 2.42 7.39
CA GLY K 14 -17.41 3.22 7.13
C GLY K 14 -18.72 2.45 7.29
N ILE K 15 -18.67 1.11 7.26
CA ILE K 15 -19.83 0.25 7.37
C ILE K 15 -19.97 -0.33 8.78
N LEU K 16 -18.87 -0.55 9.52
CA LEU K 16 -18.97 -1.02 10.89
C LEU K 16 -19.24 0.13 11.87
N VAL K 17 -18.92 1.36 11.48
CA VAL K 17 -19.55 2.55 12.04
C VAL K 17 -20.91 2.71 11.33
N ALA K 18 -21.78 3.64 11.78
CA ALA K 18 -23.13 3.75 11.22
C ALA K 18 -24.00 2.51 11.48
N ILE K 19 -23.68 1.82 12.60
CA ILE K 19 -24.61 0.97 13.30
C ILE K 19 -25.43 1.85 14.25
N ALA K 20 -26.52 1.30 14.80
CA ALA K 20 -27.07 1.85 16.03
C ALA K 20 -26.22 1.40 17.23
N VAL K 21 -26.27 2.19 18.32
CA VAL K 21 -25.68 1.82 19.60
C VAL K 21 -26.62 2.32 20.70
N PRO K 22 -26.83 1.59 21.82
CA PRO K 22 -27.75 2.05 22.85
C PRO K 22 -27.21 3.26 23.61
N ARG K 23 -28.12 4.13 24.04
CA ARG K 23 -27.76 5.15 25.02
C ARG K 23 -27.67 4.53 26.40
N PHE K 24 -26.73 4.99 27.22
CA PHE K 24 -26.87 4.76 28.65
C PHE K 24 -28.00 5.66 29.17
N VAL K 25 -28.78 5.16 30.13
CA VAL K 25 -29.89 5.91 30.70
C VAL K 25 -29.81 5.81 32.23
N ASP K 26 -30.03 6.94 32.90
CA ASP K 26 -30.09 6.94 34.36
C ASP K 26 -31.44 6.37 34.82
N LEU K 27 -31.49 5.03 34.93
CA LEU K 27 -32.69 4.32 35.40
C LEU K 27 -32.75 4.24 36.92
N THR K 28 -31.96 5.05 37.65
CA THR K 28 -31.91 4.93 39.10
C THR K 28 -33.21 5.36 39.77
N ASP K 29 -34.03 6.22 39.14
CA ASP K 29 -35.33 6.59 39.68
C ASP K 29 -36.28 5.40 39.79
N GLN K 30 -36.39 4.61 38.72
CA GLN K 30 -37.24 3.43 38.67
C GLN K 30 -36.72 2.36 39.65
N ALA K 31 -35.41 2.15 39.69
CA ALA K 31 -34.80 1.21 40.61
C ALA K 31 -34.96 1.66 42.07
N ASN K 32 -34.78 2.96 42.36
CA ASN K 32 -34.97 3.52 43.69
C ASN K 32 -36.41 3.33 44.16
N GLN K 33 -37.38 3.54 43.27
CA GLN K 33 -38.79 3.35 43.61
C GLN K 33 -39.04 1.90 44.00
N ALA K 34 -38.54 0.93 43.22
CA ALA K 34 -38.68 -0.47 43.53
C ALA K 34 -37.98 -0.84 44.85
N ASN K 35 -36.83 -0.25 45.16
CA ASN K 35 -36.14 -0.45 46.42
C ASN K 35 -37.01 0.03 47.59
N VAL K 36 -37.59 1.23 47.48
CA VAL K 36 -38.46 1.81 48.49
C VAL K 36 -39.70 0.96 48.70
N ASP K 37 -40.32 0.49 47.62
CA ASP K 37 -41.50 -0.37 47.69
C ASP K 37 -41.18 -1.73 48.33
N ALA K 38 -40.14 -2.42 47.87
CA ALA K 38 -39.72 -3.68 48.47
C ALA K 38 -39.36 -3.52 49.96
N THR K 39 -38.72 -2.41 50.31
CA THR K 39 -38.40 -2.09 51.71
C THR K 39 -39.67 -1.84 52.52
N ALA K 40 -40.66 -1.15 51.94
CA ALA K 40 -41.94 -0.92 52.59
C ALA K 40 -42.69 -2.23 52.88
N ALA K 41 -42.66 -3.19 51.95
CA ALA K 41 -43.19 -4.53 52.18
C ALA K 41 -42.48 -5.21 53.36
N ALA K 42 -41.15 -5.14 53.40
CA ALA K 42 -40.37 -5.70 54.49
C ALA K 42 -40.72 -5.06 55.84
N VAL K 43 -40.89 -3.73 55.89
CA VAL K 43 -41.26 -3.04 57.13
C VAL K 43 -42.62 -3.50 57.62
N ARG K 44 -43.62 -3.66 56.74
CA ARG K 44 -44.93 -4.18 57.12
C ARG K 44 -44.83 -5.57 57.73
N SER K 45 -44.08 -6.49 57.12
CA SER K 45 -43.90 -7.83 57.65
C SER K 45 -43.16 -7.81 58.98
N ALA K 46 -42.08 -7.02 59.08
CA ALA K 46 -41.30 -6.87 60.29
C ALA K 46 -42.16 -6.34 61.45
N TYR K 47 -43.06 -5.39 61.15
CA TYR K 47 -44.03 -4.87 62.10
C TYR K 47 -45.02 -5.96 62.54
N ALA K 48 -45.59 -6.70 61.59
CA ALA K 48 -46.53 -7.77 61.91
C ALA K 48 -45.88 -8.82 62.82
N ILE K 49 -44.67 -9.28 62.49
CA ILE K 49 -43.89 -10.18 63.33
C ILE K 49 -43.66 -9.58 64.73
N ALA K 50 -43.31 -8.29 64.79
CA ALA K 50 -43.11 -7.58 66.04
C ALA K 50 -44.38 -7.54 66.92
N THR K 51 -45.58 -7.46 66.35
CA THR K 51 -46.81 -7.47 67.15
C THR K 51 -47.04 -8.80 67.86
N VAL K 52 -46.53 -9.91 67.30
CA VAL K 52 -46.58 -11.20 67.98
C VAL K 52 -45.54 -11.26 69.10
N GLN K 53 -44.28 -10.86 68.81
CA GLN K 53 -43.21 -10.82 69.80
C GLN K 53 -43.56 -9.94 71.00
N ALA K 54 -44.10 -8.74 70.74
CA ALA K 54 -44.48 -7.77 71.74
C ALA K 54 -45.74 -8.16 72.51
N LYS K 55 -46.53 -9.12 72.00
CA LYS K 55 -47.86 -9.46 72.50
C LYS K 55 -48.72 -8.21 72.68
N GLY K 56 -48.74 -7.36 71.63
CA GLY K 56 -49.34 -6.03 71.68
C GLY K 56 -48.69 -5.08 70.66
N ILE K 57 -48.88 -3.77 70.87
CA ILE K 57 -48.23 -2.77 70.01
C ILE K 57 -46.73 -2.81 70.22
N PRO K 58 -45.90 -2.93 69.14
CA PRO K 58 -44.45 -3.03 69.29
C PRO K 58 -43.80 -1.66 69.45
N THR K 59 -42.59 -1.67 70.03
CA THR K 59 -41.72 -0.50 70.02
C THR K 59 -41.05 -0.34 68.65
N CYS K 60 -40.58 0.87 68.35
CA CYS K 60 -39.83 1.13 67.11
C CYS K 60 -38.61 0.21 66.94
N ASP K 61 -37.90 -0.08 68.05
CA ASP K 61 -36.76 -0.98 68.06
C ASP K 61 -37.14 -2.44 67.81
N GLN K 62 -38.27 -2.90 68.35
CA GLN K 62 -38.77 -4.25 68.10
C GLN K 62 -39.07 -4.48 66.62
N VAL K 63 -39.57 -3.45 65.93
CA VAL K 63 -39.81 -3.53 64.49
C VAL K 63 -38.48 -3.64 63.73
N PHE K 64 -37.52 -2.76 63.98
CA PHE K 64 -36.24 -2.81 63.27
C PHE K 64 -35.41 -4.05 63.60
N ALA K 65 -35.61 -4.66 64.77
CA ALA K 65 -34.96 -5.93 65.10
C ALA K 65 -35.26 -7.03 64.07
N ASN K 66 -36.42 -6.95 63.40
CA ASN K 66 -36.85 -7.95 62.43
C ASN K 66 -36.44 -7.63 60.98
N LEU K 67 -35.61 -6.60 60.73
CA LEU K 67 -35.11 -6.27 59.40
C LEU K 67 -33.65 -6.70 59.25
N GLU K 68 -33.35 -7.39 58.16
CA GLU K 68 -32.07 -8.07 57.98
C GLU K 68 -30.98 -7.19 57.34
N GLY K 69 -31.36 -6.39 56.32
CA GLY K 69 -30.40 -5.88 55.34
C GLY K 69 -29.62 -4.61 55.72
N GLY K 70 -29.37 -4.37 57.01
CA GLY K 70 -28.82 -3.10 57.46
C GLY K 70 -28.68 -3.02 58.98
N SER K 71 -28.58 -1.78 59.49
CA SER K 71 -28.28 -1.51 60.89
C SER K 71 -29.16 -0.36 61.40
N THR K 72 -29.24 -0.21 62.73
CA THR K 72 -30.11 0.80 63.34
C THR K 72 -29.34 1.68 64.35
N SER K 73 -29.66 2.98 64.33
CA SER K 73 -29.29 3.96 65.35
C SER K 73 -30.58 4.64 65.78
N GLY K 74 -30.76 4.89 67.09
CA GLY K 74 -32.07 5.10 67.71
C GLY K 74 -33.15 5.75 66.83
N SER K 75 -34.29 5.05 66.62
CA SER K 75 -35.44 5.43 65.82
C SER K 75 -35.25 5.44 64.30
N THR K 76 -34.07 5.04 63.77
CA THR K 76 -33.88 4.89 62.33
C THR K 76 -33.09 3.61 61.99
N TRP K 77 -33.39 3.04 60.82
CA TRP K 77 -32.72 1.89 60.26
C TRP K 77 -32.17 2.29 58.89
N THR K 78 -30.97 1.81 58.54
CA THR K 78 -30.29 2.20 57.31
C THR K 78 -29.73 0.96 56.63
N SER K 79 -29.93 0.82 55.31
CA SER K 79 -29.40 -0.31 54.55
C SER K 79 -27.87 -0.34 54.60
N SER K 80 -27.26 -1.53 54.53
CA SER K 80 -25.82 -1.65 54.71
C SER K 80 -25.01 -0.86 53.68
N ASP K 81 -25.50 -0.78 52.44
CA ASP K 81 -25.13 0.29 51.51
C ASP K 81 -26.04 1.48 51.80
N ASN K 82 -25.51 2.58 52.35
CA ASN K 82 -26.21 3.51 53.22
C ASN K 82 -27.39 4.32 52.64
N SER K 83 -27.77 4.12 51.37
CA SER K 83 -28.69 5.03 50.68
C SER K 83 -30.16 4.87 51.09
N THR K 84 -30.63 3.67 51.45
CA THR K 84 -32.02 3.47 51.86
C THR K 84 -32.16 3.66 53.37
N THR K 85 -33.13 4.49 53.76
CA THR K 85 -33.39 4.80 55.16
C THR K 85 -34.83 4.45 55.52
N VAL K 86 -35.05 3.94 56.75
CA VAL K 86 -36.37 3.87 57.36
C VAL K 86 -36.30 4.64 58.68
N SER K 87 -37.36 5.37 59.06
CA SER K 87 -37.38 6.04 60.35
C SER K 87 -38.78 6.04 60.97
N CYS K 88 -38.85 5.93 62.30
CA CYS K 88 -40.08 6.11 63.05
C CYS K 88 -40.30 7.56 63.45
N ASN K 89 -41.56 7.97 63.48
CA ASN K 89 -42.02 9.03 64.35
C ASN K 89 -43.03 8.38 65.29
N ALA K 90 -42.56 7.86 66.43
CA ALA K 90 -43.37 7.04 67.32
C ALA K 90 -44.55 7.79 67.95
N SER K 91 -44.41 9.12 68.08
CA SER K 91 -45.45 10.06 68.50
C SER K 91 -46.50 10.32 67.40
N ALA K 92 -46.09 10.17 66.13
CA ALA K 92 -46.93 10.35 64.94
C ALA K 92 -47.42 9.02 64.36
N ASP K 93 -47.13 7.88 65.01
CA ASP K 93 -47.55 6.54 64.59
C ASP K 93 -47.26 6.28 63.11
N THR K 94 -46.01 6.55 62.71
CA THR K 94 -45.62 6.60 61.31
C THR K 94 -44.21 6.07 61.09
N PHE K 95 -44.01 5.29 60.01
CA PHE K 95 -42.70 4.96 59.45
C PHE K 95 -42.53 5.64 58.10
N THR K 96 -41.38 6.28 57.85
CA THR K 96 -41.06 6.77 56.51
C THR K 96 -39.91 5.96 55.93
N ILE K 97 -40.09 5.45 54.71
CA ILE K 97 -39.07 4.72 53.96
C ILE K 97 -38.64 5.63 52.81
N SER K 98 -37.33 5.85 52.62
CA SER K 98 -36.87 6.71 51.53
C SER K 98 -35.50 6.30 50.97
N ARG K 99 -35.29 6.64 49.68
CA ARG K 99 -34.05 6.40 48.96
C ARG K 99 -33.97 7.34 47.75
N GLY K 100 -32.91 8.15 47.68
CA GLY K 100 -32.67 9.03 46.54
C GLY K 100 -33.87 9.89 46.15
N GLY K 101 -34.60 10.40 47.15
CA GLY K 101 -35.73 11.27 46.89
C GLY K 101 -37.06 10.55 46.66
N LYS K 102 -37.03 9.25 46.31
CA LYS K 102 -38.22 8.41 46.28
C LYS K 102 -38.59 8.07 47.73
N THR K 103 -39.88 8.08 48.06
CA THR K 103 -40.33 7.97 49.45
C THR K 103 -41.68 7.27 49.57
N ARG K 104 -41.92 6.65 50.74
CA ARG K 104 -43.20 6.04 51.08
C ARG K 104 -43.43 6.14 52.58
N THR K 105 -44.69 6.20 53.00
CA THR K 105 -45.04 6.38 54.41
C THR K 105 -46.04 5.31 54.84
N LEU K 106 -45.79 4.67 56.00
CA LEU K 106 -46.70 3.68 56.57
C LEU K 106 -47.26 4.19 57.90
N ASN K 107 -48.60 4.24 58.02
CA ASN K 107 -49.26 4.73 59.23
C ASN K 107 -49.60 3.57 60.16
N LEU K 108 -48.56 3.01 60.80
CA LEU K 108 -48.67 1.88 61.73
C LEU K 108 -48.44 2.37 63.17
N THR K 109 -49.36 2.05 64.09
CA THR K 109 -49.23 2.47 65.48
C THR K 109 -48.06 1.78 66.17
N VAL K 110 -47.19 2.57 66.79
CA VAL K 110 -45.91 2.12 67.34
C VAL K 110 -45.55 2.98 68.56
N ASN K 111 -44.70 2.44 69.46
CA ASN K 111 -44.27 3.17 70.65
C ASN K 111 -42.80 2.89 71.02
N PHE L 1 5.41 -2.25 -7.27
CA PHE L 1 4.54 -1.05 -7.10
C PHE L 1 5.28 0.17 -7.62
N THR L 2 4.56 1.14 -8.20
CA THR L 2 5.18 2.39 -8.63
C THR L 2 5.50 3.28 -7.44
N LEU L 3 6.39 4.26 -7.63
CA LEU L 3 6.74 5.20 -6.57
C LEU L 3 5.55 6.04 -6.12
N ILE L 4 4.63 6.36 -7.05
CA ILE L 4 3.41 7.09 -6.74
C ILE L 4 2.54 6.29 -5.76
N GLU L 5 2.32 5.00 -6.03
CA GLU L 5 1.52 4.15 -5.16
C GLU L 5 2.14 4.07 -3.76
N LEU L 6 3.46 3.93 -3.66
CA LEU L 6 4.15 3.94 -2.38
C LEU L 6 4.00 5.28 -1.66
N ALA L 7 4.05 6.40 -2.38
CA ALA L 7 3.85 7.73 -1.81
C ALA L 7 2.44 7.88 -1.22
N ILE L 8 1.43 7.42 -1.96
CA ILE L 8 0.03 7.40 -1.54
C ILE L 8 -0.13 6.54 -0.28
N VAL L 9 0.48 5.36 -0.25
CA VAL L 9 0.48 4.47 0.90
C VAL L 9 1.12 5.13 2.13
N ILE L 10 2.27 5.79 1.96
CA ILE L 10 2.97 6.50 3.02
C ILE L 10 2.08 7.61 3.62
N VAL L 11 1.29 8.29 2.78
CA VAL L 11 0.32 9.29 3.24
C VAL L 11 -0.81 8.64 4.03
N ILE L 12 -1.47 7.61 3.47
CA ILE L 12 -2.68 7.06 4.05
C ILE L 12 -2.40 6.30 5.35
N ILE L 13 -1.27 5.57 5.45
CA ILE L 13 -0.88 4.91 6.69
C ILE L 13 -0.80 5.93 7.83
N GLY L 14 -0.22 7.09 7.57
CA GLY L 14 -0.08 8.14 8.58
C GLY L 14 -1.41 8.73 9.06
N ILE L 15 -2.49 8.53 8.28
CA ILE L 15 -3.81 9.06 8.60
C ILE L 15 -4.72 7.98 9.19
N LEU L 16 -4.54 6.70 8.83
CA LEU L 16 -5.32 5.62 9.44
C LEU L 16 -4.75 5.20 10.80
N VAL L 17 -3.47 5.47 11.04
CA VAL L 17 -2.93 5.59 12.39
C VAL L 17 -3.28 6.99 12.89
N ALA L 18 -3.06 7.31 14.18
CA ALA L 18 -3.48 8.60 14.74
C ALA L 18 -5.02 8.77 14.74
N ILE L 19 -5.71 7.62 14.83
CA ILE L 19 -7.07 7.54 15.35
C ILE L 19 -6.97 7.43 16.86
N ALA L 20 -8.10 7.61 17.56
CA ALA L 20 -8.23 7.07 18.91
C ALA L 20 -8.48 5.56 18.86
N VAL L 21 -8.12 4.86 19.94
CA VAL L 21 -8.46 3.45 20.14
C VAL L 21 -8.79 3.26 21.62
N PRO L 22 -9.78 2.42 22.01
CA PRO L 22 -10.11 2.26 23.42
C PRO L 22 -9.02 1.50 24.17
N ARG L 23 -8.86 1.84 25.46
CA ARG L 23 -8.07 1.01 26.36
C ARG L 23 -8.91 -0.21 26.77
N PHE L 24 -8.26 -1.37 26.92
CA PHE L 24 -8.88 -2.41 27.72
C PHE L 24 -8.81 -1.99 29.19
N VAL L 25 -9.85 -2.32 29.97
CA VAL L 25 -9.92 -1.97 31.37
C VAL L 25 -10.34 -3.21 32.15
N ASP L 26 -9.68 -3.45 33.29
CA ASP L 26 -10.08 -4.53 34.17
C ASP L 26 -11.33 -4.14 34.96
N LEU L 27 -12.51 -4.36 34.34
CA LEU L 27 -13.80 -4.07 34.96
C LEU L 27 -14.28 -5.23 35.85
N THR L 28 -13.40 -6.17 36.22
CA THR L 28 -13.84 -7.34 36.98
C THR L 28 -14.29 -6.99 38.39
N ASP L 29 -13.83 -5.88 38.98
CA ASP L 29 -14.30 -5.44 40.29
C ASP L 29 -15.78 -5.10 40.28
N GLN L 30 -16.22 -4.30 39.30
CA GLN L 30 -17.61 -3.91 39.16
C GLN L 30 -18.50 -5.12 38.85
N ALA L 31 -18.04 -6.00 37.96
CA ALA L 31 -18.75 -7.22 37.62
C ALA L 31 -18.82 -8.18 38.81
N ASN L 32 -17.72 -8.35 39.56
CA ASN L 32 -17.69 -9.18 40.76
C ASN L 32 -18.67 -8.67 41.81
N GLN L 33 -18.74 -7.35 42.00
CA GLN L 33 -19.68 -6.77 42.94
C GLN L 33 -21.12 -7.10 42.56
N ALA L 34 -21.48 -6.94 41.28
CA ALA L 34 -22.80 -7.29 40.78
C ALA L 34 -23.09 -8.79 40.92
N ASN L 35 -22.10 -9.66 40.72
CA ASN L 35 -22.26 -11.09 40.93
C ASN L 35 -22.57 -11.40 42.41
N VAL L 36 -21.83 -10.78 43.34
CA VAL L 36 -22.02 -10.95 44.76
C VAL L 36 -23.41 -10.47 45.18
N ASP L 37 -23.84 -9.30 44.69
CA ASP L 37 -25.15 -8.73 44.97
C ASP L 37 -26.28 -9.60 44.43
N ALA L 38 -26.23 -9.99 43.15
CA ALA L 38 -27.22 -10.90 42.57
C ALA L 38 -27.28 -12.24 43.31
N THR L 39 -26.13 -12.77 43.72
CA THR L 39 -26.06 -13.99 44.50
C THR L 39 -26.68 -13.79 45.89
N ALA L 40 -26.45 -12.65 46.53
CA ALA L 40 -27.06 -12.32 47.81
C ALA L 40 -28.59 -12.27 47.73
N ALA L 41 -29.14 -11.69 46.65
CA ALA L 41 -30.58 -11.71 46.39
C ALA L 41 -31.09 -13.16 46.28
N ALA L 42 -30.38 -14.01 45.54
CA ALA L 42 -30.74 -15.41 45.39
C ALA L 42 -30.71 -16.15 46.73
N VAL L 43 -29.71 -15.91 47.58
CA VAL L 43 -29.62 -16.54 48.91
C VAL L 43 -30.81 -16.13 49.77
N ARG L 44 -31.21 -14.86 49.78
CA ARG L 44 -32.38 -14.40 50.52
C ARG L 44 -33.65 -15.13 50.07
N SER L 45 -33.89 -15.23 48.76
CA SER L 45 -35.04 -15.94 48.24
C SER L 45 -34.99 -17.43 48.57
N ALA L 46 -33.83 -18.06 48.41
CA ALA L 46 -33.63 -19.47 48.72
C ALA L 46 -33.90 -19.76 50.20
N TYR L 47 -33.49 -18.85 51.08
CA TYR L 47 -33.78 -18.90 52.51
C TYR L 47 -35.27 -18.77 52.78
N ALA L 48 -35.93 -17.77 52.18
CA ALA L 48 -37.36 -17.60 52.36
C ALA L 48 -38.15 -18.84 51.93
N ILE L 49 -37.85 -19.41 50.76
CA ILE L 49 -38.44 -20.66 50.28
C ILE L 49 -38.16 -21.79 51.29
N ALA L 50 -36.93 -21.88 51.80
CA ALA L 50 -36.56 -22.89 52.79
C ALA L 50 -37.37 -22.78 54.10
N THR L 51 -37.76 -21.56 54.54
CA THR L 51 -38.57 -21.43 55.75
C THR L 51 -39.97 -22.02 55.58
N VAL L 52 -40.50 -22.05 54.36
CA VAL L 52 -41.78 -22.71 54.09
C VAL L 52 -41.59 -24.23 54.07
N GLN L 53 -40.56 -24.73 53.36
CA GLN L 53 -40.25 -26.15 53.30
C GLN L 53 -39.99 -26.75 54.69
N ALA L 54 -39.20 -26.05 55.50
CA ALA L 54 -38.82 -26.46 56.85
C ALA L 54 -39.97 -26.32 57.86
N LYS L 55 -41.03 -25.56 57.52
CA LYS L 55 -42.09 -25.17 58.43
C LYS L 55 -41.52 -24.61 59.74
N GLY L 56 -40.56 -23.68 59.60
CA GLY L 56 -39.77 -23.16 60.70
C GLY L 56 -38.40 -22.65 60.23
N ILE L 57 -37.44 -22.52 61.15
CA ILE L 57 -36.08 -22.12 60.81
C ILE L 57 -35.42 -23.23 59.99
N PRO L 58 -34.85 -22.93 58.79
CA PRO L 58 -34.24 -23.95 57.95
C PRO L 58 -32.82 -24.30 58.37
N THR L 59 -32.38 -25.49 57.97
CA THR L 59 -30.98 -25.86 58.06
C THR L 59 -30.17 -25.21 56.94
N CYS L 60 -28.86 -25.11 57.12
CA CYS L 60 -27.96 -24.58 56.10
C CYS L 60 -28.08 -25.32 54.77
N ASP L 61 -28.24 -26.65 54.81
CA ASP L 61 -28.44 -27.50 53.64
C ASP L 61 -29.78 -27.26 52.94
N GLN L 62 -30.86 -27.04 53.70
CA GLN L 62 -32.16 -26.72 53.13
C GLN L 62 -32.12 -25.41 52.33
N VAL L 63 -31.35 -24.43 52.79
CA VAL L 63 -31.16 -23.19 52.05
C VAL L 63 -30.43 -23.44 50.74
N PHE L 64 -29.27 -24.11 50.77
CA PHE L 64 -28.50 -24.37 49.55
C PHE L 64 -29.21 -25.31 48.57
N ALA L 65 -30.12 -26.16 49.04
CA ALA L 65 -30.93 -26.99 48.15
C ALA L 65 -31.73 -26.15 47.15
N ASN L 66 -32.07 -24.91 47.51
CA ASN L 66 -32.87 -24.02 46.67
C ASN L 66 -32.03 -23.12 45.74
N LEU L 67 -30.70 -23.31 45.65
CA LEU L 67 -29.85 -22.54 44.74
C LEU L 67 -29.46 -23.39 43.54
N GLU L 68 -29.60 -22.82 42.34
CA GLU L 68 -29.49 -23.57 41.09
C GLU L 68 -28.06 -23.62 40.53
N GLY L 69 -27.33 -22.51 40.59
CA GLY L 69 -26.17 -22.28 39.72
C GLY L 69 -24.83 -22.89 40.15
N GLY L 70 -24.84 -24.01 40.87
CA GLY L 70 -23.62 -24.52 41.48
C GLY L 70 -23.86 -25.77 42.32
N SER L 71 -22.91 -26.07 43.23
CA SER L 71 -22.89 -27.29 44.01
C SER L 71 -22.50 -26.99 45.46
N THR L 72 -22.75 -27.95 46.37
CA THR L 72 -22.48 -27.75 47.79
C THR L 72 -21.63 -28.87 48.37
N SER L 73 -20.71 -28.49 49.27
CA SER L 73 -19.96 -29.37 50.16
C SER L 73 -20.14 -28.81 51.57
N GLY L 74 -20.34 -29.67 52.57
CA GLY L 74 -20.98 -29.31 53.84
C GLY L 74 -20.74 -27.88 54.35
N SER L 75 -21.84 -27.11 54.53
CA SER L 75 -21.88 -25.72 54.98
C SER L 75 -21.40 -24.66 53.97
N THR L 76 -21.02 -25.04 52.74
CA THR L 76 -20.69 -24.07 51.70
C THR L 76 -21.28 -24.46 50.33
N TRP L 77 -21.61 -23.45 49.53
CA TRP L 77 -22.10 -23.60 48.17
C TRP L 77 -21.15 -22.82 47.25
N THR L 78 -20.86 -23.37 46.07
CA THR L 78 -19.89 -22.78 45.14
C THR L 78 -20.49 -22.77 43.73
N SER L 79 -20.36 -21.64 43.01
CA SER L 79 -20.85 -21.53 41.63
C SER L 79 -20.14 -22.53 40.73
N SER L 80 -20.82 -23.02 39.67
CA SER L 80 -20.24 -24.07 38.82
C SER L 80 -18.92 -23.66 38.16
N ASP L 81 -18.79 -22.38 37.79
CA ASP L 81 -17.48 -21.76 37.58
C ASP L 81 -17.02 -21.25 38.96
N ASN L 82 -15.97 -21.86 39.53
CA ASN L 82 -15.76 -21.98 40.98
C ASN L 82 -15.52 -20.68 41.79
N SER L 83 -15.56 -19.49 41.17
CA SER L 83 -15.08 -18.27 41.81
C SER L 83 -16.05 -17.69 42.86
N THR L 84 -17.37 -17.85 42.71
CA THR L 84 -18.32 -17.33 43.70
C THR L 84 -18.61 -18.37 44.76
N THR L 85 -18.50 -17.97 46.03
CA THR L 85 -18.72 -18.85 47.17
C THR L 85 -19.81 -18.28 48.07
N VAL L 86 -20.66 -19.15 48.64
CA VAL L 86 -21.52 -18.82 49.76
C VAL L 86 -21.17 -19.78 50.91
N SER L 87 -21.19 -19.32 52.16
CA SER L 87 -20.96 -20.21 53.29
C SER L 87 -21.80 -19.82 54.51
N CYS L 88 -22.27 -20.82 55.26
CA CYS L 88 -22.91 -20.61 56.55
C CYS L 88 -21.90 -20.59 57.70
N ASN L 89 -22.20 -19.78 58.70
CA ASN L 89 -21.76 -20.02 60.07
C ASN L 89 -23.03 -20.21 60.88
N ALA L 90 -23.52 -21.45 60.98
CA ALA L 90 -24.84 -21.73 61.54
C ALA L 90 -24.95 -21.40 63.04
N SER L 91 -23.80 -21.40 63.74
CA SER L 91 -23.64 -20.95 65.12
C SER L 91 -23.66 -19.43 65.26
N ALA L 92 -23.27 -18.72 64.18
CA ALA L 92 -23.24 -17.26 64.11
C ALA L 92 -24.44 -16.67 63.35
N ASP L 93 -25.41 -17.52 62.94
CA ASP L 93 -26.63 -17.12 62.24
C ASP L 93 -26.33 -16.18 61.05
N THR L 94 -25.38 -16.61 60.21
CA THR L 94 -24.81 -15.76 59.17
C THR L 94 -24.49 -16.54 57.90
N PHE L 95 -24.77 -15.93 56.73
CA PHE L 95 -24.26 -16.36 55.43
C PHE L 95 -23.27 -15.33 54.90
N THR L 96 -22.11 -15.77 54.41
CA THR L 96 -21.20 -14.86 53.70
C THR L 96 -21.16 -15.25 52.21
N ILE L 97 -21.37 -14.25 51.34
CA ILE L 97 -21.28 -14.40 49.89
C ILE L 97 -20.03 -13.66 49.44
N SER L 98 -19.15 -14.30 48.65
CA SER L 98 -17.93 -13.62 48.20
C SER L 98 -17.46 -14.09 46.82
N ARG L 99 -16.75 -13.19 46.11
CA ARG L 99 -16.16 -13.43 44.81
C ARG L 99 -15.03 -12.42 44.58
N GLY L 100 -13.81 -12.91 44.32
CA GLY L 100 -12.67 -12.06 43.97
C GLY L 100 -12.45 -10.90 44.94
N GLY L 101 -12.65 -11.14 46.24
CA GLY L 101 -12.41 -10.13 47.25
C GLY L 101 -13.62 -9.22 47.54
N LYS L 102 -14.59 -9.14 46.61
CA LYS L 102 -15.87 -8.50 46.88
C LYS L 102 -16.69 -9.44 47.76
N THR L 103 -17.41 -8.88 48.74
CA THR L 103 -18.07 -9.70 49.76
C THR L 103 -19.35 -9.05 50.28
N ARG L 104 -20.28 -9.88 50.79
CA ARG L 104 -21.51 -9.43 51.43
C ARG L 104 -21.91 -10.45 52.51
N THR L 105 -22.59 -9.98 53.56
CA THR L 105 -22.96 -10.83 54.68
C THR L 105 -24.46 -10.68 54.97
N LEU L 106 -25.16 -11.82 55.15
CA LEU L 106 -26.57 -11.83 55.50
C LEU L 106 -26.76 -12.43 56.90
N ASN L 107 -27.40 -11.69 57.81
CA ASN L 107 -27.62 -12.15 59.17
C ASN L 107 -29.00 -12.81 59.30
N LEU L 108 -29.11 -14.03 58.74
CA LEU L 108 -30.33 -14.84 58.74
C LEU L 108 -30.18 -16.02 59.70
N THR L 109 -31.13 -16.20 60.63
CA THR L 109 -31.06 -17.29 61.60
C THR L 109 -31.23 -18.65 60.91
N VAL L 110 -30.30 -19.57 61.16
CA VAL L 110 -30.19 -20.84 60.46
C VAL L 110 -29.60 -21.90 61.41
N ASN L 111 -29.87 -23.19 61.14
CA ASN L 111 -29.34 -24.28 61.96
C ASN L 111 -28.93 -25.52 61.13
N PHE M 1 10.22 4.40 -16.68
CA PHE M 1 10.75 4.98 -15.40
C PHE M 1 12.27 5.07 -15.49
N THR M 2 12.85 6.10 -14.87
CA THR M 2 14.31 6.23 -14.83
C THR M 2 14.91 5.21 -13.86
N LEU M 3 16.22 4.94 -13.98
CA LEU M 3 16.91 4.02 -13.08
C LEU M 3 16.92 4.54 -11.63
N ILE M 4 16.95 5.86 -11.45
CA ILE M 4 16.89 6.47 -10.13
C ILE M 4 15.55 6.16 -9.46
N GLU M 5 14.43 6.32 -10.18
CA GLU M 5 13.12 6.04 -9.64
C GLU M 5 12.99 4.56 -9.25
N LEU M 6 13.51 3.65 -10.07
CA LEU M 6 13.52 2.23 -9.73
C LEU M 6 14.39 1.94 -8.50
N ALA M 7 15.53 2.63 -8.34
CA ALA M 7 16.39 2.48 -7.18
C ALA M 7 15.68 2.92 -5.89
N ILE M 8 14.99 4.07 -5.96
CA ILE M 8 14.18 4.60 -4.87
C ILE M 8 13.07 3.61 -4.50
N VAL M 9 12.38 3.05 -5.50
CA VAL M 9 11.34 2.04 -5.30
C VAL M 9 11.91 0.79 -4.62
N ILE M 10 13.06 0.29 -5.06
CA ILE M 10 13.72 -0.87 -4.48
C ILE M 10 14.07 -0.63 -3.00
N VAL M 11 14.45 0.60 -2.64
CA VAL M 11 14.69 0.98 -1.26
C VAL M 11 13.39 0.97 -0.45
N ILE M 12 12.36 1.69 -0.93
CA ILE M 12 11.14 1.92 -0.15
C ILE M 12 10.33 0.62 0.02
N ILE M 13 10.25 -0.24 -1.00
CA ILE M 13 9.59 -1.53 -0.86
C ILE M 13 10.18 -2.32 0.31
N GLY M 14 11.51 -2.33 0.43
CA GLY M 14 12.20 -3.05 1.48
C GLY M 14 11.91 -2.52 2.89
N ILE M 15 11.41 -1.28 2.99
CA ILE M 15 11.11 -0.63 4.27
C ILE M 15 9.61 -0.67 4.59
N LEU M 16 8.73 -0.68 3.57
CA LEU M 16 7.30 -0.81 3.83
C LEU M 16 6.88 -2.26 4.05
N VAL M 17 7.68 -3.21 3.55
CA VAL M 17 7.70 -4.57 4.08
C VAL M 17 8.57 -4.55 5.33
N ALA M 18 8.63 -5.64 6.12
CA ALA M 18 9.35 -5.63 7.40
C ALA M 18 8.72 -4.66 8.42
N ILE M 19 7.41 -4.46 8.27
CA ILE M 19 6.54 -4.03 9.37
C ILE M 19 6.11 -5.28 10.14
N ALA M 20 5.53 -5.09 11.33
CA ALA M 20 4.69 -6.12 11.90
C ALA M 20 3.31 -6.14 11.21
N VAL M 21 2.63 -7.29 11.25
CA VAL M 21 1.25 -7.42 10.81
C VAL M 21 0.55 -8.39 11.76
N PRO M 22 -0.73 -8.19 12.15
CA PRO M 22 -1.38 -9.10 13.09
C PRO M 22 -1.67 -10.46 12.47
N ARG M 23 -1.62 -11.51 13.29
CA ARG M 23 -2.16 -12.81 12.88
C ARG M 23 -3.68 -12.76 12.99
N PHE M 24 -4.37 -13.43 12.05
CA PHE M 24 -5.74 -13.81 12.35
C PHE M 24 -5.73 -14.93 13.38
N VAL M 25 -6.70 -14.92 14.30
CA VAL M 25 -6.80 -15.93 15.35
C VAL M 25 -8.24 -16.44 15.40
N ASP M 26 -8.41 -17.76 15.52
CA ASP M 26 -9.73 -18.34 15.70
C ASP M 26 -10.21 -18.11 17.14
N LEU M 27 -10.82 -16.93 17.37
CA LEU M 27 -11.38 -16.57 18.67
C LEU M 27 -12.80 -17.11 18.87
N THR M 28 -13.25 -18.06 18.04
CA THR M 28 -14.63 -18.54 18.12
C THR M 28 -14.91 -19.30 19.41
N ASP M 29 -13.90 -19.90 20.05
CA ASP M 29 -14.10 -20.57 21.34
C ASP M 29 -14.55 -19.59 22.43
N GLN M 30 -13.85 -18.46 22.56
CA GLN M 30 -14.18 -17.42 23.54
C GLN M 30 -15.54 -16.81 23.24
N ALA M 31 -15.82 -16.52 21.97
CA ALA M 31 -17.10 -15.98 21.55
C ALA M 31 -18.24 -16.97 21.77
N ASN M 32 -18.02 -18.26 21.45
CA ASN M 32 -19.01 -19.32 21.68
C ASN M 32 -19.33 -19.46 23.17
N GLN M 33 -18.31 -19.38 24.03
CA GLN M 33 -18.53 -19.45 25.47
C GLN M 33 -19.42 -18.30 25.94
N ALA M 34 -19.14 -17.08 25.50
CA ALA M 34 -19.96 -15.91 25.83
C ALA M 34 -21.38 -16.05 25.29
N ASN M 35 -21.57 -16.61 24.10
CA ASN M 35 -22.89 -16.88 23.54
C ASN M 35 -23.68 -17.85 24.43
N VAL M 36 -23.02 -18.96 24.85
CA VAL M 36 -23.62 -19.96 25.71
C VAL M 36 -24.01 -19.37 27.06
N ASP M 37 -23.12 -18.56 27.66
CA ASP M 37 -23.37 -17.90 28.93
C ASP M 37 -24.52 -16.89 28.84
N ALA M 38 -24.50 -15.98 27.85
CA ALA M 38 -25.58 -15.04 27.63
C ALA M 38 -26.92 -15.75 27.38
N THR M 39 -26.90 -16.85 26.63
CA THR M 39 -28.09 -17.66 26.39
C THR M 39 -28.58 -18.33 27.67
N ALA M 40 -27.67 -18.82 28.52
CA ALA M 40 -28.02 -19.39 29.82
C ALA M 40 -28.70 -18.36 30.73
N ALA M 41 -28.22 -17.11 30.76
CA ALA M 41 -28.89 -16.03 31.46
C ALA M 41 -30.31 -15.80 30.94
N ALA M 42 -30.47 -15.78 29.62
CA ALA M 42 -31.79 -15.64 29.00
C ALA M 42 -32.73 -16.80 29.37
N VAL M 43 -32.26 -18.05 29.38
CA VAL M 43 -33.06 -19.20 29.75
C VAL M 43 -33.53 -19.09 31.21
N ARG M 44 -32.67 -18.66 32.13
CA ARG M 44 -33.05 -18.45 33.52
C ARG M 44 -34.17 -17.41 33.66
N SER M 45 -34.04 -16.27 32.97
CA SER M 45 -35.07 -15.24 33.00
C SER M 45 -36.37 -15.73 32.36
N ALA M 46 -36.28 -16.40 31.22
CA ALA M 46 -37.44 -16.96 30.52
C ALA M 46 -38.18 -17.98 31.39
N TYR M 47 -37.44 -18.79 32.15
CA TYR M 47 -37.98 -19.72 33.11
C TYR M 47 -38.68 -18.98 34.27
N ALA M 48 -38.03 -17.99 34.85
CA ALA M 48 -38.63 -17.21 35.93
C ALA M 48 -39.95 -16.56 35.49
N ILE M 49 -39.98 -15.91 34.32
CA ILE M 49 -41.19 -15.35 33.73
C ILE M 49 -42.25 -16.44 33.54
N ALA M 50 -41.85 -17.62 33.04
CA ALA M 50 -42.75 -18.75 32.85
C ALA M 50 -43.39 -19.23 34.17
N THR M 51 -42.68 -19.18 35.31
CA THR M 51 -43.26 -19.60 36.58
C THR M 51 -44.41 -18.67 37.02
N VAL M 52 -44.38 -17.39 36.62
CA VAL M 52 -45.50 -16.48 36.88
C VAL M 52 -46.67 -16.80 35.94
N GLN M 53 -46.40 -16.94 34.63
CA GLN M 53 -47.42 -17.28 33.64
C GLN M 53 -48.14 -18.60 33.98
N ALA M 54 -47.37 -19.64 34.35
CA ALA M 54 -47.87 -20.96 34.67
C ALA M 54 -48.57 -21.01 36.03
N LYS M 55 -48.37 -19.99 36.89
CA LYS M 55 -48.80 -19.98 38.29
C LYS M 55 -48.37 -21.28 38.99
N GLY M 56 -47.09 -21.64 38.83
CA GLY M 56 -46.54 -22.92 39.27
C GLY M 56 -45.33 -23.33 38.42
N ILE M 57 -44.98 -24.62 38.45
CA ILE M 57 -43.89 -25.14 37.64
C ILE M 57 -44.28 -25.06 36.16
N PRO M 58 -43.45 -24.45 35.27
CA PRO M 58 -43.78 -24.32 33.87
C PRO M 58 -43.48 -25.57 33.06
N THR M 59 -44.16 -25.69 31.91
CA THR M 59 -43.80 -26.69 30.91
C THR M 59 -42.57 -26.23 30.12
N CYS M 60 -41.89 -27.17 29.48
CA CYS M 60 -40.75 -26.87 28.62
C CYS M 60 -41.11 -25.85 27.51
N ASP M 61 -42.30 -25.98 26.93
CA ASP M 61 -42.80 -25.06 25.91
C ASP M 61 -43.08 -23.66 26.45
N GLN M 62 -43.63 -23.54 27.67
CA GLN M 62 -43.86 -22.25 28.30
C GLN M 62 -42.55 -21.48 28.52
N VAL M 63 -41.46 -22.18 28.83
CA VAL M 63 -40.15 -21.57 28.96
C VAL M 63 -39.67 -21.04 27.61
N PHE M 64 -39.67 -21.87 26.56
CA PHE M 64 -39.19 -21.44 25.25
C PHE M 64 -40.08 -20.37 24.60
N ALA M 65 -41.37 -20.29 24.97
CA ALA M 65 -42.23 -19.20 24.51
C ALA M 65 -41.68 -17.82 24.87
N ASN M 66 -40.90 -17.71 25.96
CA ASN M 66 -40.33 -16.46 26.42
C ASN M 66 -38.94 -16.14 25.85
N LEU M 67 -38.42 -16.92 24.90
CA LEU M 67 -37.14 -16.64 24.25
C LEU M 67 -37.34 -16.07 22.85
N GLU M 68 -36.65 -14.98 22.54
CA GLU M 68 -36.90 -14.18 21.35
C GLU M 68 -36.10 -14.64 20.12
N GLY M 69 -34.82 -14.99 20.31
CA GLY M 69 -33.84 -15.00 19.22
C GLY M 69 -33.79 -16.25 18.33
N GLY M 70 -34.91 -16.95 18.15
CA GLY M 70 -34.89 -18.25 17.49
C GLY M 70 -36.26 -18.92 17.45
N SER M 71 -36.26 -20.24 17.24
CA SER M 71 -37.47 -21.02 17.02
C SER M 71 -37.39 -22.35 17.79
N THR M 72 -38.54 -23.02 17.95
CA THR M 72 -38.60 -24.25 18.73
C THR M 72 -39.27 -25.39 17.95
N SER M 73 -38.72 -26.61 18.11
CA SER M 73 -39.31 -27.87 17.70
C SER M 73 -39.29 -28.78 18.93
N GLY M 74 -40.35 -29.54 19.18
CA GLY M 74 -40.69 -30.07 20.50
C GLY M 74 -39.50 -30.42 21.42
N SER M 75 -39.45 -29.78 22.61
CA SER M 75 -38.43 -29.91 23.64
C SER M 75 -37.06 -29.30 23.33
N THR M 76 -36.87 -28.63 22.19
CA THR M 76 -35.64 -27.90 21.89
C THR M 76 -35.91 -26.54 21.24
N TRP M 77 -35.03 -25.57 21.52
CA TRP M 77 -35.04 -24.24 20.95
C TRP M 77 -33.71 -24.02 20.25
N THR M 78 -33.72 -23.35 19.09
CA THR M 78 -32.52 -23.16 18.27
C THR M 78 -32.44 -21.70 17.83
N SER M 79 -31.27 -21.07 17.93
CA SER M 79 -31.07 -19.68 17.49
C SER M 79 -31.32 -19.56 15.99
N SER M 80 -31.80 -18.39 15.53
CA SER M 80 -32.18 -18.22 14.12
C SER M 80 -31.03 -18.47 13.14
N ASP M 81 -29.79 -18.10 13.53
CA ASP M 81 -28.58 -18.67 12.95
C ASP M 81 -28.28 -19.95 13.74
N ASN M 82 -28.41 -21.13 13.12
CA ASN M 82 -28.77 -22.39 13.76
C ASN M 82 -27.78 -22.99 14.78
N SER M 83 -26.66 -22.33 15.09
CA SER M 83 -25.56 -22.96 15.82
C SER M 83 -25.81 -23.11 17.34
N THR M 84 -26.56 -22.19 17.97
CA THR M 84 -26.84 -22.29 19.40
C THR M 84 -28.13 -23.07 19.64
N THR M 85 -28.05 -24.07 20.53
CA THR M 85 -29.19 -24.93 20.85
C THR M 85 -29.47 -24.86 22.36
N VAL M 86 -30.75 -24.91 22.73
CA VAL M 86 -31.19 -25.19 24.09
C VAL M 86 -32.11 -26.42 24.03
N SER M 87 -32.04 -27.32 25.01
CA SER M 87 -32.97 -28.46 25.05
C SER M 87 -33.35 -28.81 26.48
N CYS M 88 -34.61 -29.25 26.67
CA CYS M 88 -35.07 -29.81 27.93
C CYS M 88 -34.85 -31.32 27.99
N ASN M 89 -34.57 -31.81 29.20
CA ASN M 89 -34.90 -33.17 29.59
C ASN M 89 -35.88 -33.03 30.74
N ALA M 90 -37.18 -32.97 30.43
CA ALA M 90 -38.21 -32.63 31.41
C ALA M 90 -38.36 -33.67 32.53
N SER M 91 -37.97 -34.92 32.23
CA SER M 91 -37.88 -36.04 33.18
C SER M 91 -36.64 -35.92 34.09
N ALA M 92 -35.59 -35.24 33.61
CA ALA M 92 -34.34 -35.01 34.34
C ALA M 92 -34.25 -33.59 34.93
N ASP M 93 -35.33 -32.79 34.83
CA ASP M 93 -35.42 -31.43 35.38
C ASP M 93 -34.20 -30.59 35.02
N THR M 94 -33.87 -30.57 33.72
CA THR M 94 -32.62 -30.02 33.22
C THR M 94 -32.80 -29.34 31.86
N PHE M 95 -32.13 -28.17 31.68
CA PHE M 95 -31.92 -27.54 30.38
C PHE M 95 -30.43 -27.62 30.02
N THR M 96 -30.10 -28.01 28.78
CA THR M 96 -28.72 -27.90 28.30
C THR M 96 -28.66 -26.82 27.22
N ILE M 97 -27.70 -25.89 27.36
CA ILE M 97 -27.42 -24.85 26.39
C ILE M 97 -26.07 -25.17 25.76
N SER M 98 -25.98 -25.19 24.42
CA SER M 98 -24.70 -25.52 23.78
C SER M 98 -24.51 -24.80 22.43
N ARG M 99 -23.23 -24.57 22.08
CA ARG M 99 -22.81 -23.98 20.82
C ARG M 99 -21.36 -24.34 20.54
N GLY M 100 -21.09 -24.97 19.38
CA GLY M 100 -19.75 -25.29 18.94
C GLY M 100 -18.91 -26.03 20.00
N GLY M 101 -19.54 -26.94 20.75
CA GLY M 101 -18.83 -27.74 21.73
C GLY M 101 -18.75 -27.09 23.12
N LYS M 102 -18.92 -25.76 23.21
CA LYS M 102 -19.07 -25.09 24.50
C LYS M 102 -20.49 -25.38 25.01
N THR M 103 -20.63 -25.62 26.33
CA THR M 103 -21.89 -26.11 26.88
C THR M 103 -22.11 -25.64 28.32
N ARG M 104 -23.38 -25.56 28.72
CA ARG M 104 -23.78 -25.23 30.09
C ARG M 104 -25.10 -25.95 30.41
N THR M 105 -25.31 -26.27 31.70
CA THR M 105 -26.48 -27.03 32.12
C THR M 105 -27.16 -26.31 33.28
N LEU M 106 -28.50 -26.17 33.20
CA LEU M 106 -29.30 -25.56 34.26
C LEU M 106 -30.24 -26.61 34.87
N ASN M 107 -30.17 -26.81 36.19
CA ASN M 107 -31.01 -27.79 36.88
C ASN M 107 -32.27 -27.12 37.43
N LEU M 108 -33.20 -26.79 36.53
CA LEU M 108 -34.47 -26.14 36.83
C LEU M 108 -35.62 -27.13 36.66
N THR M 109 -36.47 -27.29 37.69
CA THR M 109 -37.60 -28.21 37.63
C THR M 109 -38.63 -27.76 36.61
N VAL M 110 -39.01 -28.66 35.68
CA VAL M 110 -39.83 -28.35 34.52
C VAL M 110 -40.67 -29.59 34.16
N ASN M 111 -41.80 -29.39 33.46
CA ASN M 111 -42.66 -30.50 33.03
C ASN M 111 -43.28 -30.27 31.64
N PHE N 1 20.51 9.54 -21.54
CA PHE N 1 20.93 8.32 -20.81
C PHE N 1 21.78 7.46 -21.73
N THR N 2 22.77 6.75 -21.17
CA THR N 2 23.58 5.82 -21.96
C THR N 2 22.78 4.57 -22.32
N LEU N 3 23.25 3.82 -23.32
CA LEU N 3 22.59 2.57 -23.71
C LEU N 3 22.66 1.52 -22.60
N ILE N 4 23.73 1.54 -21.81
CA ILE N 4 23.88 0.63 -20.66
C ILE N 4 22.78 0.91 -19.63
N GLU N 5 22.55 2.18 -19.27
CA GLU N 5 21.52 2.53 -18.31
C GLU N 5 20.14 2.11 -18.80
N LEU N 6 19.83 2.30 -20.08
CA LEU N 6 18.58 1.85 -20.67
C LEU N 6 18.46 0.32 -20.63
N ALA N 7 19.56 -0.42 -20.86
CA ALA N 7 19.57 -1.88 -20.78
C ALA N 7 19.26 -2.36 -19.37
N ILE N 8 19.88 -1.74 -18.36
CA ILE N 8 19.66 -1.99 -16.95
C ILE N 8 18.19 -1.73 -16.59
N VAL N 9 17.62 -0.61 -17.06
CA VAL N 9 16.22 -0.26 -16.85
C VAL N 9 15.30 -1.30 -17.46
N ILE N 10 15.57 -1.74 -18.70
CA ILE N 10 14.77 -2.76 -19.39
C ILE N 10 14.77 -4.07 -18.61
N VAL N 11 15.89 -4.43 -17.97
CA VAL N 11 15.98 -5.60 -17.10
C VAL N 11 15.13 -5.42 -15.84
N ILE N 12 15.34 -4.31 -15.10
CA ILE N 12 14.73 -4.13 -13.80
C ILE N 12 13.22 -3.92 -13.88
N ILE N 13 12.71 -3.21 -14.90
CA ILE N 13 11.27 -3.07 -15.11
C ILE N 13 10.61 -4.45 -15.21
N GLY N 14 11.23 -5.37 -15.96
CA GLY N 14 10.70 -6.70 -16.15
C GLY N 14 10.65 -7.54 -14.87
N ILE N 15 11.41 -7.15 -13.84
CA ILE N 15 11.49 -7.86 -12.56
C ILE N 15 10.63 -7.18 -11.49
N LEU N 16 10.45 -5.85 -11.54
CA LEU N 16 9.56 -5.18 -10.59
C LEU N 16 8.10 -5.28 -10.99
N VAL N 17 7.82 -5.52 -12.28
CA VAL N 17 6.57 -6.12 -12.72
C VAL N 17 6.70 -7.63 -12.49
N ALA N 18 5.63 -8.42 -12.66
CA ALA N 18 5.65 -9.84 -12.34
C ALA N 18 5.91 -10.12 -10.86
N ILE N 19 5.46 -9.16 -10.03
CA ILE N 19 5.12 -9.41 -8.63
C ILE N 19 3.68 -9.91 -8.59
N ALA N 20 3.25 -10.45 -7.43
CA ALA N 20 1.83 -10.51 -7.13
C ALA N 20 1.31 -9.12 -6.72
N VAL N 21 0.01 -8.89 -6.89
CA VAL N 21 -0.67 -7.70 -6.38
C VAL N 21 -2.07 -8.14 -5.92
N PRO N 22 -2.63 -7.62 -4.80
CA PRO N 22 -3.94 -8.06 -4.34
C PRO N 22 -5.06 -7.58 -5.26
N ARG N 23 -6.12 -8.39 -5.38
CA ARG N 23 -7.36 -7.91 -5.98
C ARG N 23 -8.10 -7.04 -4.97
N PHE N 24 -8.77 -5.99 -5.46
CA PHE N 24 -9.83 -5.41 -4.66
C PHE N 24 -11.02 -6.36 -4.67
N VAL N 25 -11.73 -6.46 -3.53
CA VAL N 25 -12.87 -7.34 -3.39
C VAL N 25 -14.02 -6.55 -2.75
N ASP N 26 -15.23 -6.72 -3.29
CA ASP N 26 -16.41 -6.12 -2.69
C ASP N 26 -16.81 -6.90 -1.43
N LEU N 27 -16.19 -6.54 -0.30
CA LEU N 27 -16.50 -7.15 0.99
C LEU N 27 -17.69 -6.49 1.68
N THR N 28 -18.50 -5.71 0.96
CA THR N 28 -19.59 -4.97 1.59
C THR N 28 -20.69 -5.89 2.11
N ASP N 29 -20.86 -7.10 1.56
CA ASP N 29 -21.84 -8.06 2.06
C ASP N 29 -21.52 -8.49 3.50
N GLN N 30 -20.27 -8.87 3.76
CA GLN N 30 -19.81 -9.29 5.08
C GLN N 30 -19.89 -8.14 6.07
N ALA N 31 -19.47 -6.95 5.65
CA ALA N 31 -19.54 -5.75 6.48
C ALA N 31 -20.99 -5.35 6.77
N ASN N 32 -21.88 -5.41 5.76
CA ASN N 32 -23.30 -5.11 5.92
C ASN N 32 -23.94 -6.08 6.91
N GLN N 33 -23.60 -7.37 6.84
CA GLN N 33 -24.13 -8.35 7.77
C GLN N 33 -23.72 -8.01 9.20
N ALA N 34 -22.45 -7.68 9.44
CA ALA N 34 -21.98 -7.27 10.75
C ALA N 34 -22.65 -5.99 11.24
N ASN N 35 -22.92 -5.02 10.35
CA ASN N 35 -23.65 -3.81 10.69
C ASN N 35 -25.07 -4.15 11.16
N VAL N 36 -25.77 -5.02 10.42
CA VAL N 36 -27.13 -5.45 10.75
C VAL N 36 -27.15 -6.18 12.09
N ASP N 37 -26.20 -7.09 12.33
CA ASP N 37 -26.09 -7.82 13.57
C ASP N 37 -25.79 -6.90 14.76
N ALA N 38 -24.78 -6.03 14.66
CA ALA N 38 -24.48 -5.06 15.70
C ALA N 38 -25.67 -4.13 15.99
N THR N 39 -26.39 -3.71 14.95
CA THR N 39 -27.58 -2.90 15.09
C THR N 39 -28.70 -3.68 15.79
N ALA N 40 -28.87 -4.96 15.47
CA ALA N 40 -29.84 -5.82 16.13
C ALA N 40 -29.56 -5.97 17.63
N ALA N 41 -28.28 -6.11 18.02
CA ALA N 41 -27.88 -6.10 19.43
C ALA N 41 -28.27 -4.79 20.11
N ALA N 42 -28.01 -3.66 19.45
CA ALA N 42 -28.37 -2.35 19.96
C ALA N 42 -29.89 -2.20 20.14
N VAL N 43 -30.70 -2.68 19.18
CA VAL N 43 -32.15 -2.62 19.28
C VAL N 43 -32.66 -3.43 20.47
N ARG N 44 -32.12 -4.63 20.70
CA ARG N 44 -32.47 -5.44 21.87
C ARG N 44 -32.19 -4.72 23.17
N SER N 45 -31.01 -4.11 23.32
CA SER N 45 -30.66 -3.35 24.52
C SER N 45 -31.55 -2.12 24.68
N ALA N 46 -31.78 -1.37 23.59
CA ALA N 46 -32.64 -0.19 23.59
C ALA N 46 -34.08 -0.55 24.01
N TYR N 47 -34.58 -1.69 23.55
CA TYR N 47 -35.87 -2.23 23.95
C TYR N 47 -35.88 -2.57 25.44
N ALA N 48 -34.87 -3.31 25.92
CA ALA N 48 -34.80 -3.67 27.33
C ALA N 48 -34.79 -2.42 28.23
N ILE N 49 -33.97 -1.42 27.91
CA ILE N 49 -33.96 -0.13 28.61
C ILE N 49 -35.34 0.54 28.56
N ALA N 50 -36.00 0.50 27.40
CA ALA N 50 -37.33 1.06 27.23
C ALA N 50 -38.38 0.38 28.12
N THR N 51 -38.27 -0.94 28.38
CA THR N 51 -39.22 -1.61 29.26
C THR N 51 -39.14 -1.12 30.71
N VAL N 52 -37.96 -0.65 31.16
CA VAL N 52 -37.82 -0.04 32.47
C VAL N 52 -38.42 1.36 32.46
N GLN N 53 -38.07 2.19 31.46
CA GLN N 53 -38.61 3.54 31.32
C GLN N 53 -40.14 3.56 31.25
N ALA N 54 -40.72 2.66 30.45
CA ALA N 54 -42.15 2.54 30.22
C ALA N 54 -42.88 1.91 31.42
N LYS N 55 -42.15 1.26 32.34
CA LYS N 55 -42.70 0.45 33.43
C LYS N 55 -43.75 -0.53 32.88
N GLY N 56 -43.38 -1.25 31.81
CA GLY N 56 -44.28 -2.09 31.05
C GLY N 56 -43.81 -2.25 29.59
N ILE N 57 -44.74 -2.67 28.70
CA ILE N 57 -44.42 -2.78 27.28
C ILE N 57 -44.18 -1.39 26.70
N PRO N 58 -43.04 -1.14 26.00
CA PRO N 58 -42.73 0.19 25.47
C PRO N 58 -43.43 0.46 24.14
N THR N 59 -43.57 1.74 23.82
CA THR N 59 -43.97 2.16 22.48
C THR N 59 -42.78 2.06 21.52
N CYS N 60 -43.07 2.01 20.21
CA CYS N 60 -42.04 2.02 19.18
C CYS N 60 -41.09 3.22 19.30
N ASP N 61 -41.63 4.40 19.62
CA ASP N 61 -40.86 5.62 19.83
C ASP N 61 -39.96 5.57 21.07
N GLN N 62 -40.45 4.98 22.17
CA GLN N 62 -39.65 4.81 23.38
C GLN N 62 -38.41 3.93 23.12
N VAL N 63 -38.54 2.92 22.26
CA VAL N 63 -37.42 2.09 21.87
C VAL N 63 -36.40 2.90 21.07
N PHE N 64 -36.84 3.60 20.01
CA PHE N 64 -35.91 4.37 19.19
C PHE N 64 -35.28 5.56 19.92
N ALA N 65 -35.94 6.09 20.96
CA ALA N 65 -35.35 7.12 21.81
C ALA N 65 -34.01 6.69 22.42
N ASN N 66 -33.81 5.39 22.63
CA ASN N 66 -32.61 4.84 23.24
C ASN N 66 -31.51 4.45 22.23
N LEU N 67 -31.67 4.77 20.93
CA LEU N 67 -30.64 4.50 19.92
C LEU N 67 -29.92 5.80 19.54
N GLU N 68 -28.58 5.74 19.53
CA GLU N 68 -27.74 6.93 19.41
C GLU N 68 -27.43 7.32 17.96
N GLY N 69 -27.14 6.33 17.10
CA GLY N 69 -26.39 6.57 15.86
C GLY N 69 -27.18 7.07 14.64
N GLY N 70 -28.27 7.80 14.85
CA GLY N 70 -29.17 8.12 13.75
C GLY N 70 -30.39 8.92 14.21
N SER N 71 -31.45 8.90 13.38
CA SER N 71 -32.64 9.71 13.57
C SER N 71 -33.89 8.90 13.25
N THR N 72 -35.07 9.40 13.69
CA THR N 72 -36.32 8.66 13.51
C THR N 72 -37.40 9.54 12.85
N SER N 73 -38.18 8.91 11.97
CA SER N 73 -39.43 9.42 11.41
C SER N 73 -40.47 8.34 11.62
N GLY N 74 -41.69 8.70 12.01
CA GLY N 74 -42.64 7.82 12.68
C GLY N 74 -42.58 6.33 12.32
N SER N 75 -42.32 5.46 13.33
CA SER N 75 -42.19 4.01 13.24
C SER N 75 -40.91 3.48 12.54
N THR N 76 -39.98 4.35 12.12
CA THR N 76 -38.68 3.90 11.59
C THR N 76 -37.52 4.76 12.11
N TRP N 77 -36.36 4.12 12.26
CA TRP N 77 -35.11 4.75 12.65
C TRP N 77 -34.09 4.49 11.54
N THR N 78 -33.25 5.49 11.23
CA THR N 78 -32.29 5.39 10.12
C THR N 78 -30.93 5.88 10.61
N SER N 79 -29.85 5.16 10.29
CA SER N 79 -28.49 5.56 10.66
C SER N 79 -28.13 6.89 10.00
N SER N 80 -27.27 7.70 10.65
CA SER N 80 -26.98 9.04 10.15
C SER N 80 -26.37 9.05 8.74
N ASP N 81 -25.55 8.04 8.41
CA ASP N 81 -25.28 7.65 7.04
C ASP N 81 -26.39 6.69 6.62
N ASN N 82 -27.28 7.10 5.70
CA ASN N 82 -28.67 6.65 5.62
C ASN N 82 -28.94 5.18 5.29
N SER N 83 -27.91 4.33 5.13
CA SER N 83 -28.09 2.99 4.56
C SER N 83 -28.71 1.96 5.51
N THR N 84 -28.47 2.06 6.83
CA THR N 84 -29.06 1.11 7.78
C THR N 84 -30.40 1.62 8.28
N THR N 85 -31.42 0.76 8.22
CA THR N 85 -32.77 1.09 8.64
C THR N 85 -33.25 0.12 9.72
N VAL N 86 -34.00 0.63 10.70
CA VAL N 86 -34.79 -0.19 11.61
C VAL N 86 -36.26 0.25 11.48
N SER N 87 -37.22 -0.67 11.52
CA SER N 87 -38.63 -0.28 11.50
C SER N 87 -39.48 -1.19 12.38
N CYS N 88 -40.51 -0.61 13.02
CA CYS N 88 -41.52 -1.37 13.74
C CYS N 88 -42.69 -1.76 12.82
N ASN N 89 -43.26 -2.92 13.10
CA ASN N 89 -44.65 -3.21 12.79
C ASN N 89 -45.32 -3.47 14.14
N ALA N 90 -45.82 -2.41 14.78
CA ALA N 90 -46.29 -2.49 16.17
C ALA N 90 -47.52 -3.40 16.35
N SER N 91 -48.30 -3.58 15.27
CA SER N 91 -49.41 -4.52 15.17
C SER N 91 -48.94 -5.97 15.01
N ALA N 92 -47.73 -6.16 14.45
CA ALA N 92 -47.11 -7.46 14.23
C ALA N 92 -46.04 -7.79 15.28
N ASP N 93 -45.87 -6.94 16.31
CA ASP N 93 -44.93 -7.14 17.42
C ASP N 93 -43.52 -7.49 16.92
N THR N 94 -43.03 -6.68 15.97
CA THR N 94 -41.82 -7.00 15.21
C THR N 94 -41.00 -5.75 14.90
N PHE N 95 -39.66 -5.87 15.01
CA PHE N 95 -38.70 -4.91 14.45
C PHE N 95 -37.94 -5.58 13.31
N THR N 96 -37.79 -4.88 12.17
CA THR N 96 -36.90 -5.34 11.11
C THR N 96 -35.70 -4.41 11.00
N ILE N 97 -34.49 -4.99 11.02
CA ILE N 97 -33.24 -4.27 10.83
C ILE N 97 -32.68 -4.66 9.47
N SER N 98 -32.31 -3.69 8.62
CA SER N 98 -31.79 -4.03 7.30
C SER N 98 -30.77 -3.02 6.77
N ARG N 99 -29.87 -3.50 5.92
CA ARG N 99 -28.83 -2.71 5.25
C ARG N 99 -28.36 -3.44 4.00
N GLY N 100 -28.46 -2.79 2.83
CA GLY N 100 -27.95 -3.34 1.58
C GLY N 100 -28.42 -4.77 1.28
N GLY N 101 -29.68 -5.08 1.61
CA GLY N 101 -30.25 -6.39 1.33
C GLY N 101 -30.01 -7.43 2.43
N LYS N 102 -29.01 -7.21 3.31
CA LYS N 102 -28.85 -8.01 4.51
C LYS N 102 -29.92 -7.58 5.51
N THR N 103 -30.53 -8.54 6.24
CA THR N 103 -31.70 -8.25 7.06
C THR N 103 -31.77 -9.16 8.29
N ARG N 104 -32.43 -8.67 9.35
CA ARG N 104 -32.70 -9.44 10.56
C ARG N 104 -34.02 -8.96 11.17
N THR N 105 -34.72 -9.88 11.87
CA THR N 105 -36.03 -9.57 12.43
C THR N 105 -36.06 -9.94 13.91
N LEU N 106 -36.58 -9.04 14.76
CA LEU N 106 -36.74 -9.28 16.18
C LEU N 106 -38.22 -9.30 16.55
N ASN N 107 -38.69 -10.40 17.17
CA ASN N 107 -40.10 -10.53 17.56
C ASN N 107 -40.29 -10.09 19.01
N LEU N 108 -40.25 -8.77 19.23
CA LEU N 108 -40.41 -8.13 20.53
C LEU N 108 -41.76 -7.42 20.60
N THR N 109 -42.57 -7.70 21.63
CA THR N 109 -43.88 -7.08 21.78
C THR N 109 -43.75 -5.59 22.07
N VAL N 110 -44.46 -4.77 21.28
CA VAL N 110 -44.32 -3.31 21.27
C VAL N 110 -45.66 -2.68 20.90
N ASN N 111 -45.89 -1.42 21.29
CA ASN N 111 -47.12 -0.70 20.96
C ASN N 111 -46.88 0.80 20.65
N PHE O 1 31.11 7.62 -27.88
CA PHE O 1 30.10 6.63 -28.36
C PHE O 1 30.04 6.71 -29.89
N THR O 2 29.79 5.56 -30.55
CA THR O 2 29.61 5.56 -31.99
C THR O 2 28.26 6.15 -32.38
N LEU O 3 28.11 6.54 -33.65
CA LEU O 3 26.85 7.08 -34.15
C LEU O 3 25.73 6.03 -34.11
N ILE O 4 26.07 4.76 -34.29
CA ILE O 4 25.11 3.66 -34.19
C ILE O 4 24.53 3.58 -32.78
N GLU O 5 25.39 3.62 -31.76
CA GLU O 5 24.95 3.55 -30.37
C GLU O 5 24.02 4.73 -30.04
N LEU O 6 24.36 5.94 -30.50
CA LEU O 6 23.51 7.10 -30.31
C LEU O 6 22.17 6.94 -31.04
N ALA O 7 22.15 6.36 -32.24
CA ALA O 7 20.93 6.09 -32.98
C ALA O 7 20.01 5.13 -32.23
N ILE O 8 20.59 4.04 -31.70
CA ILE O 8 19.90 3.06 -30.88
C ILE O 8 19.31 3.72 -29.62
N VAL O 9 20.09 4.58 -28.95
CA VAL O 9 19.64 5.33 -27.79
C VAL O 9 18.46 6.25 -28.13
N ILE O 10 18.54 6.98 -29.25
CA ILE O 10 17.49 7.87 -29.72
C ILE O 10 16.19 7.09 -29.97
N VAL O 11 16.28 5.85 -30.47
CA VAL O 11 15.13 4.97 -30.64
C VAL O 11 14.55 4.54 -29.30
N ILE O 12 15.39 4.00 -28.41
CA ILE O 12 14.91 3.38 -27.17
C ILE O 12 14.35 4.42 -26.20
N ILE O 13 14.96 5.62 -26.08
CA ILE O 13 14.42 6.69 -25.26
C ILE O 13 12.97 6.99 -25.66
N GLY O 14 12.70 7.06 -26.97
CA GLY O 14 11.37 7.37 -27.47
C GLY O 14 10.32 6.31 -27.14
N ILE O 15 10.77 5.08 -26.80
CA ILE O 15 9.89 3.97 -26.48
C ILE O 15 9.77 3.74 -24.97
N LEU O 16 10.79 4.07 -24.17
CA LEU O 16 10.68 3.98 -22.72
C LEU O 16 9.97 5.19 -22.12
N VAL O 17 9.97 6.32 -22.82
CA VAL O 17 8.96 7.35 -22.64
C VAL O 17 7.70 6.90 -23.41
N ALA O 18 6.56 7.58 -23.26
CA ALA O 18 5.31 7.12 -23.87
C ALA O 18 4.83 5.79 -23.29
N ILE O 19 5.20 5.55 -22.03
CA ILE O 19 4.47 4.66 -21.14
C ILE O 19 3.33 5.45 -20.51
N ALA O 20 2.39 4.75 -19.86
CA ALA O 20 1.56 5.40 -18.84
C ALA O 20 2.35 5.57 -17.55
N VAL O 21 1.95 6.55 -16.73
CA VAL O 21 2.47 6.74 -15.38
C VAL O 21 1.31 7.19 -14.50
N PRO O 22 1.19 6.75 -13.22
CA PRO O 22 0.06 7.14 -12.39
C PRO O 22 0.13 8.62 -11.99
N ARG O 23 -1.03 9.25 -11.84
CA ARG O 23 -1.09 10.55 -11.18
C ARG O 23 -0.99 10.36 -9.67
N PHE O 24 -0.32 11.28 -8.98
CA PHE O 24 -0.55 11.40 -7.55
C PHE O 24 -1.95 12.01 -7.34
N VAL O 25 -2.65 11.55 -6.30
CA VAL O 25 -3.99 12.04 -5.99
C VAL O 25 -4.05 12.36 -4.50
N ASP O 26 -4.66 13.51 -4.17
CA ASP O 26 -4.89 13.86 -2.78
C ASP O 26 -6.05 13.04 -2.21
N LEU O 27 -5.74 11.83 -1.74
CA LEU O 27 -6.72 10.94 -1.13
C LEU O 27 -6.93 11.23 0.36
N THR O 28 -6.49 12.40 0.85
CA THR O 28 -6.58 12.68 2.27
C THR O 28 -8.03 12.84 2.75
N ASP O 29 -8.97 13.21 1.88
CA ASP O 29 -10.38 13.30 2.26
C ASP O 29 -10.94 11.93 2.68
N GLN O 30 -10.71 10.91 1.86
CA GLN O 30 -11.17 9.55 2.12
C GLN O 30 -10.49 8.99 3.37
N ALA O 31 -9.18 9.21 3.51
CA ALA O 31 -8.43 8.76 4.68
C ALA O 31 -8.88 9.50 5.95
N ASN O 32 -9.12 10.82 5.87
CA ASN O 32 -9.62 11.61 6.98
C ASN O 32 -10.99 11.12 7.43
N GLN O 33 -11.87 10.79 6.50
CA GLN O 33 -13.19 10.27 6.82
C GLN O 33 -13.07 8.95 7.61
N ALA O 34 -12.22 8.04 7.13
CA ALA O 34 -11.98 6.78 7.84
C ALA O 34 -11.37 7.00 9.22
N ASN O 35 -10.47 7.97 9.38
CA ASN O 35 -9.91 8.33 10.68
C ASN O 35 -11.01 8.80 11.63
N VAL O 36 -11.89 9.69 11.17
CA VAL O 36 -13.00 10.23 11.95
C VAL O 36 -13.96 9.10 12.36
N ASP O 37 -14.30 8.21 11.43
CA ASP O 37 -15.17 7.07 11.70
C ASP O 37 -14.56 6.09 12.70
N ALA O 38 -13.31 5.68 12.49
CA ALA O 38 -12.61 4.80 13.43
C ALA O 38 -12.49 5.44 14.83
N THR O 39 -12.24 6.75 14.89
CA THR O 39 -12.19 7.49 16.14
C THR O 39 -13.57 7.54 16.80
N ALA O 40 -14.64 7.72 16.03
CA ALA O 40 -16.00 7.70 16.54
C ALA O 40 -16.35 6.34 17.17
N ALA O 41 -15.95 5.23 16.55
CA ALA O 41 -16.09 3.90 17.12
C ALA O 41 -15.36 3.80 18.46
N ALA O 42 -14.12 4.29 18.52
CA ALA O 42 -13.34 4.30 19.75
C ALA O 42 -14.01 5.12 20.85
N VAL O 43 -14.57 6.30 20.54
CA VAL O 43 -15.26 7.14 21.51
C VAL O 43 -16.49 6.42 22.08
N ARG O 44 -17.27 5.73 21.24
CA ARG O 44 -18.42 4.95 21.70
C ARG O 44 -18.00 3.87 22.68
N SER O 45 -16.95 3.10 22.37
CA SER O 45 -16.45 2.06 23.27
C SER O 45 -15.91 2.65 24.56
N ALA O 46 -15.12 3.73 24.47
CA ALA O 46 -14.57 4.42 25.63
C ALA O 46 -15.67 4.95 26.55
N TYR O 47 -16.76 5.46 25.97
CA TYR O 47 -17.94 5.88 26.71
C TYR O 47 -18.61 4.69 27.40
N ALA O 48 -18.85 3.60 26.67
CA ALA O 48 -19.46 2.41 27.25
C ALA O 48 -18.64 1.89 28.45
N ILE O 49 -17.33 1.75 28.30
CA ILE O 49 -16.42 1.37 29.39
C ILE O 49 -16.54 2.36 30.56
N ALA O 50 -16.59 3.67 30.26
CA ALA O 50 -16.74 4.70 31.28
C ALA O 50 -18.06 4.57 32.07
N THR O 51 -19.16 4.13 31.46
CA THR O 51 -20.42 3.95 32.19
C THR O 51 -20.33 2.83 33.24
N VAL O 52 -19.47 1.83 33.03
CA VAL O 52 -19.22 0.80 34.04
C VAL O 52 -18.34 1.37 35.16
N GLN O 53 -17.23 2.04 34.81
CA GLN O 53 -16.34 2.66 35.78
C GLN O 53 -17.06 3.67 36.68
N ALA O 54 -17.89 4.53 36.08
CA ALA O 54 -18.65 5.57 36.76
C ALA O 54 -19.82 5.02 37.56
N LYS O 55 -20.24 3.76 37.31
CA LYS O 55 -21.46 3.16 37.84
C LYS O 55 -22.66 4.10 37.64
N GLY O 56 -22.80 4.60 36.40
CA GLY O 56 -23.76 5.64 36.05
C GLY O 56 -23.30 6.45 34.83
N ILE O 57 -23.86 7.66 34.65
CA ILE O 57 -23.45 8.55 33.57
C ILE O 57 -22.03 9.02 33.83
N PRO O 58 -21.08 8.88 32.86
CA PRO O 58 -19.70 9.29 33.07
C PRO O 58 -19.49 10.78 32.86
N THR O 59 -18.40 11.29 33.47
CA THR O 59 -17.92 12.63 33.15
C THR O 59 -17.16 12.63 31.82
N CYS O 60 -17.03 13.81 31.20
CA CYS O 60 -16.26 13.97 29.98
C CYS O 60 -14.81 13.45 30.11
N ASP O 61 -14.17 13.69 31.27
CA ASP O 61 -12.83 13.22 31.57
C ASP O 61 -12.75 11.70 31.72
N GLN O 62 -13.75 11.07 32.33
CA GLN O 62 -13.80 9.61 32.45
C GLN O 62 -13.86 8.93 31.09
N VAL O 63 -14.55 9.53 30.12
CA VAL O 63 -14.59 9.04 28.76
C VAL O 63 -13.21 9.13 28.11
N PHE O 64 -12.57 10.31 28.13
CA PHE O 64 -11.27 10.47 27.50
C PHE O 64 -10.16 9.68 28.19
N ALA O 65 -10.30 9.35 29.49
CA ALA O 65 -9.36 8.48 30.16
C ALA O 65 -9.21 7.11 29.48
N ASN O 66 -10.25 6.64 28.78
CA ASN O 66 -10.27 5.36 28.11
C ASN O 66 -9.80 5.41 26.64
N LEU O 67 -9.28 6.54 26.14
CA LEU O 67 -8.75 6.65 24.79
C LEU O 67 -7.21 6.68 24.82
N GLU O 68 -6.60 5.85 23.97
CA GLU O 68 -5.16 5.58 24.04
C GLU O 68 -4.32 6.56 23.20
N GLY O 69 -4.78 6.90 21.99
CA GLY O 69 -3.90 7.43 20.94
C GLY O 69 -3.58 8.92 20.97
N GLY O 70 -3.56 9.55 22.15
CA GLY O 70 -3.46 11.00 22.24
C GLY O 70 -3.51 11.51 23.68
N SER O 71 -3.83 12.80 23.83
CA SER O 71 -3.79 13.50 25.10
C SER O 71 -5.01 14.41 25.25
N THR O 72 -5.29 14.87 26.48
CA THR O 72 -6.47 15.68 26.76
C THR O 72 -6.11 16.98 27.49
N SER O 73 -6.79 18.07 27.11
CA SER O 73 -6.84 19.34 27.82
C SER O 73 -8.31 19.69 28.00
N GLY O 74 -8.71 20.20 29.17
CA GLY O 74 -10.09 20.13 29.67
C GLY O 74 -11.20 20.18 28.61
N SER O 75 -12.04 19.13 28.58
CA SER O 75 -13.17 18.92 27.66
C SER O 75 -12.81 18.59 26.21
N THR O 76 -11.52 18.46 25.86
CA THR O 76 -11.12 18.01 24.52
C THR O 76 -9.96 17.00 24.58
N TRP O 77 -9.96 16.07 23.61
CA TRP O 77 -8.92 15.08 23.41
C TRP O 77 -8.35 15.26 22.00
N THR O 78 -7.04 15.12 21.83
CA THR O 78 -6.35 15.36 20.57
C THR O 78 -5.39 14.21 20.27
N SER O 79 -5.39 13.69 19.04
CA SER O 79 -4.48 12.62 18.64
C SER O 79 -3.03 13.09 18.76
N SER O 80 -2.09 12.16 19.05
CA SER O 80 -0.70 12.54 19.30
C SER O 80 -0.04 13.25 18.10
N ASP O 81 -0.39 12.86 16.88
CA ASP O 81 -0.23 13.71 15.70
C ASP O 81 -1.49 14.59 15.62
N ASN O 82 -1.35 15.91 15.85
CA ASN O 82 -2.39 16.77 16.41
C ASN O 82 -3.67 17.00 15.58
N SER O 83 -3.83 16.37 14.41
CA SER O 83 -4.88 16.74 13.46
C SER O 83 -6.29 16.24 13.85
N THR O 84 -6.43 15.09 14.52
CA THR O 84 -7.74 14.60 14.92
C THR O 84 -8.10 15.12 16.31
N THR O 85 -9.31 15.67 16.43
CA THR O 85 -9.81 16.23 17.68
C THR O 85 -11.11 15.57 18.08
N VAL O 86 -11.32 15.34 19.38
CA VAL O 86 -12.62 15.03 19.96
C VAL O 86 -12.93 16.09 21.01
N SER O 87 -14.19 16.54 21.13
CA SER O 87 -14.55 17.48 22.19
C SER O 87 -15.96 17.20 22.73
N CYS O 88 -16.14 17.42 24.03
CA CYS O 88 -17.46 17.39 24.66
C CYS O 88 -18.12 18.77 24.63
N ASN O 89 -19.44 18.77 24.51
CA ASN O 89 -20.29 19.82 25.04
C ASN O 89 -21.17 19.16 26.08
N ALA O 90 -20.70 19.11 27.34
CA ALA O 90 -21.34 18.32 28.39
C ALA O 90 -22.74 18.82 28.75
N SER O 91 -23.02 20.11 28.51
CA SER O 91 -24.32 20.76 28.62
C SER O 91 -25.26 20.40 27.46
N ALA O 92 -24.69 20.05 26.29
CA ALA O 92 -25.41 19.66 25.09
C ALA O 92 -25.41 18.13 24.87
N ASP O 93 -24.88 17.35 25.83
CA ASP O 93 -24.85 15.89 25.80
C ASP O 93 -24.33 15.36 24.45
N THR O 94 -23.18 15.89 24.04
CA THR O 94 -22.66 15.68 22.68
C THR O 94 -21.13 15.58 22.67
N PHE O 95 -20.60 14.65 21.85
CA PHE O 95 -19.20 14.61 21.45
C PHE O 95 -19.07 14.93 19.97
N THR O 96 -18.14 15.82 19.59
CA THR O 96 -17.82 16.03 18.18
C THR O 96 -16.42 15.49 17.89
N ILE O 97 -16.31 14.65 16.85
CA ILE O 97 -15.04 14.11 16.37
C ILE O 97 -14.76 14.77 15.02
N SER O 98 -13.55 15.33 14.82
CA SER O 98 -13.24 15.98 13.55
C SER O 98 -11.76 15.88 13.16
N ARG O 99 -11.51 15.92 11.84
CA ARG O 99 -10.18 15.90 11.26
C ARG O 99 -10.24 16.47 9.85
N GLY O 100 -9.45 17.52 9.57
CA GLY O 100 -9.35 18.11 8.24
C GLY O 100 -10.69 18.43 7.58
N GLY O 101 -11.65 18.92 8.39
CA GLY O 101 -12.95 19.31 7.86
C GLY O 101 -13.98 18.17 7.80
N LYS O 102 -13.53 16.91 7.81
CA LYS O 102 -14.42 15.76 7.99
C LYS O 102 -14.84 15.71 9.46
N THR O 103 -16.11 15.40 9.74
CA THR O 103 -16.66 15.53 11.09
C THR O 103 -17.76 14.50 11.36
N ARG O 104 -17.95 14.16 12.64
CA ARG O 104 -19.01 13.29 13.11
C ARG O 104 -19.43 13.70 14.51
N THR O 105 -20.71 13.48 14.87
CA THR O 105 -21.24 13.89 16.15
C THR O 105 -21.94 12.71 16.83
N LEU O 106 -21.66 12.51 18.13
CA LEU O 106 -22.29 11.47 18.93
C LEU O 106 -23.13 12.10 20.03
N ASN O 107 -24.44 11.77 20.09
CA ASN O 107 -25.34 12.33 21.10
C ASN O 107 -25.44 11.39 22.30
N LEU O 108 -24.37 11.37 23.12
CA LEU O 108 -24.24 10.54 24.32
C LEU O 108 -24.33 11.42 25.56
N THR O 109 -25.22 11.09 26.51
CA THR O 109 -25.39 11.88 27.73
C THR O 109 -24.16 11.78 28.61
N VAL O 110 -23.62 12.94 29.02
CA VAL O 110 -22.34 13.05 29.72
C VAL O 110 -22.38 14.26 30.66
N ASN O 111 -21.53 14.26 31.70
CA ASN O 111 -21.46 15.38 32.65
C ASN O 111 -20.03 15.67 33.13
N PHE P 1 36.30 5.71 -39.05
CA PHE P 1 35.10 6.58 -39.25
C PHE P 1 35.51 7.80 -40.07
N THR P 2 34.61 8.31 -40.91
CA THR P 2 34.89 9.53 -41.66
C THR P 2 34.82 10.75 -40.75
N LEU P 3 35.39 11.88 -41.19
CA LEU P 3 35.33 13.12 -40.41
C LEU P 3 33.89 13.65 -40.26
N ILE P 4 33.04 13.40 -41.27
CA ILE P 4 31.64 13.78 -41.21
C ILE P 4 30.93 13.02 -40.08
N GLU P 5 31.13 11.70 -39.99
CA GLU P 5 30.51 10.90 -38.94
C GLU P 5 30.95 11.38 -37.55
N LEU P 6 32.24 11.69 -37.37
CA LEU P 6 32.75 12.24 -36.12
C LEU P 6 32.13 13.61 -35.81
N ALA P 7 31.93 14.46 -36.82
CA ALA P 7 31.29 15.76 -36.65
C ALA P 7 29.85 15.61 -36.17
N ILE P 8 29.10 14.69 -36.80
CA ILE P 8 27.73 14.35 -36.42
C ILE P 8 27.68 13.83 -34.97
N VAL P 9 28.60 12.95 -34.60
CA VAL P 9 28.72 12.43 -33.24
C VAL P 9 28.99 13.55 -32.24
N ILE P 10 29.92 14.46 -32.54
CA ILE P 10 30.25 15.61 -31.70
C ILE P 10 29.03 16.50 -31.46
N VAL P 11 28.17 16.66 -32.48
CA VAL P 11 26.91 17.40 -32.36
C VAL P 11 25.93 16.65 -31.44
N ILE P 12 25.66 15.37 -31.72
CA ILE P 12 24.62 14.62 -31.04
C ILE P 12 24.95 14.36 -29.57
N ILE P 13 26.22 14.07 -29.24
CA ILE P 13 26.65 13.91 -27.86
C ILE P 13 26.28 15.15 -27.04
N GLY P 14 26.54 16.34 -27.60
CA GLY P 14 26.26 17.60 -26.93
C GLY P 14 24.78 17.85 -26.67
N ILE P 15 23.89 17.14 -27.39
CA ILE P 15 22.44 17.29 -27.27
C ILE P 15 21.82 16.17 -26.44
N LEU P 16 22.40 14.96 -26.41
CA LEU P 16 21.90 13.90 -25.55
C LEU P 16 22.41 14.03 -24.12
N VAL P 17 23.53 14.73 -23.92
CA VAL P 17 23.85 15.35 -22.64
C VAL P 17 23.05 16.66 -22.56
N ALA P 18 23.01 17.35 -21.41
CA ALA P 18 22.17 18.54 -21.26
C ALA P 18 20.67 18.21 -21.35
N ILE P 19 20.33 16.97 -20.96
CA ILE P 19 19.00 16.62 -20.48
C ILE P 19 18.95 16.94 -18.99
N ALA P 20 17.73 16.92 -18.41
CA ALA P 20 17.62 16.75 -16.97
C ALA P 20 17.83 15.28 -16.60
N VAL P 21 18.24 15.04 -15.35
CA VAL P 21 18.31 13.69 -14.78
C VAL P 21 17.88 13.79 -13.31
N PRO P 22 17.14 12.82 -12.73
CA PRO P 22 16.71 12.92 -11.34
C PRO P 22 17.87 12.77 -10.37
N ARG P 23 17.79 13.45 -9.23
CA ARG P 23 18.67 13.16 -8.12
C ARG P 23 18.18 11.90 -7.40
N PHE P 24 19.11 11.09 -6.92
CA PHE P 24 18.73 10.14 -5.88
C PHE P 24 18.50 10.91 -4.58
N VAL P 25 17.51 10.49 -3.78
CA VAL P 25 17.18 11.15 -2.53
C VAL P 25 17.04 10.08 -1.45
N ASP P 26 17.61 10.35 -0.27
CA ASP P 26 17.44 9.47 0.87
C ASP P 26 16.04 9.65 1.47
N LEU P 27 15.07 8.91 0.90
CA LEU P 27 13.68 8.94 1.37
C LEU P 27 13.45 7.96 2.54
N THR P 28 14.52 7.46 3.19
CA THR P 28 14.35 6.46 4.22
C THR P 28 13.66 7.00 5.46
N ASP P 29 13.72 8.31 5.73
CA ASP P 29 13.00 8.91 6.86
C ASP P 29 11.48 8.75 6.71
N GLN P 30 10.95 9.10 5.53
CA GLN P 30 9.52 9.00 5.24
C GLN P 30 9.07 7.53 5.26
N ALA P 31 9.86 6.65 4.66
CA ALA P 31 9.57 5.22 4.65
C ALA P 31 9.64 4.62 6.06
N ASN P 32 10.65 5.00 6.85
CA ASN P 32 10.78 4.56 8.24
C ASN P 32 9.59 4.99 9.08
N GLN P 33 9.12 6.22 8.89
CA GLN P 33 7.94 6.72 9.60
C GLN P 33 6.72 5.86 9.28
N ALA P 34 6.48 5.57 8.00
CA ALA P 34 5.38 4.72 7.57
C ALA P 34 5.52 3.29 8.13
N ASN P 35 6.73 2.75 8.20
CA ASN P 35 6.97 1.44 8.80
C ASN P 35 6.59 1.44 10.29
N VAL P 36 7.01 2.47 11.03
CA VAL P 36 6.71 2.62 12.45
C VAL P 36 5.21 2.75 12.67
N ASP P 37 4.52 3.56 11.86
CA ASP P 37 3.08 3.75 11.93
C ASP P 37 2.31 2.46 11.62
N ALA P 38 2.63 1.79 10.50
CA ALA P 38 2.01 0.51 10.17
C ALA P 38 2.25 -0.55 11.24
N THR P 39 3.45 -0.57 11.83
CA THR P 39 3.78 -1.48 12.93
C THR P 39 2.98 -1.13 14.18
N ALA P 40 2.79 0.15 14.48
CA ALA P 40 1.97 0.60 15.60
C ALA P 40 0.51 0.16 15.45
N ALA P 41 -0.06 0.24 14.24
CA ALA P 41 -1.39 -0.29 13.95
C ALA P 41 -1.44 -1.80 14.23
N ALA P 42 -0.44 -2.55 13.77
CA ALA P 42 -0.36 -3.98 14.02
C ALA P 42 -0.28 -4.31 15.51
N VAL P 43 0.50 -3.56 16.30
CA VAL P 43 0.62 -3.78 17.74
C VAL P 43 -0.72 -3.55 18.43
N ARG P 44 -1.47 -2.50 18.06
CA ARG P 44 -2.80 -2.25 18.61
C ARG P 44 -3.76 -3.41 18.34
N SER P 45 -3.79 -3.92 17.10
CA SER P 45 -4.63 -5.07 16.76
C SER P 45 -4.20 -6.33 17.50
N ALA P 46 -2.89 -6.59 17.56
CA ALA P 46 -2.33 -7.74 18.26
C ALA P 46 -2.68 -7.70 19.75
N TYR P 47 -2.64 -6.51 20.35
CA TYR P 47 -3.06 -6.29 21.73
C TYR P 47 -4.55 -6.57 21.90
N ALA P 48 -5.40 -6.01 21.04
CA ALA P 48 -6.84 -6.23 21.11
C ALA P 48 -7.17 -7.74 21.03
N ILE P 49 -6.59 -8.46 20.07
CA ILE P 49 -6.74 -9.90 19.94
C ILE P 49 -6.26 -10.60 21.23
N ALA P 50 -5.13 -10.18 21.79
CA ALA P 50 -4.60 -10.73 23.03
C ALA P 50 -5.56 -10.54 24.22
N THR P 51 -6.31 -9.44 24.30
CA THR P 51 -7.27 -9.25 25.40
C THR P 51 -8.42 -10.26 25.36
N VAL P 52 -8.78 -10.77 24.17
CA VAL P 52 -9.77 -11.84 24.06
C VAL P 52 -9.13 -13.18 24.47
N GLN P 53 -7.94 -13.50 23.95
CA GLN P 53 -7.22 -14.73 24.31
C GLN P 53 -6.98 -14.84 25.82
N ALA P 54 -6.52 -13.75 26.43
CA ALA P 54 -6.19 -13.66 27.85
C ALA P 54 -7.44 -13.63 28.74
N LYS P 55 -8.62 -13.34 28.17
CA LYS P 55 -9.85 -13.08 28.90
C LYS P 55 -9.62 -12.05 30.01
N GLY P 56 -8.95 -10.93 29.65
CA GLY P 56 -8.48 -9.93 30.59
C GLY P 56 -7.27 -9.17 30.04
N ILE P 57 -6.51 -8.52 30.92
CA ILE P 57 -5.28 -7.81 30.52
C ILE P 57 -4.25 -8.84 30.06
N PRO P 58 -3.65 -8.70 28.85
CA PRO P 58 -2.68 -9.66 28.34
C PRO P 58 -1.28 -9.44 28.89
N THR P 59 -0.48 -10.50 28.85
CA THR P 59 0.96 -10.39 29.09
C THR P 59 1.67 -9.82 27.85
N CYS P 60 2.87 -9.27 28.04
CA CYS P 60 3.69 -8.78 26.95
C CYS P 60 3.93 -9.85 25.87
N ASP P 61 4.16 -11.10 26.28
CA ASP P 61 4.36 -12.24 25.38
C ASP P 61 3.09 -12.61 24.61
N GLN P 62 1.91 -12.55 25.24
CA GLN P 62 0.64 -12.80 24.55
C GLN P 62 0.39 -11.80 23.43
N VAL P 63 0.80 -10.55 23.61
CA VAL P 63 0.70 -9.54 22.56
C VAL P 63 1.63 -9.87 21.41
N PHE P 64 2.92 -10.12 21.66
CA PHE P 64 3.85 -10.43 20.59
C PHE P 64 3.57 -11.76 19.88
N ALA P 65 2.90 -12.71 20.55
CA ALA P 65 2.47 -13.95 19.89
C ALA P 65 1.58 -13.68 18.67
N ASN P 66 0.85 -12.56 18.66
CA ASN P 66 -0.06 -12.19 17.58
C ASN P 66 0.58 -11.35 16.47
N LEU P 67 1.90 -11.14 16.48
CA LEU P 67 2.60 -10.41 15.41
C LEU P 67 3.37 -11.38 14.51
N GLU P 68 3.20 -11.22 13.19
CA GLU P 68 3.67 -12.20 12.22
C GLU P 68 5.12 -11.94 11.74
N GLY P 69 5.47 -10.68 11.50
CA GLY P 69 6.60 -10.34 10.64
C GLY P 69 8.00 -10.36 11.26
N GLY P 70 8.24 -11.21 12.28
CA GLY P 70 9.48 -11.14 13.04
C GLY P 70 9.51 -12.14 14.19
N SER P 71 10.39 -11.89 15.16
CA SER P 71 10.67 -12.81 16.26
C SER P 71 10.79 -12.04 17.58
N THR P 72 10.73 -12.76 18.71
CA THR P 72 10.76 -12.13 20.03
C THR P 72 11.83 -12.74 20.93
N SER P 73 12.48 -11.88 21.71
CA SER P 73 13.36 -12.23 22.84
C SER P 73 12.86 -11.41 24.03
N GLY P 74 12.80 -12.00 25.22
CA GLY P 74 11.94 -11.54 26.32
C GLY P 74 11.70 -10.03 26.41
N SER P 75 10.41 -9.62 26.34
CA SER P 75 9.91 -8.24 26.38
C SER P 75 10.19 -7.38 25.13
N THR P 76 10.79 -7.93 24.06
CA THR P 76 10.96 -7.20 22.81
C THR P 76 10.67 -8.10 21.58
N TRP P 77 10.15 -7.49 20.53
CA TRP P 77 9.88 -8.11 19.24
C TRP P 77 10.67 -7.34 18.17
N THR P 78 11.24 -8.06 17.19
CA THR P 78 12.10 -7.46 16.17
C THR P 78 11.68 -7.99 14.80
N SER P 79 11.57 -7.11 13.80
CA SER P 79 11.22 -7.51 12.44
C SER P 79 12.30 -8.43 11.87
N SER P 80 11.92 -9.36 10.97
CA SER P 80 12.86 -10.37 10.47
C SER P 80 14.08 -9.77 9.76
N ASP P 81 13.88 -8.65 9.04
CA ASP P 81 14.96 -7.72 8.72
C ASP P 81 15.10 -6.76 9.91
N ASN P 82 16.21 -6.85 10.66
CA ASN P 82 16.27 -6.52 12.09
C ASN P 82 16.03 -5.05 12.51
N SER P 83 15.73 -4.13 11.59
CA SER P 83 15.75 -2.71 11.87
C SER P 83 14.55 -2.19 12.69
N THR P 84 13.35 -2.78 12.55
CA THR P 84 12.19 -2.34 13.32
C THR P 84 12.10 -3.12 14.63
N THR P 85 11.94 -2.39 15.73
CA THR P 85 11.85 -2.97 17.07
C THR P 85 10.54 -2.56 17.74
N VAL P 86 9.93 -3.47 18.50
CA VAL P 86 8.89 -3.15 19.46
C VAL P 86 9.35 -3.62 20.83
N SER P 87 9.07 -2.88 21.91
CA SER P 87 9.41 -3.35 23.25
C SER P 87 8.36 -2.93 24.28
N CYS P 88 8.11 -3.80 25.27
CA CYS P 88 7.29 -3.47 26.42
C CYS P 88 8.11 -2.85 27.56
N ASN P 89 7.48 -1.94 28.29
CA ASN P 89 7.82 -1.67 29.67
C ASN P 89 6.57 -2.03 30.47
N ALA P 90 6.45 -3.29 30.89
CA ALA P 90 5.22 -3.82 31.47
C ALA P 90 4.83 -3.16 32.80
N SER P 91 5.84 -2.63 33.52
CA SER P 91 5.72 -1.82 34.72
C SER P 91 5.24 -0.39 34.43
N ALA P 92 5.53 0.11 33.21
CA ALA P 92 5.15 1.44 32.74
C ALA P 92 3.93 1.41 31.80
N ASP P 93 3.30 0.23 31.61
CA ASP P 93 2.10 0.04 30.78
C ASP P 93 2.25 0.69 29.41
N THR P 94 3.37 0.37 28.74
CA THR P 94 3.79 1.06 27.53
C THR P 94 4.46 0.11 26.53
N PHE P 95 4.16 0.29 25.23
CA PHE P 95 4.92 -0.28 24.12
C PHE P 95 5.63 0.83 23.36
N THR P 96 6.92 0.66 23.04
CA THR P 96 7.60 1.58 22.13
C THR P 96 7.92 0.86 20.82
N ILE P 97 7.54 1.49 19.70
CA ILE P 97 7.83 1.00 18.35
C ILE P 97 8.86 1.95 17.75
N SER P 98 9.97 1.43 17.20
CA SER P 98 10.98 2.31 16.62
C SER P 98 11.73 1.69 15.44
N ARG P 99 12.21 2.55 14.54
CA ARG P 99 13.01 2.18 13.37
C ARG P 99 13.81 3.38 12.90
N GLY P 100 15.14 3.24 12.82
CA GLY P 100 16.01 4.28 12.29
C GLY P 100 15.79 5.67 12.91
N GLY P 101 15.51 5.72 14.22
CA GLY P 101 15.33 6.98 14.91
C GLY P 101 13.89 7.51 14.89
N LYS P 102 13.06 7.04 13.95
CA LYS P 102 11.62 7.31 13.98
C LYS P 102 11.01 6.42 15.07
N THR P 103 10.04 6.97 15.84
CA THR P 103 9.55 6.27 17.03
C THR P 103 8.07 6.61 17.30
N ARG P 104 7.37 5.69 17.99
CA ARG P 104 6.01 5.88 18.44
C ARG P 104 5.79 5.10 19.73
N THR P 105 4.89 5.60 20.60
CA THR P 105 4.64 4.99 21.90
C THR P 105 3.15 4.74 22.08
N LEU P 106 2.79 3.53 22.55
CA LEU P 106 1.40 3.17 22.85
C LEU P 106 1.25 2.93 24.35
N ASN P 107 0.31 3.64 25.00
CA ASN P 107 0.07 3.50 26.43
C ASN P 107 -1.06 2.50 26.69
N LEU P 108 -0.76 1.20 26.50
CA LEU P 108 -1.68 0.09 26.68
C LEU P 108 -1.30 -0.70 27.94
N THR P 109 -2.25 -0.92 28.86
CA THR P 109 -2.00 -1.66 30.09
C THR P 109 -1.69 -3.12 29.79
N VAL P 110 -0.56 -3.61 30.33
CA VAL P 110 -0.01 -4.93 30.02
C VAL P 110 0.74 -5.47 31.24
N ASN P 111 0.89 -6.80 31.33
CA ASN P 111 1.62 -7.43 32.44
C ASN P 111 2.46 -8.65 32.00
N PHE Q 1 40.09 10.87 -49.77
CA PHE Q 1 40.26 11.88 -48.69
C PHE Q 1 41.70 12.41 -48.76
N THR Q 2 41.88 13.69 -48.42
CA THR Q 2 43.23 14.26 -48.37
C THR Q 2 43.98 13.76 -47.13
N LEU Q 3 45.32 13.89 -47.13
CA LEU Q 3 46.12 13.50 -45.98
C LEU Q 3 45.81 14.34 -44.74
N ILE Q 4 45.45 15.61 -44.93
CA ILE Q 4 45.05 16.49 -43.84
C ILE Q 4 43.79 15.96 -43.16
N GLU Q 5 42.76 15.59 -43.93
CA GLU Q 5 41.53 15.05 -43.37
C GLU Q 5 41.79 13.76 -42.58
N LEU Q 6 42.64 12.88 -43.10
CA LEU Q 6 43.02 11.66 -42.38
C LEU Q 6 43.78 11.99 -41.09
N ALA Q 7 44.66 13.01 -41.09
CA ALA Q 7 45.39 13.44 -39.90
C ALA Q 7 44.43 13.95 -38.82
N ILE Q 8 43.45 14.77 -39.23
CA ILE Q 8 42.40 15.29 -38.36
C ILE Q 8 41.58 14.13 -37.76
N VAL Q 9 41.20 13.15 -38.59
CA VAL Q 9 40.48 11.96 -38.14
C VAL Q 9 41.30 11.16 -37.12
N ILE Q 10 42.59 10.94 -37.38
CA ILE Q 10 43.50 10.24 -36.47
C ILE Q 10 43.58 10.94 -35.12
N VAL Q 11 43.55 12.27 -35.09
CA VAL Q 11 43.51 13.05 -33.85
C VAL Q 11 42.18 12.86 -33.12
N ILE Q 12 41.04 13.07 -33.81
CA ILE Q 12 39.73 13.10 -33.18
C ILE Q 12 39.31 11.73 -32.67
N ILE Q 13 39.61 10.64 -33.40
CA ILE Q 13 39.33 9.29 -32.94
C ILE Q 13 39.98 9.05 -31.59
N GLY Q 14 41.24 9.48 -31.43
CA GLY Q 14 41.98 9.29 -30.19
C GLY Q 14 41.40 10.05 -29.00
N ILE Q 15 40.55 11.06 -29.26
CA ILE Q 15 39.94 11.89 -28.22
C ILE Q 15 38.49 11.48 -27.95
N LEU Q 16 37.76 10.95 -28.94
CA LEU Q 16 36.41 10.45 -28.71
C LEU Q 16 36.41 9.03 -28.11
N VAL Q 17 37.50 8.28 -28.31
CA VAL Q 17 37.85 7.18 -27.42
C VAL Q 17 38.53 7.79 -26.19
N ALA Q 18 38.79 7.02 -25.12
CA ALA Q 18 39.32 7.58 -23.88
C ALA Q 18 38.34 8.53 -23.19
N ILE Q 19 37.04 8.28 -23.42
CA ILE Q 19 35.96 8.68 -22.53
C ILE Q 19 35.84 7.61 -21.45
N ALA Q 20 35.09 7.91 -20.38
CA ALA Q 20 34.51 6.84 -19.57
C ALA Q 20 33.29 6.23 -20.27
N VAL Q 21 32.98 4.97 -19.93
CA VAL Q 21 31.75 4.31 -20.37
C VAL Q 21 31.26 3.45 -19.20
N PRO Q 22 29.93 3.34 -18.93
CA PRO Q 22 29.47 2.55 -17.80
C PRO Q 22 29.66 1.05 -18.02
N ARG Q 23 29.90 0.32 -16.94
CA ARG Q 23 29.81 -1.13 -16.99
C ARG Q 23 28.35 -1.54 -16.95
N PHE Q 24 28.01 -2.61 -17.68
CA PHE Q 24 26.77 -3.31 -17.35
C PHE Q 24 26.98 -4.06 -16.03
N VAL Q 25 25.93 -4.12 -15.19
CA VAL Q 25 25.99 -4.79 -13.90
C VAL Q 25 24.76 -5.69 -13.76
N ASP Q 26 24.97 -6.92 -13.29
CA ASP Q 26 23.87 -7.81 -13.00
C ASP Q 26 23.18 -7.38 -11.69
N LEU Q 27 22.24 -6.44 -11.81
CA LEU Q 27 21.45 -5.94 -10.68
C LEU Q 27 20.24 -6.82 -10.39
N THR Q 28 20.18 -8.05 -10.93
CA THR Q 28 19.00 -8.88 -10.77
C THR Q 28 18.80 -9.34 -9.32
N ASP Q 29 19.85 -9.41 -8.50
CA ASP Q 29 19.71 -9.75 -7.09
C ASP Q 29 18.87 -8.72 -6.33
N GLN Q 30 19.19 -7.44 -6.50
CA GLN Q 30 18.48 -6.34 -5.86
C GLN Q 30 17.04 -6.26 -6.36
N ALA Q 31 16.84 -6.41 -7.67
CA ALA Q 31 15.51 -6.41 -8.27
C ALA Q 31 14.69 -7.63 -7.82
N ASN Q 32 15.30 -8.82 -7.75
CA ASN Q 32 14.64 -10.03 -7.27
C ASN Q 32 14.21 -9.87 -5.81
N GLN Q 33 15.05 -9.27 -4.98
CA GLN Q 33 14.70 -9.04 -3.58
C GLN Q 33 13.46 -8.13 -3.49
N ALA Q 34 13.43 -7.04 -4.23
CA ALA Q 34 12.28 -6.15 -4.27
C ALA Q 34 11.02 -6.84 -4.79
N ASN Q 35 11.15 -7.72 -5.78
CA ASN Q 35 10.03 -8.51 -6.29
C ASN Q 35 9.48 -9.42 -5.18
N VAL Q 36 10.35 -10.13 -4.46
CA VAL Q 36 9.97 -11.01 -3.36
C VAL Q 36 9.27 -10.23 -2.25
N ASP Q 37 9.83 -9.07 -1.87
CA ASP Q 37 9.24 -8.21 -0.85
C ASP Q 37 7.88 -7.66 -1.26
N ALA Q 38 7.75 -7.09 -2.45
CA ALA Q 38 6.47 -6.61 -2.97
C ALA Q 38 5.43 -7.74 -3.05
N THR Q 39 5.85 -8.94 -3.46
CA THR Q 39 5.00 -10.11 -3.50
C THR Q 39 4.56 -10.52 -2.10
N ALA Q 40 5.47 -10.48 -1.11
CA ALA Q 40 5.16 -10.78 0.27
C ALA Q 40 4.10 -9.82 0.84
N ALA Q 41 4.19 -8.52 0.53
CA ALA Q 41 3.17 -7.55 0.88
C ALA Q 41 1.82 -7.92 0.28
N ALA Q 42 1.80 -8.29 -1.01
CA ALA Q 42 0.59 -8.72 -1.68
C ALA Q 42 -0.03 -9.97 -1.04
N VAL Q 43 0.79 -10.96 -0.66
CA VAL Q 43 0.30 -12.17 0.00
C VAL Q 43 -0.34 -11.85 1.34
N ARG Q 44 0.25 -10.95 2.14
CA ARG Q 44 -0.33 -10.52 3.40
C ARG Q 44 -1.70 -9.87 3.21
N SER Q 45 -1.84 -8.97 2.23
CA SER Q 45 -3.12 -8.33 1.94
C SER Q 45 -4.14 -9.33 1.43
N ALA Q 46 -3.73 -10.23 0.51
CA ALA Q 46 -4.59 -11.28 -0.03
C ALA Q 46 -5.09 -12.21 1.06
N TYR Q 47 -4.24 -12.54 2.04
CA TYR Q 47 -4.61 -13.31 3.21
C TYR Q 47 -5.62 -12.56 4.07
N ALA Q 48 -5.35 -11.28 4.38
CA ALA Q 48 -6.27 -10.48 5.18
C ALA Q 48 -7.66 -10.41 4.53
N ILE Q 49 -7.74 -10.12 3.23
CA ILE Q 49 -8.99 -10.13 2.48
C ILE Q 49 -9.66 -11.51 2.56
N ALA Q 50 -8.88 -12.59 2.43
CA ALA Q 50 -9.39 -13.95 2.53
C ALA Q 50 -10.00 -14.25 3.91
N THR Q 51 -9.49 -13.69 5.01
CA THR Q 51 -10.07 -13.92 6.33
C THR Q 51 -11.47 -13.32 6.46
N VAL Q 52 -11.78 -12.24 5.72
CA VAL Q 52 -13.12 -11.69 5.67
C VAL Q 52 -14.03 -12.58 4.82
N GLN Q 53 -13.58 -12.96 3.61
CA GLN Q 53 -14.34 -13.84 2.73
C GLN Q 53 -14.69 -15.18 3.40
N ALA Q 54 -13.70 -15.79 4.07
CA ALA Q 54 -13.83 -17.07 4.73
C ALA Q 54 -14.64 -16.99 6.03
N LYS Q 55 -14.84 -15.78 6.57
CA LYS Q 55 -15.42 -15.54 7.89
C LYS Q 55 -14.72 -16.40 8.95
N GLY Q 56 -13.38 -16.39 8.94
CA GLY Q 56 -12.55 -17.28 9.73
C GLY Q 56 -11.17 -17.50 9.08
N ILE Q 57 -10.46 -18.57 9.48
CA ILE Q 57 -9.19 -18.93 8.87
C ILE Q 57 -9.41 -19.35 7.42
N PRO Q 58 -8.70 -18.76 6.42
CA PRO Q 58 -8.90 -19.10 5.02
C PRO Q 58 -8.16 -20.37 4.61
N THR Q 59 -8.64 -20.97 3.52
CA THR Q 59 -7.90 -22.03 2.85
C THR Q 59 -6.77 -21.44 2.00
N CYS Q 60 -5.77 -22.27 1.67
CA CYS Q 60 -4.68 -21.86 0.80
C CYS Q 60 -5.18 -21.32 -0.56
N ASP Q 61 -6.21 -21.95 -1.13
CA ASP Q 61 -6.83 -21.52 -2.38
C ASP Q 61 -7.57 -20.19 -2.26
N GLN Q 62 -8.25 -19.94 -1.14
CA GLN Q 62 -8.92 -18.66 -0.90
C GLN Q 62 -7.93 -17.50 -0.87
N VAL Q 63 -6.72 -17.73 -0.33
CA VAL Q 63 -5.67 -16.72 -0.34
C VAL Q 63 -5.21 -16.44 -1.77
N PHE Q 64 -4.84 -17.47 -2.54
CA PHE Q 64 -4.36 -17.27 -3.91
C PHE Q 64 -5.44 -16.72 -4.85
N ALA Q 65 -6.72 -16.94 -4.56
CA ALA Q 65 -7.80 -16.34 -5.34
C ALA Q 65 -7.72 -14.81 -5.37
N ASN Q 66 -7.14 -14.19 -4.33
CA ASN Q 66 -7.01 -12.74 -4.20
C ASN Q 66 -5.71 -12.17 -4.79
N LEU Q 67 -4.88 -12.97 -5.48
CA LEU Q 67 -3.66 -12.48 -6.13
C LEU Q 67 -3.87 -12.39 -7.65
N GLU Q 68 -3.49 -11.26 -8.23
CA GLU Q 68 -3.82 -10.92 -9.61
C GLU Q 68 -2.78 -11.41 -10.63
N GLY Q 69 -1.48 -11.28 -10.30
CA GLY Q 69 -0.42 -11.27 -11.32
C GLY Q 69 0.08 -12.63 -11.82
N GLY Q 70 -0.76 -13.66 -11.84
CA GLY Q 70 -0.28 -15.01 -12.10
C GLY Q 70 -1.40 -16.06 -12.00
N SER Q 71 -0.99 -17.33 -11.83
CA SER Q 71 -1.89 -18.46 -11.85
C SER Q 71 -1.53 -19.45 -10.74
N THR Q 72 -2.44 -20.38 -10.43
CA THR Q 72 -2.25 -21.33 -9.35
C THR Q 72 -2.46 -22.79 -9.81
N SER Q 73 -1.61 -23.68 -9.29
CA SER Q 73 -1.76 -25.13 -9.35
C SER Q 73 -1.61 -25.63 -7.92
N GLY Q 74 -2.44 -26.61 -7.50
CA GLY Q 74 -2.75 -26.87 -6.10
C GLY Q 74 -1.63 -26.57 -5.08
N SER Q 75 -1.91 -25.67 -4.12
CA SER Q 75 -1.01 -25.21 -3.05
C SER Q 75 0.14 -24.30 -3.48
N THR Q 76 0.26 -23.92 -4.76
CA THR Q 76 1.26 -22.96 -5.21
C THR Q 76 0.68 -21.95 -6.22
N TRP Q 77 1.21 -20.73 -6.19
CA TRP Q 77 0.87 -19.66 -7.11
C TRP Q 77 2.17 -19.22 -7.80
N THR Q 78 2.10 -18.91 -9.10
CA THR Q 78 3.28 -18.57 -9.90
C THR Q 78 2.99 -17.33 -10.74
N SER Q 79 3.91 -16.36 -10.77
CA SER Q 79 3.76 -15.15 -11.57
C SER Q 79 3.65 -15.50 -13.06
N SER Q 80 2.92 -14.69 -13.85
CA SER Q 80 2.66 -15.02 -15.25
C SER Q 80 3.95 -15.16 -16.08
N ASP Q 81 4.97 -14.33 -15.78
CA ASP Q 81 6.35 -14.62 -16.14
C ASP Q 81 6.92 -15.50 -15.01
N ASN Q 82 7.19 -16.78 -15.29
CA ASN Q 82 7.15 -17.88 -14.32
C ASN Q 82 8.14 -17.86 -13.14
N SER Q 83 8.99 -16.84 -13.00
CA SER Q 83 10.13 -16.88 -12.08
C SER Q 83 9.75 -16.70 -10.60
N THR Q 84 8.71 -15.93 -10.27
CA THR Q 84 8.31 -15.74 -8.87
C THR Q 84 7.28 -16.80 -8.47
N THR Q 85 7.53 -17.47 -7.34
CA THR Q 85 6.67 -18.51 -6.82
C THR Q 85 6.21 -18.16 -5.41
N VAL Q 86 4.95 -18.50 -5.08
CA VAL Q 86 4.46 -18.55 -3.71
C VAL Q 86 3.95 -19.96 -3.46
N SER Q 87 4.16 -20.52 -2.26
CA SER Q 87 3.60 -21.83 -1.93
C SER Q 87 3.17 -21.91 -0.46
N CYS Q 88 2.08 -22.64 -0.21
CA CYS Q 88 1.65 -22.98 1.14
C CYS Q 88 2.29 -24.28 1.63
N ASN Q 89 2.55 -24.34 2.92
CA ASN Q 89 2.58 -25.58 3.67
C ASN Q 89 1.48 -25.46 4.71
N ALA Q 90 0.26 -25.88 4.35
CA ALA Q 90 -0.93 -25.64 5.16
C ALA Q 90 -0.90 -26.35 6.52
N SER Q 91 -0.15 -27.46 6.61
CA SER Q 91 0.16 -28.20 7.82
C SER Q 91 1.19 -27.49 8.71
N ALA Q 92 2.05 -26.67 8.09
CA ALA Q 92 3.10 -25.88 8.76
C ALA Q 92 2.70 -24.40 8.94
N ASP Q 93 1.46 -24.03 8.59
CA ASP Q 93 0.92 -22.67 8.74
C ASP Q 93 1.88 -21.62 8.18
N THR Q 94 2.33 -21.83 6.95
CA THR Q 94 3.43 -21.07 6.36
C THR Q 94 3.22 -20.84 4.85
N PHE Q 95 3.54 -19.62 4.38
CA PHE Q 95 3.72 -19.31 2.96
C PHE Q 95 5.19 -19.01 2.68
N THR Q 96 5.76 -19.59 1.63
CA THR Q 96 7.10 -19.19 1.17
C THR Q 96 6.98 -18.47 -0.17
N ILE Q 97 7.60 -17.28 -0.26
CA ILE Q 97 7.68 -16.48 -1.48
C ILE Q 97 9.14 -16.53 -1.94
N SER Q 98 9.38 -16.86 -3.23
CA SER Q 98 10.76 -16.92 -3.71
C SER Q 98 10.90 -16.56 -5.19
N ARG Q 99 12.10 -16.05 -5.55
CA ARG Q 99 12.46 -15.69 -6.91
C ARG Q 99 13.99 -15.66 -7.03
N GLY Q 100 14.54 -16.45 -7.96
CA GLY Q 100 15.97 -16.45 -8.24
C GLY Q 100 16.86 -16.58 -7.00
N GLY Q 101 16.43 -17.43 -6.05
CA GLY Q 101 17.23 -17.68 -4.86
C GLY Q 101 16.95 -16.71 -3.71
N LYS Q 102 16.39 -15.53 -4.00
CA LYS Q 102 15.91 -14.63 -2.95
C LYS Q 102 14.59 -15.20 -2.42
N THR Q 103 14.37 -15.12 -1.10
CA THR Q 103 13.25 -15.82 -0.47
C THR Q 103 12.73 -15.08 0.76
N ARG Q 104 11.46 -15.30 1.10
CA ARG Q 104 10.83 -14.78 2.30
C ARG Q 104 9.75 -15.75 2.77
N THR Q 105 9.49 -15.79 4.09
CA THR Q 105 8.54 -16.72 4.66
C THR Q 105 7.55 -15.97 5.55
N LEU Q 106 6.24 -16.28 5.39
CA LEU Q 106 5.19 -15.69 6.22
C LEU Q 106 4.53 -16.78 7.06
N ASN Q 107 4.50 -16.61 8.39
CA ASN Q 107 3.90 -17.59 9.29
C ASN Q 107 2.45 -17.22 9.60
N LEU Q 108 1.57 -17.43 8.61
CA LEU Q 108 0.14 -17.15 8.68
C LEU Q 108 -0.65 -18.46 8.76
N THR Q 109 -1.53 -18.60 9.76
CA THR Q 109 -2.33 -19.82 9.92
C THR Q 109 -3.33 -19.98 8.77
N VAL Q 110 -3.31 -21.15 8.13
CA VAL Q 110 -4.06 -21.43 6.90
C VAL Q 110 -4.46 -22.91 6.87
N ASN Q 111 -5.51 -23.25 6.11
CA ASN Q 111 -5.95 -24.64 5.98
C ASN Q 111 -6.46 -24.98 4.55
N PHE R 1 48.92 17.47 -55.54
CA PHE R 1 49.59 16.66 -54.48
C PHE R 1 50.76 15.90 -55.11
N THR R 2 51.84 15.69 -54.35
CA THR R 2 52.96 14.90 -54.83
C THR R 2 52.60 13.41 -54.83
N LEU R 3 53.36 12.60 -55.58
CA LEU R 3 53.15 11.16 -55.62
C LEU R 3 53.39 10.50 -54.25
N ILE R 4 54.31 11.05 -53.46
CA ILE R 4 54.58 10.57 -52.10
C ILE R 4 53.34 10.76 -51.23
N GLU R 5 52.72 11.94 -51.25
CA GLU R 5 51.53 12.20 -50.46
C GLU R 5 50.39 11.26 -50.84
N LEU R 6 50.20 11.00 -52.14
CA LEU R 6 49.20 10.05 -52.61
C LEU R 6 49.52 8.63 -52.15
N ALA R 7 50.80 8.23 -52.13
CA ALA R 7 51.21 6.92 -51.65
C ALA R 7 50.90 6.74 -50.16
N ILE R 8 51.20 7.77 -49.35
CA ILE R 8 50.89 7.82 -47.94
C ILE R 8 49.38 7.71 -47.71
N VAL R 9 48.58 8.45 -48.48
CA VAL R 9 47.12 8.39 -48.43
C VAL R 9 46.60 6.98 -48.76
N ILE R 10 47.13 6.35 -49.81
CA ILE R 10 46.76 5.00 -50.22
C ILE R 10 47.05 3.99 -49.10
N VAL R 11 48.13 4.18 -48.35
CA VAL R 11 48.45 3.35 -47.18
C VAL R 11 47.45 3.59 -46.06
N ILE R 12 47.24 4.85 -45.65
CA ILE R 12 46.46 5.18 -44.47
C ILE R 12 44.97 4.86 -44.65
N ILE R 13 44.41 5.10 -45.85
CA ILE R 13 43.02 4.73 -46.13
C ILE R 13 42.81 3.24 -45.87
N GLY R 14 43.74 2.40 -46.32
CA GLY R 14 43.64 0.95 -46.14
C GLY R 14 43.69 0.50 -44.69
N ILE R 15 44.17 1.35 -43.78
CA ILE R 15 44.30 1.05 -42.36
C ILE R 15 43.18 1.69 -41.54
N LEU R 16 42.62 2.83 -41.96
CA LEU R 16 41.48 3.42 -41.26
C LEU R 16 40.16 2.78 -41.67
N VAL R 17 40.12 2.15 -42.85
CA VAL R 17 39.15 1.10 -43.15
C VAL R 17 39.68 -0.19 -42.50
N ALA R 18 38.90 -1.28 -42.47
CA ALA R 18 39.31 -2.50 -41.77
C ALA R 18 39.45 -2.28 -40.25
N ILE R 19 38.66 -1.34 -39.74
CA ILE R 19 38.23 -1.31 -38.35
C ILE R 19 37.00 -2.21 -38.21
N ALA R 20 36.62 -2.53 -36.97
CA ALA R 20 35.24 -2.94 -36.71
C ALA R 20 34.31 -1.73 -36.71
N VAL R 21 33.02 -1.96 -37.00
CA VAL R 21 31.98 -0.95 -36.86
C VAL R 21 30.72 -1.66 -36.35
N PRO R 22 29.91 -1.06 -35.43
CA PRO R 22 28.73 -1.74 -34.91
C PRO R 22 27.64 -1.89 -35.97
N ARG R 23 26.87 -2.98 -35.88
CA ARG R 23 25.63 -3.09 -36.64
C ARG R 23 24.56 -2.26 -35.93
N PHE R 24 23.68 -1.63 -36.72
CA PHE R 24 22.41 -1.21 -36.14
C PHE R 24 21.55 -2.46 -35.91
N VAL R 25 20.78 -2.47 -34.81
CA VAL R 25 19.93 -3.59 -34.47
C VAL R 25 18.54 -3.06 -34.12
N ASP R 26 17.50 -3.73 -34.62
CA ASP R 26 16.14 -3.38 -34.26
C ASP R 26 15.83 -3.90 -32.85
N LEU R 27 16.18 -3.10 -31.83
CA LEU R 27 15.92 -3.42 -30.44
C LEU R 27 14.51 -3.01 -29.99
N THR R 28 13.60 -2.72 -30.93
CA THR R 28 12.28 -2.23 -30.57
C THR R 28 11.44 -3.28 -29.84
N ASP R 29 11.70 -4.57 -30.06
CA ASP R 29 10.98 -5.63 -29.33
C ASP R 29 11.24 -5.56 -27.82
N GLN R 30 12.52 -5.44 -27.42
CA GLN R 30 12.92 -5.35 -26.03
C GLN R 30 12.39 -4.07 -25.40
N ALA R 31 12.50 -2.95 -26.11
CA ALA R 31 11.99 -1.67 -25.65
C ALA R 31 10.46 -1.67 -25.54
N ASN R 32 9.75 -2.25 -26.52
CA ASN R 32 8.30 -2.39 -26.49
C ASN R 32 7.85 -3.21 -25.29
N GLN R 33 8.56 -4.31 -24.99
CA GLN R 33 8.24 -5.14 -23.84
C GLN R 33 8.35 -4.32 -22.54
N ALA R 34 9.44 -3.57 -22.37
CA ALA R 34 9.62 -2.72 -21.22
C ALA R 34 8.55 -1.62 -21.13
N ASN R 35 8.13 -1.05 -22.26
CA ASN R 35 7.04 -0.08 -22.29
C ASN R 35 5.73 -0.70 -21.79
N VAL R 36 5.40 -1.91 -22.28
CA VAL R 36 4.20 -2.63 -21.89
C VAL R 36 4.23 -2.96 -20.40
N ASP R 37 5.37 -3.44 -19.89
CA ASP R 37 5.54 -3.75 -18.48
C ASP R 37 5.43 -2.52 -17.58
N ALA R 38 6.15 -1.44 -17.90
CA ALA R 38 6.03 -0.19 -17.16
C ALA R 38 4.61 0.38 -17.18
N THR R 39 3.92 0.27 -18.32
CA THR R 39 2.53 0.68 -18.45
C THR R 39 1.62 -0.19 -17.60
N ALA R 40 1.86 -1.50 -17.55
CA ALA R 40 1.11 -2.42 -16.71
C ALA R 40 1.25 -2.08 -15.22
N ALA R 41 2.45 -1.72 -14.76
CA ALA R 41 2.67 -1.23 -13.40
C ALA R 41 1.84 0.03 -13.14
N ALA R 42 1.84 0.98 -14.07
CA ALA R 42 1.06 2.19 -13.95
C ALA R 42 -0.45 1.91 -13.88
N VAL R 43 -0.97 0.97 -14.69
CA VAL R 43 -2.38 0.61 -14.67
C VAL R 43 -2.76 0.01 -13.31
N ARG R 44 -1.92 -0.85 -12.73
CA ARG R 44 -2.17 -1.41 -11.40
C ARG R 44 -2.27 -0.32 -10.33
N SER R 45 -1.32 0.64 -10.33
CA SER R 45 -1.35 1.74 -9.38
C SER R 45 -2.57 2.65 -9.60
N ALA R 46 -2.88 2.97 -10.85
CA ALA R 46 -4.03 3.78 -11.21
C ALA R 46 -5.34 3.13 -10.76
N TYR R 47 -5.44 1.81 -10.90
CA TYR R 47 -6.55 1.02 -10.40
C TYR R 47 -6.64 1.08 -8.88
N ALA R 48 -5.54 0.85 -8.18
CA ALA R 48 -5.52 0.90 -6.72
C ALA R 48 -5.98 2.28 -6.21
N ILE R 49 -5.45 3.37 -6.76
CA ILE R 49 -5.87 4.73 -6.45
C ILE R 49 -7.37 4.90 -6.74
N ALA R 50 -7.86 4.38 -7.87
CA ALA R 50 -9.27 4.43 -8.22
C ALA R 50 -10.17 3.72 -7.21
N THR R 51 -9.74 2.60 -6.59
CA THR R 51 -10.55 1.92 -5.58
C THR R 51 -10.77 2.77 -4.33
N VAL R 52 -9.83 3.68 -4.00
CA VAL R 52 -10.02 4.62 -2.90
C VAL R 52 -10.99 5.72 -3.32
N GLN R 53 -10.80 6.32 -4.50
CA GLN R 53 -11.67 7.37 -5.03
C GLN R 53 -13.13 6.88 -5.15
N ALA R 54 -13.32 5.67 -5.70
CA ALA R 54 -14.63 5.07 -5.91
C ALA R 54 -15.27 4.58 -4.61
N LYS R 55 -14.50 4.45 -3.52
CA LYS R 55 -14.92 3.81 -2.28
C LYS R 55 -15.56 2.45 -2.56
N GLY R 56 -14.88 1.63 -3.36
CA GLY R 56 -15.41 0.37 -3.90
C GLY R 56 -14.76 0.00 -5.23
N ILE R 57 -15.41 -0.88 -6.00
CA ILE R 57 -14.91 -1.26 -7.33
C ILE R 57 -15.02 -0.05 -8.27
N PRO R 58 -13.93 0.35 -8.96
CA PRO R 58 -13.95 1.51 -9.84
C PRO R 58 -14.54 1.20 -11.22
N THR R 59 -15.00 2.26 -11.88
CA THR R 59 -15.35 2.18 -13.30
C THR R 59 -14.09 2.22 -14.16
N CYS R 60 -14.20 1.74 -15.40
CA CYS R 60 -13.10 1.79 -16.37
C CYS R 60 -12.55 3.21 -16.56
N ASP R 61 -13.44 4.22 -16.59
CA ASP R 61 -13.08 5.62 -16.71
C ASP R 61 -12.36 6.17 -15.48
N GLN R 62 -12.78 5.76 -14.27
CA GLN R 62 -12.10 6.16 -13.03
C GLN R 62 -10.65 5.67 -13.01
N VAL R 63 -10.39 4.48 -13.54
CA VAL R 63 -9.03 3.96 -13.66
C VAL R 63 -8.21 4.82 -14.62
N PHE R 64 -8.70 5.05 -15.84
CA PHE R 64 -7.94 5.83 -16.82
C PHE R 64 -7.78 7.30 -16.42
N ALA R 65 -8.67 7.86 -15.59
CA ALA R 65 -8.51 9.21 -15.06
C ALA R 65 -7.18 9.38 -14.30
N ASN R 66 -6.64 8.30 -13.73
CA ASN R 66 -5.41 8.31 -12.96
C ASN R 66 -4.14 8.04 -13.78
N LEU R 67 -4.22 7.96 -15.11
CA LEU R 67 -3.05 7.76 -15.98
C LEU R 67 -2.70 9.08 -16.68
N GLU R 68 -1.41 9.44 -16.65
CA GLU R 68 -0.94 10.75 -17.07
C GLU R 68 -0.59 10.83 -18.56
N GLY R 69 0.08 9.80 -19.10
CA GLY R 69 0.86 9.92 -20.32
C GLY R 69 0.11 9.81 -21.66
N GLY R 70 -1.17 10.21 -21.71
CA GLY R 70 -2.00 9.94 -22.87
C GLY R 70 -3.43 10.41 -22.70
N SER R 71 -4.33 9.86 -23.52
CA SER R 71 -5.73 10.29 -23.60
C SER R 71 -6.65 9.07 -23.71
N THR R 72 -7.95 9.28 -23.48
CA THR R 72 -8.92 8.18 -23.48
C THR R 72 -10.11 8.48 -24.39
N SER R 73 -10.57 7.43 -25.09
CA SER R 73 -11.83 7.38 -25.82
C SER R 73 -12.55 6.12 -25.34
N GLY R 74 -13.86 6.18 -25.11
CA GLY R 74 -14.59 5.24 -24.24
C GLY R 74 -14.05 3.81 -24.18
N SER R 75 -13.68 3.35 -22.96
CA SER R 75 -13.13 2.04 -22.64
C SER R 75 -11.68 1.77 -23.11
N THR R 76 -10.99 2.74 -23.73
CA THR R 76 -9.58 2.60 -24.07
C THR R 76 -8.77 3.87 -23.78
N TRP R 77 -7.50 3.68 -23.42
CA TRP R 77 -6.54 4.75 -23.17
C TRP R 77 -5.37 4.53 -24.13
N THR R 78 -4.81 5.62 -24.68
CA THR R 78 -3.76 5.56 -25.68
C THR R 78 -2.65 6.55 -25.32
N SER R 79 -1.39 6.13 -25.39
CA SER R 79 -0.25 7.01 -25.10
C SER R 79 -0.21 8.17 -26.10
N SER R 80 0.30 9.35 -25.67
CA SER R 80 0.24 10.54 -26.52
C SER R 80 0.98 10.38 -27.85
N ASP R 81 2.08 9.63 -27.86
CA ASP R 81 2.61 9.00 -29.07
C ASP R 81 1.89 7.67 -29.23
N ASN R 82 1.02 7.53 -30.25
CA ASN R 82 -0.16 6.67 -30.25
C ASN R 82 0.06 5.14 -30.16
N SER R 83 1.29 4.64 -30.05
CA SER R 83 1.58 3.22 -30.22
C SER R 83 1.17 2.33 -29.04
N THR R 84 1.22 2.83 -27.79
CA THR R 84 0.82 2.02 -26.63
C THR R 84 -0.67 2.21 -26.33
N THR R 85 -1.37 1.09 -26.19
CA THR R 85 -2.82 1.08 -25.92
C THR R 85 -3.10 0.32 -24.63
N VAL R 86 -4.08 0.80 -23.86
CA VAL R 86 -4.70 0.04 -22.77
C VAL R 86 -6.20 -0.03 -23.08
N SER R 87 -6.87 -1.16 -22.80
CA SER R 87 -8.32 -1.24 -22.98
C SER R 87 -8.96 -2.11 -21.91
N CYS R 88 -10.17 -1.73 -21.49
CA CYS R 88 -11.00 -2.55 -20.62
C CYS R 88 -11.90 -3.50 -21.43
N ASN R 89 -12.14 -4.68 -20.86
CA ASN R 89 -13.35 -5.44 -21.11
C ASN R 89 -14.06 -5.54 -19.77
N ALA R 90 -14.92 -4.56 -19.46
CA ALA R 90 -15.50 -4.42 -18.13
C ALA R 90 -16.42 -5.58 -17.74
N SER R 91 -16.99 -6.26 -18.75
CA SER R 91 -17.77 -7.50 -18.63
C SER R 91 -16.89 -8.73 -18.36
N ALA R 92 -15.62 -8.67 -18.80
CA ALA R 92 -14.63 -9.72 -18.62
C ALA R 92 -13.63 -9.42 -17.49
N ASP R 93 -13.84 -8.33 -16.73
CA ASP R 93 -13.02 -7.93 -15.59
C ASP R 93 -11.52 -7.96 -15.92
N THR R 94 -11.17 -7.31 -17.05
CA THR R 94 -9.85 -7.43 -17.65
C THR R 94 -9.38 -6.11 -18.27
N PHE R 95 -8.10 -5.77 -18.08
CA PHE R 95 -7.40 -4.75 -18.85
C PHE R 95 -6.34 -5.41 -19.75
N THR R 96 -6.27 -5.03 -21.03
CA THR R 96 -5.17 -5.44 -21.89
C THR R 96 -4.28 -4.25 -22.21
N ILE R 97 -2.96 -4.40 -22.00
CA ILE R 97 -1.96 -3.40 -22.33
C ILE R 97 -1.16 -3.95 -23.52
N SER R 98 -0.99 -3.16 -24.60
CA SER R 98 -0.26 -3.65 -25.75
C SER R 98 0.50 -2.54 -26.50
N ARG R 99 1.60 -2.93 -27.16
CA ARG R 99 2.42 -2.06 -28.00
C ARG R 99 3.23 -2.91 -28.97
N GLY R 100 3.08 -2.65 -30.28
CA GLY R 100 3.86 -3.31 -31.32
C GLY R 100 3.86 -4.84 -31.20
N GLY R 101 2.72 -5.43 -30.85
CA GLY R 101 2.60 -6.87 -30.76
C GLY R 101 2.99 -7.47 -29.41
N LYS R 102 3.77 -6.74 -28.60
CA LYS R 102 4.02 -7.11 -27.22
C LYS R 102 2.75 -6.78 -26.41
N THR R 103 2.38 -7.67 -25.46
CA THR R 103 1.08 -7.54 -24.79
C THR R 103 1.14 -8.08 -23.36
N ARG R 104 0.24 -7.58 -22.50
CA ARG R 104 0.06 -8.04 -21.13
C ARG R 104 -1.40 -7.87 -20.72
N THR R 105 -1.88 -8.73 -19.82
CA THR R 105 -3.28 -8.71 -19.41
C THR R 105 -3.37 -8.69 -17.88
N LEU R 106 -4.23 -7.80 -17.34
CA LEU R 106 -4.47 -7.71 -15.91
C LEU R 106 -5.92 -8.09 -15.60
N ASN R 107 -6.11 -9.08 -14.71
CA ASN R 107 -7.45 -9.53 -14.35
C ASN R 107 -7.95 -8.81 -13.08
N LEU R 108 -8.31 -7.53 -13.24
CA LEU R 108 -8.79 -6.66 -12.18
C LEU R 108 -10.29 -6.41 -12.36
N THR R 109 -11.09 -6.65 -11.31
CA THR R 109 -12.55 -6.45 -11.38
C THR R 109 -12.88 -4.97 -11.52
N VAL R 110 -13.69 -4.63 -12.54
CA VAL R 110 -13.97 -3.26 -12.94
C VAL R 110 -15.39 -3.19 -13.52
N ASN R 111 -16.01 -1.99 -13.50
CA ASN R 111 -17.35 -1.80 -14.06
C ASN R 111 -17.52 -0.43 -14.76
N PHE S 1 60.24 17.34 -60.76
CA PHE S 1 59.63 16.00 -60.99
C PHE S 1 59.73 15.66 -62.47
N THR S 2 59.90 14.37 -62.79
CA THR S 2 59.92 13.94 -64.18
C THR S 2 58.50 13.97 -64.77
N LEU S 3 58.39 13.96 -66.11
CA LEU S 3 57.10 13.93 -66.77
C LEU S 3 56.32 12.65 -66.48
N ILE S 4 57.03 11.53 -66.29
CA ILE S 4 56.42 10.27 -65.92
C ILE S 4 55.74 10.37 -64.55
N GLU S 5 56.42 10.93 -63.55
CA GLU S 5 55.86 11.09 -62.21
C GLU S 5 54.61 11.98 -62.26
N LEU S 6 54.64 13.07 -63.03
CA LEU S 6 53.47 13.92 -63.20
C LEU S 6 52.32 13.18 -63.89
N ALA S 7 52.61 12.32 -64.88
CA ALA S 7 51.60 11.51 -65.56
C ALA S 7 50.93 10.53 -64.59
N ILE S 8 51.73 9.86 -63.76
CA ILE S 8 51.27 8.95 -62.72
C ILE S 8 50.37 9.71 -61.72
N VAL S 9 50.79 10.90 -61.29
CA VAL S 9 50.00 11.75 -60.40
C VAL S 9 48.67 12.15 -61.03
N ILE S 10 48.66 12.55 -62.30
CA ILE S 10 47.45 12.91 -63.03
C ILE S 10 46.47 11.73 -63.10
N VAL S 11 46.98 10.51 -63.23
CA VAL S 11 46.15 9.29 -63.19
C VAL S 11 45.57 9.07 -61.79
N ILE S 12 46.41 9.06 -60.75
CA ILE S 12 45.99 8.67 -59.41
C ILE S 12 45.06 9.70 -58.78
N ILE S 13 45.27 11.00 -58.99
CA ILE S 13 44.36 12.03 -58.52
C ILE S 13 42.94 11.77 -59.03
N GLY S 14 42.81 11.42 -60.31
CA GLY S 14 41.52 11.16 -60.93
C GLY S 14 40.79 9.94 -60.35
N ILE S 15 41.52 9.05 -59.66
CA ILE S 15 40.97 7.83 -59.08
C ILE S 15 40.74 7.98 -57.57
N LEU S 16 41.53 8.80 -56.86
CA LEU S 16 41.28 9.04 -55.45
C LEU S 16 40.19 10.10 -55.22
N VAL S 17 39.95 10.95 -56.22
CA VAL S 17 38.67 11.64 -56.37
C VAL S 17 37.70 10.65 -57.01
N ALA S 18 36.39 10.96 -57.10
CA ALA S 18 35.41 10.00 -57.59
C ALA S 18 35.27 8.77 -56.68
N ILE S 19 35.53 8.99 -55.39
CA ILE S 19 35.00 8.18 -54.31
C ILE S 19 33.62 8.72 -53.96
N ALA S 20 32.85 7.97 -53.17
CA ALA S 20 31.76 8.56 -52.41
C ALA S 20 32.32 9.30 -51.18
N VAL S 21 31.56 10.29 -50.68
CA VAL S 21 31.84 10.96 -49.41
C VAL S 21 30.51 11.23 -48.73
N PRO S 22 30.38 11.12 -47.40
CA PRO S 22 29.09 11.36 -46.74
C PRO S 22 28.71 12.83 -46.77
N ARG S 23 27.39 13.10 -46.84
CA ARG S 23 26.89 14.43 -46.57
C ARG S 23 26.87 14.67 -45.07
N PHE S 24 27.17 15.90 -44.64
CA PHE S 24 26.74 16.29 -43.31
C PHE S 24 25.22 16.48 -43.32
N VAL S 25 24.56 16.11 -42.22
CA VAL S 25 23.11 16.23 -42.10
C VAL S 25 22.78 16.89 -40.76
N ASP S 26 21.85 17.84 -40.78
CA ASP S 26 21.36 18.45 -39.55
C ASP S 26 20.42 17.48 -38.83
N LEU S 27 21.01 16.58 -38.02
CA LEU S 27 20.26 15.62 -37.22
C LEU S 27 19.79 16.21 -35.88
N THR S 28 19.82 17.54 -35.72
CA THR S 28 19.49 18.14 -34.44
C THR S 28 18.01 17.97 -34.06
N ASP S 29 17.11 17.79 -35.04
CA ASP S 29 15.71 17.53 -34.74
C ASP S 29 15.52 16.22 -33.98
N GLN S 30 16.13 15.13 -34.48
CA GLN S 30 16.06 13.82 -33.85
C GLN S 30 16.72 13.83 -32.48
N ALA S 31 17.88 14.47 -32.36
CA ALA S 31 18.58 14.60 -31.10
C ALA S 31 17.79 15.46 -30.10
N ASN S 32 17.20 16.58 -30.55
CA ASN S 32 16.38 17.44 -29.71
C ASN S 32 15.16 16.68 -29.19
N GLN S 33 14.52 15.86 -30.03
CA GLN S 33 13.38 15.07 -29.61
C GLN S 33 13.79 14.09 -28.48
N ALA S 34 14.90 13.40 -28.65
CA ALA S 34 15.42 12.50 -27.62
C ALA S 34 15.79 13.24 -26.33
N ASN S 35 16.34 14.45 -26.42
CA ASN S 35 16.62 15.29 -25.26
C ASN S 35 15.33 15.63 -24.51
N VAL S 36 14.29 16.05 -25.23
CA VAL S 36 12.99 16.40 -24.66
C VAL S 36 12.36 15.18 -23.99
N ASP S 37 12.39 14.01 -24.64
CA ASP S 37 11.86 12.78 -24.10
C ASP S 37 12.61 12.32 -22.84
N ALA S 38 13.94 12.27 -22.88
CA ALA S 38 14.75 11.93 -21.72
C ALA S 38 14.52 12.90 -20.55
N THR S 39 14.37 14.20 -20.85
CA THR S 39 14.07 15.21 -19.86
C THR S 39 12.67 15.00 -19.27
N ALA S 40 11.68 14.64 -20.10
CA ALA S 40 10.34 14.34 -19.65
C ALA S 40 10.32 13.15 -18.68
N ALA S 41 11.09 12.09 -18.95
CA ALA S 41 11.26 10.97 -18.03
C ALA S 41 11.84 11.44 -16.70
N ALA S 42 12.87 12.29 -16.74
CA ALA S 42 13.47 12.85 -15.54
C ALA S 42 12.47 13.68 -14.73
N VAL S 43 11.64 14.52 -15.38
CA VAL S 43 10.63 15.32 -14.69
C VAL S 43 9.60 14.43 -13.99
N ARG S 44 9.15 13.34 -14.63
CA ARG S 44 8.23 12.40 -14.00
C ARG S 44 8.83 11.77 -12.74
N SER S 45 10.08 11.32 -12.79
CA SER S 45 10.75 10.75 -11.63
C SER S 45 10.96 11.80 -10.53
N ALA S 46 11.40 13.00 -10.91
CA ALA S 46 11.59 14.10 -9.97
C ALA S 46 10.29 14.48 -9.27
N TYR S 47 9.17 14.47 -9.99
CA TYR S 47 7.84 14.67 -9.44
C TYR S 47 7.47 13.56 -8.47
N ALA S 48 7.64 12.30 -8.87
CA ALA S 48 7.34 11.16 -8.00
C ALA S 48 8.12 11.24 -6.68
N ILE S 49 9.44 11.48 -6.74
CA ILE S 49 10.28 11.70 -5.57
C ILE S 49 9.74 12.86 -4.73
N ALA S 50 9.36 13.97 -5.37
CA ALA S 50 8.80 15.13 -4.69
C ALA S 50 7.49 14.81 -3.93
N THR S 51 6.64 13.90 -4.43
CA THR S 51 5.42 13.54 -3.72
C THR S 51 5.70 12.83 -2.40
N VAL S 52 6.82 12.11 -2.29
CA VAL S 52 7.24 11.50 -1.03
C VAL S 52 7.79 12.59 -0.09
N GLN S 53 8.69 13.46 -0.57
CA GLN S 53 9.25 14.54 0.21
C GLN S 53 8.17 15.48 0.77
N ALA S 54 7.21 15.86 -0.07
CA ALA S 54 6.11 16.75 0.27
C ALA S 54 5.05 16.08 1.16
N LYS S 55 5.05 14.74 1.25
CA LYS S 55 4.00 13.95 1.89
C LYS S 55 2.61 14.39 1.39
N GLY S 56 2.48 14.48 0.06
CA GLY S 56 1.31 15.05 -0.60
C GLY S 56 1.65 15.63 -1.98
N ILE S 57 0.79 16.51 -2.51
CA ILE S 57 1.05 17.18 -3.78
C ILE S 57 2.24 18.13 -3.62
N PRO S 58 3.29 18.04 -4.47
CA PRO S 58 4.47 18.90 -4.34
C PRO S 58 4.26 20.27 -4.95
N THR S 59 5.08 21.22 -4.48
CA THR S 59 5.20 22.51 -5.14
C THR S 59 6.07 22.41 -6.40
N CYS S 60 5.93 23.37 -7.31
CA CYS S 60 6.76 23.44 -8.52
C CYS S 60 8.26 23.45 -8.19
N ASP S 61 8.67 24.16 -7.13
CA ASP S 61 10.04 24.22 -6.67
C ASP S 61 10.54 22.89 -6.09
N GLN S 62 9.70 22.15 -5.35
CA GLN S 62 10.05 20.84 -4.83
C GLN S 62 10.35 19.85 -5.96
N VAL S 63 9.62 19.94 -7.09
CA VAL S 63 9.89 19.12 -8.25
C VAL S 63 11.25 19.47 -8.86
N PHE S 64 11.52 20.75 -9.14
CA PHE S 64 12.79 21.13 -9.76
C PHE S 64 13.99 20.93 -8.83
N ALA S 65 13.80 20.91 -7.51
CA ALA S 65 14.87 20.57 -6.58
C ALA S 65 15.48 19.19 -6.85
N ASN S 66 14.70 18.26 -7.42
CA ASN S 66 15.13 16.91 -7.71
C ASN S 66 15.74 16.72 -9.12
N LEU S 67 15.95 17.80 -9.90
CA LEU S 67 16.59 17.71 -11.21
C LEU S 67 18.03 18.21 -11.14
N GLU S 68 18.96 17.43 -11.71
CA GLU S 68 20.39 17.64 -11.52
C GLU S 68 21.01 18.59 -12.58
N GLY S 69 20.61 18.45 -13.84
CA GLY S 69 21.41 18.93 -14.97
C GLY S 69 21.29 20.41 -15.35
N GLY S 70 21.00 21.29 -14.39
CA GLY S 70 20.67 22.67 -14.70
C GLY S 70 20.30 23.50 -13.47
N SER S 71 19.61 24.62 -13.70
CA SER S 71 19.30 25.60 -12.67
C SER S 71 17.85 26.09 -12.82
N THR S 72 17.33 26.74 -11.78
CA THR S 72 15.94 27.20 -11.77
C THR S 72 15.82 28.68 -11.42
N SER S 73 14.90 29.37 -12.10
CA SER S 73 14.41 30.72 -11.78
C SER S 73 12.90 30.61 -11.76
N GLY S 74 12.24 31.26 -10.78
CA GLY S 74 10.88 30.92 -10.33
C GLY S 74 9.94 30.35 -11.40
N SER S 75 9.44 29.11 -11.17
CA SER S 75 8.53 28.35 -12.02
C SER S 75 9.14 27.78 -13.31
N THR S 76 10.44 27.95 -13.57
CA THR S 76 11.10 27.32 -14.72
C THR S 76 12.48 26.76 -14.35
N TRP S 77 12.87 25.68 -15.02
CA TRP S 77 14.16 25.04 -14.89
C TRP S 77 14.81 25.01 -16.28
N THR S 78 16.13 25.25 -16.35
CA THR S 78 16.85 25.35 -17.62
C THR S 78 18.13 24.53 -17.54
N SER S 79 18.42 23.73 -18.59
CA SER S 79 19.64 22.93 -18.64
C SER S 79 20.88 23.83 -18.62
N SER S 80 22.00 23.34 -18.05
CA SER S 80 23.19 24.18 -17.87
C SER S 80 23.74 24.74 -19.19
N ASP S 81 23.66 23.95 -20.27
CA ASP S 81 23.71 24.48 -21.63
C ASP S 81 22.27 24.88 -21.99
N ASN S 82 22.00 26.18 -22.14
CA ASN S 82 20.69 26.80 -21.87
C ASN S 82 19.50 26.40 -22.77
N SER S 83 19.66 25.47 -23.73
CA SER S 83 18.67 25.24 -24.78
C SER S 83 17.43 24.46 -24.31
N THR S 84 17.55 23.54 -23.35
CA THR S 84 16.40 22.77 -22.86
C THR S 84 15.74 23.50 -21.69
N THR S 85 14.42 23.67 -21.77
CA THR S 85 13.65 24.35 -20.74
C THR S 85 12.55 23.44 -20.22
N VAL S 86 12.27 23.51 -18.91
CA VAL S 86 11.06 22.97 -18.31
C VAL S 86 10.34 24.11 -17.61
N SER S 87 9.00 24.16 -17.65
CA SER S 87 8.27 25.19 -16.91
C SER S 87 6.94 24.65 -16.36
N CYS S 88 6.56 25.12 -15.17
CA CYS S 88 5.24 24.85 -14.60
C CYS S 88 4.21 25.91 -15.03
N ASN S 89 2.98 25.46 -15.19
CA ASN S 89 1.81 26.30 -15.01
C ASN S 89 1.04 25.69 -13.85
N ALA S 90 1.35 26.12 -12.62
CA ALA S 90 0.85 25.48 -11.41
C ALA S 90 -0.67 25.59 -11.25
N SER S 91 -1.27 26.63 -11.85
CA SER S 91 -2.71 26.85 -11.97
C SER S 91 -3.36 25.93 -13.00
N ALA S 92 -2.59 25.49 -14.01
CA ALA S 92 -3.02 24.60 -15.07
C ALA S 92 -2.57 23.14 -14.86
N ASP S 93 -1.95 22.83 -13.71
CA ASP S 93 -1.50 21.49 -13.33
C ASP S 93 -0.69 20.82 -14.46
N THR S 94 0.30 21.56 -14.97
CA THR S 94 1.00 21.18 -16.19
C THR S 94 2.49 21.56 -16.13
N PHE S 95 3.36 20.66 -16.63
CA PHE S 95 4.75 20.96 -16.96
C PHE S 95 4.94 20.91 -18.47
N THR S 96 5.62 21.90 -19.05
CA THR S 96 6.03 21.83 -20.45
C THR S 96 7.55 21.68 -20.54
N ILE S 97 8.01 20.69 -21.30
CA ILE S 97 9.42 20.45 -21.58
C ILE S 97 9.66 20.81 -23.04
N SER S 98 10.68 21.64 -23.35
CA SER S 98 10.93 22.00 -24.74
C SER S 98 12.41 22.26 -25.04
N ARG S 99 12.79 22.04 -26.31
CA ARG S 99 14.12 22.28 -26.83
C ARG S 99 14.07 22.44 -28.35
N GLY S 100 14.54 23.57 -28.87
CA GLY S 100 14.63 23.80 -30.31
C GLY S 100 13.33 23.51 -31.07
N GLY S 101 12.19 23.87 -30.47
CA GLY S 101 10.90 23.69 -31.13
C GLY S 101 10.26 22.31 -30.89
N LYS S 102 11.05 21.30 -30.51
CA LYS S 102 10.51 20.02 -30.05
C LYS S 102 9.96 20.22 -28.64
N THR S 103 8.80 19.62 -28.33
CA THR S 103 8.09 19.92 -27.08
C THR S 103 7.31 18.70 -26.57
N ARG S 104 7.08 18.66 -25.26
CA ARG S 104 6.26 17.66 -24.60
C ARG S 104 5.58 18.27 -23.38
N THR S 105 4.39 17.76 -23.01
CA THR S 105 3.62 18.31 -21.92
C THR S 105 3.22 17.18 -20.96
N LEU S 106 3.39 17.42 -19.65
CA LEU S 106 2.99 16.47 -18.61
C LEU S 106 1.88 17.08 -17.75
N ASN S 107 0.74 16.38 -17.64
CA ASN S 107 -0.40 16.88 -16.86
C ASN S 107 -0.35 16.30 -15.44
N LEU S 108 0.57 16.81 -14.62
CA LEU S 108 0.79 16.41 -13.24
C LEU S 108 0.30 17.50 -12.30
N THR S 109 -0.55 17.17 -11.32
CA THR S 109 -1.08 18.15 -10.37
C THR S 109 0.03 18.66 -9.45
N VAL S 110 0.16 20.00 -9.38
CA VAL S 110 1.26 20.67 -8.70
C VAL S 110 0.76 22.00 -8.13
N ASN S 111 1.46 22.53 -7.10
CA ASN S 111 1.10 23.81 -6.51
C ASN S 111 2.32 24.65 -6.08
N PHE T 1 67.04 14.35 -70.75
CA PHE T 1 65.68 14.72 -71.23
C PHE T 1 65.82 15.76 -72.33
N THR T 2 64.92 15.73 -73.32
CA THR T 2 64.92 16.73 -74.38
C THR T 2 64.39 18.07 -73.84
N LEU T 3 64.66 19.17 -74.57
CA LEU T 3 64.17 20.49 -74.18
C LEU T 3 62.64 20.56 -74.21
N ILE T 4 62.01 19.82 -75.14
CA ILE T 4 60.56 19.74 -75.23
C ILE T 4 59.98 19.13 -73.97
N GLU T 5 60.52 18.01 -73.49
CA GLU T 5 60.05 17.35 -72.29
C GLU T 5 60.17 18.27 -71.07
N LEU T 6 61.29 19.00 -70.96
CA LEU T 6 61.47 19.97 -69.88
C LEU T 6 60.45 21.12 -69.99
N ALA T 7 60.13 21.59 -71.21
CA ALA T 7 59.14 22.63 -71.42
C ALA T 7 57.75 22.16 -70.97
N ILE T 8 57.37 20.93 -71.34
CA ILE T 8 56.13 20.30 -70.93
C ILE T 8 56.05 20.19 -69.40
N VAL T 9 57.15 19.75 -68.75
CA VAL T 9 57.25 19.66 -67.30
C VAL T 9 57.07 21.03 -66.65
N ILE T 10 57.72 22.08 -67.17
CA ILE T 10 57.62 23.44 -66.66
C ILE T 10 56.18 23.94 -66.73
N VAL T 11 55.43 23.56 -67.78
CA VAL T 11 54.01 23.88 -67.89
C VAL T 11 53.18 23.14 -66.85
N ILE T 12 53.32 21.81 -66.77
CA ILE T 12 52.45 20.99 -65.95
C ILE T 12 52.69 21.21 -64.45
N ILE T 13 53.93 21.41 -64.02
CA ILE T 13 54.22 21.75 -62.62
C ILE T 13 53.43 22.98 -62.20
N GLY T 14 53.40 24.02 -63.06
CA GLY T 14 52.70 25.26 -62.77
C GLY T 14 51.19 25.10 -62.64
N ILE T 15 50.62 24.00 -63.16
CA ILE T 15 49.20 23.73 -63.14
C ILE T 15 48.82 22.73 -62.04
N LEU T 16 49.72 21.79 -61.67
CA LEU T 16 49.44 20.89 -60.56
C LEU T 16 49.72 21.53 -59.20
N VAL T 17 50.56 22.57 -59.18
CA VAL T 17 50.55 23.57 -58.12
C VAL T 17 49.41 24.53 -58.43
N ALA T 18 49.04 25.45 -57.50
CA ALA T 18 47.87 26.32 -57.71
C ALA T 18 46.56 25.53 -57.75
N ILE T 19 46.55 24.40 -57.05
CA ILE T 19 45.34 23.79 -56.53
C ILE T 19 45.02 24.44 -55.19
N ALA T 20 43.80 24.21 -54.68
CA ALA T 20 43.57 24.38 -53.24
C ALA T 20 44.16 23.18 -52.48
N VAL T 21 44.48 23.40 -51.19
CA VAL T 21 44.86 22.33 -50.27
C VAL T 21 44.27 22.67 -48.90
N PRO T 22 43.76 21.70 -48.11
CA PRO T 22 43.16 22.02 -46.82
C PRO T 22 44.21 22.49 -45.80
N ARG T 23 43.79 23.38 -44.90
CA ARG T 23 44.58 23.67 -43.72
C ARG T 23 44.40 22.55 -42.70
N PHE T 24 45.46 22.20 -41.97
CA PHE T 24 45.25 21.50 -40.72
C PHE T 24 44.66 22.47 -39.70
N VAL T 25 43.75 21.98 -38.85
CA VAL T 25 43.09 22.81 -37.84
C VAL T 25 43.15 22.06 -36.51
N ASP T 26 43.49 22.79 -35.44
CA ASP T 26 43.45 22.21 -34.10
C ASP T 26 42.00 22.10 -33.62
N LEU T 27 41.34 20.99 -33.99
CA LEU T 27 39.96 20.71 -33.58
C LEU T 27 39.89 20.05 -32.20
N THR T 28 40.97 20.09 -31.41
CA THR T 28 40.98 19.37 -30.13
C THR T 28 40.01 19.98 -29.12
N ASP T 29 39.67 21.27 -29.23
CA ASP T 29 38.69 21.87 -28.34
C ASP T 29 37.30 21.23 -28.49
N GLN T 30 36.83 21.09 -29.73
CA GLN T 30 35.54 20.48 -30.03
C GLN T 30 35.53 19.01 -29.62
N ALA T 31 36.61 18.28 -29.92
CA ALA T 31 36.75 16.89 -29.54
C ALA T 31 36.83 16.72 -28.02
N ASN T 32 37.58 17.58 -27.32
CA ASN T 32 37.68 17.56 -25.87
C ASN T 32 36.31 17.81 -25.22
N GLN T 33 35.53 18.75 -25.76
CA GLN T 33 34.19 19.02 -25.26
C GLN T 33 33.30 17.77 -25.37
N ALA T 34 33.31 17.11 -26.52
CA ALA T 34 32.56 15.88 -26.72
C ALA T 34 33.04 14.76 -25.79
N ASN T 35 34.34 14.65 -25.53
CA ASN T 35 34.88 13.69 -24.58
C ASN T 35 34.34 13.95 -23.17
N VAL T 36 34.36 15.22 -22.73
CA VAL T 36 33.86 15.62 -21.42
C VAL T 36 32.37 15.34 -21.29
N ASP T 37 31.58 15.65 -22.32
CA ASP T 37 30.15 15.40 -22.34
C ASP T 37 29.83 13.90 -22.32
N ALA T 38 30.45 13.10 -23.18
CA ALA T 38 30.27 11.65 -23.18
C ALA T 38 30.68 11.03 -21.83
N THR T 39 31.76 11.53 -21.22
CA THR T 39 32.20 11.09 -19.92
C THR T 39 31.19 11.48 -18.83
N ALA T 40 30.61 12.67 -18.91
CA ALA T 40 29.58 13.11 -17.99
C ALA T 40 28.33 12.22 -18.05
N ALA T 41 27.90 11.81 -19.25
CA ALA T 41 26.83 10.84 -19.43
C ALA T 41 27.17 9.51 -18.73
N ALA T 42 28.39 9.02 -18.93
CA ALA T 42 28.86 7.80 -18.30
C ALA T 42 28.86 7.90 -16.77
N VAL T 43 29.30 9.03 -16.20
CA VAL T 43 29.30 9.24 -14.75
C VAL T 43 27.87 9.21 -14.19
N ARG T 44 26.90 9.85 -14.87
CA ARG T 44 25.51 9.80 -14.46
C ARG T 44 24.97 8.37 -14.42
N SER T 45 25.22 7.58 -15.46
CA SER T 45 24.78 6.18 -15.50
C SER T 45 25.48 5.35 -14.42
N ALA T 46 26.80 5.52 -14.26
CA ALA T 46 27.58 4.83 -13.24
C ALA T 46 27.07 5.13 -11.83
N TYR T 47 26.68 6.39 -11.58
CA TYR T 47 26.06 6.82 -10.34
C TYR T 47 24.70 6.15 -10.15
N ALA T 48 23.84 6.18 -11.16
CA ALA T 48 22.54 5.54 -11.07
C ALA T 48 22.65 4.06 -10.74
N ILE T 49 23.52 3.32 -11.45
CA ILE T 49 23.82 1.92 -11.16
C ILE T 49 24.32 1.76 -9.72
N ALA T 50 25.21 2.64 -9.26
CA ALA T 50 25.73 2.62 -7.90
C ALA T 50 24.63 2.80 -6.84
N THR T 51 23.57 3.59 -7.10
CA THR T 51 22.49 3.75 -6.13
C THR T 51 21.69 2.46 -5.92
N VAL T 52 21.64 1.58 -6.93
CA VAL T 52 21.02 0.27 -6.77
C VAL T 52 21.95 -0.66 -5.98
N GLN T 53 23.24 -0.73 -6.34
CA GLN T 53 24.24 -1.54 -5.64
C GLN T 53 24.33 -1.17 -4.15
N ALA T 54 24.38 0.14 -3.86
CA ALA T 54 24.50 0.67 -2.50
C ALA T 54 23.20 0.55 -1.70
N LYS T 55 22.06 0.30 -2.37
CA LYS T 55 20.72 0.35 -1.78
C LYS T 55 20.52 1.65 -0.99
N GLY T 56 20.87 2.78 -1.63
CA GLY T 56 20.93 4.08 -1.00
C GLY T 56 21.93 5.02 -1.70
N ILE T 57 22.38 6.08 -1.01
CA ILE T 57 23.37 6.99 -1.55
C ILE T 57 24.71 6.25 -1.67
N PRO T 58 25.37 6.26 -2.86
CA PRO T 58 26.63 5.54 -3.04
C PRO T 58 27.84 6.32 -2.53
N THR T 59 28.91 5.58 -2.24
CA THR T 59 30.21 6.19 -2.01
C THR T 59 30.87 6.61 -3.32
N CYS T 60 31.83 7.53 -3.26
CA CYS T 60 32.60 7.95 -4.42
C CYS T 60 33.26 6.77 -5.15
N ASP T 61 33.79 5.80 -4.40
CA ASP T 61 34.40 4.59 -4.93
C ASP T 61 33.39 3.66 -5.62
N GLN T 62 32.18 3.52 -5.06
CA GLN T 62 31.13 2.72 -5.69
C GLN T 62 30.74 3.28 -7.05
N VAL T 63 30.74 4.60 -7.22
CA VAL T 63 30.48 5.22 -8.51
C VAL T 63 31.59 4.90 -9.50
N PHE T 64 32.86 5.13 -9.15
CA PHE T 64 33.97 4.87 -10.06
C PHE T 64 34.15 3.38 -10.37
N ALA T 65 33.72 2.47 -9.50
CA ALA T 65 33.73 1.04 -9.78
C ALA T 65 32.94 0.69 -11.05
N ASN T 66 31.93 1.49 -11.41
CA ASN T 66 31.09 1.27 -12.58
C ASN T 66 31.59 1.95 -13.86
N LEU T 67 32.78 2.57 -13.87
CA LEU T 67 33.35 3.18 -15.07
C LEU T 67 34.47 2.29 -15.64
N GLU T 68 34.42 2.05 -16.96
CA GLU T 68 35.26 1.05 -17.62
C GLU T 68 36.60 1.61 -18.10
N GLY T 69 36.62 2.82 -18.66
CA GLY T 69 37.69 3.26 -19.55
C GLY T 69 38.96 3.82 -18.89
N GLY T 70 39.31 3.38 -17.68
CA GLY T 70 40.38 4.01 -16.92
C GLY T 70 40.57 3.39 -15.54
N SER T 71 41.22 4.15 -14.64
CA SER T 71 41.63 3.68 -13.33
C SER T 71 41.36 4.76 -12.28
N THR T 72 41.39 4.36 -11.00
CA THR T 72 41.08 5.29 -9.90
C THR T 72 42.17 5.28 -8.82
N SER T 73 42.46 6.48 -8.29
CA SER T 73 43.25 6.71 -7.09
C SER T 73 42.41 7.61 -6.19
N GLY T 74 42.38 7.36 -4.88
CA GLY T 74 41.32 7.81 -3.98
C GLY T 74 40.64 9.14 -4.33
N SER T 75 39.31 9.11 -4.56
CA SER T 75 38.43 10.22 -4.91
C SER T 75 38.58 10.77 -6.35
N THR T 76 39.45 10.18 -7.19
CA THR T 76 39.53 10.58 -8.60
C THR T 76 39.66 9.35 -9.53
N TRP T 77 39.11 9.49 -10.73
CA TRP T 77 39.18 8.50 -11.80
C TRP T 77 39.84 9.18 -13.01
N THR T 78 40.69 8.45 -13.73
CA THR T 78 41.46 8.99 -14.85
C THR T 78 41.38 8.04 -16.04
N SER T 79 41.12 8.55 -17.25
CA SER T 79 41.07 7.72 -18.46
C SER T 79 42.42 7.05 -18.72
N SER T 80 42.43 5.86 -19.32
CA SER T 80 43.67 5.10 -19.50
C SER T 80 44.74 5.85 -20.31
N ASP T 81 44.31 6.63 -21.31
CA ASP T 81 45.12 7.73 -21.85
C ASP T 81 44.84 8.94 -20.96
N ASN T 82 45.83 9.41 -20.18
CA ASN T 82 45.63 10.10 -18.90
C ASN T 82 44.93 11.46 -18.92
N SER T 83 44.49 11.98 -20.07
CA SER T 83 44.06 13.38 -20.19
C SER T 83 42.68 13.69 -19.59
N THR T 84 41.73 12.74 -19.60
CA THR T 84 40.41 12.98 -19.02
C THR T 84 40.39 12.57 -17.55
N THR T 85 39.90 13.47 -16.70
CA THR T 85 39.83 13.26 -15.26
C THR T 85 38.38 13.41 -14.77
N VAL T 86 37.98 12.58 -13.81
CA VAL T 86 36.78 12.79 -13.01
C VAL T 86 37.20 12.85 -11.54
N SER T 87 36.59 13.72 -10.72
CA SER T 87 36.90 13.75 -9.29
C SER T 87 35.67 14.07 -8.46
N CYS T 88 35.57 13.44 -7.27
CA CYS T 88 34.56 13.79 -6.29
C CYS T 88 35.04 14.90 -5.35
N ASN T 89 34.08 15.73 -4.92
CA ASN T 89 34.17 16.43 -3.65
C ASN T 89 32.99 15.92 -2.83
N ALA T 90 33.18 14.83 -2.08
CA ALA T 90 32.10 14.12 -1.41
C ALA T 90 31.40 14.96 -0.33
N SER T 91 32.12 15.94 0.25
CA SER T 91 31.62 16.95 1.17
C SER T 91 30.81 18.04 0.47
N ALA T 92 31.07 18.26 -0.83
CA ALA T 92 30.39 19.24 -1.67
C ALA T 92 29.35 18.61 -2.60
N ASP T 93 29.11 17.29 -2.47
CA ASP T 93 28.11 16.53 -3.24
C ASP T 93 28.23 16.82 -4.74
N THR T 94 29.47 16.70 -5.26
CA THR T 94 29.81 17.15 -6.60
C THR T 94 30.83 16.24 -7.28
N PHE T 95 30.65 15.97 -8.58
CA PHE T 95 31.65 15.39 -9.46
C PHE T 95 32.09 16.43 -10.49
N THR T 96 33.40 16.60 -10.70
CA THR T 96 33.90 17.42 -11.81
C THR T 96 34.54 16.52 -12.85
N ILE T 97 34.14 16.69 -14.12
CA ILE T 97 34.71 16.00 -15.27
C ILE T 97 35.49 17.03 -16.08
N SER T 98 36.75 16.75 -16.42
CA SER T 98 37.53 17.72 -17.19
C SER T 98 38.55 17.06 -18.12
N ARG T 99 38.88 17.78 -19.21
CA ARG T 99 39.88 17.39 -20.20
C ARG T 99 40.34 18.62 -20.97
N GLY T 100 41.66 18.88 -20.96
CA GLY T 100 42.26 19.97 -21.73
C GLY T 100 41.56 21.32 -21.54
N GLY T 101 41.15 21.61 -20.29
CA GLY T 101 40.52 22.89 -19.99
C GLY T 101 39.00 22.92 -20.20
N LYS T 102 38.46 22.01 -21.00
CA LYS T 102 37.01 21.81 -21.10
C LYS T 102 36.55 21.09 -19.83
N THR T 103 35.40 21.49 -19.27
CA THR T 103 34.99 21.01 -17.96
C THR T 103 33.46 20.94 -17.83
N ARG T 104 32.98 20.05 -16.94
CA ARG T 104 31.57 19.92 -16.60
C ARG T 104 31.44 19.48 -15.14
N THR T 105 30.34 19.87 -14.49
CA THR T 105 30.14 19.57 -13.07
C THR T 105 28.76 18.93 -12.87
N LEU T 106 28.72 17.84 -12.10
CA LEU T 106 27.46 17.16 -11.75
C LEU T 106 27.21 17.26 -10.25
N ASN T 107 26.04 17.79 -9.87
CA ASN T 107 25.70 17.96 -8.46
C ASN T 107 24.87 16.77 -7.96
N LEU T 108 25.56 15.62 -7.78
CA LEU T 108 24.98 14.36 -7.32
C LEU T 108 25.42 14.08 -5.88
N THR T 109 24.46 13.82 -4.98
CA THR T 109 24.78 13.54 -3.58
C THR T 109 25.53 12.21 -3.44
N VAL T 110 26.68 12.24 -2.75
CA VAL T 110 27.62 11.13 -2.67
C VAL T 110 28.35 11.18 -1.32
N ASN T 111 28.87 10.03 -0.85
CA ASN T 111 29.61 9.96 0.40
C ASN T 111 30.80 8.99 0.35
N PHE U 1 70.40 17.44 -82.35
CA PHE U 1 70.16 18.70 -81.59
C PHE U 1 71.37 19.61 -81.77
N THR U 2 71.15 20.93 -81.81
CA THR U 2 72.26 21.88 -81.89
C THR U 2 72.98 21.97 -80.53
N LEU U 3 74.20 22.51 -80.52
CA LEU U 3 74.96 22.70 -79.29
C LEU U 3 74.28 23.69 -78.34
N ILE U 4 73.59 24.69 -78.90
CA ILE U 4 72.83 25.65 -78.11
C ILE U 4 71.71 24.95 -77.34
N GLU U 5 70.93 24.10 -78.01
CA GLU U 5 69.84 23.37 -77.36
C GLU U 5 70.37 22.48 -76.25
N LEU U 6 71.49 21.79 -76.45
CA LEU U 6 72.13 20.99 -75.42
C LEU U 6 72.60 21.85 -74.25
N ALA U 7 73.14 23.05 -74.51
CA ALA U 7 73.57 23.98 -73.47
C ALA U 7 72.39 24.43 -72.60
N ILE U 8 71.27 24.78 -73.25
CA ILE U 8 70.02 25.15 -72.60
C ILE U 8 69.51 24.00 -71.73
N VAL U 9 69.53 22.76 -72.25
CA VAL U 9 69.13 21.57 -71.52
C VAL U 9 70.02 21.35 -70.28
N ILE U 10 71.34 21.49 -70.42
CA ILE U 10 72.30 21.35 -69.34
C ILE U 10 72.02 22.37 -68.23
N VAL U 11 71.61 23.59 -68.58
CA VAL U 11 71.20 24.60 -67.62
C VAL U 11 69.91 24.21 -66.90
N ILE U 12 68.85 23.88 -67.65
CA ILE U 12 67.52 23.67 -67.08
C ILE U 12 67.45 22.40 -66.23
N ILE U 13 68.13 21.32 -66.62
CA ILE U 13 68.20 20.11 -65.80
C ILE U 13 68.74 20.44 -64.42
N GLY U 14 69.79 21.26 -64.35
CA GLY U 14 70.40 21.63 -63.09
C GLY U 14 69.50 22.45 -62.17
N ILE U 15 68.43 23.05 -62.73
CA ILE U 15 67.50 23.89 -61.99
C ILE U 15 66.20 23.14 -61.66
N LEU U 16 65.78 22.17 -62.49
CA LEU U 16 64.60 21.36 -62.16
C LEU U 16 64.95 20.23 -61.19
N VAL U 17 66.22 19.82 -61.13
CA VAL U 17 66.77 19.14 -59.97
C VAL U 17 67.09 20.23 -58.93
N ALA U 18 67.45 19.86 -57.69
CA ALA U 18 67.66 20.86 -56.63
C ALA U 18 66.36 21.61 -56.26
N ILE U 19 65.23 20.91 -56.46
CA ILE U 19 63.99 21.18 -55.75
C ILE U 19 64.05 20.43 -54.42
N ALA U 20 63.12 20.75 -53.50
CA ALA U 20 62.79 19.81 -52.45
C ALA U 20 61.88 18.70 -52.99
N VAL U 21 61.89 17.53 -52.32
CA VAL U 21 60.96 16.45 -52.60
C VAL U 21 60.60 15.80 -51.25
N PRO U 22 59.35 15.36 -51.00
CA PRO U 22 59.00 14.79 -49.71
C PRO U 22 59.64 13.42 -49.50
N ARG U 23 59.97 13.10 -48.25
CA ARG U 23 60.30 11.73 -47.89
C ARG U 23 59.02 10.92 -47.79
N PHE U 24 59.07 9.64 -48.20
CA PHE U 24 58.05 8.71 -47.72
C PHE U 24 58.32 8.42 -46.25
N VAL U 25 57.25 8.27 -45.45
CA VAL U 25 57.37 8.00 -44.03
C VAL U 25 56.43 6.84 -43.68
N ASP U 26 56.94 5.90 -42.87
CA ASP U 26 56.11 4.81 -42.38
C ASP U 26 55.18 5.33 -41.27
N LEU U 27 54.02 5.87 -41.68
CA LEU U 27 53.01 6.37 -40.76
C LEU U 27 52.07 5.27 -40.27
N THR U 28 52.44 3.98 -40.44
CA THR U 28 51.53 2.89 -40.09
C THR U 28 51.30 2.79 -38.58
N ASP U 29 52.24 3.26 -37.75
CA ASP U 29 52.04 3.26 -36.30
C ASP U 29 50.85 4.14 -35.89
N GLN U 30 50.81 5.38 -36.40
CA GLN U 30 49.74 6.33 -36.12
C GLN U 30 48.40 5.83 -36.66
N ALA U 31 48.40 5.29 -37.88
CA ALA U 31 47.21 4.72 -38.49
C ALA U 31 46.73 3.47 -37.74
N ASN U 32 47.65 2.59 -37.33
CA ASN U 32 47.32 1.40 -36.55
C ASN U 32 46.69 1.79 -35.22
N GLN U 33 47.22 2.82 -34.55
CA GLN U 33 46.66 3.28 -33.29
C GLN U 33 45.21 3.75 -33.49
N ALA U 34 44.95 4.55 -34.53
CA ALA U 34 43.61 5.00 -34.84
C ALA U 34 42.67 3.85 -35.19
N ASN U 35 43.17 2.82 -35.89
CA ASN U 35 42.39 1.61 -36.18
C ASN U 35 41.98 0.89 -34.88
N VAL U 36 42.94 0.71 -33.96
CA VAL U 36 42.71 0.07 -32.68
C VAL U 36 41.70 0.86 -31.85
N ASP U 37 41.84 2.18 -31.80
CA ASP U 37 40.92 3.06 -31.08
C ASP U 37 39.51 3.03 -31.66
N ALA U 38 39.36 3.21 -32.98
CA ALA U 38 38.07 3.12 -33.63
C ALA U 38 37.41 1.75 -33.44
N THR U 39 38.21 0.67 -33.48
CA THR U 39 37.73 -0.67 -33.22
C THR U 39 37.29 -0.83 -31.77
N ALA U 40 38.02 -0.26 -30.82
CA ALA U 40 37.64 -0.27 -29.41
C ALA U 40 36.30 0.44 -29.17
N ALA U 41 36.05 1.57 -29.83
CA ALA U 41 34.76 2.24 -29.79
C ALA U 41 33.65 1.32 -30.32
N ALA U 42 33.89 0.65 -31.44
CA ALA U 42 32.93 -0.30 -32.01
C ALA U 42 32.64 -1.47 -31.06
N VAL U 43 33.65 -2.03 -30.39
CA VAL U 43 33.46 -3.12 -29.44
C VAL U 43 32.60 -2.67 -28.26
N ARG U 44 32.82 -1.46 -27.73
CA ARG U 44 31.99 -0.92 -26.66
C ARG U 44 30.52 -0.81 -27.06
N SER U 45 30.25 -0.27 -28.26
CA SER U 45 28.89 -0.15 -28.76
C SER U 45 28.26 -1.52 -29.00
N ALA U 46 29.01 -2.45 -29.61
CA ALA U 46 28.56 -3.81 -29.87
C ALA U 46 28.21 -4.55 -28.58
N TYR U 47 29.02 -4.33 -27.52
CA TYR U 47 28.75 -4.84 -26.19
C TYR U 47 27.47 -4.25 -25.61
N ALA U 48 27.32 -2.92 -25.66
CA ALA U 48 26.13 -2.26 -25.14
C ALA U 48 24.86 -2.79 -25.83
N ILE U 49 24.85 -2.88 -27.17
CA ILE U 49 23.76 -3.48 -27.93
C ILE U 49 23.51 -4.92 -27.49
N ALA U 50 24.57 -5.71 -27.29
CA ALA U 50 24.46 -7.08 -26.82
C ALA U 50 23.81 -7.20 -25.44
N THR U 51 24.02 -6.24 -24.52
CA THR U 51 23.37 -6.30 -23.21
C THR U 51 21.85 -6.14 -23.30
N VAL U 52 21.34 -5.45 -24.32
CA VAL U 52 19.91 -5.35 -24.56
C VAL U 52 19.40 -6.67 -25.16
N GLN U 53 20.07 -7.20 -26.19
CA GLN U 53 19.70 -8.47 -26.82
C GLN U 53 19.69 -9.63 -25.82
N ALA U 54 20.72 -9.72 -24.98
CA ALA U 54 20.89 -10.76 -23.98
C ALA U 54 19.94 -10.59 -22.78
N LYS U 55 19.34 -9.40 -22.60
CA LYS U 55 18.58 -9.02 -21.42
C LYS U 55 19.36 -9.34 -20.15
N GLY U 56 20.64 -8.91 -20.12
CA GLY U 56 21.59 -9.26 -19.09
C GLY U 56 23.04 -9.21 -19.61
N ILE U 57 23.97 -9.87 -18.89
CA ILE U 57 25.36 -9.95 -19.34
C ILE U 57 25.43 -10.79 -20.61
N PRO U 58 26.05 -10.28 -21.71
CA PRO U 58 26.13 -11.01 -22.97
C PRO U 58 27.25 -12.05 -22.99
N THR U 59 27.10 -13.04 -23.87
CA THR U 59 28.18 -13.94 -24.20
C THR U 59 29.18 -13.27 -25.14
N CYS U 60 30.41 -13.81 -25.20
CA CYS U 60 31.43 -13.32 -26.12
C CYS U 60 30.95 -13.32 -27.58
N ASP U 61 30.21 -14.37 -27.99
CA ASP U 61 29.65 -14.49 -29.33
C ASP U 61 28.55 -13.46 -29.61
N GLN U 62 27.69 -13.16 -28.62
CA GLN U 62 26.67 -12.13 -28.77
C GLN U 62 27.27 -10.76 -29.04
N VAL U 63 28.42 -10.45 -28.42
CA VAL U 63 29.14 -9.22 -28.67
C VAL U 63 29.66 -9.18 -30.11
N PHE U 64 30.39 -10.21 -30.55
CA PHE U 64 30.95 -10.22 -31.90
C PHE U 64 29.88 -10.30 -32.99
N ALA U 65 28.70 -10.82 -32.70
CA ALA U 65 27.58 -10.81 -33.64
C ALA U 65 27.22 -9.38 -34.09
N ASN U 66 27.48 -8.37 -33.26
CA ASN U 66 27.16 -6.98 -33.54
C ASN U 66 28.30 -6.20 -34.23
N LEU U 67 29.40 -6.85 -34.64
CA LEU U 67 30.50 -6.20 -35.35
C LEU U 67 30.46 -6.57 -36.84
N GLU U 68 30.56 -5.55 -37.70
CA GLU U 68 30.30 -5.69 -39.13
C GLU U 68 31.56 -6.09 -39.94
N GLY U 69 32.71 -5.49 -39.62
CA GLY U 69 33.83 -5.42 -40.56
C GLY U 69 34.76 -6.64 -40.65
N GLY U 70 34.26 -7.85 -40.39
CA GLY U 70 35.13 -9.01 -40.27
C GLY U 70 34.36 -10.28 -39.90
N SER U 71 35.08 -11.27 -39.37
CA SER U 71 34.56 -12.61 -39.11
C SER U 71 35.07 -13.12 -37.76
N THR U 72 34.44 -14.17 -37.23
CA THR U 72 34.77 -14.70 -35.91
C THR U 72 35.04 -16.21 -35.96
N SER U 73 36.05 -16.64 -35.18
CA SER U 73 36.33 -18.03 -34.84
C SER U 73 36.44 -18.08 -33.32
N GLY U 74 35.88 -19.11 -32.67
CA GLY U 74 35.50 -19.08 -31.26
C GLY U 74 36.37 -18.22 -30.33
N SER U 75 35.73 -17.22 -29.67
CA SER U 75 36.32 -16.25 -28.74
C SER U 75 37.21 -15.17 -29.38
N THR U 76 37.36 -15.12 -30.71
CA THR U 76 38.09 -14.03 -31.38
C THR U 76 37.36 -13.56 -32.65
N TRP U 77 37.51 -12.27 -32.94
CA TRP U 77 36.99 -11.62 -34.14
C TRP U 77 38.18 -11.00 -34.88
N THR U 78 38.17 -11.07 -36.22
CA THR U 78 39.29 -10.62 -37.05
C THR U 78 38.75 -9.77 -38.20
N SER U 79 39.35 -8.62 -38.48
CA SER U 79 38.94 -7.76 -39.59
C SER U 79 39.12 -8.48 -40.93
N SER U 80 38.28 -8.17 -41.92
CA SER U 80 38.30 -8.91 -43.19
C SER U 80 39.66 -8.85 -43.92
N ASP U 81 40.35 -7.72 -43.82
CA ASP U 81 41.79 -7.65 -44.03
C ASP U 81 42.46 -7.98 -42.69
N ASN U 82 43.12 -9.14 -42.59
CA ASN U 82 43.28 -9.92 -41.36
C ASN U 82 44.08 -9.29 -40.20
N SER U 83 44.58 -8.06 -40.33
CA SER U 83 45.56 -7.51 -39.39
C SER U 83 44.99 -7.08 -38.03
N THR U 84 43.73 -6.61 -37.96
CA THR U 84 43.13 -6.20 -36.69
C THR U 84 42.42 -7.38 -36.04
N THR U 85 42.72 -7.62 -34.76
CA THR U 85 42.13 -8.72 -34.00
C THR U 85 41.43 -8.17 -32.75
N VAL U 86 40.30 -8.78 -32.39
CA VAL U 86 39.68 -8.62 -31.07
C VAL U 86 39.57 -10.01 -30.45
N SER U 87 39.78 -10.15 -29.14
CA SER U 87 39.61 -11.44 -28.48
C SER U 87 39.05 -11.27 -27.07
N CYS U 88 38.19 -12.21 -26.64
CA CYS U 88 37.73 -12.31 -25.26
C CYS U 88 38.65 -13.17 -24.42
N ASN U 89 38.76 -12.81 -23.14
CA ASN U 89 39.08 -13.74 -22.08
C ASN U 89 37.86 -13.71 -21.15
N ALA U 90 36.87 -14.56 -21.42
CA ALA U 90 35.57 -14.51 -20.75
C ALA U 90 35.64 -14.79 -19.24
N SER U 91 36.68 -15.55 -18.83
CA SER U 91 37.04 -15.83 -17.43
C SER U 91 37.72 -14.63 -16.76
N ALA U 92 38.37 -13.76 -17.56
CA ALA U 92 39.05 -12.55 -17.10
C ALA U 92 38.23 -11.27 -17.35
N ASP U 93 36.99 -11.40 -17.84
CA ASP U 93 36.07 -10.29 -18.09
C ASP U 93 36.74 -9.16 -18.88
N THR U 94 37.37 -9.55 -20.01
CA THR U 94 38.27 -8.67 -20.75
C THR U 94 38.17 -8.90 -22.26
N PHE U 95 38.17 -7.81 -23.05
CA PHE U 95 38.42 -7.83 -24.49
C PHE U 95 39.77 -7.18 -24.79
N THR U 96 40.60 -7.80 -25.63
CA THR U 96 41.80 -7.13 -26.14
C THR U 96 41.64 -6.85 -27.62
N ILE U 97 41.90 -5.60 -28.02
CA ILE U 97 41.89 -5.16 -29.41
C ILE U 97 43.33 -4.88 -29.80
N SER U 98 43.81 -5.43 -30.92
CA SER U 98 45.20 -5.20 -31.32
C SER U 98 45.40 -5.19 -32.84
N ARG U 99 46.43 -4.45 -33.29
CA ARG U 99 46.83 -4.36 -34.68
C ARG U 99 48.29 -3.89 -34.76
N GLY U 100 49.15 -4.68 -35.41
CA GLY U 100 50.54 -4.31 -35.64
C GLY U 100 51.28 -3.85 -34.38
N GLY U 101 51.01 -4.51 -33.25
CA GLY U 101 51.69 -4.19 -32.00
C GLY U 101 51.03 -3.08 -31.18
N LYS U 102 50.18 -2.24 -31.81
CA LYS U 102 49.34 -1.30 -31.08
C LYS U 102 48.19 -2.10 -30.45
N THR U 103 47.81 -1.75 -29.21
CA THR U 103 46.87 -2.58 -28.45
C THR U 103 46.03 -1.75 -27.50
N ARG U 104 44.84 -2.25 -27.15
CA ARG U 104 43.94 -1.65 -26.17
C ARG U 104 43.15 -2.77 -25.47
N THR U 105 42.77 -2.53 -24.21
CA THR U 105 42.06 -3.54 -23.42
C THR U 105 40.80 -2.93 -22.81
N LEU U 106 39.67 -3.65 -22.92
CA LEU U 106 38.40 -3.23 -22.32
C LEU U 106 37.98 -4.21 -21.23
N ASN U 107 37.76 -3.73 -20.00
CA ASN U 107 37.37 -4.58 -18.88
C ASN U 107 35.84 -4.60 -18.74
N LEU U 108 35.19 -5.32 -19.66
CA LEU U 108 33.74 -5.49 -19.72
C LEU U 108 33.35 -6.91 -19.31
N THR U 109 32.44 -7.05 -18.34
CA THR U 109 32.01 -8.37 -17.85
C THR U 109 31.25 -9.12 -18.95
N VAL U 110 31.67 -10.36 -19.23
CA VAL U 110 31.18 -11.16 -20.36
C VAL U 110 31.24 -12.65 -19.99
N ASN U 111 30.42 -13.49 -20.65
CA ASN U 111 30.42 -14.92 -20.40
C ASN U 111 30.20 -15.76 -21.69
N PHE V 1 77.57 24.74 -89.49
CA PHE V 1 78.32 24.47 -88.23
C PHE V 1 79.72 23.98 -88.58
N THR V 2 80.72 24.33 -87.75
CA THR V 2 82.07 23.82 -87.96
C THR V 2 82.16 22.35 -87.56
N LEU V 3 83.21 21.65 -88.02
CA LEU V 3 83.43 20.25 -87.66
C LEU V 3 83.68 20.08 -86.16
N ILE V 4 84.31 21.07 -85.53
CA ILE V 4 84.53 21.05 -84.08
C ILE V 4 83.21 21.06 -83.33
N GLU V 5 82.28 21.95 -83.70
CA GLU V 5 80.98 22.03 -83.05
C GLU V 5 80.20 20.71 -83.20
N LEU V 6 80.24 20.09 -84.39
CA LEU V 6 79.63 18.79 -84.60
C LEU V 6 80.28 17.70 -83.75
N ALA V 7 81.61 17.73 -83.58
CA ALA V 7 82.33 16.78 -82.74
C ALA V 7 81.91 16.90 -81.27
N ILE V 8 81.81 18.15 -80.78
CA ILE V 8 81.34 18.46 -79.44
C ILE V 8 79.90 17.95 -79.24
N VAL V 9 79.02 18.19 -80.22
CA VAL V 9 77.65 17.70 -80.19
C VAL V 9 77.59 16.17 -80.13
N ILE V 10 78.40 15.48 -80.94
CA ILE V 10 78.48 14.03 -80.97
C ILE V 10 78.91 13.48 -79.60
N VAL V 11 79.81 14.17 -78.90
CA VAL V 11 80.21 13.81 -77.54
C VAL V 11 79.07 14.01 -76.55
N ILE V 12 78.46 15.20 -76.52
CA ILE V 12 77.49 15.57 -75.50
C ILE V 12 76.18 14.78 -75.64
N ILE V 13 75.71 14.52 -76.87
CA ILE V 13 74.54 13.68 -77.08
C ILE V 13 74.72 12.31 -76.42
N GLY V 14 75.91 11.72 -76.59
CA GLY V 14 76.21 10.41 -76.02
C GLY V 14 76.22 10.38 -74.49
N ILE V 15 76.33 11.55 -73.84
CA ILE V 15 76.38 11.67 -72.40
C ILE V 15 75.03 12.12 -71.82
N LEU V 16 74.22 12.89 -72.56
CA LEU V 16 72.88 13.26 -72.09
C LEU V 16 71.86 12.14 -72.34
N VAL V 17 72.14 11.26 -73.29
CA VAL V 17 71.57 9.92 -73.32
C VAL V 17 72.37 9.07 -72.33
N ALA V 18 71.92 7.84 -72.02
CA ALA V 18 72.58 7.03 -70.98
C ALA V 18 72.47 7.65 -69.59
N ILE V 19 71.39 8.40 -69.39
CA ILE V 19 70.82 8.66 -68.07
C ILE V 19 69.89 7.50 -67.73
N ALA V 20 69.48 7.40 -66.46
CA ALA V 20 68.25 6.67 -66.15
C ALA V 20 67.02 7.50 -66.52
N VAL V 21 65.89 6.82 -66.76
CA VAL V 21 64.60 7.46 -66.93
C VAL V 21 63.54 6.56 -66.29
N PRO V 22 62.50 7.09 -65.60
CA PRO V 22 61.52 6.22 -64.94
C PRO V 22 60.64 5.49 -65.96
N ARG V 23 60.22 4.28 -65.59
CA ARG V 23 59.15 3.60 -66.32
C ARG V 23 57.81 4.21 -65.91
N PHE V 24 56.89 4.33 -66.87
CA PHE V 24 55.50 4.46 -66.47
C PHE V 24 55.01 3.11 -65.93
N VAL V 25 54.15 3.15 -64.90
CA VAL V 25 53.62 1.94 -64.28
C VAL V 25 52.11 2.10 -64.14
N ASP V 26 51.38 1.04 -64.48
CA ASP V 26 49.94 1.01 -64.26
C ASP V 26 49.63 0.81 -62.77
N LEU V 27 49.62 1.92 -62.02
CA LEU V 27 49.30 1.90 -60.59
C LEU V 27 47.79 1.95 -60.32
N THR V 28 46.95 1.70 -61.35
CA THR V 28 45.51 1.84 -61.17
C THR V 28 44.93 0.80 -60.21
N ASP V 29 45.57 -0.36 -60.03
CA ASP V 29 45.11 -1.36 -59.06
C ASP V 29 45.16 -0.82 -57.63
N GLN V 30 46.30 -0.23 -57.24
CA GLN V 30 46.48 0.34 -55.92
C GLN V 30 45.55 1.53 -55.69
N ALA V 31 45.41 2.40 -56.69
CA ALA V 31 44.50 3.53 -56.63
C ALA V 31 43.04 3.08 -56.57
N ASN V 32 42.65 2.08 -57.36
CA ASN V 32 41.30 1.52 -57.34
C ASN V 32 40.98 0.93 -55.97
N GLN V 33 41.92 0.22 -55.35
CA GLN V 33 41.72 -0.34 -54.03
C GLN V 33 41.44 0.77 -53.01
N ALA V 34 42.25 1.84 -53.03
CA ALA V 34 42.04 2.99 -52.15
C ALA V 34 40.69 3.68 -52.40
N ASN V 35 40.26 3.77 -53.66
CA ASN V 35 38.96 4.31 -54.00
C ASN V 35 37.83 3.47 -53.39
N VAL V 36 37.92 2.14 -53.53
CA VAL V 36 36.94 1.21 -52.98
C VAL V 36 36.89 1.30 -51.46
N ASP V 37 38.05 1.35 -50.80
CA ASP V 37 38.15 1.48 -49.35
C ASP V 37 37.57 2.80 -48.85
N ALA V 38 37.98 3.93 -49.43
CA ALA V 38 37.44 5.24 -49.07
C ALA V 38 35.92 5.31 -49.30
N THR V 39 35.43 4.70 -50.38
CA THR V 39 34.01 4.62 -50.67
C THR V 39 33.29 3.75 -49.63
N ALA V 40 33.89 2.64 -49.21
CA ALA V 40 33.35 1.78 -48.17
C ALA V 40 33.20 2.52 -46.84
N ALA V 41 34.19 3.33 -46.45
CA ALA V 41 34.10 4.20 -45.28
C ALA V 41 32.93 5.17 -45.40
N ALA V 42 32.76 5.80 -46.57
CA ALA V 42 31.65 6.71 -46.83
C ALA V 42 30.30 6.00 -46.72
N VAL V 43 30.16 4.78 -47.26
CA VAL V 43 28.92 4.01 -47.18
C VAL V 43 28.57 3.70 -45.72
N ARG V 44 29.55 3.31 -44.88
CA ARG V 44 29.31 3.07 -43.47
C ARG V 44 28.79 4.32 -42.76
N SER V 45 29.41 5.48 -42.98
CA SER V 45 28.96 6.72 -42.38
C SER V 45 27.56 7.12 -42.89
N ALA V 46 27.32 7.00 -44.20
CA ALA V 46 26.04 7.30 -44.80
C ALA V 46 24.93 6.41 -44.23
N TYR V 47 25.23 5.13 -43.99
CA TYR V 47 24.34 4.21 -43.33
C TYR V 47 24.06 4.62 -41.89
N ALA V 48 25.10 4.93 -41.11
CA ALA V 48 24.93 5.36 -39.74
C ALA V 48 24.04 6.61 -39.64
N ILE V 49 24.29 7.63 -40.47
CA ILE V 49 23.46 8.82 -40.57
C ILE V 49 22.01 8.44 -40.94
N ALA V 50 21.84 7.52 -41.88
CA ALA V 50 20.52 7.04 -42.29
C ALA V 50 19.76 6.37 -41.14
N THR V 51 20.42 5.65 -40.22
CA THR V 51 19.73 5.03 -39.09
C THR V 51 19.13 6.07 -38.13
N VAL V 52 19.72 7.26 -38.04
CA VAL V 52 19.14 8.36 -37.26
C VAL V 52 17.95 8.96 -38.00
N GLN V 53 18.10 9.28 -39.30
CA GLN V 53 17.02 9.81 -40.13
C GLN V 53 15.79 8.90 -40.15
N ALA V 54 16.01 7.59 -40.34
CA ALA V 54 14.98 6.58 -40.42
C ALA V 54 14.35 6.26 -39.06
N LYS V 55 15.00 6.66 -37.95
CA LYS V 55 14.65 6.27 -36.59
C LYS V 55 14.45 4.75 -36.50
N GLY V 56 15.42 4.00 -37.02
CA GLY V 56 15.35 2.55 -37.20
C GLY V 56 16.23 2.07 -38.35
N ILE V 57 15.95 0.86 -38.87
CA ILE V 57 16.68 0.32 -40.01
C ILE V 57 16.35 1.15 -41.26
N PRO V 58 17.36 1.68 -42.00
CA PRO V 58 17.09 2.52 -43.17
C PRO V 58 16.79 1.70 -44.42
N THR V 59 16.11 2.34 -45.37
CA THR V 59 15.98 1.80 -46.72
C THR V 59 17.27 1.99 -47.52
N CYS V 60 17.44 1.21 -48.58
CA CYS V 60 18.58 1.35 -49.47
C CYS V 60 18.71 2.77 -50.05
N ASP V 61 17.59 3.41 -50.39
CA ASP V 61 17.54 4.78 -50.89
C ASP V 61 17.92 5.82 -49.83
N GLN V 62 17.51 5.63 -48.57
CA GLN V 62 17.89 6.52 -47.48
C GLN V 62 19.41 6.53 -47.26
N VAL V 63 20.06 5.38 -47.44
CA VAL V 63 21.51 5.29 -47.36
C VAL V 63 22.17 6.08 -48.50
N PHE V 64 21.77 5.83 -49.75
CA PHE V 64 22.37 6.53 -50.89
C PHE V 64 22.06 8.03 -50.92
N ALA V 65 20.96 8.47 -50.30
CA ALA V 65 20.68 9.89 -50.16
C ALA V 65 21.79 10.65 -49.45
N ASN V 66 22.55 9.98 -48.57
CA ASN V 66 23.63 10.58 -47.80
C ASN V 66 25.02 10.51 -48.47
N LEU V 67 25.11 10.06 -49.73
CA LEU V 67 26.38 10.02 -50.45
C LEU V 67 26.43 11.15 -51.50
N GLU V 68 27.54 11.88 -51.52
CA GLU V 68 27.66 13.11 -52.27
C GLU V 68 28.15 12.91 -53.71
N GLY V 69 29.13 12.03 -53.92
CA GLY V 69 29.99 12.07 -55.11
C GLY V 69 29.46 11.41 -56.38
N GLY V 70 28.13 11.36 -56.58
CA GLY V 70 27.56 10.56 -57.65
C GLY V 70 26.03 10.59 -57.66
N SER V 71 25.42 9.60 -58.33
CA SER V 71 23.99 9.54 -58.57
C SER V 71 23.47 8.12 -58.36
N THR V 72 22.15 7.96 -58.23
CA THR V 72 21.54 6.66 -57.96
C THR V 72 20.42 6.33 -58.96
N SER V 73 20.37 5.05 -59.35
CA SER V 73 19.26 4.43 -60.07
C SER V 73 18.90 3.17 -59.28
N GLY V 74 17.61 2.88 -59.12
CA GLY V 74 17.08 2.03 -58.05
C GLY V 74 18.00 0.89 -57.56
N SER V 75 18.34 0.91 -56.26
CA SER V 75 19.21 -0.04 -55.56
C SER V 75 20.72 0.04 -55.89
N THR V 76 21.16 0.99 -56.74
CA THR V 76 22.58 1.19 -56.98
C THR V 76 22.95 2.68 -57.03
N TRP V 77 24.17 2.99 -56.60
CA TRP V 77 24.75 4.32 -56.64
C TRP V 77 26.05 4.25 -57.46
N THR V 78 26.32 5.27 -58.27
CA THR V 78 27.46 5.28 -59.18
C THR V 78 28.18 6.62 -59.07
N SER V 79 29.52 6.61 -58.97
CA SER V 79 30.31 7.84 -58.92
C SER V 79 30.12 8.67 -60.20
N SER V 80 30.23 10.00 -60.10
CA SER V 80 29.94 10.87 -61.24
C SER V 80 30.84 10.60 -62.45
N ASP V 81 32.11 10.24 -62.22
CA ASP V 81 32.92 9.52 -63.18
C ASP V 81 32.63 8.03 -62.99
N ASN V 82 31.97 7.39 -63.95
CA ASN V 82 31.09 6.23 -63.76
C ASN V 82 31.71 4.93 -63.23
N SER V 83 33.03 4.87 -62.95
CA SER V 83 33.73 3.61 -62.71
C SER V 83 33.46 2.98 -61.33
N THR V 84 33.21 3.77 -60.27
CA THR V 84 32.94 3.21 -58.95
C THR V 84 31.43 2.99 -58.77
N THR V 85 31.07 1.79 -58.33
CA THR V 85 29.67 1.41 -58.12
C THR V 85 29.47 0.96 -56.68
N VAL V 86 28.31 1.31 -56.09
CA VAL V 86 27.81 0.69 -54.87
C VAL V 86 26.43 0.09 -55.19
N SER V 87 26.10 -1.08 -54.64
CA SER V 87 24.77 -1.65 -54.82
C SER V 87 24.28 -2.37 -53.57
N CYS V 88 22.97 -2.29 -53.31
CA CYS V 88 22.31 -3.08 -52.27
C CYS V 88 21.83 -4.43 -52.82
N ASN V 89 21.88 -5.43 -51.94
CA ASN V 89 20.97 -6.57 -52.01
C ASN V 89 20.17 -6.53 -50.72
N ALA V 90 19.04 -5.81 -50.72
CA ALA V 90 18.28 -5.52 -49.52
C ALA V 90 17.70 -6.77 -48.84
N SER V 91 17.47 -7.84 -49.63
CA SER V 91 17.07 -9.17 -49.19
C SER V 91 18.23 -9.95 -48.56
N ALA V 92 19.47 -9.63 -48.96
CA ALA V 92 20.70 -10.24 -48.46
C ALA V 92 21.42 -9.37 -47.42
N ASP V 93 20.83 -8.24 -47.01
CA ASP V 93 21.36 -7.33 -46.00
C ASP V 93 22.83 -6.97 -46.26
N THR V 94 23.11 -6.56 -47.51
CA THR V 94 24.47 -6.42 -48.01
C THR V 94 24.61 -5.23 -48.97
N PHE V 95 25.72 -4.48 -48.84
CA PHE V 95 26.18 -3.52 -49.85
C PHE V 95 27.47 -4.03 -50.49
N THR V 96 27.57 -3.98 -51.82
CA THR V 96 28.84 -4.25 -52.49
C THR V 96 29.37 -2.96 -53.12
N ILE V 97 30.65 -2.64 -52.82
CA ILE V 97 31.36 -1.50 -53.39
C ILE V 97 32.41 -2.07 -54.35
N SER V 98 32.47 -1.57 -55.60
CA SER V 98 33.44 -2.08 -56.54
C SER V 98 33.93 -1.03 -57.55
N ARG V 99 35.16 -1.22 -58.04
CA ARG V 99 35.79 -0.38 -59.06
C ARG V 99 36.91 -1.17 -59.73
N GLY V 100 36.85 -1.31 -61.07
CA GLY V 100 37.90 -1.95 -61.85
C GLY V 100 38.32 -3.31 -61.31
N GLY V 101 37.37 -4.11 -60.84
CA GLY V 101 37.66 -5.46 -60.36
C GLY V 101 38.04 -5.53 -58.88
N LYS V 102 38.49 -4.41 -58.29
CA LYS V 102 38.67 -4.32 -56.84
C LYS V 102 37.28 -4.20 -56.20
N THR V 103 37.06 -4.88 -55.06
CA THR V 103 35.73 -5.00 -54.49
C THR V 103 35.76 -5.10 -52.96
N ARG V 104 34.66 -4.69 -52.31
CA ARG V 104 34.47 -4.83 -50.87
C ARG V 104 32.98 -5.01 -50.57
N THR V 105 32.67 -5.72 -49.48
CA THR V 105 31.28 -6.03 -49.14
C THR V 105 31.01 -5.64 -47.69
N LEU V 106 29.90 -4.95 -47.44
CA LEU V 106 29.47 -4.56 -46.10
C LEU V 106 28.16 -5.28 -45.75
N ASN V 107 28.15 -6.02 -44.63
CA ASN V 107 26.96 -6.76 -44.19
C ASN V 107 26.15 -5.93 -43.19
N LEU V 108 25.46 -4.91 -43.71
CA LEU V 108 24.63 -3.98 -42.95
C LEU V 108 23.15 -4.25 -43.24
N THR V 109 22.33 -4.45 -42.19
CA THR V 109 20.90 -4.74 -42.37
C THR V 109 20.18 -3.52 -42.93
N VAL V 110 19.43 -3.72 -44.02
CA VAL V 110 18.81 -2.66 -44.81
C VAL V 110 17.50 -3.18 -45.43
N ASN V 111 16.57 -2.27 -45.76
CA ASN V 111 15.30 -2.66 -46.40
C ASN V 111 14.83 -1.63 -47.46
N PHE W 1 88.99 26.80 -94.10
CA PHE W 1 88.82 25.32 -93.96
C PHE W 1 89.18 24.66 -95.29
N THR W 2 89.76 23.45 -95.22
CA THR W 2 90.05 22.69 -96.44
C THR W 2 88.76 22.13 -97.06
N LEU W 3 88.83 21.75 -98.34
CA LEU W 3 87.69 21.14 -99.01
C LEU W 3 87.27 19.80 -98.39
N ILE W 4 88.26 19.06 -97.86
CA ILE W 4 88.00 17.80 -97.18
C ILE W 4 87.15 18.04 -95.92
N GLU W 5 87.53 19.03 -95.09
CA GLU W 5 86.79 19.35 -93.89
C GLU W 5 85.35 19.76 -94.21
N LEU W 6 85.15 20.57 -95.25
CA LEU W 6 83.81 20.94 -95.70
C LEU W 6 83.02 19.73 -96.19
N ALA W 7 83.66 18.79 -96.89
CA ALA W 7 83.00 17.55 -97.34
C ALA W 7 82.53 16.70 -96.16
N ILE W 8 83.39 16.55 -95.15
CA ILE W 8 83.09 15.85 -93.91
C ILE W 8 81.91 16.51 -93.19
N VAL W 9 81.91 17.85 -93.09
CA VAL W 9 80.82 18.62 -92.51
C VAL W 9 79.51 18.40 -93.26
N ILE W 10 79.54 18.44 -94.60
CA ILE W 10 78.37 18.21 -95.44
C ILE W 10 77.78 16.81 -95.20
N VAL W 11 78.63 15.81 -94.97
CA VAL W 11 78.18 14.47 -94.62
C VAL W 11 77.53 14.44 -93.23
N ILE W 12 78.22 14.95 -92.21
CA ILE W 12 77.78 14.81 -90.82
C ILE W 12 76.52 15.62 -90.54
N ILE W 13 76.38 16.83 -91.11
CA ILE W 13 75.15 17.61 -90.97
C ILE W 13 73.94 16.80 -91.42
N GLY W 14 74.07 16.10 -92.56
CA GLY W 14 72.99 15.31 -93.12
C GLY W 14 72.58 14.12 -92.24
N ILE W 15 73.46 13.70 -91.31
CA ILE W 15 73.22 12.57 -90.42
C ILE W 15 72.77 13.02 -89.03
N LEU W 16 73.20 14.20 -88.55
CA LEU W 16 72.73 14.71 -87.27
C LEU W 16 71.37 15.40 -87.39
N VAL W 17 71.00 15.84 -88.60
CA VAL W 17 69.61 16.04 -88.97
C VAL W 17 69.04 14.66 -89.34
N ALA W 18 67.72 14.54 -89.56
CA ALA W 18 67.10 13.24 -89.80
C ALA W 18 67.21 12.30 -88.60
N ILE W 19 67.26 12.90 -87.40
CA ILE W 19 66.86 12.28 -86.16
C ILE W 19 65.35 12.44 -86.02
N ALA W 20 64.74 11.70 -85.07
CA ALA W 20 63.45 12.11 -84.54
C ALA W 20 63.63 13.28 -83.55
N VAL W 21 62.58 14.08 -83.36
CA VAL W 21 62.52 15.10 -82.33
C VAL W 21 61.08 15.12 -81.80
N PRO W 22 60.83 15.33 -80.48
CA PRO W 22 59.47 15.31 -79.97
C PRO W 22 58.67 16.53 -80.42
N ARG W 23 57.36 16.35 -80.60
CA ARG W 23 56.45 17.49 -80.74
C ARG W 23 56.20 18.08 -79.36
N PHE W 24 56.08 19.41 -79.29
CA PHE W 24 55.40 19.98 -78.14
C PHE W 24 53.91 19.69 -78.24
N VAL W 25 53.26 19.43 -77.10
CA VAL W 25 51.84 19.12 -77.07
C VAL W 25 51.18 19.96 -75.98
N ASP W 26 50.01 20.54 -76.29
CA ASP W 26 49.24 21.26 -75.30
C ASP W 26 48.55 20.27 -74.35
N LEU W 27 49.28 19.85 -73.31
CA LEU W 27 48.75 18.94 -72.30
C LEU W 27 47.98 19.68 -71.19
N THR W 28 47.61 20.95 -71.40
CA THR W 28 46.98 21.73 -70.36
C THR W 28 45.59 21.22 -70.00
N ASP W 29 44.89 20.53 -70.91
CA ASP W 29 43.58 19.93 -70.60
C ASP W 29 43.69 18.86 -69.51
N GLN W 30 44.65 17.93 -69.66
CA GLN W 30 44.88 16.86 -68.70
C GLN W 30 45.34 17.42 -67.36
N ALA W 31 46.26 18.40 -67.38
CA ALA W 31 46.73 19.07 -66.18
C ALA W 31 45.63 19.87 -65.50
N ASN W 32 44.80 20.59 -66.26
CA ASN W 32 43.66 21.34 -65.72
C ASN W 32 42.67 20.41 -65.04
N GLN W 33 42.39 19.24 -65.65
CA GLN W 33 41.49 18.27 -65.06
C GLN W 33 42.02 17.79 -63.70
N ALA W 34 43.31 17.46 -63.62
CA ALA W 34 43.94 17.06 -62.37
C ALA W 34 43.92 18.18 -61.33
N ASN W 35 44.10 19.43 -61.74
CA ASN W 35 44.00 20.58 -60.84
C ASN W 35 42.59 20.69 -60.25
N VAL W 36 41.56 20.57 -61.10
CA VAL W 36 40.16 20.64 -60.70
C VAL W 36 39.83 19.50 -59.74
N ASP W 37 40.27 18.28 -60.03
CA ASP W 37 40.06 17.12 -59.18
C ASP W 37 40.75 17.26 -57.83
N ALA W 38 42.05 17.60 -57.81
CA ALA W 38 42.77 17.83 -56.56
C ALA W 38 42.14 18.96 -55.73
N THR W 39 41.67 20.02 -56.39
CA THR W 39 40.97 21.11 -55.72
C THR W 39 39.63 20.65 -55.15
N ALA W 40 38.89 19.80 -55.88
CA ALA W 40 37.65 19.22 -55.39
C ALA W 40 37.86 18.37 -54.14
N ALA W 41 38.93 17.57 -54.08
CA ALA W 41 39.31 16.84 -52.88
C ALA W 41 39.57 17.80 -51.70
N ALA W 42 40.30 18.87 -51.95
CA ALA W 42 40.58 19.88 -50.93
C ALA W 42 39.30 20.55 -50.42
N VAL W 43 38.34 20.88 -51.30
CA VAL W 43 37.07 21.49 -50.92
C VAL W 43 36.28 20.54 -50.02
N ARG W 44 36.22 19.24 -50.35
CA ARG W 44 35.55 18.25 -49.50
C ARG W 44 36.14 18.19 -48.10
N SER W 45 37.49 18.14 -47.99
CA SER W 45 38.15 18.13 -46.69
C SER W 45 37.92 19.43 -45.93
N ALA W 46 38.03 20.58 -46.60
CA ALA W 46 37.80 21.89 -46.00
C ALA W 46 36.37 22.01 -45.47
N TYR W 47 35.39 21.46 -46.21
CA TYR W 47 34.01 21.38 -45.78
C TYR W 47 33.86 20.50 -44.55
N ALA W 48 34.42 19.30 -44.56
CA ALA W 48 34.36 18.40 -43.42
C ALA W 48 34.93 19.04 -42.16
N ILE W 49 36.12 19.65 -42.24
CA ILE W 49 36.72 20.41 -41.15
C ILE W 49 35.79 21.53 -40.69
N ALA W 50 35.17 22.26 -41.63
CA ALA W 50 34.22 23.32 -41.32
C ALA W 50 33.00 22.83 -40.54
N THR W 51 32.50 21.60 -40.79
CA THR W 51 31.36 21.08 -40.05
C THR W 51 31.68 20.84 -38.57
N VAL W 52 32.95 20.57 -38.23
CA VAL W 52 33.37 20.47 -36.84
C VAL W 52 33.47 21.87 -36.22
N GLN W 53 34.14 22.81 -36.90
CA GLN W 53 34.27 24.19 -36.44
C GLN W 53 32.90 24.85 -36.20
N ALA W 54 31.97 24.68 -37.14
CA ALA W 54 30.64 25.26 -37.10
C ALA W 54 29.72 24.55 -36.10
N LYS W 55 30.10 23.34 -35.63
CA LYS W 55 29.25 22.46 -34.83
C LYS W 55 27.87 22.30 -35.47
N GLY W 56 27.85 22.01 -36.78
CA GLY W 56 26.66 22.00 -37.61
C GLY W 56 26.97 22.28 -39.08
N ILE W 57 25.96 22.69 -39.86
CA ILE W 57 26.17 23.05 -41.26
C ILE W 57 27.01 24.33 -41.33
N PRO W 58 28.13 24.35 -42.10
CA PRO W 58 28.98 25.53 -42.17
C PRO W 58 28.47 26.57 -43.16
N THR W 59 28.92 27.81 -42.95
CA THR W 59 28.73 28.87 -43.94
C THR W 59 29.73 28.71 -45.09
N CYS W 60 29.44 29.32 -46.23
CA CYS W 60 30.34 29.32 -47.38
C CYS W 60 31.73 29.87 -47.02
N ASP W 61 31.79 30.92 -46.19
CA ASP W 61 33.03 31.52 -45.72
C ASP W 61 33.82 30.60 -44.79
N GLN W 62 33.14 29.86 -43.90
CA GLN W 62 33.80 28.90 -43.02
C GLN W 62 34.50 27.79 -43.81
N VAL W 63 33.91 27.37 -44.94
CA VAL W 63 34.54 26.40 -45.82
C VAL W 63 35.80 26.98 -46.46
N PHE W 64 35.72 28.16 -47.09
CA PHE W 64 36.88 28.74 -47.73
C PHE W 64 37.98 29.17 -46.76
N ALA W 65 37.65 29.43 -45.48
CA ALA W 65 38.66 29.70 -44.47
C ALA W 65 39.66 28.55 -44.32
N ASN W 66 39.25 27.30 -44.63
CA ASN W 66 40.09 26.12 -44.52
C ASN W 66 40.87 25.78 -45.79
N LEU W 67 40.87 26.63 -46.83
CA LEU W 67 41.64 26.41 -48.05
C LEU W 67 42.86 27.33 -48.08
N GLU W 68 44.04 26.74 -48.38
CA GLU W 68 45.32 27.42 -48.22
C GLU W 68 45.75 28.20 -49.47
N GLY W 69 45.55 27.63 -50.67
CA GLY W 69 46.30 28.04 -51.85
C GLY W 69 45.82 29.26 -52.63
N GLY W 70 45.17 30.22 -51.96
CA GLY W 70 44.50 31.30 -52.66
C GLY W 70 43.77 32.27 -51.72
N SER W 71 42.81 33.03 -52.27
CA SER W 71 42.12 34.09 -51.57
C SER W 71 40.63 34.06 -51.89
N THR W 72 39.81 34.76 -51.10
CA THR W 72 38.36 34.75 -51.27
C THR W 72 37.78 36.17 -51.35
N SER W 73 36.80 36.34 -52.24
CA SER W 73 35.91 37.50 -52.31
C SER W 73 34.49 36.95 -52.31
N GLY W 74 33.56 37.59 -51.57
CA GLY W 74 32.33 36.97 -51.09
C GLY W 74 31.71 35.88 -51.98
N SER W 75 31.57 34.65 -51.42
CA SER W 75 31.03 33.46 -52.06
C SER W 75 31.92 32.79 -53.12
N THR W 76 33.13 33.29 -53.38
CA THR W 76 34.07 32.62 -54.29
C THR W 76 35.50 32.64 -53.73
N TRP W 77 36.25 31.58 -54.05
CA TRP W 77 37.66 31.43 -53.71
C TRP W 77 38.45 31.25 -55.02
N THR W 78 39.64 31.84 -55.11
CA THR W 78 40.44 31.84 -56.33
C THR W 78 41.88 31.49 -55.99
N SER W 79 42.51 30.58 -56.75
CA SER W 79 43.91 30.21 -56.54
C SER W 79 44.83 31.43 -56.72
N SER W 80 45.96 31.47 -56.02
CA SER W 80 46.83 32.64 -56.04
C SER W 80 47.35 32.98 -57.44
N ASP W 81 47.62 31.97 -58.27
CA ASP W 81 47.67 32.11 -59.72
C ASP W 81 46.24 31.94 -60.22
N ASN W 82 45.62 33.02 -60.73
CA ASN W 82 44.17 33.26 -60.70
C ASN W 82 43.26 32.28 -61.48
N SER W 83 43.79 31.25 -62.14
CA SER W 83 43.03 30.46 -63.10
C SER W 83 42.02 29.48 -62.49
N THR W 84 42.29 28.92 -61.30
CA THR W 84 41.36 27.99 -60.65
C THR W 84 40.39 28.75 -59.75
N THR W 85 39.10 28.49 -59.92
CA THR W 85 38.04 29.14 -59.15
C THR W 85 37.19 28.09 -58.42
N VAL W 86 36.76 28.40 -57.20
CA VAL W 86 35.69 27.69 -56.50
C VAL W 86 34.60 28.70 -56.17
N SER W 87 33.32 28.33 -56.28
CA SER W 87 32.24 29.22 -55.88
C SER W 87 31.08 28.46 -55.24
N CYS W 88 30.44 29.09 -54.24
CA CYS W 88 29.20 28.59 -53.67
C CYS W 88 27.97 29.12 -54.41
N ASN W 89 26.93 28.29 -54.48
CA ASN W 89 25.56 28.74 -54.58
C ASN W 89 24.87 28.25 -53.31
N ALA W 90 24.91 29.05 -52.24
CA ALA W 90 24.48 28.61 -50.92
C ALA W 90 22.97 28.29 -50.84
N SER W 91 22.18 28.90 -51.73
CA SER W 91 20.75 28.63 -51.95
C SER W 91 20.52 27.32 -52.71
N ALA W 92 21.51 26.91 -53.53
CA ALA W 92 21.47 25.68 -54.31
C ALA W 92 22.29 24.54 -53.68
N ASP W 93 22.84 24.75 -52.47
CA ASP W 93 23.61 23.76 -51.72
C ASP W 93 24.69 23.10 -52.58
N THR W 94 25.49 23.95 -53.25
CA THR W 94 26.40 23.51 -54.30
C THR W 94 27.71 24.32 -54.29
N PHE W 95 28.85 23.63 -54.50
CA PHE W 95 30.12 24.24 -54.85
C PHE W 95 30.50 23.87 -56.28
N THR W 96 30.92 24.85 -57.10
CA THR W 96 31.50 24.54 -58.41
C THR W 96 32.98 24.86 -58.40
N ILE W 97 33.81 23.90 -58.84
CA ILE W 97 35.25 24.05 -58.99
C ILE W 97 35.54 24.07 -60.49
N SER W 98 36.29 25.06 -60.98
CA SER W 98 36.58 25.12 -62.41
C SER W 98 37.95 25.73 -62.72
N ARG W 99 38.53 25.32 -63.87
CA ARG W 99 39.79 25.83 -64.39
C ARG W 99 39.86 25.55 -65.89
N GLY W 100 40.06 26.60 -66.70
CA GLY W 100 40.24 26.47 -68.14
C GLY W 100 39.17 25.61 -68.83
N GLY W 101 37.92 25.74 -68.39
CA GLY W 101 36.82 25.01 -69.01
C GLY W 101 36.58 23.62 -68.42
N LYS W 102 37.58 23.02 -67.75
CA LYS W 102 37.38 21.81 -66.97
C LYS W 102 36.64 22.18 -65.69
N THR W 103 35.67 21.35 -65.26
CA THR W 103 34.77 21.72 -64.17
C THR W 103 34.32 20.51 -63.36
N ARG W 104 33.95 20.73 -62.09
CA ARG W 104 33.38 19.72 -61.21
C ARG W 104 32.42 20.39 -60.23
N THR W 105 31.40 19.65 -59.78
CA THR W 105 30.37 20.20 -58.90
C THR W 105 30.21 19.30 -57.69
N LEU W 106 30.16 19.90 -56.49
CA LEU W 106 29.92 19.17 -55.24
C LEU W 106 28.60 19.61 -54.61
N ASN W 107 27.70 18.65 -54.36
CA ASN W 107 26.39 18.96 -53.78
C ASN W 107 26.43 18.80 -52.25
N LEU W 108 27.07 19.77 -51.58
CA LEU W 108 27.24 19.82 -50.13
C LEU W 108 26.36 20.92 -49.55
N THR W 109 25.52 20.59 -48.55
CA THR W 109 24.62 21.57 -47.92
C THR W 109 25.43 22.62 -47.16
N VAL W 110 25.15 23.91 -47.45
CA VAL W 110 25.94 25.04 -46.95
C VAL W 110 25.02 26.26 -46.80
N ASN W 111 25.40 27.22 -45.94
CA ASN W 111 24.61 28.44 -45.73
C ASN W 111 25.49 29.69 -45.52
N PHE X 1 97.48 23.52 -102.65
CA PHE X 1 96.13 23.32 -103.25
C PHE X 1 96.10 24.03 -104.61
N THR X 2 95.35 23.48 -105.57
CA THR X 2 95.18 24.13 -106.86
C THR X 2 94.24 25.32 -106.74
N LEU X 3 94.26 26.23 -107.73
CA LEU X 3 93.37 27.38 -107.75
C LEU X 3 91.90 26.97 -107.85
N ILE X 4 91.62 25.87 -108.55
CA ILE X 4 90.27 25.33 -108.66
C ILE X 4 89.74 24.91 -107.29
N GLU X 5 90.54 24.17 -106.51
CA GLU X 5 90.13 23.74 -105.17
C GLU X 5 89.86 24.93 -104.26
N LEU X 6 90.69 25.97 -104.32
CA LEU X 6 90.46 27.20 -103.56
C LEU X 6 89.18 27.91 -104.00
N ALA X 7 88.88 27.93 -105.32
CA ALA X 7 87.65 28.52 -105.85
C ALA X 7 86.42 27.79 -105.32
N ILE X 8 86.46 26.45 -105.34
CA ILE X 8 85.41 25.59 -104.81
C ILE X 8 85.20 25.86 -103.31
N VAL X 9 86.29 25.96 -102.55
CA VAL X 9 86.25 26.27 -101.12
C VAL X 9 85.61 27.65 -100.88
N ILE X 10 86.00 28.67 -101.65
CA ILE X 10 85.44 30.01 -101.55
C ILE X 10 83.93 30.02 -101.80
N VAL X 11 83.45 29.17 -102.73
CA VAL X 11 82.02 29.00 -102.98
C VAL X 11 81.32 28.33 -101.78
N ILE X 12 81.84 27.18 -101.33
CA ILE X 12 81.15 26.36 -100.34
C ILE X 12 81.14 27.03 -98.96
N ILE X 13 82.21 27.72 -98.55
CA ILE X 13 82.23 28.47 -97.31
C ILE X 13 81.07 29.46 -97.27
N GLY X 14 80.84 30.18 -98.38
CA GLY X 14 79.78 31.17 -98.48
C GLY X 14 78.37 30.59 -98.36
N ILE X 15 78.23 29.27 -98.57
CA ILE X 15 76.93 28.59 -98.52
C ILE X 15 76.75 27.84 -97.19
N LEU X 16 77.82 27.36 -96.55
CA LEU X 16 77.69 26.73 -95.23
C LEU X 16 77.61 27.76 -94.10
N VAL X 17 78.12 28.98 -94.35
CA VAL X 17 77.69 30.16 -93.61
C VAL X 17 76.35 30.61 -94.22
N ALA X 18 75.65 31.59 -93.61
CA ALA X 18 74.32 31.99 -94.07
C ALA X 18 73.28 30.86 -93.93
N ILE X 19 73.52 29.99 -92.94
CA ILE X 19 72.48 29.19 -92.31
C ILE X 19 71.83 30.03 -91.22
N ALA X 20 70.68 29.58 -90.70
CA ALA X 20 70.27 30.03 -89.38
C ALA X 20 71.07 29.30 -88.29
N VAL X 21 71.16 29.92 -87.11
CA VAL X 21 71.72 29.30 -85.92
C VAL X 21 70.90 29.78 -84.72
N PRO X 22 70.61 28.95 -83.70
CA PRO X 22 69.79 29.40 -82.57
C PRO X 22 70.54 30.40 -81.69
N ARG X 23 69.79 31.33 -81.09
CA ARG X 23 70.32 32.14 -80.01
C ARG X 23 70.35 31.32 -78.73
N PHE X 24 71.38 31.52 -77.90
CA PHE X 24 71.24 31.13 -76.51
C PHE X 24 70.28 32.09 -75.83
N VAL X 25 69.45 31.58 -74.89
CA VAL X 25 68.48 32.40 -74.18
C VAL X 25 68.59 32.07 -72.69
N ASP X 26 68.58 33.11 -71.85
CA ASP X 26 68.54 32.93 -70.42
C ASP X 26 67.15 32.49 -69.97
N LEU X 27 66.88 31.18 -70.04
CA LEU X 27 65.61 30.60 -69.62
C LEU X 27 65.57 30.32 -68.11
N THR X 28 66.50 30.89 -67.32
CA THR X 28 66.57 30.57 -65.90
C THR X 28 65.37 31.09 -65.12
N ASP X 29 64.67 32.13 -65.60
CA ASP X 29 63.46 32.62 -64.94
C ASP X 29 62.36 31.57 -64.95
N GLN X 30 62.09 30.97 -66.12
CA GLN X 30 61.07 29.94 -66.28
C GLN X 30 61.43 28.69 -65.47
N ALA X 31 62.70 28.28 -65.52
CA ALA X 31 63.18 27.14 -64.76
C ALA X 31 63.13 27.40 -63.25
N ASN X 32 63.52 28.61 -62.80
CA ASN X 32 63.45 28.99 -61.39
C ASN X 32 62.01 28.96 -60.90
N GLN X 33 61.06 29.44 -61.70
CA GLN X 33 59.66 29.42 -61.33
C GLN X 33 59.18 27.98 -61.11
N ALA X 34 59.51 27.07 -62.04
CA ALA X 34 59.17 25.67 -61.91
C ALA X 34 59.83 25.02 -60.69
N ASN X 35 61.07 25.38 -60.36
CA ASN X 35 61.75 24.92 -59.17
C ASN X 35 61.00 25.35 -57.91
N VAL X 36 60.61 26.63 -57.84
CA VAL X 36 59.86 27.19 -56.71
C VAL X 36 58.52 26.49 -56.56
N ASP X 37 57.79 26.29 -57.66
CA ASP X 37 56.51 25.61 -57.65
C ASP X 37 56.63 24.14 -57.22
N ALA X 38 57.54 23.38 -57.80
CA ALA X 38 57.78 22.00 -57.40
C ALA X 38 58.19 21.90 -55.93
N THR X 39 59.01 22.84 -55.45
CA THR X 39 59.40 22.90 -54.05
C THR X 39 58.21 23.22 -53.16
N ALA X 40 57.33 24.13 -53.58
CA ALA X 40 56.11 24.46 -52.86
C ALA X 40 55.19 23.24 -52.70
N ALA X 41 55.04 22.43 -53.75
CA ALA X 41 54.31 21.16 -53.68
C ALA X 41 54.94 20.22 -52.64
N ALA X 42 56.27 20.10 -52.65
CA ALA X 42 56.99 19.28 -51.69
C ALA X 42 56.78 19.77 -50.25
N VAL X 43 56.81 21.09 -50.00
CA VAL X 43 56.59 21.65 -48.67
C VAL X 43 55.18 21.33 -48.17
N ARG X 44 54.15 21.44 -49.03
CA ARG X 44 52.79 21.08 -48.66
C ARG X 44 52.67 19.62 -48.24
N SER X 45 53.26 18.70 -49.02
CA SER X 45 53.25 17.27 -48.68
C SER X 45 54.02 17.00 -47.39
N ALA X 46 55.20 17.60 -47.24
CA ALA X 46 56.03 17.46 -46.04
C ALA X 46 55.30 17.96 -44.79
N TYR X 47 54.55 19.05 -44.92
CA TYR X 47 53.69 19.57 -43.87
C TYR X 47 52.57 18.59 -43.54
N ALA X 48 51.86 18.10 -44.54
CA ALA X 48 50.78 17.14 -44.32
C ALA X 48 51.28 15.89 -43.59
N ILE X 49 52.40 15.30 -44.02
CA ILE X 49 53.05 14.18 -43.36
C ILE X 49 53.41 14.55 -41.91
N ALA X 50 53.95 15.75 -41.69
CA ALA X 50 54.29 16.24 -40.36
C ALA X 50 53.07 16.34 -39.43
N THR X 51 51.87 16.68 -39.94
CA THR X 51 50.68 16.74 -39.08
C THR X 51 50.28 15.38 -38.55
N VAL X 52 50.58 14.29 -39.27
CA VAL X 52 50.36 12.93 -38.77
C VAL X 52 51.41 12.58 -37.73
N GLN X 53 52.71 12.82 -38.02
CA GLN X 53 53.80 12.56 -37.08
C GLN X 53 53.61 13.30 -35.76
N ALA X 54 53.26 14.59 -35.82
CA ALA X 54 53.06 15.47 -34.69
C ALA X 54 51.77 15.16 -33.91
N LYS X 55 50.83 14.41 -34.52
CA LYS X 55 49.48 14.20 -34.01
C LYS X 55 48.83 15.53 -33.63
N GLY X 56 48.91 16.51 -34.55
CA GLY X 56 48.52 17.89 -34.30
C GLY X 56 49.29 18.87 -35.20
N ILE X 57 49.32 20.15 -34.82
CA ILE X 57 50.08 21.16 -35.57
C ILE X 57 51.57 20.87 -35.43
N PRO X 58 52.33 20.77 -36.55
CA PRO X 58 53.75 20.44 -36.48
C PRO X 58 54.63 21.66 -36.17
N THR X 59 55.83 21.39 -35.66
CA THR X 59 56.86 22.41 -35.56
C THR X 59 57.51 22.66 -36.93
N CYS X 60 58.16 23.81 -37.08
CA CYS X 60 58.90 24.13 -38.29
C CYS X 60 59.96 23.07 -38.64
N ASP X 61 60.65 22.53 -37.64
CA ASP X 61 61.64 21.47 -37.79
C ASP X 61 61.03 20.14 -38.22
N GLN X 62 59.85 19.78 -37.69
CA GLN X 62 59.15 18.57 -38.10
C GLN X 62 58.78 18.60 -39.58
N VAL X 63 58.42 19.77 -40.11
CA VAL X 63 58.13 19.93 -41.53
C VAL X 63 59.41 19.72 -42.35
N PHE X 64 60.51 20.41 -42.04
CA PHE X 64 61.74 20.28 -42.79
C PHE X 64 62.38 18.89 -42.68
N ALA X 65 62.12 18.15 -41.59
CA ALA X 65 62.57 16.77 -41.47
C ALA X 65 62.07 15.88 -42.63
N ASN X 66 60.92 16.22 -43.22
CA ASN X 66 60.32 15.45 -44.31
C ASN X 66 60.74 15.90 -45.72
N LEU X 67 61.71 16.82 -45.85
CA LEU X 67 62.21 17.25 -47.15
C LEU X 67 63.58 16.63 -47.42
N GLU X 68 63.75 16.07 -48.63
CA GLU X 68 64.91 15.24 -48.95
C GLU X 68 66.09 16.04 -49.52
N GLY X 69 65.82 17.01 -50.41
CA GLY X 69 66.82 17.51 -51.34
C GLY X 69 67.80 18.57 -50.83
N GLY X 70 68.11 18.59 -49.53
CA GLY X 70 68.86 19.69 -48.95
C GLY X 70 69.07 19.55 -47.44
N SER X 71 69.36 20.66 -46.78
CA SER X 71 69.73 20.69 -45.37
C SER X 71 69.05 21.86 -44.66
N THR X 72 69.04 21.85 -43.32
CA THR X 72 68.36 22.88 -42.54
C THR X 72 69.28 23.48 -41.48
N SER X 73 69.16 24.81 -41.28
CA SER X 73 69.70 25.57 -40.17
C SER X 73 68.54 26.38 -39.59
N GLY X 74 68.43 26.46 -38.26
CA GLY X 74 67.18 26.78 -37.55
C GLY X 74 66.20 27.70 -38.29
N SER X 75 64.97 27.20 -38.53
CA SER X 75 63.86 27.87 -39.21
C SER X 75 64.02 28.05 -40.74
N THR X 76 65.10 27.56 -41.36
CA THR X 76 65.24 27.59 -42.82
C THR X 76 65.81 26.27 -43.37
N TRP X 77 65.38 25.91 -44.58
CA TRP X 77 65.86 24.76 -45.32
C TRP X 77 66.43 25.27 -46.65
N THR X 78 67.54 24.68 -47.11
CA THR X 78 68.24 25.12 -48.32
C THR X 78 68.56 23.91 -49.18
N SER X 79 68.32 23.99 -50.50
CA SER X 79 68.64 22.91 -51.43
C SER X 79 70.15 22.65 -51.44
N SER X 80 70.57 21.40 -51.70
CA SER X 80 71.98 21.04 -51.62
C SER X 80 72.88 21.84 -52.56
N ASP X 81 72.37 22.17 -53.76
CA ASP X 81 72.88 23.29 -54.55
C ASP X 81 72.16 24.55 -54.07
N ASN X 82 72.88 25.46 -53.41
CA ASN X 82 72.35 26.37 -52.37
C ASN X 82 71.30 27.41 -52.79
N SER X 83 70.86 27.46 -54.06
CA SER X 83 70.07 28.57 -54.58
C SER X 83 68.60 28.58 -54.13
N THR X 84 67.97 27.42 -53.91
CA THR X 84 66.57 27.38 -53.46
C THR X 84 66.51 27.38 -51.94
N THR X 85 65.69 28.28 -51.39
CA THR X 85 65.51 28.42 -49.95
C THR X 85 64.04 28.25 -49.57
N VAL X 86 63.78 27.61 -48.42
CA VAL X 86 62.49 27.65 -47.75
C VAL X 86 62.71 28.21 -46.35
N SER X 87 61.79 29.03 -45.83
CA SER X 87 61.91 29.51 -44.45
C SER X 87 60.54 29.64 -43.78
N CYS X 88 60.49 29.35 -42.48
CA CYS X 88 59.31 29.61 -41.65
C CYS X 88 59.34 31.00 -41.05
N ASN X 89 58.16 31.59 -40.90
CA ASN X 89 57.89 32.58 -39.88
C ASN X 89 56.81 31.97 -38.99
N ALA X 90 57.23 31.22 -37.96
CA ALA X 90 56.32 30.40 -37.15
C ALA X 90 55.29 31.24 -36.36
N SER X 91 55.64 32.50 -36.07
CA SER X 91 54.76 33.52 -35.47
C SER X 91 53.75 34.08 -36.48
N ALA X 92 54.09 34.04 -37.77
CA ALA X 92 53.26 34.51 -38.88
C ALA X 92 52.55 33.37 -39.62
N ASP X 93 52.68 32.11 -39.14
CA ASP X 93 52.05 30.92 -39.70
C ASP X 93 52.25 30.84 -41.22
N THR X 94 53.51 30.97 -41.64
CA THR X 94 53.87 31.15 -43.04
C THR X 94 55.18 30.45 -43.40
N PHE X 95 55.23 29.81 -44.58
CA PHE X 95 56.46 29.37 -45.24
C PHE X 95 56.69 30.20 -46.50
N THR X 96 57.92 30.69 -46.71
CA THR X 96 58.27 31.31 -47.98
C THR X 96 59.28 30.42 -48.72
N ILE X 97 58.98 30.13 -49.99
CA ILE X 97 59.86 29.37 -50.88
C ILE X 97 60.40 30.35 -51.92
N SER X 98 61.72 30.39 -52.14
CA SER X 98 62.27 31.32 -53.12
C SER X 98 63.54 30.79 -53.81
N ARG X 99 63.77 31.27 -55.04
CA ARG X 99 64.94 30.95 -55.84
C ARG X 99 65.13 32.04 -56.91
N GLY X 100 66.31 32.68 -56.93
CA GLY X 100 66.64 33.66 -57.95
C GLY X 100 65.58 34.74 -58.17
N GLY X 101 64.96 35.20 -57.08
CA GLY X 101 63.96 36.27 -57.17
C GLY X 101 62.54 35.78 -57.42
N LYS X 102 62.37 34.55 -57.96
CA LYS X 102 61.06 33.91 -58.03
C LYS X 102 60.68 33.44 -56.62
N THR X 103 59.41 33.59 -56.24
CA THR X 103 59.01 33.36 -54.85
C THR X 103 57.56 32.85 -54.76
N ARG X 104 57.25 32.13 -53.68
CA ARG X 104 55.90 31.67 -53.36
C ARG X 104 55.74 31.59 -51.84
N THR X 105 54.50 31.78 -51.36
CA THR X 105 54.24 31.81 -49.92
C THR X 105 53.09 30.86 -49.59
N LEU X 106 53.26 30.03 -48.55
CA LEU X 106 52.23 29.12 -48.07
C LEU X 106 51.79 29.52 -46.66
N ASN X 107 50.48 29.75 -46.47
CA ASN X 107 49.94 30.16 -45.18
C ASN X 107 49.45 28.94 -44.40
N LEU X 108 50.40 28.15 -43.89
CA LEU X 108 50.16 26.93 -43.11
C LEU X 108 50.49 27.17 -41.63
N THR X 109 49.56 26.87 -40.72
CA THR X 109 49.78 27.08 -39.29
C THR X 109 50.85 26.12 -38.77
N VAL X 110 51.85 26.68 -38.08
CA VAL X 110 53.06 25.97 -37.66
C VAL X 110 53.58 26.59 -36.36
N ASN X 111 54.35 25.81 -35.57
CA ASN X 111 54.93 26.30 -34.32
C ASN X 111 56.36 25.76 -34.06
N PHE Y 1 101.09 24.45 -114.57
CA PHE Y 1 100.42 25.73 -114.19
C PHE Y 1 101.33 26.89 -114.58
N THR Y 2 100.73 28.02 -114.98
CA THR Y 2 101.52 29.22 -115.28
C THR Y 2 102.02 29.86 -113.99
N LEU Y 3 103.04 30.73 -114.10
CA LEU Y 3 103.57 31.45 -112.94
C LEU Y 3 102.53 32.40 -112.32
N ILE Y 4 101.65 32.97 -113.16
CA ILE Y 4 100.56 33.81 -112.69
C ILE Y 4 99.60 33.02 -111.78
N GLU Y 5 99.18 31.83 -112.22
CA GLU Y 5 98.29 30.99 -111.43
C GLU Y 5 98.92 30.62 -110.08
N LEU Y 6 100.21 30.28 -110.06
CA LEU Y 6 100.93 30.00 -108.83
C LEU Y 6 101.00 31.23 -107.93
N ALA Y 7 101.20 32.43 -108.49
CA ALA Y 7 101.22 33.68 -107.74
C ALA Y 7 99.87 33.95 -107.07
N ILE Y 8 98.78 33.76 -107.82
CA ILE Y 8 97.41 33.89 -107.33
C ILE Y 8 97.15 32.89 -106.19
N VAL Y 9 97.59 31.64 -106.36
CA VAL Y 9 97.48 30.61 -105.33
C VAL Y 9 98.24 31.00 -104.06
N ILE Y 10 99.47 31.50 -104.20
CA ILE Y 10 100.30 31.94 -103.08
C ILE Y 10 99.61 33.07 -102.30
N VAL Y 11 98.91 33.98 -103.00
CA VAL Y 11 98.12 35.02 -102.37
C VAL Y 11 96.92 34.44 -101.61
N ILE Y 12 96.10 33.62 -102.27
CA ILE Y 12 94.83 33.17 -101.72
C ILE Y 12 95.03 32.22 -100.55
N ILE Y 13 96.03 31.32 -100.60
CA ILE Y 13 96.35 30.45 -99.47
C ILE Y 13 96.60 31.28 -98.22
N GLY Y 14 97.36 32.37 -98.35
CA GLY Y 14 97.70 33.23 -97.22
C GLY Y 14 96.49 33.93 -96.60
N ILE Y 15 95.36 34.01 -97.33
CA ILE Y 15 94.15 34.68 -96.90
C ILE Y 15 93.10 33.68 -96.41
N LEU Y 16 93.07 32.45 -96.94
CA LEU Y 16 92.15 31.43 -96.44
C LEU Y 16 92.69 30.74 -95.18
N VAL Y 17 94.00 30.78 -94.97
CA VAL Y 17 94.60 30.63 -93.65
C VAL Y 17 94.47 31.99 -92.94
N ALA Y 18 94.77 32.08 -91.64
CA ALA Y 18 94.58 33.31 -90.87
C ALA Y 18 93.10 33.70 -90.76
N ILE Y 19 92.24 32.67 -90.81
CA ILE Y 19 90.89 32.73 -90.24
C ILE Y 19 91.00 32.40 -88.76
N ALA Y 20 89.92 32.65 -88.00
CA ALA Y 20 89.75 31.95 -86.73
C ALA Y 20 89.26 30.51 -86.97
N VAL Y 21 89.53 29.62 -86.01
CA VAL Y 21 88.98 28.26 -86.00
C VAL Y 21 88.69 27.92 -84.54
N PRO Y 22 87.59 27.19 -84.21
CA PRO Y 22 87.28 26.88 -82.82
C PRO Y 22 88.26 25.88 -82.23
N ARG Y 23 88.52 26.00 -80.91
CA ARG Y 23 89.18 24.95 -80.18
C ARG Y 23 88.19 23.83 -79.89
N PHE Y 24 88.65 22.58 -79.92
CA PHE Y 24 87.90 21.54 -79.24
C PHE Y 24 88.07 21.73 -77.73
N VAL Y 25 87.00 21.45 -76.97
CA VAL Y 25 87.02 21.61 -75.52
C VAL Y 25 86.43 20.36 -74.89
N ASP Y 26 87.08 19.86 -73.83
CA ASP Y 26 86.54 18.74 -73.08
C ASP Y 26 85.38 19.21 -72.20
N LEU Y 27 84.17 19.25 -72.78
CA LEU Y 27 82.96 19.62 -72.07
C LEU Y 27 82.32 18.44 -71.32
N THR Y 28 83.06 17.35 -71.12
CA THR Y 28 82.47 16.16 -70.51
C THR Y 28 82.11 16.37 -69.04
N ASP Y 29 82.76 17.31 -68.33
CA ASP Y 29 82.41 17.63 -66.96
C ASP Y 29 80.98 18.18 -66.85
N GLN Y 30 80.64 19.17 -67.69
CA GLN Y 30 79.32 19.78 -67.71
C GLN Y 30 78.25 18.77 -68.13
N ALA Y 31 78.55 17.97 -69.16
CA ALA Y 31 77.65 16.92 -69.63
C ALA Y 31 77.46 15.82 -68.57
N ASN Y 32 78.54 15.39 -67.90
CA ASN Y 32 78.48 14.41 -66.83
C ASN Y 32 77.62 14.91 -65.68
N GLN Y 33 77.75 16.19 -65.31
CA GLN Y 33 76.94 16.77 -64.25
C GLN Y 33 75.46 16.70 -64.61
N ALA Y 34 75.10 17.09 -65.84
CA ALA Y 34 73.73 17.02 -66.31
C ALA Y 34 73.21 15.57 -66.35
N ASN Y 35 74.05 14.60 -66.73
CA ASN Y 35 73.68 13.19 -66.69
C ASN Y 35 73.36 12.73 -65.26
N VAL Y 36 74.21 13.10 -64.29
CA VAL Y 36 74.03 12.76 -62.89
C VAL Y 36 72.75 13.39 -62.35
N ASP Y 37 72.50 14.66 -62.66
CA ASP Y 37 71.30 15.36 -62.24
C ASP Y 37 70.03 14.76 -62.84
N ALA Y 38 69.99 14.55 -64.15
CA ALA Y 38 68.85 13.90 -64.81
C ALA Y 38 68.59 12.49 -64.25
N THR Y 39 69.67 11.74 -63.97
CA THR Y 39 69.57 10.42 -63.36
C THR Y 39 69.03 10.51 -61.94
N ALA Y 40 69.45 11.51 -61.16
CA ALA Y 40 68.93 11.74 -59.82
C ALA Y 40 67.42 12.04 -59.82
N ALA Y 41 66.95 12.83 -60.78
CA ALA Y 41 65.51 13.06 -60.98
C ALA Y 41 64.77 11.74 -61.26
N ALA Y 42 65.33 10.91 -62.14
CA ALA Y 42 64.76 9.61 -62.45
C ALA Y 42 64.70 8.69 -61.23
N VAL Y 43 65.75 8.66 -60.39
CA VAL Y 43 65.77 7.84 -59.18
C VAL Y 43 64.70 8.29 -58.20
N ARG Y 44 64.49 9.60 -58.01
CA ARG Y 44 63.42 10.12 -57.17
C ARG Y 44 62.05 9.67 -57.64
N SER Y 45 61.76 9.78 -58.94
CA SER Y 45 60.50 9.34 -59.50
C SER Y 45 60.32 7.82 -59.38
N ALA Y 46 61.37 7.05 -59.68
CA ALA Y 46 61.36 5.60 -59.56
C ALA Y 46 61.09 5.15 -58.12
N TYR Y 47 61.66 5.86 -57.15
CA TYR Y 47 61.41 5.65 -55.73
C TYR Y 47 59.95 5.95 -55.38
N ALA Y 48 59.44 7.11 -55.80
CA ALA Y 48 58.06 7.48 -55.53
C ALA Y 48 57.08 6.44 -56.08
N ILE Y 49 57.25 6.00 -57.34
CA ILE Y 49 56.47 4.94 -57.95
C ILE Y 49 56.60 3.65 -57.12
N ALA Y 50 57.81 3.30 -56.68
CA ALA Y 50 58.05 2.13 -55.85
C ALA Y 50 57.29 2.17 -54.51
N THR Y 51 57.12 3.34 -53.89
CA THR Y 51 56.37 3.44 -52.63
C THR Y 51 54.89 3.10 -52.81
N VAL Y 52 54.32 3.32 -54.01
CA VAL Y 52 52.95 2.89 -54.30
C VAL Y 52 52.92 1.38 -54.53
N GLN Y 53 53.82 0.84 -55.35
CA GLN Y 53 53.91 -0.60 -55.62
C GLN Y 53 54.10 -1.41 -54.34
N ALA Y 54 55.02 -0.96 -53.47
CA ALA Y 54 55.37 -1.61 -52.21
C ALA Y 54 54.28 -1.44 -51.15
N LYS Y 55 53.35 -0.49 -51.32
CA LYS Y 55 52.37 -0.07 -50.31
C LYS Y 55 53.07 0.20 -48.97
N GLY Y 56 54.16 0.99 -49.03
CA GLY Y 56 55.05 1.22 -47.91
C GLY Y 56 56.47 1.58 -48.38
N ILE Y 57 57.47 1.44 -47.48
CA ILE Y 57 58.86 1.68 -47.84
C ILE Y 57 59.32 0.61 -48.84
N PRO Y 58 59.89 0.99 -50.01
CA PRO Y 58 60.31 0.02 -51.01
C PRO Y 58 61.67 -0.60 -50.70
N THR Y 59 61.90 -1.77 -51.28
CA THR Y 59 63.24 -2.36 -51.30
C THR Y 59 64.11 -1.68 -52.37
N CYS Y 60 65.43 -1.81 -52.24
CA CYS Y 60 66.37 -1.29 -53.22
C CYS Y 60 66.09 -1.81 -54.64
N ASP Y 61 65.73 -3.09 -54.76
CA ASP Y 61 65.38 -3.73 -56.02
C ASP Y 61 64.07 -3.19 -56.62
N GLN Y 62 63.05 -2.92 -55.78
CA GLN Y 62 61.81 -2.33 -56.24
C GLN Y 62 62.02 -0.95 -56.86
N VAL Y 63 62.95 -0.17 -56.32
CA VAL Y 63 63.31 1.13 -56.89
C VAL Y 63 63.97 0.95 -58.25
N PHE Y 64 65.01 0.11 -58.37
CA PHE Y 64 65.70 -0.08 -59.64
C PHE Y 64 64.82 -0.76 -60.71
N ALA Y 65 63.80 -1.52 -60.31
CA ALA Y 65 62.85 -2.09 -61.27
C ALA Y 65 62.16 -1.01 -62.11
N ASN Y 66 62.02 0.21 -61.57
CA ASN Y 66 61.35 1.32 -62.24
C ASN Y 66 62.29 2.21 -63.08
N LEU Y 67 63.57 1.84 -63.26
CA LEU Y 67 64.51 2.59 -64.09
C LEU Y 67 64.74 1.86 -65.42
N GLU Y 68 64.65 2.61 -66.52
CA GLU Y 68 64.61 2.04 -67.86
C GLU Y 68 66.00 1.85 -68.48
N GLY Y 69 66.90 2.83 -68.32
CA GLY Y 69 68.05 3.00 -69.20
C GLY Y 69 69.30 2.15 -68.93
N GLY Y 70 69.13 0.95 -68.37
CA GLY Y 70 70.28 0.18 -67.88
C GLY Y 70 69.86 -1.14 -67.21
N SER Y 71 70.78 -1.69 -66.40
CA SER Y 71 70.62 -2.99 -65.79
C SER Y 71 71.11 -2.96 -64.33
N THR Y 72 70.73 -3.99 -63.56
CA THR Y 72 71.06 -4.04 -62.14
C THR Y 72 71.75 -5.35 -61.74
N SER Y 73 72.74 -5.24 -60.85
CA SER Y 73 73.36 -6.34 -60.12
C SER Y 73 73.32 -5.96 -58.65
N GLY Y 74 73.00 -6.92 -57.75
CA GLY Y 74 72.47 -6.64 -56.42
C GLY Y 74 72.94 -5.34 -55.74
N SER Y 75 71.97 -4.45 -55.41
CA SER Y 75 72.16 -3.15 -54.77
C SER Y 75 72.77 -2.04 -55.65
N THR Y 76 73.06 -2.30 -56.94
CA THR Y 76 73.51 -1.25 -57.85
C THR Y 76 72.84 -1.37 -59.23
N TRP Y 77 72.64 -0.21 -59.87
CA TRP Y 77 72.10 -0.08 -61.22
C TRP Y 77 73.13 0.66 -62.07
N THR Y 78 73.30 0.25 -63.33
CA THR Y 78 74.33 0.80 -64.21
C THR Y 78 73.70 1.11 -65.58
N SER Y 79 73.98 2.29 -66.14
CA SER Y 79 73.47 2.67 -67.47
C SER Y 79 74.00 1.71 -68.54
N SER Y 80 73.23 1.49 -69.62
CA SER Y 80 73.59 0.49 -70.62
C SER Y 80 74.95 0.77 -71.29
N ASP Y 81 75.28 2.05 -71.49
CA ASP Y 81 76.65 2.51 -71.67
C ASP Y 81 77.22 2.74 -70.27
N ASN Y 82 78.18 1.90 -69.82
CA ASN Y 82 78.42 1.56 -68.43
C ASN Y 82 78.86 2.67 -67.46
N SER Y 83 79.00 3.93 -67.91
CA SER Y 83 79.67 4.98 -67.14
C SER Y 83 78.85 5.54 -65.96
N THR Y 84 77.51 5.60 -66.07
CA THR Y 84 76.68 6.12 -64.98
C THR Y 84 76.26 4.98 -64.05
N THR Y 85 76.47 5.18 -62.75
CA THR Y 85 76.14 4.20 -61.72
C THR Y 85 75.18 4.80 -60.71
N VAL Y 86 74.23 3.98 -60.22
CA VAL Y 86 73.45 4.28 -59.03
C VAL Y 86 73.67 3.13 -58.04
N SER Y 87 73.77 3.41 -56.73
CA SER Y 87 73.89 2.34 -55.74
C SER Y 87 73.14 2.68 -54.45
N CYS Y 88 72.55 1.67 -53.82
CA CYS Y 88 71.98 1.79 -52.48
C CYS Y 88 73.00 1.49 -51.40
N ASN Y 89 72.88 2.19 -50.27
CA ASN Y 89 73.31 1.70 -48.98
C ASN Y 89 72.04 1.59 -48.14
N ALA Y 90 71.37 0.44 -48.19
CA ALA Y 90 70.04 0.27 -47.61
C ALA Y 90 70.02 0.42 -46.07
N SER Y 91 71.17 0.15 -45.43
CA SER Y 91 71.43 0.35 -44.01
C SER Y 91 71.65 1.84 -43.67
N ALA Y 92 72.12 2.62 -44.65
CA ALA Y 92 72.37 4.06 -44.53
C ALA Y 92 71.26 4.92 -45.15
N ASP Y 93 70.17 4.30 -45.62
CA ASP Y 93 69.01 4.96 -46.20
C ASP Y 93 69.41 6.00 -47.26
N THR Y 94 70.25 5.56 -48.21
CA THR Y 94 70.93 6.45 -49.14
C THR Y 94 71.08 5.82 -50.53
N PHE Y 95 70.88 6.62 -51.59
CA PHE Y 95 71.28 6.30 -52.96
C PHE Y 95 72.40 7.24 -53.38
N THR Y 96 73.47 6.71 -54.00
CA THR Y 96 74.48 7.55 -54.62
C THR Y 96 74.42 7.38 -56.14
N ILE Y 97 74.35 8.50 -56.87
CA ILE Y 97 74.37 8.55 -58.32
C ILE Y 97 75.71 9.16 -58.72
N SER Y 98 76.46 8.51 -59.64
CA SER Y 98 77.75 9.04 -60.05
C SER Y 98 78.11 8.72 -61.50
N ARG Y 99 78.93 9.60 -62.11
CA ARG Y 99 79.45 9.45 -63.46
C ARG Y 99 80.71 10.30 -63.62
N GLY Y 100 81.83 9.68 -63.99
CA GLY Y 100 83.08 10.39 -64.28
C GLY Y 100 83.51 11.36 -63.17
N GLY Y 101 83.31 10.96 -61.90
CA GLY Y 101 83.72 11.78 -60.78
C GLY Y 101 82.68 12.81 -60.32
N LYS Y 102 81.72 13.15 -61.18
CA LYS Y 102 80.55 13.94 -60.77
C LYS Y 102 79.62 13.03 -59.98
N THR Y 103 79.02 13.53 -58.89
CA THR Y 103 78.27 12.69 -57.97
C THR Y 103 77.12 13.45 -57.30
N ARG Y 104 76.09 12.70 -56.87
CA ARG Y 104 74.96 13.23 -56.11
C ARG Y 104 74.44 12.15 -55.17
N THR Y 105 73.86 12.56 -54.04
CA THR Y 105 73.39 11.62 -53.02
C THR Y 105 71.95 11.96 -52.64
N LEU Y 106 71.09 10.93 -52.57
CA LEU Y 106 69.70 11.08 -52.16
C LEU Y 106 69.46 10.32 -50.85
N ASN Y 107 68.95 11.02 -49.82
CA ASN Y 107 68.70 10.40 -48.52
C ASN Y 107 67.24 9.94 -48.43
N LEU Y 108 66.93 8.85 -49.13
CA LEU Y 108 65.60 8.23 -49.18
C LEU Y 108 65.59 6.92 -48.40
N THR Y 109 64.65 6.75 -47.45
CA THR Y 109 64.58 5.54 -46.65
C THR Y 109 64.18 4.34 -47.51
N VAL Y 110 64.96 3.27 -47.42
CA VAL Y 110 64.86 2.10 -48.30
C VAL Y 110 65.30 0.85 -47.52
N ASN Y 111 64.84 -0.34 -47.96
CA ASN Y 111 65.21 -1.60 -47.31
C ASN Y 111 65.40 -2.76 -48.33
N PHE Z 1 106.66 31.53 -123.20
CA PHE Z 1 107.30 31.83 -121.89
C PHE Z 1 108.81 31.72 -122.05
N THR Z 2 109.56 32.55 -121.32
CA THR Z 2 111.02 32.46 -121.33
C THR Z 2 111.48 31.24 -120.53
N LEU Z 3 112.73 30.81 -120.74
CA LEU Z 3 113.29 29.69 -120.00
C LEU Z 3 113.41 29.98 -118.51
N ILE Z 4 113.65 31.25 -118.14
CA ILE Z 4 113.71 31.67 -116.76
C ILE Z 4 112.36 31.46 -116.07
N GLU Z 5 111.26 31.90 -116.71
CA GLU Z 5 109.92 31.73 -116.16
C GLU Z 5 109.59 30.25 -115.95
N LEU Z 6 109.94 29.39 -116.92
CA LEU Z 6 109.75 27.95 -116.78
C LEU Z 6 110.59 27.37 -115.63
N ALA Z 7 111.82 27.85 -115.44
CA ALA Z 7 112.69 27.41 -114.35
C ALA Z 7 112.08 27.78 -112.99
N ILE Z 8 111.56 29.01 -112.86
CA ILE Z 8 110.87 29.50 -111.68
C ILE Z 8 109.63 28.64 -111.40
N VAL Z 9 108.84 28.34 -112.43
CA VAL Z 9 107.67 27.47 -112.32
C VAL Z 9 108.05 26.06 -111.83
N ILE Z 10 109.10 25.47 -112.39
CA ILE Z 10 109.61 24.16 -112.00
C ILE Z 10 110.02 24.14 -110.53
N VAL Z 11 110.59 25.23 -110.01
CA VAL Z 11 110.92 25.38 -108.60
C VAL Z 11 109.66 25.45 -107.75
N ILE Z 12 108.74 26.37 -108.07
CA ILE Z 12 107.59 26.67 -107.22
C ILE Z 12 106.59 25.51 -107.17
N ILE Z 13 106.36 24.81 -108.29
CA ILE Z 13 105.51 23.62 -108.30
C ILE Z 13 106.00 22.61 -107.27
N GLY Z 14 107.32 22.38 -107.22
CA GLY Z 14 107.92 21.42 -106.30
C GLY Z 14 107.75 21.79 -104.83
N ILE Z 15 107.45 23.06 -104.54
CA ILE Z 15 107.29 23.57 -103.17
C ILE Z 15 105.82 23.71 -102.79
N LEU Z 16 104.91 23.98 -103.74
CA LEU Z 16 103.49 24.02 -103.44
C LEU Z 16 102.86 22.62 -103.41
N VAL Z 17 103.49 21.65 -104.06
CA VAL Z 17 103.33 20.24 -103.73
C VAL Z 17 104.21 19.95 -102.52
N ALA Z 18 104.12 18.77 -101.91
CA ALA Z 18 104.84 18.45 -100.67
C ALA Z 18 104.41 19.34 -99.49
N ILE Z 19 103.15 19.77 -99.54
CA ILE Z 19 102.39 20.17 -98.37
C ILE Z 19 101.79 18.91 -97.74
N ALA Z 20 101.27 19.03 -96.51
CA ALA Z 20 100.29 18.06 -96.04
C ALA Z 20 98.92 18.36 -96.66
N VAL Z 21 98.06 17.33 -96.74
CA VAL Z 21 96.66 17.48 -97.14
C VAL Z 21 95.85 16.49 -96.29
N PRO Z 22 94.63 16.83 -95.82
CA PRO Z 22 93.87 15.89 -94.98
C PRO Z 22 93.36 14.69 -95.78
N ARG Z 23 93.27 13.54 -95.11
CA ARG Z 23 92.53 12.41 -95.65
C ARG Z 23 91.04 12.66 -95.47
N PHE Z 24 90.23 12.23 -96.45
CA PHE Z 24 88.83 12.02 -96.15
C PHE Z 24 88.69 10.78 -95.27
N VAL Z 25 87.75 10.82 -94.32
CA VAL Z 25 87.52 9.71 -93.40
C VAL Z 25 86.03 9.42 -93.35
N ASP Z 26 85.66 8.13 -93.40
CA ASP Z 26 84.28 7.74 -93.23
C ASP Z 26 83.87 7.84 -91.76
N LEU Z 27 83.46 9.04 -91.34
CA LEU Z 27 82.99 9.31 -89.99
C LEU Z 27 81.51 8.96 -89.79
N THR Z 28 80.90 8.20 -90.72
CA THR Z 28 79.48 7.93 -90.63
C THR Z 28 79.11 7.05 -89.44
N ASP Z 29 80.03 6.23 -88.93
CA ASP Z 29 79.76 5.42 -87.73
C ASP Z 29 79.50 6.30 -86.51
N GLN Z 30 80.37 7.29 -86.26
CA GLN Z 30 80.24 8.21 -85.14
C GLN Z 30 78.97 9.05 -85.28
N ALA Z 31 78.71 9.56 -86.48
CA ALA Z 31 77.51 10.34 -86.77
C ALA Z 31 76.24 9.49 -86.64
N ASN Z 32 76.24 8.25 -87.13
CA ASN Z 32 75.12 7.33 -87.00
C ASN Z 32 74.83 7.04 -85.53
N GLN Z 33 75.86 6.84 -84.71
CA GLN Z 33 75.68 6.60 -83.29
C GLN Z 33 74.98 7.79 -82.63
N ALA Z 34 75.44 9.02 -82.91
CA ALA Z 34 74.81 10.23 -82.40
C ALA Z 34 73.37 10.39 -82.89
N ASN Z 35 73.07 10.02 -84.13
CA ASN Z 35 71.71 10.03 -84.65
C ASN Z 35 70.81 9.07 -83.86
N VAL Z 36 71.28 7.84 -83.63
CA VAL Z 36 70.56 6.82 -82.87
C VAL Z 36 70.32 7.28 -81.44
N ASP Z 37 71.33 7.85 -80.79
CA ASP Z 37 71.22 8.36 -79.43
C ASP Z 37 70.24 9.54 -79.33
N ALA Z 38 70.38 10.54 -80.19
CA ALA Z 38 69.44 11.66 -80.23
C ALA Z 38 68.00 11.20 -80.51
N THR Z 39 67.84 10.22 -81.40
CA THR Z 39 66.53 9.64 -81.69
C THR Z 39 65.98 8.89 -80.48
N ALA Z 40 66.83 8.16 -79.75
CA ALA Z 40 66.44 7.47 -78.52
C ALA Z 40 65.93 8.44 -77.45
N ALA Z 41 66.60 9.60 -77.29
CA ALA Z 41 66.13 10.66 -76.41
C ALA Z 41 64.74 11.16 -76.83
N ALA Z 42 64.55 11.39 -78.12
CA ALA Z 42 63.26 11.81 -78.66
C ALA Z 42 62.15 10.78 -78.41
N VAL Z 43 62.44 9.48 -78.58
CA VAL Z 43 61.47 8.41 -78.33
C VAL Z 43 61.06 8.40 -76.85
N ARG Z 44 62.00 8.54 -75.91
CA ARG Z 44 61.69 8.62 -74.50
C ARG Z 44 60.76 9.78 -74.17
N SER Z 45 61.03 10.98 -74.70
CA SER Z 45 60.18 12.14 -74.49
C SER Z 45 58.80 11.95 -75.13
N ALA Z 46 58.75 11.42 -76.36
CA ALA Z 46 57.51 11.15 -77.06
C ALA Z 46 56.64 10.15 -76.30
N TYR Z 47 57.28 9.13 -75.71
CA TYR Z 47 56.62 8.17 -74.84
C TYR Z 47 56.06 8.84 -73.58
N ALA Z 48 56.88 9.64 -72.89
CA ALA Z 48 56.44 10.33 -71.69
C ALA Z 48 55.22 11.22 -71.98
N ILE Z 49 55.26 12.03 -73.05
CA ILE Z 49 54.13 12.84 -73.50
C ILE Z 49 52.92 11.96 -73.79
N ALA Z 50 53.12 10.81 -74.45
CA ALA Z 50 52.05 9.87 -74.75
C ALA Z 50 51.38 9.30 -73.49
N THR Z 51 52.12 9.09 -72.37
CA THR Z 51 51.51 8.60 -71.14
C THR Z 51 50.53 9.61 -70.52
N VAL Z 52 50.74 10.92 -70.76
CA VAL Z 52 49.78 11.94 -70.33
C VAL Z 52 48.56 11.93 -71.25
N GLN Z 53 48.77 11.93 -72.57
CA GLN Z 53 47.68 11.89 -73.56
C GLN Z 53 46.78 10.67 -73.36
N ALA Z 54 47.39 9.48 -73.17
CA ALA Z 54 46.70 8.22 -72.99
C ALA Z 54 46.04 8.09 -71.63
N LYS Z 55 46.41 8.94 -70.66
CA LYS Z 55 46.03 8.82 -69.25
C LYS Z 55 46.27 7.38 -68.74
N GLY Z 56 47.47 6.86 -69.01
CA GLY Z 56 47.83 5.46 -68.79
C GLY Z 56 48.94 5.00 -69.72
N ILE Z 57 49.09 3.67 -69.88
CA ILE Z 57 50.07 3.11 -70.81
C ILE Z 57 49.66 3.46 -72.24
N PRO Z 58 50.55 4.05 -73.07
CA PRO Z 58 50.19 4.44 -74.44
C PRO Z 58 50.28 3.27 -75.41
N THR Z 59 49.56 3.41 -76.53
CA THR Z 59 49.74 2.53 -77.68
C THR Z 59 51.00 2.90 -78.45
N CYS Z 60 51.51 1.96 -79.25
CA CYS Z 60 52.66 2.21 -80.12
C CYS Z 60 52.44 3.41 -81.06
N ASP Z 61 51.22 3.55 -81.59
CA ASP Z 61 50.85 4.66 -82.47
C ASP Z 61 50.79 6.00 -81.74
N GLN Z 62 50.30 6.03 -80.48
CA GLN Z 62 50.29 7.24 -79.67
C GLN Z 62 51.71 7.76 -79.42
N VAL Z 63 52.68 6.87 -79.24
CA VAL Z 63 54.07 7.26 -79.10
C VAL Z 63 54.61 7.89 -80.39
N PHE Z 64 54.44 7.22 -81.54
CA PHE Z 64 54.94 7.76 -82.80
C PHE Z 64 54.22 9.03 -83.25
N ALA Z 65 52.97 9.25 -82.83
CA ALA Z 65 52.27 10.50 -83.10
C ALA Z 65 53.05 11.73 -82.59
N ASN Z 66 53.85 11.57 -81.53
CA ASN Z 66 54.63 12.65 -80.92
C ASN Z 66 56.03 12.83 -81.51
N LEU Z 67 56.40 12.13 -82.59
CA LEU Z 67 57.70 12.29 -83.24
C LEU Z 67 57.54 13.07 -84.55
N GLU Z 68 58.40 14.08 -84.74
CA GLU Z 68 58.24 15.07 -85.80
C GLU Z 68 58.93 14.66 -87.12
N GLY Z 69 60.14 14.10 -87.04
CA GLY Z 69 61.06 14.09 -88.16
C GLY Z 69 60.90 13.00 -89.22
N GLY Z 70 59.68 12.50 -89.43
CA GLY Z 70 59.49 11.31 -90.26
C GLY Z 70 58.03 10.87 -90.32
N SER Z 71 57.82 9.60 -90.71
CA SER Z 71 56.50 9.05 -90.96
C SER Z 71 56.39 7.64 -90.38
N THR Z 72 55.16 7.13 -90.27
CA THR Z 72 54.93 5.82 -89.66
C THR Z 72 54.07 4.92 -90.55
N SER Z 73 54.43 3.62 -90.58
CA SER Z 73 53.64 2.52 -91.13
C SER Z 73 53.56 1.47 -90.03
N GLY Z 74 52.39 0.84 -89.83
CA GLY Z 74 52.01 0.17 -88.59
C GLY Z 74 53.16 -0.46 -87.78
N SER Z 75 53.34 -0.01 -86.52
CA SER Z 75 54.36 -0.43 -85.56
C SER Z 75 55.79 0.02 -85.85
N THR Z 76 56.05 0.80 -86.91
CA THR Z 76 57.37 1.37 -87.16
C THR Z 76 57.29 2.83 -87.61
N TRP Z 77 58.32 3.61 -87.24
CA TRP Z 77 58.50 4.99 -87.63
C TRP Z 77 59.84 5.12 -88.36
N THR Z 78 59.91 5.93 -89.41
CA THR Z 78 61.09 6.06 -90.26
C THR Z 78 61.37 7.53 -90.50
N SER Z 79 62.64 7.96 -90.37
CA SER Z 79 63.03 9.34 -90.63
C SER Z 79 62.77 9.72 -92.09
N SER Z 80 62.47 11.00 -92.37
CA SER Z 80 62.08 11.41 -93.72
C SER Z 80 63.15 11.12 -94.78
N ASP Z 81 64.43 11.25 -94.41
CA ASP Z 81 65.52 10.60 -95.11
C ASP Z 81 65.65 9.19 -94.52
N ASN Z 82 65.32 8.15 -95.28
CA ASN Z 82 64.79 6.87 -94.80
C ASN Z 82 65.71 6.00 -93.91
N SER Z 83 66.93 6.43 -93.58
CA SER Z 83 67.93 5.55 -92.98
C SER Z 83 67.70 5.24 -91.49
N THR Z 84 67.12 6.16 -90.71
CA THR Z 84 66.87 5.90 -89.29
C THR Z 84 65.48 5.29 -89.10
N THR Z 85 65.43 4.18 -88.36
CA THR Z 85 64.19 3.47 -88.09
C THR Z 85 63.95 3.35 -86.59
N VAL Z 86 62.68 3.46 -86.16
CA VAL Z 86 62.24 3.05 -84.83
C VAL Z 86 61.15 2.00 -85.01
N SER Z 87 61.10 0.97 -84.15
CA SER Z 87 60.01 -0.01 -84.23
C SER Z 87 59.61 -0.51 -82.83
N CYS Z 88 58.32 -0.77 -82.64
CA CYS Z 88 57.80 -1.42 -81.45
C CYS Z 88 57.79 -2.94 -81.62
N ASN Z 89 58.03 -3.64 -80.49
CA ASN Z 89 57.50 -4.97 -80.27
C ASN Z 89 56.58 -4.85 -79.06
N ALA Z 90 55.30 -4.54 -79.30
CA ALA Z 90 54.35 -4.19 -78.25
C ALA Z 90 54.08 -5.34 -77.27
N SER Z 91 54.25 -6.59 -77.74
CA SER Z 91 54.21 -7.82 -76.95
C SER Z 91 55.47 -8.02 -76.09
N ALA Z 92 56.60 -7.44 -76.53
CA ALA Z 92 57.88 -7.51 -75.84
C ALA Z 92 58.21 -6.22 -75.07
N ASP Z 93 57.27 -5.26 -75.02
CA ASP Z 93 57.40 -4.00 -74.28
C ASP Z 93 58.73 -3.30 -74.59
N THR Z 94 59.01 -3.15 -75.89
CA THR Z 94 60.32 -2.72 -76.36
C THR Z 94 60.22 -1.83 -77.61
N PHE Z 95 61.05 -0.78 -77.66
CA PHE Z 95 61.33 -0.02 -78.88
C PHE Z 95 62.77 -0.25 -79.31
N THR Z 96 63.01 -0.51 -80.61
CA THR Z 96 64.37 -0.54 -81.13
C THR Z 96 64.58 0.64 -82.07
N ILE Z 97 65.67 1.40 -81.85
CA ILE Z 97 66.08 2.51 -82.68
C ILE Z 97 67.35 2.07 -83.42
N SER Z 98 67.40 2.23 -84.75
CA SER Z 98 68.59 1.82 -85.49
C SER Z 98 68.86 2.67 -86.73
N ARG Z 99 70.15 2.75 -87.11
CA ARG Z 99 70.63 3.46 -88.30
C ARG Z 99 72.00 2.91 -88.69
N GLY Z 100 72.13 2.42 -89.94
CA GLY Z 100 73.40 1.96 -90.48
C GLY Z 100 74.14 0.97 -89.58
N GLY Z 101 73.40 0.06 -88.93
CA GLY Z 101 74.01 -0.95 -88.09
C GLY Z 101 74.22 -0.53 -86.63
N LYS Z 102 74.25 0.79 -86.36
CA LYS Z 102 74.23 1.30 -84.99
C LYS Z 102 72.81 1.14 -84.45
N THR Z 103 72.67 0.74 -83.17
CA THR Z 103 71.36 0.37 -82.64
C THR Z 103 71.26 0.68 -81.14
N ARG Z 104 70.02 0.88 -80.65
CA ARG Z 104 69.71 1.07 -79.24
C ARG Z 104 68.31 0.52 -78.96
N THR Z 105 68.09 0.06 -77.72
CA THR Z 105 66.83 -0.56 -77.34
C THR Z 105 66.29 0.08 -76.07
N LEU Z 106 65.00 0.43 -76.05
CA LEU Z 106 64.33 1.00 -74.89
C LEU Z 106 63.25 0.03 -74.38
N ASN Z 107 63.32 -0.36 -73.11
CA ASN Z 107 62.36 -1.30 -72.52
C ASN Z 107 61.24 -0.53 -71.82
N LEU Z 108 60.34 0.07 -72.64
CA LEU Z 108 59.19 0.85 -72.18
C LEU Z 108 57.90 0.07 -72.43
N THR Z 109 57.06 -0.09 -71.39
CA THR Z 109 55.80 -0.83 -71.53
C THR Z 109 54.82 -0.08 -72.43
N VAL Z 110 54.30 -0.78 -73.44
CA VAL Z 110 53.50 -0.20 -74.52
C VAL Z 110 52.48 -1.24 -75.00
N ASN Z 111 51.36 -0.77 -75.61
CA ASN Z 111 50.35 -1.67 -76.15
C ASN Z 111 49.73 -1.16 -77.47
N PHE AA 1 117.46 35.72 -127.83
CA PHE AA 1 117.70 34.35 -127.29
C PHE AA 1 118.38 33.51 -128.36
N THR AA 2 119.27 32.59 -127.94
CA THR AA 2 119.91 31.68 -128.89
C THR AA 2 118.92 30.62 -129.36
N LEU AA 3 119.23 29.94 -130.48
CA LEU AA 3 118.40 28.88 -131.00
C LEU AA 3 118.32 27.68 -130.04
N ILE AA 4 119.39 27.42 -129.30
CA ILE AA 4 119.43 26.38 -128.29
C ILE AA 4 118.41 26.66 -127.19
N GLU AA 5 118.39 27.88 -126.65
CA GLU AA 5 117.45 28.26 -125.61
C GLU AA 5 115.99 28.13 -126.09
N LEU AA 6 115.70 28.53 -127.33
CA LEU AA 6 114.37 28.35 -127.91
C LEU AA 6 114.02 26.87 -128.06
N ALA AA 7 114.98 26.02 -128.45
CA ALA AA 7 114.77 24.58 -128.56
C ALA AA 7 114.42 23.95 -127.20
N ILE AA 8 115.16 24.34 -126.16
CA ILE AA 8 114.93 23.92 -124.78
C ILE AA 8 113.53 24.36 -124.32
N VAL AA 9 113.15 25.60 -124.60
CA VAL AA 9 111.82 26.13 -124.29
C VAL AA 9 110.73 25.33 -124.99
N ILE AA 10 110.89 25.03 -126.29
CA ILE AA 10 109.95 24.24 -127.07
C ILE AA 10 109.75 22.85 -126.47
N VAL AA 11 110.82 22.24 -125.94
CA VAL AA 11 110.75 20.97 -125.24
C VAL AA 11 109.97 21.10 -123.92
N ILE AA 12 110.36 22.05 -123.05
CA ILE AA 12 109.83 22.13 -121.70
C ILE AA 12 108.36 22.56 -121.69
N ILE AA 13 107.94 23.48 -122.58
CA ILE AA 13 106.55 23.86 -122.70
C ILE AA 13 105.68 22.62 -122.95
N GLY AA 14 106.12 21.73 -123.84
CA GLY AA 14 105.40 20.52 -124.19
C GLY AA 14 105.25 19.53 -123.03
N ILE AA 15 106.09 19.66 -121.99
CA ILE AA 15 106.10 18.78 -120.83
C ILE AA 15 105.38 19.41 -119.64
N LEU AA 16 105.40 20.75 -119.49
CA LEU AA 16 104.65 21.40 -118.42
C LEU AA 16 103.17 21.58 -118.77
N VAL AA 17 102.84 21.56 -120.07
CA VAL AA 17 101.50 21.22 -120.53
C VAL AA 17 101.40 19.69 -120.52
N ALA AA 18 100.20 19.12 -120.74
CA ALA AA 18 99.97 17.68 -120.63
C ALA AA 18 100.22 17.15 -119.21
N ILE AA 19 99.97 18.03 -118.23
CA ILE AA 19 99.63 17.65 -116.87
C ILE AA 19 98.13 17.38 -116.82
N ALA AA 20 97.66 16.76 -115.73
CA ALA AA 20 96.26 16.87 -115.36
C ALA AA 20 95.98 18.24 -114.72
N VAL AA 21 94.73 18.70 -114.80
CA VAL AA 21 94.25 19.88 -114.08
C VAL AA 21 92.82 19.59 -113.64
N PRO AA 22 92.38 20.04 -112.44
CA PRO AA 22 91.01 19.74 -111.99
C PRO AA 22 89.97 20.51 -112.79
N ARG AA 23 88.79 19.90 -112.97
CA ARG AA 23 87.63 20.63 -113.44
C ARG AA 23 87.05 21.45 -112.29
N PHE AA 24 86.54 22.65 -112.59
CA PHE AA 24 85.61 23.26 -111.67
C PHE AA 24 84.28 22.50 -111.75
N VAL AA 25 83.60 22.35 -110.60
CA VAL AA 25 82.34 21.64 -110.53
C VAL AA 25 81.34 22.49 -109.74
N ASP AA 26 80.11 22.57 -110.23
CA ASP AA 26 79.05 23.25 -109.51
C ASP AA 26 78.56 22.38 -108.34
N LEU AA 27 79.26 22.47 -107.20
CA LEU AA 27 78.91 21.75 -105.98
C LEU AA 27 77.84 22.47 -105.15
N THR AA 28 77.13 23.45 -105.74
CA THR AA 28 76.19 24.24 -104.95
C THR AA 28 74.98 23.43 -104.51
N ASP AA 29 74.62 22.35 -105.22
CA ASP AA 29 73.52 21.49 -104.80
C ASP AA 29 73.80 20.82 -103.45
N GLN AA 30 74.99 20.23 -103.30
CA GLN AA 30 75.41 19.56 -102.08
C GLN AA 30 75.53 20.57 -100.93
N ALA AA 31 76.12 21.73 -101.20
CA ALA AA 31 76.25 22.80 -100.22
C ALA AA 31 74.89 23.37 -99.82
N ASN AA 32 73.98 23.58 -100.78
CA ASN AA 32 72.63 24.06 -100.51
C ASN AA 32 71.87 23.07 -99.63
N GLN AA 33 72.01 21.76 -99.89
CA GLN AA 33 71.37 20.75 -99.08
C GLN AA 33 71.85 20.83 -97.62
N ALA AA 34 73.16 20.93 -97.42
CA ALA AA 34 73.73 21.08 -96.08
C ALA AA 34 73.28 22.36 -95.40
N ASN AA 35 73.14 23.47 -96.14
CA ASN AA 35 72.61 24.72 -95.60
C ASN AA 35 71.16 24.53 -95.12
N VAL AA 36 70.31 23.89 -95.93
CA VAL AA 36 68.93 23.63 -95.60
C VAL AA 36 68.82 22.73 -94.37
N ASP AA 37 69.63 21.68 -94.30
CA ASP AA 37 69.66 20.76 -93.16
C ASP AA 37 70.13 21.45 -91.88
N ALA AA 38 71.26 22.17 -91.91
CA ALA AA 38 71.74 22.92 -90.76
C ALA AA 38 70.71 23.97 -90.29
N THR AA 39 70.04 24.63 -91.24
CA THR AA 39 68.98 25.59 -90.93
C THR AA 39 67.78 24.89 -90.29
N ALA AA 40 67.41 23.70 -90.78
CA ALA AA 40 66.33 22.91 -90.19
C ALA AA 40 66.62 22.52 -88.74
N ALA AA 41 67.87 22.13 -88.43
CA ALA AA 41 68.31 21.89 -87.06
C ALA AA 41 68.14 23.14 -86.19
N ALA AA 42 68.56 24.30 -86.71
CA ALA AA 42 68.41 25.57 -86.00
C ALA AA 42 66.95 25.91 -85.74
N VAL AA 43 66.04 25.70 -86.71
CA VAL AA 43 64.62 25.97 -86.54
C VAL AA 43 64.03 25.07 -85.45
N ARG AA 44 64.39 23.79 -85.39
CA ARG AA 44 63.93 22.90 -84.33
C ARG AA 44 64.37 23.38 -82.95
N SER AA 45 65.62 23.77 -82.79
CA SER AA 45 66.12 24.29 -81.52
C SER AA 45 65.44 25.60 -81.15
N ALA AA 46 65.30 26.52 -82.12
CA ALA AA 46 64.63 27.80 -81.92
C ALA AA 46 63.17 27.62 -81.49
N TYR AA 47 62.48 26.64 -82.07
CA TYR AA 47 61.14 26.25 -81.68
C TYR AA 47 61.11 25.70 -80.25
N ALA AA 48 62.00 24.77 -79.92
CA ALA AA 48 62.07 24.21 -78.57
C ALA AA 48 62.28 25.30 -77.53
N ILE AA 49 63.25 26.21 -77.73
CA ILE AA 49 63.48 27.37 -76.88
C ILE AA 49 62.21 28.22 -76.77
N ALA AA 50 61.52 28.46 -77.90
CA ALA AA 50 60.29 29.23 -77.93
C ALA AA 50 59.17 28.59 -77.08
N THR AA 51 59.07 27.26 -77.01
CA THR AA 51 58.06 26.61 -76.17
C THR AA 51 58.26 26.87 -74.68
N VAL AA 52 59.50 27.10 -74.24
CA VAL AA 52 59.77 27.48 -72.86
C VAL AA 52 59.40 28.96 -72.65
N GLN AA 53 59.84 29.86 -73.55
CA GLN AA 53 59.52 31.29 -73.48
C GLN AA 53 58.00 31.53 -73.47
N ALA AA 54 57.27 30.85 -74.38
CA ALA AA 54 55.83 30.97 -74.54
C ALA AA 54 55.05 30.31 -73.39
N LYS AA 55 55.70 29.43 -72.60
CA LYS AA 55 55.05 28.57 -71.62
C LYS AA 55 53.86 27.84 -72.23
N GLY AA 56 54.08 27.23 -73.41
CA GLY AA 56 53.03 26.65 -74.24
C GLY AA 56 53.43 26.62 -75.72
N ILE AA 57 52.44 26.48 -76.62
CA ILE AA 57 52.70 26.52 -78.05
C ILE AA 57 53.13 27.92 -78.45
N PRO AA 58 54.29 28.09 -79.16
CA PRO AA 58 54.77 29.42 -79.53
C PRO AA 58 54.09 29.97 -80.78
N THR AA 59 54.13 31.29 -80.91
CA THR AA 59 53.77 31.95 -82.16
C THR AA 59 54.90 31.82 -83.18
N CYS AA 60 54.57 32.00 -84.47
CA CYS AA 60 55.56 31.99 -85.54
C CYS AA 60 56.69 33.01 -85.30
N ASP AA 61 56.34 34.20 -84.80
CA ASP AA 61 57.30 35.25 -84.48
C ASP AA 61 58.21 34.89 -83.29
N GLN AA 62 57.67 34.23 -82.26
CA GLN AA 62 58.47 33.77 -81.13
C GLN AA 62 59.55 32.78 -81.56
N VAL AA 63 59.23 31.92 -82.54
CA VAL AA 63 60.21 30.99 -83.10
C VAL AA 63 61.32 31.75 -83.83
N PHE AA 64 60.98 32.65 -84.76
CA PHE AA 64 61.98 33.38 -85.52
C PHE AA 64 62.80 34.35 -84.65
N ALA AA 65 62.26 34.82 -83.52
CA ALA AA 65 63.03 35.63 -82.58
C ALA AA 65 64.30 34.92 -82.10
N ASN AA 66 64.30 33.58 -82.06
CA ASN AA 66 65.42 32.78 -81.60
C ASN AA 66 66.42 32.38 -82.70
N LEU AA 67 66.29 32.89 -83.93
CA LEU AA 67 67.23 32.62 -85.02
C LEU AA 67 68.13 33.83 -85.26
N GLU AA 68 69.44 33.59 -85.35
CA GLU AA 68 70.45 34.64 -85.34
C GLU AA 68 70.78 35.17 -86.74
N GLY AA 69 70.89 34.28 -87.74
CA GLY AA 69 71.64 34.57 -88.97
C GLY AA 69 70.91 35.34 -90.07
N GLY AA 70 69.94 36.20 -89.71
CA GLY AA 70 69.07 36.81 -90.72
C GLY AA 70 67.99 37.70 -90.10
N SER AA 71 66.93 37.96 -90.87
CA SER AA 71 65.88 38.91 -90.51
C SER AA 71 64.51 38.33 -90.87
N THR AA 72 63.45 38.93 -90.33
CA THR AA 72 62.09 38.44 -90.53
C THR AA 72 61.14 39.53 -91.02
N SER AA 73 60.24 39.16 -91.95
CA SER AA 73 59.08 39.93 -92.36
C SER AA 73 57.89 38.99 -92.25
N GLY AA 74 56.74 39.48 -91.76
CA GLY AA 74 55.69 38.66 -91.16
C GLY AA 74 55.51 37.24 -91.73
N SER AA 75 55.66 36.22 -90.86
CA SER AA 75 55.57 34.78 -91.16
C SER AA 75 56.72 34.18 -91.97
N THR AA 76 57.77 34.95 -92.31
CA THR AA 76 58.96 34.39 -92.96
C THR AA 76 60.25 34.98 -92.39
N TRP AA 77 61.30 34.17 -92.39
CA TRP AA 77 62.65 34.54 -91.97
C TRP AA 77 63.60 34.29 -93.15
N THR AA 78 64.57 35.18 -93.37
CA THR AA 78 65.47 35.11 -94.51
C THR AA 78 66.91 35.32 -94.04
N SER AA 79 67.85 34.49 -94.50
CA SER AA 79 69.27 34.63 -94.15
C SER AA 79 69.82 35.98 -94.64
N SER AA 80 70.80 36.54 -93.93
CA SER AA 80 71.29 37.89 -94.26
C SER AA 80 71.86 38.00 -95.68
N ASP AA 81 72.50 36.93 -96.17
CA ASP AA 81 72.67 36.72 -97.61
C ASP AA 81 71.40 35.98 -98.09
N ASN AA 82 70.57 36.65 -98.90
CA ASN AA 82 69.13 36.43 -98.98
C ASN AA 82 68.63 35.06 -99.49
N SER AA 83 69.50 34.11 -99.82
CA SER AA 83 69.12 32.90 -100.55
C SER AA 83 68.37 31.85 -99.71
N THR AA 84 68.65 31.73 -98.41
CA THR AA 84 67.94 30.76 -97.56
C THR AA 84 66.71 31.38 -96.93
N THR AA 85 65.57 30.70 -97.07
CA THR AA 85 64.30 31.17 -96.53
C THR AA 85 63.71 30.14 -95.58
N VAL AA 86 63.07 30.61 -94.51
CA VAL AA 86 62.18 29.80 -93.68
C VAL AA 86 60.80 30.47 -93.68
N SER AA 87 59.70 29.71 -93.71
CA SER AA 87 58.37 30.30 -93.61
C SER AA 87 57.41 29.41 -92.82
N CYS AA 88 56.51 30.03 -92.06
CA CYS AA 88 55.41 29.35 -91.40
C CYS AA 88 54.18 29.28 -92.31
N ASN AA 89 53.44 28.18 -92.17
CA ASN AA 89 52.01 28.15 -92.43
C ASN AA 89 51.36 27.80 -91.11
N ALA AA 90 51.03 28.83 -90.30
CA ALA AA 90 50.59 28.64 -88.93
C ALA AA 90 49.26 27.89 -88.80
N SER AA 91 48.41 27.98 -89.86
CA SER AA 91 47.17 27.24 -90.04
C SER AA 91 47.40 25.77 -90.41
N ALA AA 92 48.55 25.49 -91.05
CA ALA AA 92 48.97 24.15 -91.46
C ALA AA 92 50.00 23.52 -90.52
N ASP AA 93 50.32 24.18 -89.39
CA ASP AA 93 51.25 23.70 -88.37
C ASP AA 93 52.58 23.21 -88.98
N THR AA 94 53.16 24.06 -89.83
CA THR AA 94 54.28 23.67 -90.68
C THR AA 94 55.29 24.81 -90.86
N PHE AA 95 56.59 24.48 -90.84
CA PHE AA 95 57.67 25.36 -91.30
C PHE AA 95 58.29 24.76 -92.56
N THR AA 96 58.52 25.58 -93.61
CA THR AA 96 59.29 25.15 -94.75
C THR AA 96 60.62 25.89 -94.79
N ILE AA 97 61.73 25.14 -94.92
CA ILE AA 97 63.07 25.69 -95.06
C ILE AA 97 63.52 25.41 -96.50
N SER AA 98 64.01 26.42 -97.22
CA SER AA 98 64.44 26.21 -98.60
C SER AA 98 65.60 27.11 -99.03
N ARG AA 99 66.40 26.62 -99.99
CA ARG AA 99 67.51 27.34 -100.60
C ARG AA 99 67.83 26.73 -101.96
N GLY AA 100 67.81 27.54 -103.02
CA GLY AA 100 68.19 27.11 -104.36
C GLY AA 100 67.50 25.81 -104.82
N GLY AA 101 66.22 25.66 -104.48
CA GLY AA 101 65.46 24.49 -104.91
C GLY AA 101 65.55 23.29 -103.96
N LYS AA 102 66.59 23.24 -103.12
CA LYS AA 102 66.66 22.25 -102.04
C LYS AA 102 65.70 22.70 -100.93
N THR AA 103 64.97 21.75 -100.32
CA THR AA 103 63.88 22.09 -99.40
C THR AA 103 63.70 21.04 -98.31
N ARG AA 104 63.15 21.46 -97.17
CA ARG AA 104 62.80 20.58 -96.06
C ARG AA 104 61.58 21.15 -95.32
N THR AA 105 60.77 20.27 -94.72
CA THR AA 105 59.53 20.69 -94.06
C THR AA 105 59.49 20.12 -92.64
N LEU AA 106 59.14 20.95 -91.66
CA LEU AA 106 58.98 20.55 -90.27
C LEU AA 106 57.52 20.69 -89.84
N ASN AA 107 56.91 19.61 -89.35
CA ASN AA 107 55.51 19.63 -88.91
C ASN AA 107 55.42 19.89 -87.41
N LEU AA 108 55.68 21.15 -87.02
CA LEU AA 108 55.66 21.62 -85.64
C LEU AA 108 54.43 22.50 -85.40
N THR AA 109 53.61 22.20 -84.38
CA THR AA 109 52.41 22.98 -84.09
C THR AA 109 52.78 24.39 -83.62
N VAL AA 110 52.19 25.41 -84.27
CA VAL AA 110 52.55 26.81 -84.08
C VAL AA 110 51.31 27.69 -84.30
N ASN AA 111 51.30 28.91 -83.73
CA ASN AA 111 50.18 29.84 -83.90
C ASN AA 111 50.63 31.31 -84.01
N PHE BA 1 127.44 33.15 -134.85
CA PHE BA 1 126.29 32.40 -135.43
C PHE BA 1 126.20 32.69 -136.92
N THR BA 2 125.77 31.71 -137.71
CA THR BA 2 125.56 31.93 -139.15
C THR BA 2 124.30 32.77 -139.39
N LEU BA 3 124.19 33.34 -140.58
CA LEU BA 3 123.02 34.13 -140.95
C LEU BA 3 121.73 33.27 -140.99
N ILE BA 4 121.87 31.99 -141.35
CA ILE BA 4 120.76 31.06 -141.35
C ILE BA 4 120.21 30.87 -139.93
N GLU BA 5 121.09 30.64 -138.96
CA GLU BA 5 120.68 30.46 -137.57
C GLU BA 5 119.96 31.71 -137.03
N LEU BA 6 120.48 32.90 -137.36
CA LEU BA 6 119.82 34.16 -136.98
C LEU BA 6 118.45 34.30 -137.65
N ALA BA 7 118.30 33.88 -138.92
CA ALA BA 7 117.03 33.91 -139.63
C ALA BA 7 116.00 32.99 -138.96
N ILE BA 8 116.42 31.78 -138.60
CA ILE BA 8 115.61 30.80 -137.88
C ILE BA 8 115.17 31.36 -136.53
N VAL BA 9 116.09 32.00 -135.79
CA VAL BA 9 115.79 32.64 -134.52
C VAL BA 9 114.76 33.76 -134.68
N ILE BA 10 114.92 34.61 -135.70
CA ILE BA 10 114.00 35.71 -136.00
C ILE BA 10 112.59 35.17 -136.28
N VAL BA 11 112.49 34.01 -136.95
CA VAL BA 11 111.20 33.35 -137.19
C VAL BA 11 110.60 32.83 -135.88
N ILE BA 12 111.36 32.04 -135.10
CA ILE BA 12 110.83 31.33 -133.94
C ILE BA 12 110.46 32.29 -132.81
N ILE BA 13 111.24 33.37 -132.58
CA ILE BA 13 110.90 34.39 -131.60
C ILE BA 13 109.50 34.95 -131.88
N GLY BA 14 109.21 35.24 -133.14
CA GLY BA 14 107.93 35.80 -133.56
C GLY BA 14 106.74 34.86 -133.32
N ILE BA 15 107.00 33.56 -133.15
CA ILE BA 15 105.97 32.53 -132.96
C ILE BA 15 105.85 32.13 -131.49
N LEU BA 16 106.94 32.20 -130.70
CA LEU BA 16 106.84 31.92 -129.26
C LEU BA 16 106.34 33.13 -128.47
N VAL BA 17 106.49 34.34 -129.03
CA VAL BA 17 105.65 35.48 -128.68
C VAL BA 17 104.33 35.32 -129.43
N ALA BA 18 103.32 36.16 -129.14
CA ALA BA 18 101.98 36.02 -129.71
C ALA BA 18 101.30 34.69 -129.30
N ILE BA 19 101.68 34.21 -128.11
CA ILE BA 19 100.85 33.31 -127.31
C ILE BA 19 99.86 34.17 -126.51
N ALA BA 20 98.84 33.52 -125.92
CA ALA BA 20 98.16 34.13 -124.79
C ALA BA 20 99.01 33.99 -123.52
N VAL BA 21 98.79 34.90 -122.55
CA VAL BA 21 99.36 34.80 -121.21
C VAL BA 21 98.30 35.31 -120.24
N PRO BA 22 98.12 34.72 -119.03
CA PRO BA 22 97.09 35.19 -118.11
C PRO BA 22 97.43 36.55 -117.52
N ARG BA 23 96.38 37.35 -117.23
CA ARG BA 23 96.54 38.53 -116.40
C ARG BA 23 96.64 38.09 -114.94
N PHE BA 24 97.47 38.79 -114.15
CA PHE BA 24 97.29 38.74 -112.72
C PHE BA 24 96.03 39.52 -112.36
N VAL BA 25 95.27 39.04 -111.36
CA VAL BA 25 94.04 39.68 -110.93
C VAL BA 25 94.06 39.80 -109.40
N ASP BA 26 93.64 40.97 -108.90
CA ASP BA 26 93.50 41.15 -107.47
C ASP BA 26 92.24 40.44 -106.96
N LEU BA 27 92.37 39.14 -106.66
CA LEU BA 27 91.28 38.32 -106.14
C LEU BA 27 91.15 38.44 -104.61
N THR BA 28 91.78 39.45 -103.99
CA THR BA 28 91.79 39.55 -102.53
C THR BA 28 90.40 39.85 -101.97
N ASP BA 29 89.50 40.47 -102.74
CA ASP BA 29 88.13 40.71 -102.29
C ASP BA 29 87.37 39.40 -102.03
N GLN BA 30 87.42 38.48 -102.99
CA GLN BA 30 86.77 37.18 -102.89
C GLN BA 30 87.37 36.35 -101.76
N ALA BA 31 88.71 36.35 -101.65
CA ALA BA 31 89.41 35.65 -100.59
C ALA BA 31 89.11 36.26 -99.21
N ASN BA 32 89.08 37.60 -99.11
CA ASN BA 32 88.75 38.29 -97.87
C ASN BA 32 87.33 37.95 -97.42
N GLN BA 33 86.38 37.89 -98.36
CA GLN BA 33 85.01 37.53 -98.04
C GLN BA 33 84.94 36.12 -97.45
N ALA BA 34 85.62 35.16 -98.08
CA ALA BA 34 85.68 33.80 -97.57
C ALA BA 34 86.36 33.72 -96.20
N ASN BA 35 87.40 34.52 -95.95
CA ASN BA 35 88.04 34.60 -94.64
C ASN BA 35 87.05 35.10 -93.58
N VAL BA 36 86.32 36.16 -93.89
CA VAL BA 36 85.32 36.74 -92.98
C VAL BA 36 84.22 35.74 -92.68
N ASP BA 37 83.72 35.04 -93.70
CA ASP BA 37 82.68 34.02 -93.55
C ASP BA 37 83.16 32.83 -92.73
N ALA BA 38 84.32 32.25 -93.05
CA ALA BA 38 84.90 31.17 -92.26
C ALA BA 38 85.15 31.58 -90.80
N THR BA 39 85.60 32.82 -90.59
CA THR BA 39 85.80 33.35 -89.25
C THR BA 39 84.47 33.51 -88.52
N ALA BA 40 83.42 33.96 -89.21
CA ALA BA 40 82.08 34.07 -88.64
C ALA BA 40 81.53 32.71 -88.18
N ALA BA 41 81.75 31.65 -88.97
CA ALA BA 41 81.42 30.29 -88.57
C ALA BA 41 82.16 29.89 -87.29
N ALA BA 42 83.46 30.18 -87.22
CA ALA BA 42 84.27 29.89 -86.05
C ALA BA 42 83.76 30.65 -84.81
N VAL BA 43 83.38 31.93 -84.94
CA VAL BA 43 82.86 32.71 -83.82
C VAL BA 43 81.56 32.12 -83.31
N ARG BA 44 80.65 31.69 -84.18
CA ARG BA 44 79.41 31.02 -83.78
C ARG BA 44 79.67 29.76 -82.98
N SER BA 45 80.59 28.89 -83.44
CA SER BA 45 80.94 27.68 -82.72
C SER BA 45 81.61 27.99 -81.38
N ALA BA 46 82.55 28.95 -81.37
CA ALA BA 46 83.23 29.38 -80.15
C ALA BA 46 82.25 29.93 -79.11
N TYR BA 47 81.24 30.67 -79.56
CA TYR BA 47 80.15 31.15 -78.73
C TYR BA 47 79.32 30.00 -78.17
N ALA BA 48 78.90 29.06 -79.02
CA ALA BA 48 78.13 27.90 -78.58
C ALA BA 48 78.89 27.10 -77.51
N ILE BA 49 80.17 26.79 -77.73
CA ILE BA 49 81.03 26.14 -76.76
C ILE BA 49 81.10 26.96 -75.46
N ALA BA 50 81.23 28.29 -75.57
CA ALA BA 50 81.27 29.18 -74.41
C ALA BA 50 79.98 29.13 -73.59
N THR BA 51 78.80 28.95 -74.20
CA THR BA 51 77.54 28.85 -73.44
C THR BA 51 77.49 27.62 -72.56
N VAL BA 52 78.18 26.53 -72.94
CA VAL BA 52 78.29 25.35 -72.09
C VAL BA 52 79.28 25.61 -70.96
N GLN BA 53 80.47 26.15 -71.26
CA GLN BA 53 81.48 26.50 -70.26
C GLN BA 53 80.94 27.47 -69.19
N ALA BA 54 80.24 28.52 -69.63
CA ALA BA 54 79.67 29.55 -68.79
C ALA BA 54 78.44 29.07 -68.01
N LYS BA 55 77.83 27.94 -68.40
CA LYS BA 55 76.55 27.46 -67.90
C LYS BA 55 75.50 28.59 -67.93
N GLY BA 56 75.40 29.27 -69.07
CA GLY BA 56 74.61 30.49 -69.24
C GLY BA 56 75.16 31.38 -70.35
N ILE BA 57 74.78 32.67 -70.34
CA ILE BA 57 75.30 33.62 -71.32
C ILE BA 57 76.79 33.85 -71.06
N PRO BA 58 77.68 33.70 -72.07
CA PRO BA 58 79.11 33.87 -71.88
C PRO BA 58 79.55 35.33 -71.90
N THR BA 59 80.71 35.58 -71.28
CA THR BA 59 81.39 36.86 -71.45
C THR BA 59 82.10 36.93 -72.81
N CYS BA 60 82.41 38.15 -73.26
CA CYS BA 60 83.15 38.36 -74.49
C CYS BA 60 84.50 37.63 -74.49
N ASP BA 61 85.19 37.60 -73.34
CA ASP BA 61 86.46 36.90 -73.16
C ASP BA 61 86.32 35.37 -73.23
N GLN BA 62 85.24 34.82 -72.66
CA GLN BA 62 84.96 33.39 -72.73
C GLN BA 62 84.77 32.92 -74.18
N VAL BA 63 84.15 33.75 -75.01
CA VAL BA 63 84.01 33.45 -76.44
C VAL BA 63 85.36 33.44 -77.13
N PHE BA 64 86.18 34.49 -76.97
CA PHE BA 64 87.48 34.55 -77.64
C PHE BA 64 88.47 33.51 -77.11
N ALA BA 65 88.31 33.02 -75.88
CA ALA BA 65 89.13 31.93 -75.36
C ALA BA 65 89.04 30.67 -76.23
N ASN BA 66 87.91 30.47 -76.93
CA ASN BA 66 87.69 29.30 -77.78
C ASN BA 66 88.12 29.49 -79.24
N LEU BA 67 88.79 30.59 -79.60
CA LEU BA 67 89.31 30.80 -80.96
C LEU BA 67 90.82 30.59 -80.99
N GLU BA 68 91.29 29.81 -81.97
CA GLU BA 68 92.66 29.33 -82.01
C GLU BA 68 93.62 30.28 -82.75
N GLY BA 69 93.18 30.85 -83.87
CA GLY BA 69 94.10 31.38 -84.89
C GLY BA 69 94.67 32.79 -84.67
N GLY BA 70 94.81 33.23 -83.42
CA GLY BA 70 95.13 34.62 -83.14
C GLY BA 70 95.19 34.93 -81.65
N SER BA 71 95.08 36.23 -81.32
CA SER BA 71 95.26 36.73 -79.96
C SER BA 71 94.20 37.77 -79.63
N THR BA 72 94.04 38.10 -78.34
CA THR BA 72 93.00 39.03 -77.90
C THR BA 72 93.57 40.14 -77.01
N SER BA 73 93.05 41.36 -77.21
CA SER BA 73 93.23 42.51 -76.33
C SER BA 73 91.83 43.04 -76.04
N GLY BA 74 91.55 43.44 -74.79
CA GLY BA 74 90.20 43.52 -74.24
C GLY BA 74 89.07 43.88 -75.23
N SER BA 75 88.07 42.98 -75.37
CA SER BA 75 86.91 43.07 -76.25
C SER BA 75 87.18 42.90 -77.76
N THR BA 76 88.42 42.63 -78.18
CA THR BA 76 88.71 42.31 -79.59
C THR BA 76 89.70 41.14 -79.73
N TRP BA 77 89.54 40.38 -80.80
CA TRP BA 77 90.41 39.28 -81.18
C TRP BA 77 90.96 39.57 -82.58
N THR BA 78 92.23 39.25 -82.82
CA THR BA 78 92.91 39.57 -84.07
C THR BA 78 93.67 38.34 -84.56
N SER BA 79 93.56 38.00 -85.86
CA SER BA 79 94.28 36.87 -86.44
C SER BA 79 95.80 37.08 -86.33
N SER BA 80 96.59 36.00 -86.21
CA SER BA 80 98.02 36.13 -85.99
C SER BA 80 98.75 36.90 -87.09
N ASP BA 81 98.31 36.73 -88.35
CA ASP BA 81 98.57 37.70 -89.40
C ASP BA 81 97.47 38.76 -89.31
N ASN BA 82 97.81 40.00 -88.92
CA ASN BA 82 96.94 40.93 -88.19
C ASN BA 82 95.68 41.45 -88.92
N SER BA 83 95.40 41.03 -90.15
CA SER BA 83 94.39 41.67 -91.00
C SER BA 83 92.94 41.36 -90.62
N THR BA 84 92.64 40.15 -90.09
CA THR BA 84 91.27 39.80 -89.70
C THR BA 84 91.03 40.17 -88.24
N THR BA 85 89.93 40.89 -87.99
CA THR BA 85 89.56 41.34 -86.65
C THR BA 85 88.17 40.82 -86.29
N VAL BA 86 87.97 40.46 -85.01
CA VAL BA 86 86.65 40.26 -84.43
C VAL BA 86 86.54 41.20 -83.23
N SER BA 87 85.37 41.80 -82.99
CA SER BA 87 85.18 42.63 -81.80
C SER BA 87 83.77 42.50 -81.24
N CYS BA 88 83.65 42.56 -79.90
CA CYS BA 88 82.36 42.64 -79.22
C CYS BA 88 81.92 44.10 -79.04
N ASN BA 89 80.61 44.29 -79.09
CA ASN BA 89 79.95 45.38 -78.39
C ASN BA 89 79.01 44.73 -77.41
N ALA BA 90 79.50 44.44 -76.19
CA ALA BA 90 78.77 43.61 -75.22
C ALA BA 90 77.46 44.25 -74.73
N SER BA 91 77.39 45.60 -74.79
CA SER BA 91 76.20 46.41 -74.52
C SER BA 91 75.19 46.36 -75.68
N ALA BA 92 75.68 46.10 -76.91
CA ALA BA 92 74.87 45.99 -78.13
C ALA BA 92 74.62 44.53 -78.54
N ASP BA 93 75.05 43.54 -77.72
CA ASP BA 93 74.85 42.12 -77.95
C ASP BA 93 75.25 41.71 -79.38
N THR BA 94 76.46 42.11 -79.79
CA THR BA 94 76.90 42.03 -81.16
C THR BA 94 78.40 41.70 -81.27
N PHE BA 95 78.76 40.82 -82.22
CA PHE BA 95 80.13 40.63 -82.69
C PHE BA 95 80.27 41.14 -84.12
N THR BA 96 81.32 41.91 -84.43
CA THR BA 96 81.63 42.27 -85.80
C THR BA 96 82.91 41.57 -86.23
N ILE BA 97 82.87 40.88 -87.38
CA ILE BA 97 84.02 40.23 -87.99
C ILE BA 97 84.38 41.02 -89.25
N SER BA 98 85.64 41.41 -89.43
CA SER BA 98 86.02 42.18 -90.62
C SER BA 98 87.45 41.91 -91.08
N ARG BA 99 87.67 42.10 -92.39
CA ARG BA 99 88.97 41.97 -93.04
C ARG BA 99 88.97 42.74 -94.36
N GLY BA 100 89.90 43.69 -94.52
CA GLY BA 100 90.07 44.43 -95.77
C GLY BA 100 88.77 45.04 -96.31
N GLY BA 101 87.92 45.55 -95.41
CA GLY BA 101 86.69 46.20 -95.81
C GLY BA 101 85.49 45.25 -95.98
N LYS BA 102 85.75 43.94 -96.15
CA LYS BA 102 84.68 42.93 -96.09
C LYS BA 102 84.30 42.74 -94.62
N THR BA 103 83.00 42.59 -94.33
CA THR BA 103 82.52 42.61 -92.95
C THR BA 103 81.28 41.73 -92.77
N ARG BA 104 81.07 41.24 -91.53
CA ARG BA 104 79.88 40.49 -91.14
C ARG BA 104 79.58 40.75 -89.67
N THR BA 105 78.29 40.67 -89.29
CA THR BA 105 77.86 40.98 -87.94
C THR BA 105 77.01 39.84 -87.39
N LEU BA 106 77.28 39.42 -86.16
CA LEU BA 106 76.51 38.38 -85.47
C LEU BA 106 75.81 38.96 -84.25
N ASN BA 107 74.48 38.82 -84.18
CA ASN BA 107 73.70 39.36 -83.06
C ASN BA 107 73.48 38.29 -81.99
N LEU BA 108 74.56 37.99 -81.24
CA LEU BA 108 74.60 37.00 -80.17
C LEU BA 108 74.67 37.71 -78.81
N THR BA 109 73.76 37.37 -77.87
CA THR BA 109 73.74 37.99 -76.56
C THR BA 109 74.98 37.59 -75.75
N VAL BA 110 75.69 38.59 -75.22
CA VAL BA 110 77.00 38.41 -74.58
C VAL BA 110 77.17 39.47 -73.48
N ASN BA 111 78.03 39.20 -72.48
CA ASN BA 111 78.30 40.14 -71.40
C ASN BA 111 79.78 40.15 -70.96
N PHE CA 1 131.96 32.07 -146.43
CA PHE CA 1 130.92 33.13 -146.45
C PHE CA 1 131.51 34.38 -147.12
N THR CA 2 130.66 35.13 -147.84
CA THR CA 2 131.10 36.39 -148.44
C THR CA 2 131.25 37.47 -147.36
N LEU CA 3 131.97 38.56 -147.67
CA LEU CA 3 132.13 39.67 -146.75
C LEU CA 3 130.81 40.38 -146.45
N ILE CA 4 129.90 40.40 -147.42
CA ILE CA 4 128.56 40.97 -147.24
C ILE CA 4 127.78 40.19 -146.19
N GLU CA 5 127.78 38.85 -146.28
CA GLU CA 5 127.08 38.01 -145.32
C GLU CA 5 127.63 38.20 -143.90
N LEU CA 6 128.97 38.30 -143.76
CA LEU CA 6 129.59 38.58 -142.47
C LEU CA 6 129.20 39.95 -141.94
N ALA CA 7 129.11 40.97 -142.81
CA ALA CA 7 128.68 42.31 -142.43
C ALA CA 7 127.24 42.33 -141.91
N ILE CA 8 126.35 41.62 -142.61
CA ILE CA 8 124.95 41.44 -142.22
C ILE CA 8 124.86 40.73 -140.87
N VAL CA 9 125.65 39.68 -140.66
CA VAL CA 9 125.72 38.96 -139.39
C VAL CA 9 126.18 39.88 -138.25
N ILE CA 10 127.24 40.68 -138.47
CA ILE CA 10 127.76 41.62 -137.51
C ILE CA 10 126.70 42.65 -137.09
N VAL CA 11 125.85 43.08 -138.04
CA VAL CA 11 124.72 43.96 -137.75
C VAL CA 11 123.67 43.26 -136.91
N ILE CA 12 123.19 42.08 -137.34
CA ILE CA 12 122.06 41.42 -136.72
C ILE CA 12 122.38 40.90 -135.32
N ILE CA 13 123.60 40.38 -135.09
CA ILE CA 13 124.04 39.97 -133.76
C ILE CA 13 123.88 41.13 -132.78
N GLY CA 14 124.30 42.34 -133.17
CA GLY CA 14 124.23 43.51 -132.33
C GLY CA 14 122.81 43.94 -131.97
N ILE CA 15 121.81 43.47 -132.74
CA ILE CA 15 120.40 43.82 -132.54
C ILE CA 15 119.64 42.70 -131.83
N LEU CA 16 120.04 41.42 -132.00
CA LEU CA 16 119.40 40.34 -131.25
C LEU CA 16 119.97 40.19 -129.83
N VAL CA 17 121.18 40.70 -129.61
CA VAL CA 17 121.63 41.09 -128.28
C VAL CA 17 121.04 42.48 -127.99
N ALA CA 18 121.18 42.98 -126.75
CA ALA CA 18 120.55 44.23 -126.31
C ALA CA 18 119.02 44.17 -126.38
N ILE CA 19 118.50 42.95 -126.18
CA ILE CA 19 117.14 42.73 -125.69
C ILE CA 19 117.16 42.83 -124.17
N ALA CA 20 115.98 42.92 -123.54
CA ALA CA 20 115.86 42.55 -122.14
C ALA CA 20 115.84 41.02 -122.00
N VAL CA 21 116.23 40.53 -120.82
CA VAL CA 21 116.09 39.12 -120.44
C VAL CA 21 115.75 39.09 -118.95
N PRO CA 22 114.87 38.19 -118.46
CA PRO CA 22 114.52 38.18 -117.04
C PRO CA 22 115.67 37.70 -116.17
N ARG CA 23 115.75 38.24 -114.94
CA ARG CA 23 116.61 37.64 -113.91
C ARG CA 23 115.93 36.40 -113.36
N PHE CA 24 116.72 35.37 -113.03
CA PHE CA 24 116.22 34.37 -112.11
C PHE CA 24 116.16 34.98 -110.71
N VAL CA 25 115.13 34.62 -109.93
CA VAL CA 25 114.95 35.13 -108.58
C VAL CA 25 114.67 33.96 -107.64
N ASP CA 26 115.30 33.98 -106.47
CA ASP CA 26 115.03 32.99 -105.44
C ASP CA 26 113.68 33.29 -104.76
N LEU CA 27 112.59 32.80 -105.38
CA LEU CA 27 111.24 32.95 -104.85
C LEU CA 27 110.89 31.88 -103.82
N THR CA 28 111.88 31.14 -103.30
CA THR CA 28 111.59 30.03 -102.40
C THR CA 28 111.02 30.49 -101.07
N ASP CA 29 111.29 31.73 -100.62
CA ASP CA 29 110.70 32.25 -99.39
C ASP CA 29 109.17 32.36 -99.49
N GLN CA 30 108.68 32.94 -100.58
CA GLN CA 30 107.25 33.10 -100.82
C GLN CA 30 106.57 31.74 -100.98
N ALA CA 31 107.19 30.83 -101.73
CA ALA CA 31 106.69 29.48 -101.92
C ALA CA 31 106.71 28.68 -100.61
N ASN CA 32 107.77 28.79 -99.81
CA ASN CA 32 107.87 28.13 -98.51
C ASN CA 32 106.78 28.63 -97.57
N GLN CA 33 106.51 29.94 -97.56
CA GLN CA 33 105.44 30.49 -96.74
C GLN CA 33 104.09 29.89 -97.11
N ALA CA 34 103.78 29.82 -98.41
CA ALA CA 34 102.55 29.21 -98.89
C ALA CA 34 102.47 27.72 -98.55
N ASN CA 35 103.59 26.99 -98.60
CA ASN CA 35 103.64 25.59 -98.19
C ASN CA 35 103.30 25.45 -96.70
N VAL CA 36 103.90 26.28 -95.85
CA VAL CA 36 103.67 26.27 -94.41
C VAL CA 36 102.21 26.60 -94.10
N ASP CA 37 101.63 27.60 -94.77
CA ASP CA 37 100.24 28.00 -94.59
C ASP CA 37 99.27 26.90 -95.05
N ALA CA 38 99.44 26.35 -96.25
CA ALA CA 38 98.64 25.24 -96.73
C ALA CA 38 98.73 24.02 -95.81
N THR CA 39 99.93 23.72 -95.30
CA THR CA 39 100.15 22.64 -94.35
C THR CA 39 99.43 22.92 -93.02
N ALA CA 40 99.46 24.16 -92.54
CA ALA CA 40 98.75 24.57 -91.34
C ALA CA 40 97.24 24.38 -91.47
N ALA CA 41 96.65 24.71 -92.62
CA ALA CA 41 95.25 24.43 -92.93
C ALA CA 41 94.96 22.93 -92.85
N ALA CA 42 95.83 22.11 -93.45
CA ALA CA 42 95.69 20.66 -93.41
C ALA CA 42 95.76 20.12 -91.97
N VAL CA 43 96.67 20.62 -91.14
CA VAL CA 43 96.79 20.19 -89.74
C VAL CA 43 95.52 20.52 -88.96
N ARG CA 44 94.93 21.70 -89.15
CA ARG CA 44 93.67 22.07 -88.52
C ARG CA 44 92.55 21.12 -88.89
N SER CA 45 92.39 20.79 -90.18
CA SER CA 45 91.37 19.86 -90.63
C SER CA 45 91.63 18.45 -90.09
N ALA CA 46 92.88 17.98 -90.14
CA ALA CA 46 93.27 16.68 -89.62
C ALA CA 46 92.98 16.55 -88.12
N TYR CA 47 93.22 17.63 -87.36
CA TYR CA 47 92.87 17.72 -85.96
C TYR CA 47 91.36 17.65 -85.75
N ALA CA 48 90.59 18.44 -86.49
CA ALA CA 48 89.14 18.42 -86.39
C ALA CA 48 88.57 17.02 -86.65
N ILE CA 49 89.00 16.36 -87.73
CA ILE CA 49 88.64 14.98 -88.04
C ILE CA 49 89.02 14.05 -86.89
N ALA CA 50 90.23 14.22 -86.32
CA ALA CA 50 90.69 13.43 -85.19
C ALA CA 50 89.81 13.59 -83.94
N THR CA 51 89.24 14.77 -83.68
CA THR CA 51 88.34 14.95 -82.52
C THR CA 51 87.06 14.13 -82.64
N VAL CA 52 86.59 13.85 -83.87
CA VAL CA 52 85.45 12.97 -84.07
C VAL CA 52 85.87 11.51 -83.87
N GLN CA 53 86.99 11.08 -84.48
CA GLN CA 53 87.51 9.72 -84.34
C GLN CA 53 87.79 9.37 -82.87
N ALA CA 54 88.43 10.28 -82.13
CA ALA CA 54 88.79 10.12 -80.74
C ALA CA 54 87.60 10.20 -79.80
N LYS CA 55 86.46 10.74 -80.27
CA LYS CA 55 85.29 11.09 -79.44
C LYS CA 55 85.73 11.90 -78.21
N GLY CA 56 86.53 12.94 -78.45
CA GLY CA 56 87.20 13.72 -77.41
C GLY CA 56 88.49 14.36 -77.91
N ILE CA 57 89.37 14.77 -76.99
CA ILE CA 57 90.68 15.32 -77.36
C ILE CA 57 91.53 14.23 -78.00
N PRO CA 58 92.10 14.45 -79.21
CA PRO CA 58 92.89 13.43 -79.88
C PRO CA 58 94.34 13.36 -79.37
N THR CA 59 94.95 12.21 -79.60
CA THR CA 59 96.40 12.07 -79.42
C THR CA 59 97.15 12.69 -80.60
N CYS CA 60 98.43 13.02 -80.39
CA CYS CA 60 99.29 13.53 -81.45
C CYS CA 60 99.33 12.60 -82.68
N ASP CA 61 99.37 11.28 -82.44
CA ASP CA 61 99.37 10.27 -83.50
C ASP CA 61 98.04 10.20 -84.26
N GLN CA 62 96.91 10.36 -83.56
CA GLN CA 62 95.59 10.39 -84.21
C GLN CA 62 95.47 11.57 -85.18
N VAL CA 63 96.08 12.71 -84.85
CA VAL CA 63 96.11 13.86 -85.74
C VAL CA 63 96.94 13.56 -86.99
N PHE CA 64 98.18 13.07 -86.82
CA PHE CA 64 99.03 12.78 -87.97
C PHE CA 64 98.52 11.62 -88.84
N ALA CA 65 97.73 10.70 -88.28
CA ALA CA 65 97.09 9.66 -89.06
C ALA CA 65 96.22 10.21 -90.19
N ASN CA 66 95.68 11.43 -90.02
CA ASN CA 66 94.80 12.07 -91.00
C ASN CA 66 95.54 12.95 -92.02
N LEU CA 67 96.88 12.96 -92.04
CA LEU CA 67 97.66 13.72 -93.03
C LEU CA 67 98.23 12.78 -94.09
N GLU CA 68 98.05 13.15 -95.36
CA GLU CA 68 98.34 12.25 -96.49
C GLU CA 68 99.79 12.36 -96.99
N GLY CA 69 100.33 13.58 -97.08
CA GLY CA 69 101.48 13.86 -97.94
C GLY CA 69 102.88 13.54 -97.40
N GLY CA 70 103.01 12.53 -96.53
CA GLY CA 70 104.25 12.30 -95.81
C GLY CA 70 104.17 11.15 -94.82
N SER CA 71 105.10 11.13 -93.86
CA SER CA 71 105.27 10.04 -92.91
C SER CA 71 105.53 10.59 -91.51
N THR CA 72 105.40 9.73 -90.49
CA THR CA 72 105.56 10.15 -89.10
C THR CA 72 106.54 9.26 -88.34
N SER CA 73 107.35 9.89 -87.47
CA SER CA 73 108.17 9.26 -86.45
C SER CA 73 107.85 9.98 -85.14
N GLY CA 74 107.73 9.24 -84.03
CA GLY CA 74 106.99 9.66 -82.84
C GLY CA 74 106.99 11.17 -82.54
N SER CA 75 105.78 11.78 -82.49
CA SER CA 75 105.51 13.19 -82.24
C SER CA 75 105.88 14.17 -83.37
N THR CA 76 106.37 13.69 -84.53
CA THR CA 76 106.61 14.55 -85.69
C THR CA 76 106.14 13.89 -87.00
N TRP CA 77 105.70 14.72 -87.94
CA TRP CA 77 105.30 14.33 -89.29
C TRP CA 77 106.18 15.12 -90.27
N THR CA 78 106.60 14.47 -91.37
CA THR CA 78 107.51 15.06 -92.35
C THR CA 78 106.98 14.80 -93.75
N SER CA 79 106.97 15.82 -94.63
CA SER CA 79 106.53 15.68 -96.01
C SER CA 79 107.43 14.68 -96.75
N SER CA 80 106.89 13.97 -97.75
CA SER CA 80 107.65 12.90 -98.42
C SER CA 80 108.92 13.42 -99.11
N ASP CA 81 108.89 14.64 -99.65
CA ASP CA 81 110.09 15.42 -99.90
C ASP CA 81 110.40 16.18 -98.61
N ASN CA 82 111.50 15.82 -97.92
CA ASN CA 82 111.67 15.93 -96.46
C ASN CA 82 111.66 17.33 -95.85
N SER CA 83 111.48 18.41 -96.62
CA SER CA 83 111.74 19.77 -96.14
C SER CA 83 110.66 20.35 -95.21
N THR CA 84 109.38 19.96 -95.37
CA THR CA 84 108.32 20.45 -94.49
C THR CA 84 108.14 19.53 -93.29
N THR CA 85 108.13 20.11 -92.09
CA THR CA 85 107.98 19.36 -90.84
C THR CA 85 106.78 19.87 -90.06
N VAL CA 86 106.06 18.97 -89.40
CA VAL CA 86 105.09 19.30 -88.36
C VAL CA 86 105.53 18.58 -87.08
N SER CA 87 105.38 19.19 -85.91
CA SER CA 87 105.69 18.50 -84.66
C SER CA 87 104.73 18.92 -83.54
N CYS CA 88 104.39 17.97 -82.65
CA CYS CA 88 103.66 18.25 -81.43
C CYS CA 88 104.60 18.58 -80.27
N ASN CA 89 104.13 19.46 -79.39
CA ASN CA 89 104.55 19.48 -77.99
C ASN CA 89 103.28 19.21 -77.20
N ALA CA 90 102.98 17.93 -76.95
CA ALA CA 90 101.70 17.52 -76.38
C ALA CA 90 101.46 18.04 -74.95
N SER CA 91 102.56 18.30 -74.22
CA SER CA 91 102.58 18.94 -72.91
C SER CA 91 102.33 20.46 -72.99
N ALA CA 92 102.66 21.07 -74.14
CA ALA CA 92 102.47 22.49 -74.41
C ALA CA 92 101.24 22.78 -75.29
N ASP CA 93 100.43 21.75 -75.60
CA ASP CA 93 99.21 21.86 -76.38
C ASP CA 93 99.41 22.67 -77.68
N THR CA 94 100.45 22.27 -78.43
CA THR CA 94 100.95 23.06 -79.55
C THR CA 94 101.43 22.18 -80.70
N PHE CA 95 101.13 22.57 -81.95
CA PHE CA 95 101.76 22.05 -83.16
C PHE CA 95 102.60 23.15 -83.80
N THR CA 96 103.84 22.83 -84.20
CA THR CA 96 104.64 23.75 -85.01
C THR CA 96 104.80 23.19 -86.42
N ILE CA 97 104.50 24.02 -87.43
CA ILE CA 97 104.67 23.69 -88.84
C ILE CA 97 105.81 24.55 -89.36
N SER CA 98 106.82 23.95 -90.02
CA SER CA 98 107.94 24.73 -90.54
C SER CA 98 108.55 24.17 -91.82
N ARG CA 99 109.14 25.07 -92.62
CA ARG CA 99 109.84 24.75 -93.87
C ARG CA 99 110.80 25.88 -94.21
N GLY CA 100 112.09 25.55 -94.38
CA GLY CA 100 113.11 26.51 -94.80
C GLY CA 100 113.11 27.81 -93.99
N GLY CA 101 112.90 27.71 -92.68
CA GLY CA 101 112.93 28.88 -91.81
C GLY CA 101 111.59 29.61 -91.68
N LYS CA 102 110.67 29.42 -92.63
CA LYS CA 102 109.30 29.90 -92.50
C LYS CA 102 108.57 28.97 -91.52
N THR CA 103 107.74 29.53 -90.63
CA THR CA 103 107.16 28.76 -89.53
C THR CA 103 105.77 29.28 -89.13
N ARG CA 104 104.95 28.40 -88.54
CA ARG CA 104 103.65 28.72 -88.01
C ARG CA 104 103.34 27.82 -86.81
N THR CA 105 102.55 28.31 -85.86
CA THR CA 105 102.25 27.57 -84.64
C THR CA 105 100.75 27.53 -84.42
N LEU CA 106 100.21 26.33 -84.09
CA LEU CA 106 98.79 26.15 -83.78
C LEU CA 106 98.64 25.72 -82.32
N ASN CA 107 97.84 26.47 -81.54
CA ASN CA 107 97.62 26.16 -80.13
C ASN CA 107 96.36 25.32 -79.95
N LEU CA 108 96.45 24.04 -80.34
CA LEU CA 108 95.37 23.06 -80.26
C LEU CA 108 95.65 22.05 -79.14
N THR CA 109 94.69 21.85 -78.22
CA THR CA 109 94.87 20.91 -77.11
C THR CA 109 94.94 19.47 -77.61
N VAL CA 110 95.99 18.76 -77.19
CA VAL CA 110 96.32 17.43 -77.72
C VAL CA 110 97.01 16.62 -76.62
N ASN CA 111 96.95 15.27 -76.71
CA ASN CA 111 97.61 14.39 -75.73
C ASN CA 111 98.23 13.13 -76.38
N PHE DA 1 136.22 38.04 -156.53
CA PHE DA 1 136.59 38.85 -155.34
C PHE DA 1 138.08 39.17 -155.40
N THR DA 2 138.47 40.35 -154.91
CA THR DA 2 139.89 40.71 -154.84
C THR DA 2 140.59 39.93 -153.72
N LEU DA 3 141.93 39.87 -153.77
CA LEU DA 3 142.71 39.20 -152.73
C LEU DA 3 142.56 39.88 -151.37
N ILE DA 4 142.38 41.21 -151.37
CA ILE DA 4 142.16 41.97 -150.15
C ILE DA 4 140.85 41.53 -149.48
N GLU DA 5 139.76 41.43 -150.24
CA GLU DA 5 138.48 41.01 -149.71
C GLU DA 5 138.55 39.59 -149.13
N LEU DA 6 139.25 38.67 -149.79
CA LEU DA 6 139.47 37.33 -149.27
C LEU DA 6 140.30 37.35 -147.99
N ALA DA 7 141.31 38.21 -147.90
CA ALA DA 7 142.13 38.36 -146.70
C ALA DA 7 141.29 38.85 -145.51
N ILE DA 8 140.44 39.85 -145.75
CA ILE DA 8 139.51 40.39 -144.77
C ILE DA 8 138.53 39.30 -144.29
N VAL DA 9 137.99 38.51 -145.22
CA VAL DA 9 137.11 37.39 -144.91
C VAL DA 9 137.82 36.34 -144.05
N ILE DA 10 139.06 35.98 -144.39
CA ILE DA 10 139.86 35.03 -143.64
C ILE DA 10 140.09 35.51 -142.20
N VAL DA 11 140.26 36.82 -142.00
CA VAL DA 11 140.37 37.42 -140.67
C VAL DA 11 139.05 37.33 -139.91
N ILE DA 12 137.95 37.80 -140.51
CA ILE DA 12 136.67 37.94 -139.80
C ILE DA 12 136.06 36.57 -139.48
N ILE DA 13 136.17 35.57 -140.36
CA ILE DA 13 135.71 34.22 -140.07
C ILE DA 13 136.34 33.70 -138.78
N GLY DA 14 137.66 33.92 -138.61
CA GLY DA 14 138.40 33.46 -137.45
C GLY DA 14 137.96 34.13 -136.14
N ILE DA 15 137.26 35.28 -136.23
CA ILE DA 15 136.81 36.05 -135.08
C ILE DA 15 135.32 35.81 -134.79
N LEU DA 16 134.50 35.53 -135.81
CA LEU DA 16 133.09 35.20 -135.58
C LEU DA 16 132.90 33.73 -135.18
N VAL DA 17 133.86 32.87 -135.51
CA VAL DA 17 134.08 31.62 -134.80
C VAL DA 17 134.87 31.95 -133.53
N ALA DA 18 135.06 30.97 -132.63
CA ALA DA 18 135.67 31.19 -131.32
C ALA DA 18 134.88 32.18 -130.45
N ILE DA 19 133.56 32.18 -130.67
CA ILE DA 19 132.58 32.62 -129.68
C ILE DA 19 132.29 31.44 -128.76
N ALA DA 20 131.64 31.70 -127.62
CA ALA DA 20 130.92 30.64 -126.93
C ALA DA 20 129.59 30.34 -127.64
N VAL DA 21 129.07 29.12 -127.46
CA VAL DA 21 127.74 28.73 -127.91
C VAL DA 21 127.17 27.78 -126.85
N PRO DA 22 125.86 27.83 -126.51
CA PRO DA 22 125.32 26.95 -125.48
C PRO DA 22 125.27 25.49 -125.94
N ARG DA 23 125.45 24.57 -124.98
CA ARG DA 23 125.11 23.17 -125.22
C ARG DA 23 123.60 22.99 -125.16
N PHE DA 24 123.07 22.11 -126.00
CA PHE DA 24 121.75 21.57 -125.70
C PHE DA 24 121.88 20.61 -124.51
N VAL DA 25 120.87 20.59 -123.63
CA VAL DA 25 120.87 19.73 -122.45
C VAL DA 25 119.52 19.02 -122.37
N ASP DA 26 119.56 17.72 -122.06
CA ASP DA 26 118.34 16.97 -121.82
C ASP DA 26 117.75 17.32 -120.45
N LEU DA 27 116.97 18.41 -120.40
CA LEU DA 27 116.30 18.85 -119.19
C LEU DA 27 114.96 18.14 -118.95
N THR DA 28 114.71 17.02 -119.65
CA THR DA 28 113.41 16.36 -119.55
C THR DA 28 113.17 15.74 -118.17
N ASP DA 29 114.22 15.39 -117.42
CA ASP DA 29 114.06 14.88 -116.06
C ASP DA 29 113.42 15.91 -115.13
N GLN DA 30 113.93 17.15 -115.14
CA GLN DA 30 113.43 18.24 -114.32
C GLN DA 30 112.00 18.60 -114.73
N ALA DA 31 111.74 18.67 -116.05
CA ALA DA 31 110.41 18.96 -116.57
C ALA DA 31 109.43 17.82 -116.24
N ASN DA 32 109.84 16.55 -116.37
CA ASN DA 32 109.02 15.40 -116.03
C ASN DA 32 108.65 15.42 -114.55
N GLN DA 33 109.60 15.76 -113.68
CA GLN DA 33 109.34 15.85 -112.25
C GLN DA 33 108.26 16.90 -111.97
N ALA DA 34 108.38 18.09 -112.57
CA ALA DA 34 107.38 19.14 -112.43
C ALA DA 34 106.01 18.72 -112.97
N ASN DA 35 105.97 17.97 -114.08
CA ASN DA 35 104.74 17.44 -114.63
C ASN DA 35 104.06 16.48 -113.64
N VAL DA 36 104.84 15.56 -113.05
CA VAL DA 36 104.36 14.59 -112.07
C VAL DA 36 103.83 15.29 -110.82
N ASP DA 37 104.56 16.30 -110.32
CA ASP DA 37 104.15 17.08 -109.17
C ASP DA 37 102.88 17.88 -109.42
N ALA DA 38 102.81 18.63 -110.52
CA ALA DA 38 101.61 19.36 -110.91
C ALA DA 38 100.40 18.43 -111.09
N THR DA 39 100.62 17.25 -111.67
CA THR DA 39 99.58 16.25 -111.83
C THR DA 39 99.14 15.70 -110.48
N ALA DA 40 100.07 15.47 -109.55
CA ALA DA 40 99.75 15.03 -108.19
C ALA DA 40 98.88 16.05 -107.45
N ALA DA 41 99.16 17.35 -107.59
CA ALA DA 41 98.30 18.40 -107.06
C ALA DA 41 96.90 18.33 -107.65
N ALA DA 42 96.79 18.15 -108.97
CA ALA DA 42 95.51 18.01 -109.64
C ALA DA 42 94.72 16.79 -109.14
N VAL DA 43 95.38 15.63 -108.93
CA VAL DA 43 94.74 14.43 -108.42
C VAL DA 43 94.18 14.66 -107.02
N ARG DA 44 94.94 15.34 -106.13
CA ARG DA 44 94.46 15.67 -104.80
C ARG DA 44 93.19 16.53 -104.83
N SER DA 45 93.18 17.58 -105.67
CA SER DA 45 92.01 18.43 -105.82
C SER DA 45 90.83 17.67 -106.41
N ALA DA 46 91.07 16.86 -107.45
CA ALA DA 46 90.05 16.05 -108.09
C ALA DA 46 89.42 15.05 -107.11
N TYR DA 47 90.24 14.47 -106.24
CA TYR DA 47 89.80 13.61 -105.15
C TYR DA 47 88.94 14.37 -104.15
N ALA DA 48 89.40 15.54 -103.69
CA ALA DA 48 88.65 16.35 -102.75
C ALA DA 48 87.27 16.71 -103.30
N ILE DA 49 87.19 17.19 -104.55
CA ILE DA 49 85.95 17.48 -105.25
C ILE DA 49 85.07 16.22 -105.32
N ALA DA 50 85.67 15.06 -105.63
CA ALA DA 50 84.95 13.79 -105.69
C ALA DA 50 84.33 13.40 -104.34
N THR DA 51 84.96 13.71 -103.19
CA THR DA 51 84.39 13.39 -101.89
C THR DA 51 83.10 14.17 -101.61
N VAL DA 52 82.95 15.37 -102.19
CA VAL DA 52 81.70 16.12 -102.09
C VAL DA 52 80.64 15.50 -103.00
N GLN DA 53 80.99 15.23 -104.27
CA GLN DA 53 80.08 14.61 -105.24
C GLN DA 53 79.55 13.26 -104.74
N ALA DA 54 80.45 12.41 -104.21
CA ALA DA 54 80.14 11.08 -103.71
C ALA DA 54 79.38 11.11 -102.37
N LYS DA 55 79.39 12.25 -101.67
CA LYS DA 55 78.90 12.38 -100.29
C LYS DA 55 79.47 11.28 -99.40
N GLY DA 56 80.80 11.10 -99.48
CA GLY DA 56 81.52 9.99 -98.86
C GLY DA 56 82.82 9.66 -99.59
N ILE DA 57 83.36 8.44 -99.38
CA ILE DA 57 84.56 7.99 -100.09
C ILE DA 57 84.22 7.82 -101.58
N PRO DA 58 84.99 8.43 -102.51
CA PRO DA 58 84.70 8.33 -103.93
C PRO DA 58 85.23 7.03 -104.55
N THR DA 59 84.63 6.66 -105.68
CA THR DA 59 85.19 5.61 -106.53
C THR DA 59 86.37 6.14 -107.34
N CYS DA 60 87.22 5.23 -107.83
CA CYS DA 60 88.33 5.59 -108.70
C CYS DA 60 87.89 6.38 -109.94
N ASP DA 61 86.75 6.00 -110.53
CA ASP DA 61 86.17 6.67 -111.68
C ASP DA 61 85.65 8.08 -111.35
N GLN DA 62 85.05 8.27 -110.18
CA GLN DA 62 84.59 9.59 -109.73
C GLN DA 62 85.75 10.57 -109.59
N VAL DA 63 86.92 10.09 -109.15
CA VAL DA 63 88.13 10.92 -109.08
C VAL DA 63 88.59 11.32 -110.47
N PHE DA 64 88.76 10.37 -111.39
CA PHE DA 64 89.22 10.69 -112.74
C PHE DA 64 88.22 11.51 -113.56
N ALA DA 65 86.92 11.45 -113.23
CA ALA DA 65 85.93 12.31 -113.87
C ALA DA 65 86.25 13.81 -113.70
N ASN DA 66 86.95 14.18 -112.62
CA ASN DA 66 87.30 15.55 -112.31
C ASN DA 66 88.66 16.00 -112.87
N LEU DA 67 89.34 15.19 -113.71
CA LEU DA 67 90.59 15.57 -114.34
C LEU DA 67 90.37 15.91 -115.82
N GLU DA 68 90.90 17.06 -116.26
CA GLU DA 68 90.58 17.63 -117.56
C GLU DA 68 91.51 17.14 -118.69
N GLY DA 69 92.82 17.01 -118.42
CA GLY DA 69 93.83 17.02 -119.46
C GLY DA 69 94.11 15.69 -120.17
N GLY DA 70 93.12 14.80 -120.27
CA GLY DA 70 93.37 13.44 -120.75
C GLY DA 70 92.11 12.57 -120.73
N SER DA 71 92.31 11.25 -120.76
CA SER DA 71 91.25 10.26 -120.89
C SER DA 71 91.49 9.09 -119.95
N THR DA 72 90.45 8.27 -119.72
CA THR DA 72 90.53 7.16 -118.79
C THR DA 72 90.08 5.84 -119.42
N SER DA 73 90.80 4.76 -119.07
CA SER DA 73 90.41 3.37 -119.32
C SER DA 73 90.52 2.65 -117.98
N GLY DA 74 89.56 1.77 -117.65
CA GLY DA 74 89.26 1.36 -116.28
C GLY DA 74 90.43 1.33 -115.29
N SER DA 75 90.33 2.13 -114.20
CA SER DA 75 91.32 2.29 -113.13
C SER DA 75 92.59 3.08 -113.50
N THR DA 76 92.74 3.60 -114.72
CA THR DA 76 93.86 4.47 -115.08
C THR DA 76 93.41 5.67 -115.91
N TRP DA 77 94.12 6.79 -115.75
CA TRP DA 77 93.94 8.01 -116.50
C TRP DA 77 95.27 8.35 -117.19
N THR DA 78 95.21 8.85 -118.43
CA THR DA 78 96.39 9.11 -119.23
C THR DA 78 96.28 10.49 -119.87
N SER DA 79 97.34 11.31 -119.82
CA SER DA 79 97.35 12.63 -120.45
C SER DA 79 97.15 12.52 -121.96
N SER DA 80 96.53 13.53 -122.59
CA SER DA 80 96.19 13.44 -124.01
C SER DA 80 97.42 13.25 -124.92
N ASP DA 81 98.56 13.85 -124.56
CA ASP DA 81 99.87 13.41 -125.02
C ASP DA 81 100.33 12.31 -124.05
N ASN DA 82 100.39 11.05 -124.51
CA ASN DA 82 100.20 9.84 -123.71
C ASN DA 82 101.22 9.54 -122.59
N SER DA 83 102.22 10.40 -122.35
CA SER DA 83 103.36 10.06 -121.51
C SER DA 83 103.07 10.08 -119.99
N THR DA 84 102.16 10.94 -119.51
CA THR DA 84 101.83 10.99 -118.08
C THR DA 84 100.67 10.04 -117.78
N THR DA 85 100.84 9.20 -116.76
CA THR DA 85 99.84 8.23 -116.34
C THR DA 85 99.48 8.44 -114.88
N VAL DA 86 98.19 8.26 -114.54
CA VAL DA 86 97.75 8.09 -113.16
C VAL DA 86 97.03 6.75 -113.07
N SER DA 87 97.18 6.00 -111.97
CA SER DA 87 96.43 4.76 -111.80
C SER DA 87 96.03 4.53 -110.34
N CYS DA 88 94.85 3.94 -110.12
CA CYS DA 88 94.42 3.49 -108.81
C CYS DA 88 94.86 2.05 -108.55
N ASN DA 89 95.15 1.78 -107.27
CA ASN DA 89 95.01 0.45 -106.70
C ASN DA 89 93.96 0.58 -105.61
N ALA DA 90 92.68 0.40 -105.96
CA ALA DA 90 91.57 0.71 -105.07
C ALA DA 90 91.52 -0.18 -103.81
N SER DA 91 92.10 -1.39 -103.92
CA SER DA 91 92.32 -2.34 -102.82
C SER DA 91 93.48 -1.91 -101.90
N ALA DA 92 94.43 -1.15 -102.45
CA ALA DA 92 95.60 -0.64 -101.74
C ALA DA 92 95.45 0.84 -101.34
N ASP DA 93 94.28 1.45 -101.57
CA ASP DA 93 93.96 2.83 -101.22
C ASP DA 93 95.05 3.81 -101.67
N THR DA 94 95.42 3.70 -102.95
CA THR DA 94 96.62 4.36 -103.48
C THR DA 94 96.40 4.83 -104.92
N PHE DA 95 96.90 6.04 -105.25
CA PHE DA 95 97.08 6.52 -106.62
C PHE DA 95 98.56 6.63 -106.93
N THR DA 96 99.02 6.13 -108.09
CA THR DA 96 100.38 6.38 -108.54
C THR DA 96 100.35 7.30 -109.77
N ILE DA 97 101.14 8.38 -109.73
CA ILE DA 97 101.31 9.31 -110.83
C ILE DA 97 102.72 9.12 -111.38
N SER DA 98 102.88 8.94 -112.69
CA SER DA 98 104.21 8.73 -113.25
C SER DA 98 104.37 9.29 -114.67
N ARG DA 99 105.61 9.65 -115.03
CA ARG DA 99 106.00 10.14 -116.34
C ARG DA 99 107.50 9.96 -116.53
N GLY DA 100 107.90 9.24 -117.59
CA GLY DA 100 109.31 9.07 -117.95
C GLY DA 100 110.19 8.62 -116.77
N GLY DA 101 109.67 7.72 -115.93
CA GLY DA 101 110.44 7.18 -114.82
C GLY DA 101 110.36 8.01 -113.54
N LYS DA 102 109.99 9.30 -113.63
CA LYS DA 102 109.67 10.11 -112.45
C LYS DA 102 108.30 9.67 -111.94
N THR DA 103 108.14 9.58 -110.61
CA THR DA 103 106.93 8.98 -110.02
C THR DA 103 106.58 9.62 -108.68
N ARG DA 104 105.29 9.54 -108.31
CA ARG DA 104 104.79 9.98 -107.02
C ARG DA 104 103.58 9.13 -106.63
N THR DA 105 103.36 8.95 -105.32
CA THR DA 105 102.28 8.09 -104.83
C THR DA 105 101.45 8.85 -103.80
N LEU DA 106 100.12 8.77 -103.92
CA LEU DA 106 99.19 9.38 -102.97
C LEU DA 106 98.39 8.29 -102.26
N ASN DA 107 98.42 8.28 -100.92
CA ASN DA 107 97.70 7.29 -100.13
C ASN DA 107 96.33 7.82 -99.71
N LEU DA 108 95.41 7.88 -100.67
CA LEU DA 108 94.03 8.37 -100.49
C LEU DA 108 93.06 7.19 -100.55
N THR DA 109 92.19 7.05 -99.54
CA THR DA 109 91.21 5.96 -99.50
C THR DA 109 90.18 6.10 -100.61
N VAL DA 110 89.99 5.04 -101.40
CA VAL DA 110 89.18 5.06 -102.62
C VAL DA 110 88.57 3.67 -102.83
N ASN DA 111 87.44 3.60 -103.57
CA ASN DA 111 86.79 2.32 -103.88
C ASN DA 111 86.20 2.27 -105.31
N PHE EA 1 145.88 43.92 -161.77
CA PHE EA 1 146.44 42.87 -160.87
C PHE EA 1 147.46 42.05 -161.64
N THR EA 2 148.51 41.58 -160.96
CA THR EA 2 149.49 40.70 -161.60
C THR EA 2 148.90 39.30 -161.79
N LEU EA 3 149.52 38.49 -162.67
CA LEU EA 3 149.08 37.12 -162.90
C LEU EA 3 149.24 36.24 -161.65
N ILE EA 4 150.25 36.54 -160.82
CA ILE EA 4 150.47 35.84 -159.56
C ILE EA 4 149.30 36.07 -158.61
N GLU EA 5 148.86 37.32 -158.45
CA GLU EA 5 147.74 37.66 -157.59
C GLU EA 5 146.45 36.96 -158.05
N LEU EA 6 146.20 36.93 -159.37
CA LEU EA 6 145.06 36.21 -159.92
C LEU EA 6 145.16 34.71 -159.65
N ALA EA 7 146.35 34.12 -159.76
CA ALA EA 7 146.58 32.70 -159.47
C ALA EA 7 146.27 32.37 -158.01
N ILE EA 8 146.74 33.22 -157.09
CA ILE EA 8 146.49 33.11 -155.66
C ILE EA 8 144.98 33.21 -155.38
N VAL EA 9 144.29 34.16 -156.01
CA VAL EA 9 142.84 34.31 -155.90
C VAL EA 9 142.10 33.07 -156.39
N ILE EA 10 142.50 32.52 -157.54
CA ILE EA 10 141.91 31.30 -158.11
C ILE EA 10 142.06 30.12 -157.15
N VAL EA 11 143.19 30.03 -156.42
CA VAL EA 11 143.40 29.01 -155.40
C VAL EA 11 142.48 29.24 -154.20
N ILE EA 12 142.48 30.45 -153.62
CA ILE EA 12 141.79 30.71 -152.37
C ILE EA 12 140.27 30.66 -152.52
N ILE EA 13 139.71 31.14 -153.64
CA ILE EA 13 138.28 31.02 -153.92
C ILE EA 13 137.85 29.56 -153.83
N GLY EA 14 138.64 28.65 -154.42
CA GLY EA 14 138.33 27.23 -154.44
C GLY EA 14 138.34 26.59 -153.05
N ILE EA 15 138.97 27.23 -152.07
CA ILE EA 15 139.10 26.73 -150.70
C ILE EA 15 138.10 27.40 -149.75
N LEU EA 16 137.72 28.66 -150.01
CA LEU EA 16 136.68 29.31 -149.19
C LEU EA 16 135.26 28.93 -149.62
N VAL EA 17 135.11 28.48 -150.86
CA VAL EA 17 134.00 27.63 -151.26
C VAL EA 17 134.33 26.20 -150.82
N ALA EA 18 133.39 25.24 -150.93
CA ALA EA 18 133.54 23.88 -150.42
C ALA EA 18 133.76 23.84 -148.90
N ILE EA 19 133.16 24.83 -148.22
CA ILE EA 19 132.79 24.72 -146.82
C ILE EA 19 131.44 24.04 -146.74
N ALA EA 20 131.04 23.60 -145.54
CA ALA EA 20 129.63 23.37 -145.26
C ALA EA 20 128.91 24.71 -145.04
N VAL EA 21 127.60 24.73 -145.27
CA VAL EA 21 126.73 25.85 -144.93
C VAL EA 21 125.40 25.26 -144.47
N PRO EA 22 124.70 25.82 -143.45
CA PRO EA 22 123.44 25.25 -142.98
C PRO EA 22 122.32 25.43 -144.00
N ARG EA 23 121.39 24.47 -144.05
CA ARG EA 23 120.12 24.66 -144.73
C ARG EA 23 119.21 25.53 -143.87
N PHE EA 24 118.43 26.39 -144.52
CA PHE EA 24 117.25 26.91 -143.83
C PHE EA 24 116.22 25.79 -143.73
N VAL EA 25 115.48 25.73 -142.61
CA VAL EA 25 114.47 24.71 -142.39
C VAL EA 25 113.19 25.38 -141.90
N ASP EA 26 112.05 24.94 -142.43
CA ASP EA 26 110.76 25.42 -141.95
C ASP EA 26 110.43 24.78 -140.61
N LEU EA 27 110.94 25.37 -139.52
CA LEU EA 27 110.67 24.90 -138.15
C LEU EA 27 109.36 25.46 -137.60
N THR EA 28 108.48 26.01 -138.45
CA THR EA 28 107.25 26.65 -137.95
C THR EA 28 106.28 25.66 -137.34
N ASP EA 29 106.32 24.37 -137.73
CA ASP EA 29 105.47 23.35 -137.12
C ASP EA 29 105.77 23.17 -135.63
N GLN EA 30 107.06 23.03 -135.29
CA GLN EA 30 107.51 22.85 -133.91
C GLN EA 30 107.21 24.11 -133.09
N ALA EA 31 107.47 25.29 -133.65
CA ALA EA 31 107.19 26.56 -133.00
C ALA EA 31 105.68 26.77 -132.82
N ASN EA 32 104.86 26.44 -133.82
CA ASN EA 32 103.41 26.53 -133.74
C ASN EA 32 102.87 25.62 -132.65
N GLN EA 33 103.40 24.40 -132.54
CA GLN EA 33 102.98 23.47 -131.49
C GLN EA 33 103.25 24.06 -130.10
N ALA EA 34 104.46 24.61 -129.89
CA ALA EA 34 104.81 25.26 -128.64
C ALA EA 34 103.92 26.48 -128.34
N ASN EA 35 103.56 27.26 -129.36
CA ASN EA 35 102.64 28.38 -129.22
C ASN EA 35 101.26 27.90 -128.75
N VAL EA 36 100.73 26.84 -129.38
CA VAL EA 36 99.44 26.25 -129.03
C VAL EA 36 99.46 25.72 -127.60
N ASP EA 37 100.52 25.01 -127.21
CA ASP EA 37 100.67 24.47 -125.88
C ASP EA 37 100.78 25.57 -124.81
N ALA EA 38 101.66 26.57 -125.01
CA ALA EA 38 101.76 27.71 -124.11
C ALA EA 38 100.44 28.47 -123.98
N THR EA 39 99.71 28.63 -125.09
CA THR EA 39 98.41 29.27 -125.09
C THR EA 39 97.38 28.43 -124.32
N ALA EA 40 97.42 27.09 -124.47
CA ALA EA 40 96.55 26.19 -123.72
C ALA EA 40 96.78 26.30 -122.21
N ALA EA 41 98.04 26.40 -121.77
CA ALA EA 41 98.37 26.65 -120.37
C ALA EA 41 97.77 27.97 -119.89
N ALA EA 42 97.89 29.03 -120.69
CA ALA EA 42 97.31 30.33 -120.37
C ALA EA 42 95.78 30.27 -120.26
N VAL EA 43 95.10 29.55 -121.16
CA VAL EA 43 93.64 29.40 -121.12
C VAL EA 43 93.21 28.68 -119.84
N ARG EA 44 93.91 27.63 -119.42
CA ARG EA 44 93.62 26.94 -118.17
C ARG EA 44 93.73 27.86 -116.97
N SER EA 45 94.80 28.66 -116.87
CA SER EA 45 94.98 29.61 -115.78
C SER EA 45 93.91 30.70 -115.82
N ALA EA 46 93.62 31.25 -117.01
CA ALA EA 46 92.61 32.27 -117.19
C ALA EA 46 91.22 31.77 -116.78
N TYR EA 47 90.91 30.50 -117.08
CA TYR EA 47 89.70 29.83 -116.64
C TYR EA 47 89.67 29.69 -115.12
N ALA EA 48 90.74 29.20 -114.51
CA ALA EA 48 90.81 29.05 -113.07
C ALA EA 48 90.58 30.39 -112.36
N ILE EA 49 91.26 31.45 -112.78
CA ILE EA 49 91.05 32.81 -112.27
C ILE EA 49 89.59 33.24 -112.45
N ALA EA 50 89.00 32.96 -113.62
CA ALA EA 50 87.60 33.27 -113.91
C ALA EA 50 86.63 32.56 -112.95
N THR EA 51 86.91 31.33 -112.50
CA THR EA 51 86.03 30.63 -111.56
C THR EA 51 85.98 31.32 -110.20
N VAL EA 52 87.05 32.03 -109.79
CA VAL EA 52 87.04 32.82 -108.57
C VAL EA 52 86.24 34.11 -108.79
N GLN EA 53 86.50 34.83 -109.89
CA GLN EA 53 85.78 36.05 -110.23
C GLN EA 53 84.26 35.83 -110.34
N ALA EA 54 83.87 34.75 -111.04
CA ALA EA 54 82.48 34.37 -111.27
C ALA EA 54 81.79 33.82 -110.01
N LYS EA 55 82.57 33.42 -108.99
CA LYS EA 55 82.09 32.68 -107.82
C LYS EA 55 81.23 31.49 -108.25
N GLY EA 56 81.75 30.70 -109.20
CA GLY EA 56 81.01 29.63 -109.88
C GLY EA 56 81.58 29.35 -111.27
N ILE EA 57 80.77 28.68 -112.12
CA ILE EA 57 81.17 28.43 -113.51
C ILE EA 57 81.23 29.75 -114.26
N PRO EA 58 82.36 30.07 -114.96
CA PRO EA 58 82.49 31.35 -115.66
C PRO EA 58 81.82 31.32 -117.03
N THR EA 59 81.51 32.52 -117.53
CA THR EA 59 81.12 32.69 -118.93
C THR EA 59 82.34 32.66 -119.84
N CYS EA 60 82.13 32.38 -121.12
CA CYS EA 60 83.20 32.40 -122.13
C CYS EA 60 83.95 33.74 -122.15
N ASP EA 61 83.22 34.86 -122.00
CA ASP EA 61 83.79 36.20 -121.96
C ASP EA 61 84.63 36.45 -120.70
N GLN EA 62 84.19 35.95 -119.53
CA GLN EA 62 84.94 36.06 -118.29
C GLN EA 62 86.30 35.36 -118.39
N VAL EA 63 86.36 34.23 -119.11
CA VAL EA 63 87.63 33.54 -119.35
C VAL EA 63 88.55 34.39 -120.23
N PHE EA 64 88.07 34.87 -121.39
CA PHE EA 64 88.91 35.66 -122.28
C PHE EA 64 89.30 37.01 -121.70
N ALA EA 65 88.54 37.57 -120.76
CA ALA EA 65 88.92 38.78 -120.06
C ALA EA 65 90.27 38.66 -119.35
N ASN EA 66 90.66 37.43 -118.95
CA ASN EA 66 91.90 37.16 -118.25
C ASN EA 66 93.09 36.82 -119.16
N LEU EA 67 92.96 36.93 -120.49
CA LEU EA 67 94.05 36.70 -121.43
C LEU EA 67 94.59 38.03 -121.97
N GLU EA 68 95.92 38.19 -121.93
CA GLU EA 68 96.57 39.46 -122.20
C GLU EA 68 96.90 39.69 -123.68
N GLY EA 69 97.38 38.65 -124.38
CA GLY EA 69 98.14 38.83 -125.60
C GLY EA 69 97.36 39.02 -126.90
N GLY EA 70 96.14 39.60 -126.84
CA GLY EA 70 95.26 39.64 -128.00
C GLY EA 70 93.91 40.29 -127.68
N SER EA 71 92.92 40.01 -128.54
CA SER EA 71 91.61 40.64 -128.49
C SER EA 71 90.51 39.60 -128.72
N THR EA 72 89.26 39.97 -128.40
CA THR EA 72 88.14 39.04 -128.49
C THR EA 72 86.97 39.64 -129.30
N SER EA 73 86.34 38.78 -130.11
CA SER EA 73 85.05 39.03 -130.77
C SER EA 73 84.17 37.82 -130.44
N GLY EA 74 82.88 38.05 -130.13
CA GLY EA 74 82.04 37.12 -129.38
C GLY EA 74 82.35 35.63 -129.54
N SER EA 75 82.68 34.95 -128.41
CA SER EA 75 83.04 33.53 -128.30
C SER EA 75 84.41 33.13 -128.86
N THR EA 76 85.23 34.07 -129.39
CA THR EA 76 86.59 33.76 -129.81
C THR EA 76 87.58 34.84 -129.38
N TRP EA 77 88.83 34.42 -129.12
CA TRP EA 77 89.95 35.28 -128.78
C TRP EA 77 91.05 35.03 -129.81
N THR EA 78 91.75 36.08 -130.23
CA THR EA 78 92.76 36.01 -131.29
C THR EA 78 94.02 36.76 -130.84
N SER EA 79 95.21 36.17 -131.03
CA SER EA 79 96.47 36.82 -130.68
C SER EA 79 96.66 38.10 -131.51
N SER EA 80 97.36 39.10 -130.95
CA SER EA 80 97.48 40.40 -131.62
C SER EA 80 98.13 40.32 -133.00
N ASP EA 81 99.12 39.41 -133.16
CA ASP EA 81 99.51 38.89 -134.47
C ASP EA 81 98.57 37.71 -134.77
N ASN EA 82 97.68 37.86 -135.76
CA ASN EA 82 96.37 37.20 -135.83
C ASN EA 82 96.35 35.67 -135.95
N SER EA 83 97.49 34.97 -135.97
CA SER EA 83 97.56 33.56 -136.35
C SER EA 83 97.04 32.58 -135.28
N THR EA 84 97.19 32.88 -133.99
CA THR EA 84 96.71 31.99 -132.93
C THR EA 84 95.28 32.36 -132.54
N THR EA 85 94.40 31.34 -132.52
CA THR EA 85 92.99 31.52 -132.18
C THR EA 85 92.62 30.64 -130.98
N VAL EA 86 91.75 31.15 -130.11
CA VAL EA 86 91.04 30.35 -129.11
C VAL EA 86 89.54 30.55 -129.36
N SER EA 87 88.72 29.50 -129.20
CA SER EA 87 87.27 29.67 -129.32
C SER EA 87 86.53 28.75 -128.35
N CYS EA 88 85.39 29.24 -127.81
CA CYS EA 88 84.48 28.44 -127.03
C CYS EA 88 83.43 27.76 -127.91
N ASN EA 89 83.01 26.56 -127.50
CA ASN EA 89 81.71 26.03 -127.79
C ASN EA 89 81.02 25.86 -126.44
N ALA EA 90 80.32 26.90 -125.96
CA ALA EA 90 79.81 26.94 -124.59
C ALA EA 90 78.73 25.88 -124.32
N SER EA 91 78.03 25.45 -125.38
CA SER EA 91 77.08 24.34 -125.39
C SER EA 91 77.76 22.97 -125.33
N ALA EA 92 79.01 22.90 -125.82
CA ALA EA 92 79.84 21.68 -125.84
C ALA EA 92 80.89 21.67 -124.72
N ASP EA 93 80.88 22.67 -123.81
CA ASP EA 93 81.78 22.77 -122.67
C ASP EA 93 83.25 22.57 -123.08
N THR EA 94 83.67 23.30 -124.11
CA THR EA 94 84.94 23.07 -124.79
C THR EA 94 85.59 24.38 -125.25
N PHE EA 95 86.91 24.49 -125.09
CA PHE EA 95 87.75 25.50 -125.75
C PHE EA 95 88.66 24.82 -126.78
N THR EA 96 88.75 25.37 -128.00
CA THR EA 96 89.75 24.91 -128.95
C THR EA 96 90.80 26.00 -129.15
N ILE EA 97 92.09 25.62 -129.04
CA ILE EA 97 93.23 26.49 -129.27
C ILE EA 97 93.90 26.01 -130.57
N SER EA 98 94.17 26.91 -131.52
CA SER EA 98 94.78 26.48 -132.77
C SER EA 98 95.68 27.56 -133.39
N ARG EA 99 96.69 27.11 -134.16
CA ARG EA 99 97.62 27.95 -134.90
C ARG EA 99 98.25 27.14 -136.04
N GLY EA 100 98.12 27.61 -137.28
CA GLY EA 100 98.76 26.99 -138.44
C GLY EA 100 98.51 25.48 -138.54
N GLY EA 101 97.30 25.02 -138.21
CA GLY EA 101 96.96 23.61 -138.32
C GLY EA 101 97.28 22.78 -137.07
N LYS EA 102 98.19 23.26 -136.21
CA LYS EA 102 98.42 22.66 -134.90
C LYS EA 102 97.25 23.05 -134.00
N THR EA 103 96.75 22.12 -133.17
CA THR EA 103 95.52 22.33 -132.42
C THR EA 103 95.53 21.59 -131.07
N ARG EA 104 94.74 22.10 -130.11
CA ARG EA 104 94.53 21.47 -128.82
C ARG EA 104 93.13 21.81 -128.31
N THR EA 105 92.54 20.91 -127.52
CA THR EA 105 91.18 21.08 -127.03
C THR EA 105 91.13 20.91 -125.51
N LEU EA 106 90.45 21.82 -124.81
CA LEU EA 106 90.26 21.75 -123.37
C LEU EA 106 88.77 21.55 -123.05
N ASN EA 107 88.44 20.49 -122.29
CA ASN EA 107 87.06 20.19 -121.93
C ASN EA 107 86.73 20.79 -120.56
N LEU EA 108 86.56 22.12 -120.52
CA LEU EA 108 86.25 22.89 -119.33
C LEU EA 108 84.80 23.39 -119.40
N THR EA 109 84.00 23.14 -118.35
CA THR EA 109 82.60 23.56 -118.33
C THR EA 109 82.49 25.08 -118.25
N VAL EA 110 81.72 25.67 -119.17
CA VAL EA 110 81.64 27.11 -119.37
C VAL EA 110 80.23 27.47 -119.87
N ASN EA 111 79.81 28.74 -119.66
CA ASN EA 111 78.50 29.21 -120.13
C ASN EA 111 78.52 30.67 -120.62
O5 A2G FA . -64.30 12.45 49.81
C1 A2G FA . -65.28 11.48 49.46
C2 A2G FA . -66.18 12.16 48.43
N2 A2G FA . -67.32 11.29 48.17
C3 A2G FA . -65.37 12.50 47.19
O3 A2G FA . -66.16 13.14 46.18
C4 A2G FA . -64.05 13.23 47.47
O4 A2G FA . -64.19 14.64 47.55
C5 A2G FA . -63.35 12.71 48.74
C6 A2G FA . -62.31 13.65 49.31
O6 A2G FA . -62.32 13.74 50.73
C7 A2G FA . -67.54 10.60 47.05
O7 A2G FA . -68.03 11.10 46.05
C8 A2G FA . -67.04 9.19 47.07
O5 A2G FA . -66.18 15.43 46.63
C1 A2G FA . -67.00 14.26 46.58
C2 A2G FA . -68.17 14.31 45.60
N2 A2G FA . -67.65 13.97 44.30
C3 A2G FA . -68.83 15.69 45.51
O3 A2G FA . -69.90 15.90 46.43
C4 A2G FA . -67.83 16.86 45.56
O4 A2G FA . -68.53 18.09 45.71
C5 A2G FA . -66.86 16.70 46.72
C6 A2G FA . -67.47 16.85 48.10
O6 A2G FA . -66.49 16.78 49.12
C7 A2G FA . -68.46 13.72 43.26
O7 A2G FA . -68.52 14.49 42.31
C8 A2G FA . -69.27 12.47 43.33
C1 MAN FA . -71.13 15.20 46.09
C2 MAN FA . -71.44 15.17 44.56
C3 MAN FA . -72.22 16.40 44.09
C4 MAN FA . -73.36 16.71 45.04
C5 MAN FA . -72.79 16.96 46.41
C6 MAN FA . -73.83 17.41 47.43
O2 MAN FA . -72.21 14.02 44.20
O3 MAN FA . -72.73 16.22 42.76
O4 MAN FA . -74.10 17.85 44.58
O5 MAN FA . -72.21 15.73 46.89
O6 MAN FA . -74.50 16.27 47.93
N1 WT8 FA . -76.56 21.01 40.44
C4 WT8 FA . -76.81 18.07 41.59
C5 WT8 FA . -76.12 19.30 42.17
C6 WT8 FA . -75.52 20.22 41.10
C7 WT8 FA . -78.26 17.98 39.64
C8 WT8 FA . -78.53 18.36 38.22
C10 WT8 FA . -76.47 18.47 44.97
C13 WT8 FA . -77.63 22.07 38.59
C1 WT8 FA . -75.45 17.92 44.02
C11 WT8 FA . -75.06 22.17 42.64
C12 WT8 FA . -76.55 21.17 39.12
C2 WT8 FA . -75.92 16.59 43.39
C3 WT8 FA . -76.04 16.78 41.89
C9 WT8 FA . -74.46 21.14 41.70
N4 WT8 FA . -77.05 18.17 40.15
N9 WT8 FA . -79.20 17.44 40.30
O11 WT8 FA . -76.10 19.23 45.88
O12 WT8 FA . -77.64 18.13 44.79
O13 WT8 FA . -73.80 21.84 40.63
O14 WT8 FA . -75.73 20.64 38.39
O3 WT8 FA . -74.74 16.89 41.30
O5 WT8 FA . -75.05 18.88 43.03
O5 A2G GA . -138.81 -19.43 113.36
C1 A2G GA . -139.24 -20.78 113.42
C2 A2G GA . -140.11 -21.00 112.18
N2 A2G GA . -140.72 -22.33 112.28
C3 A2G GA . -139.27 -20.81 110.92
O3 A2G GA . -140.04 -21.01 109.72
C4 A2G GA . -138.45 -19.50 110.90
O4 A2G GA . -139.18 -18.39 110.39
C5 A2G GA . -137.87 -19.17 112.28
C6 A2G GA . -137.42 -17.74 112.43
O6 A2G GA . -137.75 -17.16 113.70
C7 A2G GA . -140.41 -23.40 111.54
O7 A2G GA . -140.85 -23.57 110.41
C8 A2G GA . -139.39 -24.31 112.14
O5 A2G GA . -141.08 -18.99 109.19
C1 A2G GA . -141.32 -20.33 109.61
C2 A2G GA . -142.18 -21.17 108.68
N2 A2G GA . -141.33 -21.68 107.63
C3 A2G GA . -143.32 -20.38 108.02
O3 A2G GA . -144.55 -20.37 108.75
C4 A2G GA . -142.91 -18.96 107.60
O4 A2G GA . -144.07 -18.22 107.22
C5 A2G GA . -142.22 -18.22 108.74
C6 A2G GA . -143.10 -17.89 109.93
O6 A2G GA . -142.41 -17.14 110.90
C7 A2G GA . -141.74 -22.62 106.79
O7 A2G GA . -141.93 -22.37 105.61
C8 A2G GA . -141.96 -24.00 107.36
C1 MAN GA . -145.29 -21.61 108.72
C2 MAN GA . -145.24 -22.34 107.34
C3 MAN GA . -146.35 -21.86 106.39
C4 MAN GA . -147.68 -21.79 107.11
C5 MAN GA . -147.56 -20.83 108.26
C6 MAN GA . -148.86 -20.57 108.99
O2 MAN GA . -145.38 -23.75 107.47
O3 MAN GA . -146.47 -22.72 105.25
O4 MAN GA . -148.71 -21.36 106.22
O5 MAN GA . -146.62 -21.39 109.22
O6 MAN GA . -149.08 -21.64 109.90
N1 WT8 GA . -151.37 -21.40 101.11
C4 WT8 GA . -150.61 -23.50 103.36
C5 WT8 GA . -150.62 -21.97 103.39
C6 WT8 GA . -150.27 -21.34 102.05
C7 WT8 GA . -151.48 -24.94 101.60
C8 WT8 GA . -151.60 -25.26 100.14
C10 WT8 GA . -151.16 -21.79 106.27
C13 WT8 GA . -152.40 -21.71 98.96
C1 WT8 GA . -149.84 -22.12 105.66
C11 WT8 GA . -150.96 -18.99 102.65
C12 WT8 GA . -151.18 -21.74 99.84
C2 WT8 GA . -149.58 -23.64 105.62
C3 WT8 GA . -149.47 -24.07 104.18
C9 WT8 GA . -149.81 -19.90 102.22
N4 WT8 GA . -150.59 -24.04 102.00
N9 WT8 GA . -152.24 -25.56 102.41
O11 WT8 GA . -151.32 -20.68 106.80
O12 WT8 GA . -152.02 -22.67 106.25
O13 WT8 GA . -149.30 -19.41 100.98
O14 WT8 GA . -150.08 -22.06 99.40
O3 WT8 GA . -148.24 -23.62 103.61
O5 WT8 GA . -149.68 -21.52 104.36
O5 A2G HA . -105.49 -1.63 132.36
C1 A2G HA . -106.84 -1.60 131.93
C2 A2G HA . -107.15 -0.13 131.63
N2 A2G HA . -108.57 0.01 131.35
C3 A2G HA . -106.26 0.36 130.49
O3 A2G HA . -106.50 1.73 130.15
C4 A2G HA . -104.77 0.03 130.67
O4 A2G HA . -104.06 1.03 131.41
C5 A2G HA . -104.55 -1.35 131.31
C6 A2G HA . -103.16 -1.52 131.90
O6 A2G HA . -103.16 -2.24 133.14
C7 A2G HA . -109.13 0.24 130.17
O7 A2G HA . -109.21 1.36 129.68
C8 A2G HA . -109.54 -0.98 129.40
O5 A2G HA . -105.20 3.06 131.55
C1 A2G HA . -106.53 2.70 131.24
C2 A2G HA . -107.44 3.85 130.76
N2 A2G HA . -107.17 4.05 129.36
C3 A2G HA . -107.16 5.16 131.49
O3 A2G HA . -107.93 5.36 132.68
C4 A2G HA . -105.68 5.43 131.76
O4 A2G HA . -105.53 6.54 132.64
C5 A2G HA . -105.00 4.21 132.39
C6 A2G HA . -105.46 3.88 133.81
O6 A2G HA . -104.73 2.80 134.35
C7 A2G HA . -107.95 4.83 128.61
O7 A2G HA . -107.54 5.89 128.17
C8 A2G HA . -109.35 4.35 128.34
C1 MAN HA . -109.34 5.67 132.44
C2 MAN HA . -109.57 6.63 131.23
C3 MAN HA . -109.47 8.12 131.60
C4 MAN HA . -110.25 8.39 132.88
C5 MAN HA . -109.68 7.55 133.98
C6 MAN HA . -110.29 7.84 135.34
O2 MAN HA . -110.85 6.42 130.64
O3 MAN HA . -109.96 8.95 130.54
O4 MAN HA . -110.18 9.78 133.21
O5 MAN HA . -109.92 6.16 133.67
O6 MAN HA . -111.52 7.13 135.45
N1 WT8 HA . -110.25 15.37 131.83
C4 WT8 HA . -112.19 12.88 131.56
C5 WT8 HA . -110.91 13.07 132.40
C6 WT8 HA . -109.88 13.97 131.74
C7 WT8 HA . -113.37 14.58 130.29
C8 WT8 HA . -113.33 15.74 129.35
C10 WT8 HA . -111.76 11.19 134.51
C13 WT8 HA . -110.46 17.62 131.04
C1 WT8 HA . -111.22 10.80 133.16
C11 WT8 HA . -108.41 14.24 133.77
C12 WT8 HA . -110.11 16.19 130.79
C2 WT8 HA . -112.36 10.46 132.18
C3 WT8 HA . -112.31 11.45 131.03
C9 WT8 HA . -108.50 13.74 132.33
N4 WT8 HA . -112.28 13.83 130.46
N9 WT8 HA . -114.46 14.34 130.89
O11 WT8 HA . -111.04 11.04 135.51
O12 WT8 HA . -112.90 11.63 134.55
O13 WT8 HA . -107.53 14.45 131.55
O14 WT8 HA . -109.73 15.79 129.69
O3 WT8 HA . -111.18 11.19 130.19
O5 WT8 HA . -110.32 11.80 132.63
O5 A2G IA . -79.05 -34.65 132.68
C1 A2G IA . -79.58 -33.48 133.27
C2 A2G IA . -78.44 -32.86 134.06
N2 A2G IA . -78.95 -31.75 134.84
C3 A2G IA . -77.30 -32.47 133.11
O3 A2G IA . -76.19 -31.88 133.79
C4 A2G IA . -76.89 -33.58 132.13
O4 A2G IA . -75.90 -34.46 132.67
C5 A2G IA . -78.10 -34.39 131.62
C6 A2G IA . -77.73 -35.72 131.00
O6 A2G IA . -78.62 -36.78 131.36
C7 A2G IA . -78.72 -30.45 134.61
O7 A2G IA . -77.70 -29.88 134.98
C8 A2G IA . -79.75 -29.76 133.77
O5 A2G IA . -74.80 -33.60 134.54
C1 A2G IA . -75.68 -32.57 134.98
C2 A2G IA . -75.04 -31.50 135.85
N2 A2G IA . -74.38 -30.54 135.00
C3 A2G IA . -73.99 -32.05 136.83
O3 A2G IA . -74.50 -32.46 138.10
C4 A2G IA . -73.11 -33.15 136.22
O4 A2G IA . -72.34 -33.78 137.24
C5 A2G IA . -73.95 -34.22 135.52
C6 A2G IA . -74.81 -35.07 136.45
O6 A2G IA . -75.49 -36.08 135.74
C7 A2G IA . -73.93 -29.38 135.45
O7 A2G IA . -72.72 -29.16 135.51
C8 A2G IA . -74.94 -28.37 135.89
C1 MAN IA . -74.87 -31.37 138.99
C2 MAN IA . -73.89 -30.17 138.93
C3 MAN IA . -72.70 -30.31 139.89
C4 MAN IA . -73.17 -30.78 141.25
C5 MAN IA . -73.88 -32.10 141.09
C6 MAN IA . -74.27 -32.74 142.42
O2 MAN IA . -74.54 -28.94 139.25
O3 MAN IA . -71.97 -29.08 140.02
O4 MAN IA . -72.06 -30.91 142.15
O5 MAN IA . -75.07 -31.89 140.31
O6 MAN IA . -75.50 -32.15 142.84
N1 WT8 IA . -67.08 -29.05 144.38
C4 WT8 IA . -70.04 -27.97 144.07
C5 WT8 IA . -69.48 -29.38 143.89
C6 WT8 IA . -68.06 -29.40 143.35
C7 WT8 IA . -68.89 -26.04 144.97
C8 WT8 IA . -67.66 -25.17 145.01
C10 WT8 IA . -71.99 -30.74 144.63
C13 WT8 IA . -65.11 -28.02 145.25
C1 WT8 IA . -71.71 -30.07 143.30
C11 WT8 IA . -67.61 -31.84 143.78
C12 WT8 IA . -66.07 -28.23 144.13
C2 WT8 IA . -72.30 -28.65 143.24
C3 WT8 IA . -71.16 -27.67 143.07
C9 WT8 IA . -67.71 -30.74 142.73
N4 WT8 IA . -69.02 -26.93 144.01
N9 WT8 IA . -69.77 -25.85 145.86
O11 WT8 IA . -72.01 -31.97 144.68
O12 WT8 IA . -72.19 -29.99 145.58
O13 WT8 IA . -66.45 -30.65 142.06
O14 WT8 IA . -65.93 -27.67 143.05
O3 WT8 IA . -70.61 -27.76 141.75
O5 WT8 IA . -70.30 -30.10 142.98
O5 A2G JA . -93.56 -55.73 98.99
C1 A2G JA . -93.00 -55.70 100.28
C2 A2G JA . -92.11 -56.95 100.38
N2 A2G JA . -91.63 -57.08 101.75
C3 A2G JA . -90.99 -56.86 99.35
O3 A2G JA . -90.12 -58.00 99.39
C4 A2G JA . -91.45 -56.51 97.93
O4 A2G JA . -91.84 -57.66 97.17
C5 A2G JA . -92.60 -55.49 97.92
C6 A2G JA . -93.38 -55.43 96.63
O6 A2G JA . -94.79 -55.28 96.81
C7 A2G JA . -90.39 -56.86 102.18
O7 A2G JA . -89.50 -57.71 102.07
C8 A2G JA . -90.11 -55.48 102.68
O5 A2G JA . -91.05 -59.67 98.05
C1 A2G JA . -90.73 -59.32 99.39
C2 A2G JA . -89.75 -60.26 100.10
N2 A2G JA . -88.42 -59.87 99.72
C3 A2G JA . -89.95 -61.73 99.72
O3 A2G JA . -90.85 -62.45 100.55
C4 A2G JA . -90.27 -61.95 98.24
O4 A2G JA . -90.66 -63.31 98.03
C5 A2G JA . -91.39 -61.04 97.77
C6 A2G JA . -92.76 -61.34 98.38
O6 A2G JA . -93.76 -60.50 97.83
C7 A2G JA . -87.34 -60.36 100.32
O7 A2G JA . -86.58 -61.11 99.74
C8 A2G JA . -87.11 -59.92 101.74
C1 MAN JA . -90.35 -62.76 101.88
C2 MAN JA . -88.84 -63.16 101.90
C3 MAN JA . -88.62 -64.66 101.65
C4 MAN JA . -89.60 -65.49 102.48
C5 MAN JA . -91.00 -65.11 102.11
C6 MAN JA . -92.05 -65.97 102.77
O2 MAN JA . -88.23 -62.85 103.15
O3 MAN JA . -87.27 -65.05 101.95
O4 MAN JA . -89.37 -66.88 102.26
O5 MAN JA . -91.21 -63.73 102.50
O6 MAN JA . -92.29 -65.46 104.08
N1 WT8 JA . -85.93 -71.45 101.52
C4 WT8 JA . -86.41 -69.23 103.73
C5 WT8 JA . -87.27 -69.63 102.52
C6 WT8 JA . -86.44 -70.09 101.33
C7 WT8 JA . -84.47 -70.38 104.60
C8 WT8 JA . -83.15 -71.06 104.33
C10 WT8 JA . -89.81 -68.83 103.75
C13 WT8 JA . -84.32 -73.21 101.39
C1 WT8 JA . -88.80 -67.88 103.17
C11 WT8 JA . -88.36 -71.04 99.99
C12 WT8 JA . -84.69 -71.76 101.21
C2 WT8 JA . -87.90 -67.28 104.25
C3 WT8 JA . -86.47 -67.73 103.99
C9 WT8 JA . -87.23 -70.01 100.03
N4 WT8 JA . -85.03 -69.68 103.62
N9 WT8 JA . -84.97 -70.49 105.74
O11 WT8 JA . -90.88 -69.02 103.14
O12 WT8 JA . -89.54 -69.33 104.84
O13 WT8 JA . -86.37 -70.26 98.93
O14 WT8 JA . -83.89 -70.94 100.79
O3 WT8 JA . -85.94 -67.06 102.85
O5 WT8 JA . -88.05 -68.51 102.11
O5 A2G KA . -109.82 -23.46 76.87
C1 A2G KA . -109.84 -24.81 77.31
C2 A2G KA . -110.46 -25.60 76.15
N2 A2G KA . -110.69 -26.97 76.59
C3 A2G KA . -109.58 -25.49 74.91
O3 A2G KA . -110.12 -26.22 73.79
C4 A2G KA . -109.16 -24.06 74.56
O4 A2G KA . -110.12 -23.38 73.73
C5 A2G KA . -108.87 -23.22 75.81
C6 A2G KA . -108.86 -21.72 75.56
O6 A2G KA . -109.50 -20.96 76.59
C7 A2G KA . -110.00 -28.05 76.20
O7 A2G KA . -110.24 -28.64 75.14
C8 A2G KA . -108.84 -28.42 77.06
O5 A2G KA . -111.62 -24.83 72.69
C1 A2G KA . -111.52 -26.01 73.46
C2 A2G KA . -111.99 -27.29 72.77
N2 A2G KA . -110.91 -27.76 71.93
C3 A2G KA . -113.22 -27.07 71.87
O3 A2G KA . -114.47 -27.26 72.53
C4 A2G KA . -113.19 -25.76 71.08
O4 A2G KA . -114.46 -25.54 70.47
C5 A2G KA . -112.87 -24.58 71.99
C6 A2G KA . -113.94 -24.23 73.01
O6 A2G KA . -113.60 -23.08 73.75
C7 A2G KA . -110.93 -28.98 71.38
O7 A2G KA . -111.04 -29.11 70.17
C8 A2G KA . -110.82 -30.15 72.30
C1 MAN KA . -114.82 -28.63 72.83
C2 MAN KA . -114.42 -29.64 71.70
C3 MAN KA . -115.49 -29.79 70.62
C4 MAN KA . -116.87 -29.94 71.26
C5 MAN KA . -117.14 -28.72 72.10
C6 MAN KA . -118.55 -28.69 72.66
O2 MAN KA . -114.16 -30.94 72.23
O3 MAN KA . -115.23 -30.91 69.76
O4 MAN KA . -117.86 -30.09 70.24
O5 MAN KA . -116.21 -28.71 73.19
O6 MAN KA . -118.57 -29.50 73.84
N1 WT8 KA . -119.79 -32.27 65.26
C4 WT8 KA . -118.73 -33.38 68.03
C5 WT8 KA . -119.18 -31.97 67.63
C6 WT8 KA . -118.86 -31.61 66.18
C7 WT8 KA . -118.95 -35.41 66.73
C8 WT8 KA . -118.79 -36.10 65.41
C10 WT8 KA . -120.07 -31.22 70.34
C13 WT8 KA . -120.42 -33.39 63.25
C1 WT8 KA . -118.65 -31.28 69.88
C11 WT8 KA . -120.25 -29.52 66.08
C12 WT8 KA . -119.35 -32.84 64.14
C2 WT8 KA . -117.96 -32.60 70.28
C3 WT8 KA . -117.58 -33.34 69.02
C9 WT8 KA . -118.86 -30.11 65.96
N4 WT8 KA . -118.39 -34.21 66.89
N9 WT8 KA . -119.58 -36.00 67.64
O11 WT8 KA . -120.61 -30.12 70.51
O12 WT8 KA . -120.64 -32.30 70.52
O13 WT8 KA . -118.35 -29.83 64.64
O14 WT8 KA . -118.17 -32.91 63.86
O3 WT8 KA . -116.47 -32.70 68.39
O5 WT8 KA . -118.52 -31.00 68.46
O5 A2G LA . -85.38 8.00 91.27
C1 A2G LA . -86.62 7.51 90.81
C2 A2G LA . -87.30 8.67 90.10
N2 A2G LA . -88.66 8.29 89.76
C3 A2G LA . -86.45 9.11 88.90
O3 A2G LA . -87.04 10.20 88.18
C4 A2G LA . -84.96 9.31 89.21
O4 A2G LA . -84.68 10.63 89.67
C5 A2G LA . -84.43 8.28 90.21
C6 A2G LA . -83.13 8.69 90.88
O6 A2G LA . -83.07 8.36 92.26
C7 A2G LA . -89.12 8.04 88.52
O7 A2G LA . -89.46 8.92 87.75
C8 A2G LA . -89.08 6.60 88.11
O5 A2G LA . -86.34 12.17 89.20
C1 A2G LA . -87.48 11.36 88.96
C2 A2G LA . -88.61 12.02 88.16
N2 A2G LA . -88.25 11.93 86.76
C3 A2G LA . -88.80 13.50 88.50
O3 A2G LA . -89.74 13.74 89.56
C4 A2G LA . -87.49 14.26 88.73
O4 A2G LA . -87.78 15.55 89.28
C5 A2G LA . -86.58 13.51 89.70
C6 A2G LA . -87.08 13.43 91.13
O6 A2G LA . -86.14 12.80 91.98
C7 A2G LA . -89.13 12.22 85.81
O7 A2G LA . -88.99 13.20 85.10
C8 A2G LA . -90.29 11.28 85.64
C1 MAN LA . -91.13 13.55 89.21
C2 MAN LA . -91.48 14.04 87.77
C3 MAN LA . -91.86 15.52 87.71
C4 MAN LA . -92.82 15.87 88.83
C5 MAN LA . -92.16 15.54 90.16
C6 MAN LA . -92.97 15.99 91.35
O2 MAN LA . -92.58 13.31 87.21
O3 MAN LA . -92.45 15.88 86.45
O4 MAN LA . -93.18 17.25 88.78
O5 MAN LA . -91.97 14.12 90.22
O6 MAN LA . -93.95 14.99 91.62
N1 WT8 LA . -94.68 22.00 85.89
C4 WT8 LA . -95.79 19.06 86.26
C5 WT8 LA . -94.73 19.83 87.06
C6 WT8 LA . -93.92 20.80 86.21
C7 WT8 LA . -97.25 19.94 84.54
C8 WT8 LA . -97.44 20.78 83.31
C10 WT8 LA . -95.24 18.40 89.58
C13 WT8 LA . -95.43 23.81 84.50
C1 WT8 LA . -94.47 17.86 88.41
C11 WT8 LA . -92.83 22.03 88.13
C12 WT8 LA . -94.65 22.52 84.67
C2 WT8 LA . -95.34 16.95 87.52
C3 WT8 LA . -95.44 17.58 86.15
C9 WT8 LA . -92.61 21.17 86.88
N4 WT8 LA . -96.03 19.63 84.94
N9 WT8 LA . -98.29 19.54 85.15
O11 WT8 LA . -94.62 18.73 90.60
O12 WT8 LA . -96.46 18.47 89.45
O13 WT8 LA . -91.79 21.91 85.97
O14 WT8 LA . -94.06 22.01 83.74
O3 WT8 LA . -94.19 17.47 85.45
O5 WT8 LA . -93.82 18.91 87.66
O5 A2G MA . -50.75 -14.06 101.63
C1 A2G MA . -51.68 -13.01 101.85
C2 A2G MA . -50.86 -11.87 102.48
N2 A2G MA . -51.75 -10.82 102.90
C3 A2G MA . -49.78 -11.41 101.50
O3 A2G MA . -48.97 -10.35 102.03
C4 A2G MA . -48.95 -12.55 100.88
O4 A2G MA . -47.82 -12.91 101.67
C5 A2G MA . -49.80 -13.79 100.58
C6 A2G MA . -48.99 -15.06 100.37
O6 A2G MA . -49.56 -16.21 100.98
C7 A2G MA . -51.90 -9.62 102.33
O7 A2G MA . -51.13 -8.69 102.55
C8 A2G MA . -52.97 -9.53 101.29
O5 A2G MA . -47.25 -11.30 103.26
C1 A2G MA . -48.42 -10.51 103.37
C2 A2G MA . -48.23 -9.11 103.93
N2 A2G MA . -47.79 -8.26 102.86
C3 A2G MA . -47.18 -9.06 105.06
O3 A2G MA . -47.70 -9.27 106.37
C4 A2G MA . -45.96 -9.94 104.80
O4 A2G MA . -45.16 -10.01 105.98
C5 A2G MA . -46.37 -11.36 104.41
C6 A2G MA . -47.04 -12.17 105.51
O6 A2G MA . -47.31 -13.49 105.08
C7 A2G MA . -47.74 -6.94 103.00
O7 A2G MA . -46.67 -6.34 103.03
C8 A2G MA . -49.06 -6.22 103.10
C1 MAN MA . -48.48 -8.14 106.91
C2 MAN MA . -47.88 -6.75 106.55
C3 MAN MA . -46.81 -6.28 107.55
C4 MAN MA . -47.28 -6.50 108.97
C5 MAN MA . -47.55 -7.97 109.16
C6 MAN MA . -47.89 -8.34 110.59
O2 MAN MA . -48.89 -5.74 106.50
O3 MAN MA . -46.49 -4.89 107.35
O4 MAN MA . -46.30 -6.04 109.90
O5 MAN MA . -48.67 -8.35 108.32
O6 MAN MA . -49.27 -8.08 110.81
N1 WT8 MA . -42.36 -2.24 111.68
C4 WT8 MA . -45.44 -2.24 110.99
C5 WT8 MA . -44.48 -3.40 111.23
C6 WT8 MA . -43.06 -3.12 110.76
C7 WT8 MA . -45.01 0.13 111.36
C8 WT8 MA . -44.10 1.29 111.20
C10 WT8 MA . -46.56 -5.23 112.23
C13 WT8 MA . -40.88 -0.46 112.30
C1 WT8 MA . -46.33 -4.88 110.80
C11 WT8 MA . -41.98 -5.11 111.87
C12 WT8 MA . -41.61 -1.23 111.24
C2 WT8 MA . -47.29 -3.77 110.31
C3 WT8 MA . -46.48 -2.56 109.92
C9 WT8 MA . -42.27 -4.41 110.55
N4 WT8 MA . -44.76 -0.99 110.67
N9 WT8 MA . -46.00 0.24 112.13
O11 WT8 MA . -46.22 -6.36 112.64
O12 WT8 MA . -47.08 -4.37 112.94
O13 WT8 MA . -41.03 -4.10 109.91
O14 WT8 MA . -41.52 -0.95 110.06
O3 WT8 MA . -45.78 -2.81 108.70
O5 WT8 MA . -44.94 -4.56 110.53
O5 A2G NA . -54.68 -46.51 74.69
C1 A2G NA . -54.31 -45.96 75.95
C2 A2G NA . -53.12 -46.80 76.42
N2 A2G NA . -52.80 -46.42 77.78
C3 A2G NA . -51.96 -46.65 75.44
O3 A2G NA . -50.81 -47.42 75.83
C4 A2G NA . -52.34 -46.84 73.97
O4 A2G NA . -52.28 -48.21 73.54
C5 A2G NA . -53.72 -46.26 73.64
C6 A2G NA . -54.31 -46.79 72.35
O6 A2G NA . -55.73 -47.05 72.44
C7 A2G NA . -51.72 -45.74 78.17
O7 A2G NA . -50.63 -46.26 78.34
C8 A2G NA . -51.91 -44.26 78.28
O5 A2G NA . -51.06 -49.57 74.98
C1 A2G NA . -51.01 -48.82 76.18
C2 A2G NA . -49.89 -49.19 77.15
N2 A2G NA . -48.69 -48.52 76.72
C3 A2G NA . -49.61 -50.70 77.20
O3 A2G NA . -50.37 -51.42 78.17
C4 A2G NA . -49.68 -51.38 75.83
O4 A2G NA . -49.65 -52.79 76.00
C5 A2G NA . -50.96 -51.01 75.09
C6 A2G NA . -52.24 -51.54 75.71
O6 A2G NA . -53.38 -51.23 74.91
C7 A2G NA . -47.60 -48.47 77.48
O7 A2G NA . -46.59 -49.08 77.16
C8 A2G NA . -47.68 -47.64 78.72
C1 MAN NA . -49.96 -51.20 79.55
C2 MAN NA . -48.41 -51.11 79.72
C3 MAN NA . -47.73 -52.48 79.92
C4 MAN NA . -48.52 -53.32 80.90
C5 MAN NA . -49.92 -53.50 80.40
C6 MAN NA . -50.76 -54.45 81.23
O2 MAN NA . -48.06 -50.30 80.86
O3 MAN NA . -46.38 -52.33 80.35
O4 MAN NA . -47.88 -54.58 81.10
O5 MAN NA . -50.57 -52.21 80.38
O6 MAN NA . -51.27 -53.71 82.35
N1 WT8 NA . -43.22 -57.90 81.77
C4 WT8 NA . -44.57 -55.45 83.26
C5 WT8 NA . -45.12 -56.39 82.18
C6 WT8 NA . -44.07 -56.87 81.19
C7 WT8 NA . -42.49 -55.68 84.47
C8 WT8 NA . -41.01 -55.97 84.46
C10 WT8 NA . -47.92 -56.12 83.05
C13 WT8 NA . -41.16 -59.05 82.18
C1 WT8 NA . -47.16 -55.11 82.26
C11 WT8 NA . -45.47 -58.66 80.10
C12 WT8 NA . -41.91 -57.89 81.60
C2 WT8 NA . -46.60 -53.99 83.17
C3 WT8 NA . -45.08 -54.02 83.09
C9 WT8 NA . -44.70 -57.36 79.90
N4 WT8 NA . -43.11 -55.46 83.32
N9 WT8 NA . -43.07 -55.65 85.58
O11 WT8 NA . -48.80 -56.79 82.48
O12 WT8 NA . -47.63 -56.23 84.24
O13 WT8 NA . -43.67 -57.60 78.94
O14 WT8 NA . -41.33 -56.99 81.00
O3 WT8 NA . -44.64 -53.55 81.81
O5 WT8 NA . -46.13 -55.71 81.44
O5 A2G OA . -76.88 -27.56 43.98
C1 A2G OA . -76.55 -28.70 44.78
C2 A2G OA . -76.79 -29.92 43.88
N2 A2G OA . -76.65 -31.12 44.68
C3 A2G OA . -75.83 -29.86 42.68
O3 A2G OA . -76.01 -30.98 41.80
C4 A2G OA . -75.82 -28.51 41.95
O4 A2G OA . -76.81 -28.40 40.94
C5 A2G OA . -75.93 -27.32 42.93
C6 A2G OA . -76.33 -26.03 42.26
O6 A2G OA . -77.26 -25.25 43.03
C7 A2G OA . -75.64 -32.00 44.62
O7 A2G OA . -75.58 -32.88 43.77
C8 A2G OA . -74.53 -31.75 45.59
O5 A2G OA . -77.71 -30.45 40.30
C1 A2G OA . -77.36 -31.31 41.37
C2 A2G OA . -77.36 -32.80 41.07
N2 A2G OA . -76.10 -33.12 40.44
C3 A2G OA . -78.49 -33.22 40.10
O3 A2G OA . -79.71 -33.59 40.75
C4 A2G OA . -78.75 -32.21 38.99
O4 A2G OA . -79.95 -32.54 38.29
C5 A2G OA . -78.88 -30.79 39.53
C6 A2G OA . -80.12 -30.53 40.38
O6 A2G OA . -80.22 -29.19 40.78
C7 A2G OA . -75.72 -34.37 40.24
O7 A2G OA . -75.64 -34.84 39.11
C8 A2G OA . -75.38 -35.18 41.45
C1 MAN OA . -79.68 -34.88 41.41
C2 MAN OA . -78.88 -35.97 40.63
C3 MAN OA . -79.74 -36.71 39.59
C4 MAN OA . -81.07 -37.11 40.19
C5 MAN OA . -81.78 -35.87 40.65
C6 MAN OA . -83.20 -36.12 41.14
O2 MAN OA . -78.32 -36.95 41.49
O3 MAN OA . -79.06 -37.88 39.09
O4 MAN OA . -81.86 -37.82 39.22
O5 MAN OA . -81.02 -35.29 41.74
O6 MAN OA . -83.12 -36.57 42.50
N1 WT8 OA . -82.50 -41.67 34.99
C4 WT8 OA . -81.50 -41.66 38.00
C5 WT8 OA . -82.28 -40.61 37.20
C6 WT8 OA . -81.90 -40.56 35.73
C7 WT8 OA . -80.97 -43.92 37.30
C8 WT8 OA . -80.47 -44.86 36.24
C10 WT8 OA . -83.65 -39.51 39.57
C13 WT8 OA . -82.55 -43.41 33.36
C1 WT8 OA . -82.23 -39.24 39.18
C11 WT8 OA . -83.82 -39.09 34.99
C12 WT8 OA . -81.79 -42.34 34.10
C2 WT8 OA . -81.25 -40.14 39.96
C3 WT8 OA . -80.51 -41.01 38.98
C9 WT8 OA . -82.31 -39.23 35.10
N4 WT8 OA . -80.80 -42.61 37.14
N9 WT8 OA . -81.51 -44.41 38.32
O11 WT8 OA . -84.50 -38.61 39.41
O12 WT8 OA . -83.90 -40.62 40.03
O13 WT8 OA . -81.77 -39.15 33.77
O14 WT8 OA . -80.61 -42.12 33.88
O3 WT8 OA . -79.57 -40.25 38.22
O5 WT8 OA . -82.03 -39.31 37.76
O5 A2G PA . -26.20 5.43 66.98
C1 A2G PA . -27.40 6.19 66.86
C2 A2G PA . -27.02 7.63 67.18
N2 A2G PA . -28.23 8.43 67.26
C3 A2G PA . -26.01 8.13 66.13
O3 A2G PA . -25.62 9.49 66.38
C4 A2G PA . -24.83 7.19 65.89
O4 A2G PA . -23.75 7.41 66.79
C5 A2G PA . -25.25 5.71 65.92
C6 A2G PA . -24.09 4.76 66.12
O6 A2G PA . -24.39 3.67 67.00
C7 A2G PA . -28.64 9.34 66.36
O7 A2G PA . -28.20 10.49 66.34
C8 A2G PA . -29.56 8.83 65.31
O5 A2G PA . -23.84 9.46 67.89
C1 A2G PA . -25.19 9.85 67.73
C2 A2G PA . -25.48 11.34 67.90
N2 A2G PA . -25.18 11.98 66.64
C3 A2G PA . -24.63 12.00 68.99
O3 A2G PA . -25.21 11.99 70.29
C4 A2G PA . -23.18 11.49 69.03
O4 A2G PA . -22.54 11.97 70.21
C5 A2G PA . -23.13 9.97 69.02
C6 A2G PA . -23.65 9.31 70.29
O6 A2G PA . -23.49 7.90 70.24
C7 A2G PA . -25.53 13.24 66.41
O7 A2G PA . -24.68 14.12 66.30
C8 A2G PA . -26.99 13.52 66.26
C1 MAN PA . -26.32 12.91 70.47
C2 MAN PA . -26.11 14.28 69.76
C3 MAN PA . -25.35 15.30 70.62
C4 MAN PA . -25.89 15.31 72.04
C5 MAN PA . -25.76 13.92 72.62
C6 MAN PA . -26.14 13.85 74.08
O2 MAN PA . -27.35 14.88 69.39
O3 MAN PA . -25.42 16.61 70.06
O4 MAN PA . -25.19 16.27 72.82
O5 MAN PA . -26.61 13.04 71.88
O6 MAN PA . -27.56 13.73 74.17
N1 WT8 PA . -22.72 21.42 73.62
C4 WT8 PA . -25.58 20.29 72.86
C5 WT8 PA . -24.35 19.58 73.44
C6 WT8 PA . -23.04 20.16 72.95
C7 WT8 PA . -25.88 22.69 72.56
C8 WT8 PA . -25.33 24.00 72.10
C10 WT8 PA . -25.94 17.53 74.84
C13 WT8 PA . -21.89 23.66 73.76
C1 WT8 PA . -25.66 17.55 73.36
C11 WT8 PA . -21.58 18.94 74.62
C12 WT8 PA . -22.24 22.45 72.94
C2 WT8 PA . -26.84 18.15 72.57
C3 WT8 PA . -26.35 19.41 71.88
C9 WT8 PA . -21.90 19.16 73.14
N4 WT8 PA . -25.24 21.57 72.22
N9 WT8 PA . -26.94 22.69 73.24
O11 WT8 PA . -25.35 16.70 75.55
O12 WT8 PA . -26.75 18.34 75.27
O13 WT8 PA . -20.73 19.66 72.50
O14 WT8 PA . -22.09 22.43 71.73
O3 WT8 PA . -25.48 19.08 70.79
O5 WT8 PA . -24.40 18.20 73.07
O5 A2G QA . -17.61 -32.34 50.02
C1 A2G QA . -17.55 -31.40 51.10
C2 A2G QA . -16.23 -31.70 51.82
N2 A2G QA . -16.18 -30.90 53.03
C3 A2G QA . -15.06 -31.45 50.87
O3 A2G QA . -13.79 -31.71 51.50
C4 A2G QA . -15.20 -32.12 49.50
O4 A2G QA . -14.71 -33.46 49.49
C5 A2G QA . -16.64 -32.08 48.98
C6 A2G QA . -16.92 -33.08 47.87
O6 A2G QA . -18.20 -33.73 47.98
C7 A2G QA . -15.40 -29.83 53.25
O7 A2G QA . -14.23 -29.94 53.60
C8 A2G QA . -16.01 -28.51 52.93
O5 A2G QA . -13.32 -33.97 51.28
C1 A2G QA . -13.63 -32.96 52.23
C2 A2G QA . -12.57 -32.71 53.30
N2 A2G QA . -11.57 -31.84 52.73
C3 A2G QA . -11.88 -34.00 53.77
O3 A2G QA . -12.50 -34.63 54.88
C4 A2G QA . -11.59 -35.00 52.64
O4 A2G QA . -11.17 -36.23 53.20
C5 A2G QA . -12.83 -35.23 51.79
C6 A2G QA . -13.96 -35.96 52.50
O6 A2G QA . -15.05 -36.22 51.61
C7 A2G QA . -10.62 -31.27 53.47
O7 A2G QA . -9.45 -31.60 53.37
C8 A2G QA . -11.08 -30.22 54.44
C1 MAN QA . -12.32 -33.96 56.16
C2 MAN QA . -10.90 -33.36 56.34
C3 MAN QA . -9.89 -34.37 56.92
C4 MAN QA . -10.51 -35.12 58.09
C5 MAN QA . -11.74 -35.83 57.61
C6 MAN QA . -12.36 -36.74 58.67
O2 MAN QA . -10.91 -32.22 57.21
O3 MAN QA . -8.68 -33.71 57.35
O4 MAN QA . -9.55 -36.04 58.65
O5 MAN QA . -12.72 -34.86 57.22
O6 MAN QA . -13.17 -35.93 59.51
N1 WT8 QA . -4.25 -37.48 60.37
C4 WT8 QA . -6.40 -35.27 61.06
C5 WT8 QA . -6.54 -36.58 60.27
C6 WT8 QA . -5.28 -36.94 59.49
C7 WT8 QA . -4.48 -34.53 62.35
C8 WT8 QA . -3.00 -34.35 62.46
C10 WT8 QA . -9.37 -36.96 60.95
C13 WT8 QA . -2.01 -37.81 61.15
C1 WT8 QA . -8.85 -35.99 59.93
C11 WT8 QA . -6.00 -39.30 58.92
C12 WT8 QA . -2.98 -37.12 60.23
C2 WT8 QA . -8.73 -34.56 60.50
C3 WT8 QA . -7.28 -34.16 60.48
C9 WT8 QA . -5.60 -37.94 58.38
N4 WT8 QA . -5.02 -34.82 61.17
N9 WT8 QA . -5.18 -34.39 63.41
O11 WT8 QA . -9.96 -37.98 60.56
O12 WT8 QA . -9.22 -36.66 62.13
O13 WT8 QA . -4.45 -38.10 57.55
O14 WT8 QA . -2.63 -36.28 59.42
O3 WT8 QA . -6.84 -33.91 59.15
O5 WT8 QA . -7.62 -36.45 59.34
O5 A2G RA . -40.59 -29.62 14.60
C1 A2G RA . -40.04 -30.36 15.69
C2 A2G RA . -39.82 -31.78 15.15
N2 A2G RA . -39.44 -32.64 16.25
C3 A2G RA . -38.80 -31.74 14.01
O3 A2G RA . -38.55 -33.04 13.47
C4 A2G RA . -39.08 -30.68 12.94
O4 A2G RA . -39.95 -31.15 11.91
C5 A2G RA . -39.64 -29.38 13.54
C6 A2G RA . -40.32 -28.49 12.52
O6 A2G RA . -41.51 -27.86 13.02
C7 A2G RA . -38.22 -33.15 16.47
O7 A2G RA . -37.82 -34.15 15.90
C8 A2G RA . -37.34 -32.34 17.37
O5 A2G RA . -40.14 -33.46 11.83
C1 A2G RA . -39.70 -33.87 13.12
C2 A2G RA . -39.24 -35.32 13.23
N2 A2G RA . -37.87 -35.39 12.75
C3 A2G RA . -40.08 -36.29 12.39
O3 A2G RA . -41.20 -36.85 13.07
C4 A2G RA . -40.49 -35.74 11.03
O4 A2G RA . -41.46 -36.58 10.42
C5 A2G RA . -41.09 -34.33 11.15
C6 A2G RA . -42.43 -34.27 11.86
O6 A2G RA . -42.95 -32.95 11.86
C7 A2G RA . -37.12 -36.48 12.92
O7 A2G RA . -36.80 -37.17 11.96
C8 A2G RA . -36.71 -36.80 14.32
C1 MAN RA . -40.88 -37.86 14.07
C2 MAN RA . -39.72 -38.81 13.63
C3 MAN RA . -40.21 -40.01 12.81
C4 MAN RA . -41.43 -40.64 13.47
C5 MAN RA . -42.52 -39.60 13.56
C6 MAN RA . -43.83 -40.15 14.07
O2 MAN RA . -39.00 -39.32 14.76
O3 MAN RA . -39.17 -41.01 12.68
O4 MAN RA . -41.87 -41.77 12.72
O5 MAN RA . -42.09 -38.55 14.45
O6 MAN RA . -43.77 -40.19 15.50
N1 WT8 RA . -40.90 -46.58 9.71
C4 WT8 RA . -40.28 -45.49 12.61
C5 WT8 RA . -41.24 -44.97 11.54
C6 WT8 RA . -40.73 -45.20 10.11
C7 WT8 RA . -39.05 -47.59 12.59
C8 WT8 RA . -38.19 -48.56 11.84
C10 WT8 RA . -43.12 -43.78 13.46
C13 WT8 RA . -40.26 -48.62 8.62
C1 WT8 RA . -41.81 -43.20 13.06
C11 WT8 RA . -42.91 -44.63 8.95
C12 WT8 RA . -39.94 -47.22 9.05
C2 WT8 RA . -40.70 -43.52 14.09
C3 WT8 RA . -39.64 -44.35 13.40
C9 WT8 RA . -41.43 -44.27 9.13
N4 WT8 RA . -39.26 -46.37 12.07
N9 WT8 RA . -39.54 -47.95 13.69
O11 WT8 RA . -44.17 -43.25 13.04
O12 WT8 RA . -43.11 -44.76 14.20
O13 WT8 RA . -40.79 -44.37 7.86
O14 WT8 RA . -38.85 -46.70 8.81
O3 WT8 RA . -38.88 -43.55 12.49
O5 WT8 RA . -41.43 -43.57 11.72
O5 A2G SA . -40.71 12.38 9.44
C1 A2G SA . -41.35 11.10 9.35
C2 A2G SA . -42.28 11.20 8.14
N2 A2G SA . -43.09 9.99 8.08
C3 A2G SA . -41.46 11.44 6.87
O3 A2G SA . -42.29 11.54 5.70
C4 A2G SA . -40.44 12.60 6.99
O4 A2G SA . -41.01 13.86 6.68
C5 A2G SA . -39.78 12.64 8.38
C6 A2G SA . -39.11 13.95 8.69
O6 A2G SA . -39.31 14.39 10.04
C7 A2G SA . -42.98 8.99 7.19
O7 A2G SA . -43.47 9.06 6.07
C8 A2G SA . -42.09 7.86 7.60
O5 A2G SA . -43.01 13.74 5.50
C1 A2G SA . -43.45 12.41 5.75
C2 A2G SA . -44.46 11.85 4.76
N2 A2G SA . -43.73 11.37 3.61
C3 A2G SA . -45.47 12.89 4.27
O3 A2G SA . -46.66 12.99 5.06
C4 A2G SA . -44.87 14.28 4.03
O4 A2G SA . -45.90 15.23 3.81
C5 A2G SA . -44.03 14.73 5.21
C6 A2G SA . -44.81 15.03 6.48
O6 A2G SA . -43.98 15.52 7.52
C7 A2G SA . -44.31 10.63 2.66
O7 A2G SA . -44.48 11.07 1.53
C8 A2G SA . -44.72 9.24 3.06
C1 MAN SA . -47.60 11.88 4.89
C2 MAN SA . -47.71 11.37 3.42
C3 MAN SA . -48.75 12.15 2.59
C4 MAN SA . -50.03 12.32 3.39
C5 MAN SA . -49.72 13.06 4.66
C6 MAN SA . -50.96 13.41 5.47
O2 MAN SA . -48.06 9.99 3.36
O3 MAN SA . -49.03 11.48 1.35
O4 MAN SA . -51.00 13.02 2.61
O5 MAN SA . -48.86 12.24 5.47
O6 MAN SA . -51.33 12.25 6.24
N1 WT8 SA . -53.78 14.10 -2.33
C4 WT8 SA . -53.30 11.62 -0.42
C5 WT8 SA . -53.06 13.12 -0.18
C6 WT8 SA . -52.64 13.87 -1.44
C7 WT8 SA . -54.43 10.59 -2.31
C8 WT8 SA . -54.62 10.52 -3.79
C10 WT8 SA . -53.49 12.96 2.72
C13 WT8 SA . -54.88 14.27 -4.44
C1 WT8 SA . -52.25 12.53 2.00
C11 WT8 SA . -52.95 16.20 -0.49
C12 WT8 SA . -53.66 13.93 -3.64
C2 WT8 SA . -52.24 11.00 1.75
C3 WT8 SA . -52.24 10.77 0.26
C9 WT8 SA . -51.97 15.20 -1.09
N4 WT8 SA . -53.40 11.28 -1.84
N9 WT8 SA . -55.24 10.00 -1.56
O11 WT8 SA . -53.45 14.00 3.40
O12 WT8 SA . -54.48 12.25 2.61
O13 WT8 SA . -51.41 15.77 -2.28
O14 WT8 SA . -52.64 13.51 -4.16
O3 WT8 SA . -50.96 11.11 -0.30
O5 WT8 SA . -52.03 13.28 0.80
O5 A2G TA . -4.53 22.07 29.04
C1 A2G TA . -5.87 22.36 28.69
C2 A2G TA . -5.95 23.89 28.60
N2 A2G TA . -7.34 24.27 28.43
C3 A2G TA . -5.03 24.39 27.49
O3 A2G TA . -5.06 25.82 27.37
C4 A2G TA . -3.60 23.82 27.56
O4 A2G TA . -2.73 24.59 28.41
C5 A2G TA . -3.58 22.35 27.99
C6 A2G TA . -2.23 21.88 28.48
O6 A2G TA . -2.30 21.01 29.61
C7 A2G TA . -7.89 24.76 27.30
O7 A2G TA . -7.81 25.93 26.98
C8 A2G TA . -8.51 23.74 26.40
O5 A2G TA . -3.54 26.72 28.88
C1 A2G TA . -4.92 26.63 28.58
C2 A2G TA . -5.64 27.95 28.31
N2 A2G TA . -5.40 28.31 26.94
C3 A2G TA . -5.14 29.09 29.20
O3 A2G TA . -5.85 29.24 30.44
C4 A2G TA . -3.63 29.09 29.43
O4 A2G TA . -3.29 30.03 30.45
C5 A2G TA . -3.13 27.71 29.86
C6 A2G TA . -3.59 27.25 31.23
O6 A2G TA . -3.03 26.01 31.59
C7 A2G TA . -6.05 29.30 26.34
O7 A2G TA . -5.49 30.34 26.03
C8 A2G TA . -7.51 29.07 26.08
C1 MAN TA . -7.18 29.79 30.32
C2 MAN TA . -7.29 30.93 29.26
C3 MAN TA . -6.95 32.31 29.82
C4 MAN TA . -7.65 32.52 31.16
C5 MAN TA . -7.19 31.44 32.11
C6 MAN TA . -7.71 31.63 33.53
O2 MAN TA . -8.61 31.00 28.70
O3 MAN TA . -7.33 33.36 28.91
O4 MAN TA . -7.34 33.82 31.67
O5 MAN TA . -7.65 30.17 31.63
O6 MAN TA . -9.05 31.12 33.58
N1 WT8 TA . -6.57 39.50 31.06
C4 WT8 TA . -8.88 37.40 30.56
C5 WT8 TA . -7.58 37.26 31.35
C6 WT8 TA . -6.43 38.08 30.77
C7 WT8 TA . -9.82 39.41 29.59
C8 WT8 TA . -9.62 40.68 28.80
C10 WT8 TA . -8.65 35.26 33.22
C13 WT8 TA . -6.44 41.84 30.60
C1 WT8 TA . -8.21 34.99 31.82
C11 WT8 TA . -4.88 37.84 32.75
C12 WT8 TA . -6.33 40.41 30.14
C2 WT8 TA . -9.41 34.97 30.85
C3 WT8 TA . -9.24 36.09 29.85
C9 WT8 TA . -5.09 37.56 31.26
N4 WT8 TA . -8.85 38.50 29.60
N9 WT8 TA . -10.91 39.27 30.20
O11 WT8 TA . -7.93 34.87 34.16
O12 WT8 TA . -9.70 35.86 33.38
O13 WT8 TA . -4.03 38.21 30.54
O14 WT8 TA . -6.04 40.13 28.98
O3 WT8 TA . -8.19 35.78 28.93
O5 WT8 TA . -7.18 35.89 31.39
O5 A2G UA . 16.44 -14.24 23.60
C1 A2G UA . 16.12 -13.10 24.37
C2 A2G UA . 17.37 -12.77 25.20
N2 A2G UA . 17.05 -11.72 26.14
C3 A2G UA . 18.54 -12.43 24.25
O3 A2G UA . 19.74 -12.12 24.97
C4 A2G UA . 18.74 -13.45 23.12
O4 A2G UA . 19.59 -14.54 23.49
C5 A2G UA . 17.41 -13.98 22.56
C6 A2G UA . 17.55 -15.24 21.74
O6 A2G UA . 16.52 -16.20 22.00
C7 A2G UA . 17.47 -10.45 26.08
O7 A2G UA . 18.57 -10.10 26.48
C8 A2G UA . 16.55 -9.50 25.39
O5 A2G UA . 20.86 -14.11 25.40
C1 A2G UA . 20.17 -13.04 26.02
C2 A2G UA . 20.97 -12.21 27.01
N2 A2G UA . 21.75 -11.25 26.25
C3 A2G UA . 21.96 -13.05 27.84
O3 A2G UA . 21.42 -13.55 29.07
C4 A2G UA . 22.63 -14.17 27.05
O4 A2G UA . 23.34 -15.04 27.94
C5 A2G UA . 21.62 -14.98 26.25
C6 A2G UA . 20.68 -15.83 27.10
O6 A2G UA . 19.82 -16.62 26.29
C7 A2G UA . 22.39 -10.25 26.84
O7 A2G UA . 23.62 -10.22 26.87
C8 A2G UA . 21.55 -9.17 27.46
C1 MAN UA . 21.24 -12.55 30.11
C2 MAN UA . 22.41 -11.51 30.17
C3 MAN UA . 23.59 -11.97 31.04
C4 MAN UA . 23.08 -12.55 32.35
C5 MAN UA . 22.17 -13.71 32.06
C6 MAN UA . 21.72 -14.46 33.30
O2 MAN UA . 21.96 -10.26 30.69
O3 MAN UA . 24.50 -10.89 31.31
O4 MAN UA . 24.18 -12.96 33.17
O5 MAN UA . 21.01 -13.21 31.37
O6 MAN UA . 20.62 -13.74 33.87
N1 WT8 UA . 29.45 -12.21 35.39
C4 WT8 UA . 26.69 -10.66 35.38
C5 WT8 UA . 27.01 -12.10 34.97
C6 WT8 UA . 28.41 -12.25 34.36
C7 WT8 UA . 28.15 -9.07 36.46
C8 WT8 UA . 29.49 -8.41 36.56
C10 WT8 UA . 24.35 -13.15 35.64
C13 WT8 UA . 31.58 -11.61 36.30
C1 WT8 UA . 24.70 -12.36 34.41
C11 WT8 UA . 28.47 -14.78 34.45
C12 WT8 UA . 30.57 -11.51 35.20
C2 WT8 UA . 24.33 -10.88 34.56
C3 WT8 UA . 25.61 -10.06 34.48
C9 WT8 UA . 28.53 -13.54 33.56
N4 WT8 UA . 27.86 -9.79 35.39
N9 WT8 UA . 27.33 -8.88 37.41
O11 WT8 UA . 24.14 -14.37 35.53
O12 WT8 UA . 24.30 -12.53 36.70
O13 WT8 UA . 29.76 -13.55 32.85
O14 WT8 UA . 30.76 -10.84 34.20
O3 WT8 UA . 26.09 -10.05 33.13
O5 WT8 UA . 26.07 -12.56 34.01
O5 A2G VA . -2.10 -27.91 -11.89
C1 A2G VA . -1.51 -28.15 -10.61
C2 A2G VA . -0.84 -29.52 -10.73
N2 A2G VA . -0.35 -29.92 -9.42
C3 A2G VA . 0.26 -29.46 -11.80
O3 A2G VA . 0.93 -30.72 -11.95
C4 A2G VA . -0.20 -28.85 -13.14
O4 A2G VA . -0.77 -29.81 -14.01
C5 A2G VA . -1.15 -27.67 -12.94
C6 A2G VA . -1.94 -27.31 -14.18
O6 A2G VA . -3.30 -26.98 -13.92
C7 A2G VA . 0.92 -29.96 -9.02
O7 A2G VA . 1.66 -30.91 -9.29
C8 A2G VA . 1.43 -28.72 -8.35
O5 A2G VA . -0.29 -32.02 -13.46
C1 A2G VA . 0.12 -31.92 -12.11
C2 A2G VA . 0.96 -33.09 -11.58
N2 A2G VA . 2.32 -32.85 -11.98
C3 A2G VA . 0.52 -34.44 -12.15
O3 A2G VA . -0.47 -35.12 -11.37
C4 A2G VA . 0.13 -34.40 -13.62
O4 A2G VA . -0.48 -35.64 -14.00
C5 A2G VA . -0.85 -33.27 -13.90
C6 A2G VA . -2.24 -33.43 -13.28
O6 A2G VA . -3.11 -32.39 -13.66
C7 A2G VA . 3.33 -33.58 -11.48
O7 A2G VA . 3.94 -34.36 -12.20
C8 A2G VA . 3.65 -33.39 -10.04
C1 MAN VA . 0.02 -35.70 -10.12
C2 MAN VA . 1.44 -36.32 -10.23
C3 MAN VA . 1.42 -37.79 -10.70
C4 MAN VA . 0.35 -38.56 -9.94
C5 MAN VA . -0.99 -37.92 -10.19
C6 MAN VA . -2.14 -38.71 -9.59
O2 MAN VA . 2.13 -36.28 -8.98
O3 MAN VA . 2.70 -38.42 -10.52
O4 MAN VA . 0.36 -39.93 -10.36
O5 MAN VA . -0.98 -36.61 -9.61
O6 MAN VA . -2.24 -38.36 -8.21
N1 WT8 VA . 3.01 -44.81 -11.88
C4 WT8 VA . 2.95 -42.88 -9.37
C5 WT8 VA . 2.01 -42.97 -10.58
C6 WT8 VA . 2.71 -43.38 -11.87
C7 WT8 VA . 4.72 -44.43 -8.77
C8 WT8 VA . 5.90 -45.25 -9.19
C10 WT8 VA . -0.34 -41.98 -9.13
C13 WT8 VA . 4.33 -46.76 -12.34
C1 WT8 VA . 0.78 -41.14 -9.63
C11 WT8 VA . 0.63 -43.83 -13.21
C12 WT8 VA . 4.19 -45.27 -12.30
C2 WT8 VA . 1.80 -40.83 -8.52
C3 WT8 VA . 3.13 -41.44 -8.91
C9 WT8 VA . 1.91 -43.00 -13.10
N4 WT8 VA . 4.24 -43.51 -9.61
N9 WT8 VA . 4.22 -44.62 -7.62
O11 WT8 VA . -1.44 -41.93 -9.71
O12 WT8 VA . -0.13 -42.68 -8.14
O13 WT8 VA . 2.69 -43.22 -14.27
O14 WT8 VA . 5.10 -44.52 -12.64
O3 WT8 VA . 3.73 -40.71 -9.98
O5 WT8 VA . 1.40 -41.70 -10.80
O5 A2G WA . -13.69 9.17 -28.57
C1 A2G WA . -13.91 7.80 -28.32
C2 A2G WA . -14.69 7.28 -29.54
N2 A2G WA . -15.11 5.92 -29.28
C3 A2G WA . -13.84 7.44 -30.80
O3 A2G WA . -14.52 6.97 -31.98
C4 A2G WA . -13.21 8.84 -30.97
O4 A2G WA . -14.07 9.74 -31.65
C5 A2G WA . -12.74 9.42 -29.64
C6 A2G WA . -12.50 10.92 -29.68
O6 A2G WA . -12.98 11.60 -28.52
C7 A2G WA . -14.61 4.82 -29.86
O7 A2G WA . -14.98 4.43 -30.97
C8 A2G WA . -13.50 4.15 -29.12
O5 A2G WA . -15.81 8.72 -32.80
C1 A2G WA . -15.88 7.43 -32.21
C2 A2G WA . -16.56 6.34 -33.03
N2 A2G WA . -15.59 5.84 -33.98
C3 A2G WA . -17.77 6.87 -33.84
O3 A2G WA . -19.02 6.79 -33.15
C4 A2G WA . -17.56 8.26 -34.43
O4 A2G WA . -18.79 8.76 -34.95
C5 A2G WA . -17.02 9.24 -33.39
C6 A2G WA . -18.01 9.59 -32.29
O6 A2G WA . -17.47 10.56 -31.41
C7 A2G WA . -15.83 4.73 -34.70
O7 A2G WA . -15.99 4.80 -35.91
C8 A2G WA . -15.87 3.44 -33.94
C1 MAN WA . -19.57 5.45 -33.02
C2 MAN WA . -19.36 4.57 -34.29
C3 MAN WA . -20.47 4.75 -35.34
C4 MAN WA . -21.84 4.71 -34.67
C5 MAN WA . -21.90 5.83 -33.65
C6 MAN WA . -23.27 5.98 -33.01
O2 MAN WA . -19.30 3.18 -33.96
O3 MAN WA . -20.41 3.73 -36.35
O4 MAN WA . -22.87 4.86 -35.63
O5 MAN WA . -20.95 5.55 -32.61
O6 MAN WA . -23.38 5.02 -31.96
N1 WT8 WA . -25.24 3.73 -40.77
C4 WT8 WA . -24.30 2.09 -38.22
C5 WT8 WA . -24.53 3.59 -38.41
C6 WT8 WA . -24.20 4.09 -39.81
C7 WT8 WA . -24.87 0.32 -39.79
C8 WT8 WA . -24.86 -0.20 -41.19
C10 WT8 WA . -25.23 4.08 -35.60
C13 WT8 WA . -26.09 3.00 -42.88
C1 WT8 WA . -23.84 3.87 -36.13
C11 WT8 WA . -25.25 6.37 -39.57
C12 WT8 WA . -24.93 3.27 -41.98
C2 WT8 WA . -23.36 2.42 -35.93
C3 WT8 WA . -23.12 1.81 -37.30
C9 WT8 WA . -23.97 5.60 -39.83
N4 WT8 WA . -24.13 1.39 -39.49
N9 WT8 WA . -25.56 -0.28 -38.93
O11 WT8 WA . -25.58 5.21 -35.24
O12 WT8 WA . -25.95 3.08 -35.53
O13 WT8 WA . -23.46 5.98 -41.11
O14 WT8 WA . -23.77 3.06 -42.32
O3 WT8 WA . -21.95 2.36 -37.90
O5 WT8 WA . -23.71 4.32 -37.49
O5 A2G XA . 15.69 34.24 -11.30
C1 A2G XA . 14.37 34.00 -11.76
C2 A2G XA . 13.86 35.35 -12.26
N2 A2G XA . 12.46 35.23 -12.59
C3 A2G XA . 14.73 35.82 -13.44
O3 A2G XA . 14.30 37.08 -13.97
C4 A2G XA . 16.24 35.75 -13.18
O4 A2G XA . 16.75 36.93 -12.56
C5 A2G XA . 16.63 34.51 -12.35
C6 A2G XA . 18.00 34.62 -11.71
O6 A2G XA . 18.05 34.09 -10.39
C7 A2G XA . 11.92 35.22 -13.82
O7 A2G XA . 11.70 36.24 -14.45
C8 A2G XA . 11.73 33.86 -14.43
O5 A2G XA . 15.32 38.77 -12.71
C1 A2G XA . 14.07 38.17 -13.02
C2 A2G XA . 13.04 39.09 -13.67
N2 A2G XA . 13.32 39.15 -15.08
C3 A2G XA . 13.08 40.53 -13.11
O3 A2G XA . 12.23 40.75 -11.99
C4 A2G XA . 14.50 41.03 -12.85
O4 A2G XA . 14.44 42.27 -12.12
C5 A2G XA . 15.31 40.03 -12.05
C6 A2G XA . 14.85 39.82 -10.61
O6 A2G XA . 15.71 38.95 -9.90
C7 A2G XA . 12.49 39.70 -15.95
O7 A2G XA . 12.76 40.74 -16.52
C8 A2G XA . 11.19 38.98 -16.18
C1 MAN XA . 10.82 40.82 -12.30
C2 MAN XA . 10.50 41.56 -13.64
C3 MAN XA . 10.36 43.07 -13.48
C4 MAN XA . 9.49 43.40 -12.27
C5 MAN XA . 10.14 42.80 -11.04
C6 MAN XA . 9.43 43.19 -9.75
O2 MAN XA . 9.29 41.09 -14.24
O3 MAN XA . 9.80 43.68 -14.65
O4 MAN XA . 9.35 44.82 -12.13
O5 MAN XA . 10.10 41.37 -11.17
O6 MAN XA . 8.31 42.32 -9.58
N1 WT8 XA . 8.53 50.09 -14.28
C4 WT8 XA . 6.99 47.34 -14.25
C5 WT8 XA . 8.18 47.81 -13.41
C6 WT8 XA . 9.10 48.76 -14.17
C7 WT8 XA . 5.63 48.65 -15.77
C8 WT8 XA . 5.55 49.66 -16.87
C10 WT8 XA . 7.52 46.14 -11.09
C13 WT8 XA . 8.04 52.17 -15.38
C1 WT8 XA . 8.16 45.66 -12.35
C11 WT8 XA . 10.43 49.54 -12.16
C12 WT8 XA . 8.60 50.78 -15.42
C2 WT8 XA . 7.14 45.02 -13.31
C3 WT8 XA . 7.10 45.85 -14.58
C9 WT8 XA . 10.48 48.83 -13.51
N4 WT8 XA . 6.81 48.11 -15.47
N9 WT8 XA . 4.56 48.33 -15.17
O11 WT8 XA . 8.21 46.23 -10.06
O12 WT8 XA . 6.33 46.40 -11.14
O13 WT8 XA . 11.37 49.56 -14.36
O14 WT8 XA . 9.08 50.30 -16.44
O3 WT8 XA . 8.29 45.65 -15.35
O5 WT8 XA . 8.95 46.69 -12.99
O5 A2G YA . 46.69 6.01 -5.69
C1 A2G YA . 45.95 7.16 -5.28
C2 A2G YA . 46.96 8.05 -4.54
N2 A2G YA . 46.24 9.16 -3.93
C3 A2G YA . 48.07 8.49 -5.50
O3 A2G YA . 49.04 9.33 -4.86
C4 A2G YA . 48.69 7.33 -6.31
O4 A2G YA . 49.77 6.69 -5.62
C5 A2G YA . 47.65 6.29 -6.73
C6 A2G YA . 48.24 4.97 -7.15
O6 A2G YA . 47.50 3.83 -6.68
C7 A2G YA . 46.28 10.44 -4.33
O7 A2G YA . 47.19 11.20 -4.01
C8 A2G YA . 45.21 10.84 -5.29
O5 A2G YA . 50.64 7.95 -3.85
C1 A2G YA . 49.60 8.89 -3.59
C2 A2G YA . 50.02 10.15 -2.85
N2 A2G YA . 50.56 11.07 -3.81
C3 A2G YA . 51.09 9.89 -1.78
O3 A2G YA . 50.59 9.58 -0.48
C4 A2G YA . 52.16 8.87 -2.20
O4 A2G YA . 52.96 8.52 -1.08
C5 A2G YA . 51.52 7.61 -2.77
C6 A2G YA . 50.76 6.76 -1.75
O6 A2G YA . 50.27 5.57 -2.34
C7 A2G YA . 50.82 12.33 -3.50
O7 A2G YA . 51.97 12.75 -3.44
C8 A2G YA . 49.64 13.22 -3.24
C1 MAN YA . 50.01 10.71 0.24
C2 MAN YA . 50.81 12.04 0.04
C3 MAN YA . 51.97 12.20 1.05
C4 MAN YA . 51.50 11.85 2.44
C5 MAN YA . 51.01 10.43 2.46
C6 MAN YA . 50.66 9.91 3.84
O2 MAN YA . 49.96 13.18 0.18
O3 MAN YA . 52.48 13.54 1.02
O4 MAN YA . 52.57 12.02 3.38
O5 MAN YA . 49.83 10.35 1.62
O6 MAN YA . 49.34 10.35 4.15
N1 WT8 YA . 57.10 14.91 5.47
C4 WT8 YA . 54.03 15.47 4.94
C5 WT8 YA . 54.81 14.15 4.97
C6 WT8 YA . 56.24 14.28 4.47
C7 WT8 YA . 54.83 17.66 5.59
C8 WT8 YA . 55.91 18.69 5.54
C10 WT8 YA . 52.50 12.53 5.81
C13 WT8 YA . 58.85 16.34 6.24
C1 WT8 YA . 52.74 13.04 4.42
C11 WT8 YA . 57.03 12.02 5.24
C12 WT8 YA . 57.98 15.84 5.12
C2 WT8 YA . 51.95 14.33 4.14
C3 WT8 YA . 52.93 15.45 3.88
C9 WT8 YA . 56.81 12.93 4.05
N4 WT8 YA . 54.90 16.63 4.75
N9 WT8 YA . 53.89 17.82 6.41
O11 WT8 YA . 52.66 11.31 6.04
O12 WT8 YA . 52.15 13.34 6.65
O13 WT8 YA . 58.07 13.14 3.40
O14 WT8 YA . 58.08 16.26 3.99
O3 WT8 YA . 53.55 15.28 2.60
O5 WT8 YA . 54.15 13.18 4.14
O5 A2G ZA . 37.10 -21.35 -36.48
C1 A2G ZA . 37.59 -21.05 -35.19
C2 A2G ZA . 38.65 -22.12 -34.88
N2 A2G ZA . 39.06 -21.99 -33.50
C3 A2G ZA . 39.79 -22.01 -35.89
O3 A2G ZA . 40.81 -22.99 -35.66
C4 A2G ZA . 39.34 -21.94 -37.36
O4 A2G ZA . 39.18 -23.21 -37.96
C5 A2G ZA . 38.06 -21.10 -37.54
C6 A2G ZA . 37.36 -21.35 -38.85
O6 A2G ZA . 35.92 -21.40 -38.73
C7 A2G ZA . 40.25 -21.54 -33.07
O7 A2G ZA . 41.25 -22.24 -33.03
C8 A2G ZA . 40.29 -20.08 -32.77
O5 A2G ZA . 40.20 -24.94 -36.79
C1 A2G ZA . 40.40 -24.38 -35.50
C2 A2G ZA . 41.48 -25.05 -34.64
N2 A2G ZA . 42.75 -24.51 -35.04
C3 A2G ZA . 41.52 -26.57 -34.81
O3 A2G ZA . 40.68 -27.30 -33.91
C4 A2G ZA . 41.30 -27.04 -36.25
O4 A2G ZA . 41.13 -28.45 -36.28
C5 A2G ZA . 40.08 -26.37 -36.87
C6 A2G ZA . 38.74 -26.79 -36.27
O6 A2G ZA . 37.66 -26.21 -36.96
C7 A2G ZA . 43.86 -24.74 -34.33
O7 A2G ZA . 44.76 -25.44 -34.78
C8 A2G ZA . 43.94 -24.09 -32.98
C1 MAN ZA . 41.16 -27.35 -32.53
C2 MAN ZA . 42.71 -27.51 -32.42
C3 MAN ZA . 43.17 -28.98 -32.45
C4 MAN ZA . 42.30 -29.82 -31.54
C5 MAN ZA . 40.87 -29.72 -32.00
C6 MAN ZA . 39.92 -30.64 -31.26
O2 MAN ZA . 43.21 -26.94 -31.21
O3 MAN ZA . 44.55 -29.11 -32.06
O4 MAN ZA . 42.74 -31.18 -31.55
O5 MAN ZA . 40.43 -28.35 -31.81
O6 MAN ZA . 39.55 -30.00 -30.04
N1 WT8 ZA . 46.85 -35.22 -31.56
C4 WT8 ZA . 45.93 -32.83 -29.69
C5 WT8 ZA . 45.21 -33.51 -30.86
C6 WT8 ZA . 46.16 -34.00 -31.95
C7 WT8 ZA . 47.98 -33.54 -28.62
C8 WT8 ZA . 49.39 -34.03 -28.75
C10 WT8 ZA . 42.51 -32.96 -29.83
C13 WT8 ZA . 48.71 -36.72 -31.41
C1 WT8 ZA . 43.40 -31.96 -30.51
C11 WT8 ZA . 44.46 -35.40 -33.20
C12 WT8 ZA . 48.14 -35.38 -31.79
C2 WT8 ZA . 44.16 -31.08 -29.49
C3 WT8 ZA . 45.64 -31.33 -29.64
C9 WT8 ZA . 45.42 -34.22 -33.27
N4 WT8 ZA . 47.37 -33.07 -29.70
N9 WT8 ZA . 47.45 -33.58 -27.48
O11 WT8 ZA . 41.53 -33.40 -30.44
O12 WT8 ZA . 42.81 -33.28 -28.68
O13 WT8 ZA . 46.37 -34.47 -34.31
O14 WT8 ZA . 48.84 -34.50 -32.29
O3 WT8 ZA . 46.12 -30.75 -30.86
O5 WT8 ZA . 44.29 -32.59 -31.45
O5 A2G AB . 17.29 4.77 -63.28
C1 A2G AB . 17.45 3.51 -62.66
C2 A2G AB . 17.01 2.49 -63.71
N2 A2G AB . 16.98 1.17 -63.09
C3 A2G AB . 17.92 2.57 -64.94
O3 A2G AB . 17.55 1.62 -65.95
C4 A2G AB . 18.14 3.99 -65.47
O4 A2G AB . 17.13 4.38 -66.41
C5 A2G AB . 18.24 5.03 -64.35
C6 A2G AB . 18.02 6.46 -64.80
O6 A2G AB . 17.25 7.23 -63.90
C7 A2G AB . 17.83 0.17 -63.31
O7 A2G AB . 17.73 -0.58 -64.28
C8 A2G AB . 18.99 0.10 -62.38
O5 A2G AB . 15.92 2.60 -67.28
C1 A2G AB . 16.14 1.56 -66.35
C2 A2G AB . 15.90 0.14 -66.86
N2 A2G AB . 17.09 -0.27 -67.58
C3 A2G AB . 14.71 0.04 -67.81
O3 A2G AB . 13.46 -0.23 -67.17
C4 A2G AB . 14.58 1.23 -68.77
O4 A2G AB . 13.32 1.17 -69.44
C5 A2G AB . 14.67 2.56 -68.03
C6 A2G AB . 13.51 2.87 -67.10
O6 A2G AB . 13.64 4.15 -66.52
C7 A2G AB . 17.27 -1.53 -67.97
O7 A2G AB . 17.24 -1.84 -69.16
C8 A2G AB . 17.50 -2.54 -66.89
C1 MAN AB . 13.31 -1.60 -66.69
C2 MAN AB . 13.91 -2.67 -67.65
C3 MAN AB . 12.92 -3.12 -68.74
C4 MAN AB . 11.55 -3.40 -68.13
C5 MAN AB . 11.05 -2.14 -67.47
C6 MAN AB . 9.64 -2.25 -66.95
O2 MAN AB . 14.33 -3.84 -66.95
O3 MAN AB . 13.39 -4.29 -69.42
O4 MAN AB . 10.64 -3.83 -69.14
O5 MAN AB . 11.92 -1.83 -66.35
O6 MAN AB . 9.67 -2.87 -65.68
N1 WT8 AB . 9.31 -6.93 -73.81
C4 WT8 AB . 10.37 -7.48 -70.88
C5 WT8 AB . 9.75 -6.22 -71.49
C6 WT8 AB . 10.08 -6.03 -72.96
C7 WT8 AB . 10.53 -9.68 -71.90
C8 WT8 AB . 10.84 -10.52 -73.10
C10 WT8 AB . 8.62 -5.27 -68.94
C13 WT8 AB . 8.94 -8.40 -75.66
C1 WT8 AB . 10.06 -5.17 -69.35
C11 WT8 AB . 8.39 -4.20 -73.40
C12 WT8 AB . 9.87 -7.57 -74.82
C2 WT8 AB . 10.91 -6.31 -68.74
C3 WT8 AB . 11.47 -7.14 -69.88
C9 WT8 AB . 9.87 -4.58 -73.40
N4 WT8 AB . 10.88 -8.40 -71.89
N9 WT8 AB . 9.95 -10.23 -70.93
O11 WT8 AB . 7.93 -4.25 -68.93
O12 WT8 AB . 8.21 -6.39 -68.62
O13 WT8 AB . 10.38 -4.40 -74.71
O14 WT8 AB . 11.06 -7.50 -75.06
O3 WT8 AB . 12.49 -6.42 -70.57
O5 WT8 AB . 10.21 -5.07 -70.78
O5 A2G BB . 36.03 41.26 -52.79
C1 A2G BB . 34.91 40.51 -53.21
C2 A2G BB . 34.10 41.46 -54.09
N2 A2G BB . 32.83 40.83 -54.42
C3 A2G BB . 34.93 41.85 -55.33
O3 A2G BB . 34.22 42.74 -56.20
C4 A2G BB . 36.35 42.32 -55.00
O4 A2G BB . 36.41 43.72 -54.73
C5 A2G BB . 36.98 41.54 -53.85
C6 A2G BB . 38.17 42.22 -53.22
O6 A2G BB . 38.21 42.11 -51.79
C7 A2G BB . 32.47 40.33 -55.62
O7 A2G BB . 32.05 41.04 -56.52
C8 A2G BB . 32.76 38.87 -55.82
O5 A2G BB . 34.55 44.91 -55.45
C1 A2G BB . 33.56 43.90 -55.61
C2 A2G BB . 32.40 44.26 -56.52
N2 A2G BB . 32.81 44.04 -57.89
C3 A2G BB . 31.96 45.73 -56.39
O3 A2G BB . 30.95 45.96 -55.41
C4 A2G BB . 33.12 46.71 -56.24
O4 A2G BB . 32.62 48.00 -55.89
C5 A2G BB . 34.09 46.25 -55.15
C6 A2G BB . 33.54 46.28 -53.73
O6 A2G BB . 34.52 45.93 -52.78
C7 A2G BB . 31.96 44.06 -58.90
O7 A2G BB . 31.99 44.95 -59.73
C8 A2G BB . 30.96 42.94 -58.96
C1 MAN BB . 29.62 45.50 -55.77
C2 MAN BB . 29.27 45.73 -57.27
C3 MAN BB . 28.67 47.13 -57.54
C4 MAN BB . 27.62 47.47 -56.50
C5 MAN BB . 28.26 47.44 -55.14
C6 MAN BB . 27.35 47.90 -54.03
O2 MAN BB . 28.32 44.78 -57.75
O3 MAN BB . 28.10 47.21 -58.86
O4 MAN BB . 27.06 48.76 -56.77
O5 MAN BB . 28.66 46.07 -54.86
O6 MAN BB . 26.51 46.81 -53.65
N1 WT8 BB . 25.01 52.80 -60.33
C4 WT8 BB . 24.34 49.79 -59.58
C5 WT8 BB . 25.23 50.82 -58.88
C6 WT8 BB . 25.93 51.78 -59.83
C7 WT8 BB . 22.84 50.19 -61.45
C8 WT8 BB . 22.60 50.81 -62.79
C10 WT8 BB . 24.83 49.67 -56.20
C13 WT8 BB . 24.08 54.25 -61.98
C1 WT8 BB . 25.72 49.11 -57.25
C11 WT8 BB . 26.73 53.40 -58.08
C12 WT8 BB . 25.02 53.14 -61.61
C2 WT8 BB . 25.04 47.96 -58.03
C3 WT8 BB . 24.91 48.38 -59.48
C9 WT8 BB . 27.14 52.42 -59.18
N4 WT8 BB . 24.08 50.13 -60.98
N9 WT8 BB . 21.85 49.73 -60.82
O11 WT8 BB . 25.33 50.23 -55.22
O12 WT8 BB . 23.61 49.54 -56.35
O13 WT8 BB . 27.87 53.15 -60.17
O14 WT8 BB . 25.73 52.60 -62.45
O3 WT8 BB . 26.18 48.37 -60.12
O5 WT8 BB . 26.23 50.13 -58.13
O5 A2G CB . 73.02 26.35 -38.50
C1 A2G CB . 71.94 27.27 -38.46
C2 A2G CB . 72.56 28.59 -37.97
N2 A2G CB . 71.49 29.54 -37.73
C3 A2G CB . 73.60 29.08 -38.99
O3 A2G CB . 74.21 30.31 -38.59
C4 A2G CB . 74.62 28.00 -39.41
O4 A2G CB . 75.75 27.93 -38.54
C5 A2G CB . 73.97 26.61 -39.55
C6 A2G CB . 74.98 25.48 -39.54
O6 A2G CB . 74.53 24.33 -38.80
C7 A2G CB . 71.20 30.61 -38.48
O7 A2G CB . 71.81 31.67 -38.36
C8 A2G CB . 70.18 30.40 -39.54
O5 A2G CB . 76.00 29.81 -37.18
C1 A2G CB . 74.72 30.41 -37.22
C2 A2G CB . 74.66 31.89 -36.84
N2 A2G CB . 75.03 32.65 -38.01
C3 A2G CB . 75.64 32.25 -35.71
O3 A2G CB . 75.09 32.15 -34.40
C4 A2G CB . 76.99 31.54 -35.80
O4 A2G CB . 77.73 31.75 -34.60
C5 A2G CB . 76.81 30.04 -36.01
C6 A2G CB . 76.22 29.30 -34.83
O6 A2G CB . 76.17 27.90 -35.06
C7 A2G CB . 74.88 33.97 -38.07
O7 A2G CB . 75.85 34.72 -38.09
C8 A2G CB . 73.47 34.48 -38.09
C1 MAN CB . 74.15 33.20 -34.04
C2 MAN CB . 74.54 34.60 -34.57
C3 MAN CB . 75.48 35.36 -33.62
C4 MAN CB . 74.98 35.27 -32.20
C5 MAN CB . 74.92 33.81 -31.81
C6 MAN CB . 74.58 33.58 -30.35
O2 MAN CB . 73.40 35.43 -34.80
O3 MAN CB . 75.60 36.75 -34.00
O4 MAN CB . 75.85 35.99 -31.32
O5 MAN CB . 73.92 33.16 -32.62
O6 MAN CB . 73.16 33.66 -30.21
N1 WT8 CB . 79.10 40.54 -29.97
C4 WT8 CB . 76.09 39.99 -30.73
C5 WT8 CB . 77.20 39.02 -30.31
C6 WT8 CB . 78.58 39.45 -30.78
C7 WT8 CB . 76.15 42.41 -30.69
C8 WT8 CB . 76.88 43.68 -30.99
C10 WT8 CB . 75.36 37.05 -29.12
C13 WT8 CB . 80.28 42.59 -29.57
C1 WT8 CB . 75.60 37.24 -30.59
C11 WT8 CB . 79.88 37.82 -29.38
C12 WT8 CB . 79.71 41.58 -30.53
C2 WT8 CB . 74.51 38.11 -31.24
C3 WT8 CB . 75.16 39.37 -31.77
C9 WT8 CB . 79.55 38.29 -30.78
N4 WT8 CB . 76.59 41.27 -31.21
N9 WT8 CB . 75.11 42.48 -29.97
O11 WT8 CB . 75.83 36.05 -28.55
O12 WT8 CB . 74.69 37.91 -28.55
O13 WT8 CB . 80.76 38.68 -31.42
O14 WT8 CB . 79.82 41.71 -31.73
O3 WT8 CB . 75.94 39.06 -32.94
O5 WT8 CB . 76.93 37.73 -30.86
O5 A2G DB . 75.22 -9.58 -60.76
C1 A2G DB . 75.46 -8.82 -59.58
C2 A2G DB . 76.74 -9.41 -58.97
N2 A2G DB . 76.94 -8.80 -57.66
C3 A2G DB . 77.92 -9.21 -59.93
O3 A2G DB . 79.14 -9.73 -59.40
C4 A2G DB . 77.63 -9.65 -61.37
O4 A2G DB . 77.90 -11.03 -61.59
C5 A2G DB . 76.19 -9.33 -61.81
C6 A2G DB . 75.73 -10.11 -63.02
O6 A2G DB . 74.39 -10.56 -62.94
C7 A2G DB . 77.89 -7.90 -57.35
O7 A2G DB . 79.03 -8.23 -57.08
C8 A2G DB . 77.47 -6.47 -57.46
O5 A2G DB . 79.24 -11.99 -59.95
C1 A2G DB . 79.12 -11.09 -58.86
C2 A2G DB . 80.24 -11.15 -57.82
N2 A2G DB . 81.34 -10.37 -58.32
C3 A2G DB . 80.74 -12.57 -57.56
O3 A2G DB . 80.04 -13.26 -56.52
C4 A2G DB . 80.84 -13.44 -58.82
O4 A2G DB . 81.07 -14.80 -58.46
C5 A2G DB . 79.55 -13.37 -59.63
C6 A2G DB . 78.33 -14.01 -58.98
O6 A2G DB . 77.20 -13.97 -59.84
C7 A2G DB . 82.39 -10.06 -57.54
O7 A2G DB . 83.50 -10.54 -57.74
C8 A2G DB . 82.13 -9.09 -56.43
C1 MAN DB . 80.37 -12.81 -55.17
C2 MAN DB . 81.87 -12.46 -54.96
C3 MAN DB . 82.72 -13.68 -54.58
C4 MAN DB . 82.03 -14.48 -53.50
C5 MAN DB . 80.69 -14.94 -54.01
C6 MAN DB . 79.97 -15.89 -53.07
O2 MAN DB . 82.05 -11.47 -53.95
O3 MAN DB . 84.02 -13.28 -54.13
O4 MAN DB . 82.84 -15.61 -53.12
O5 MAN DB . 79.87 -13.78 -54.22
O6 MAN DB . 79.30 -15.10 -52.09
N1 WT8 DB . 87.89 -18.05 -51.87
C4 WT8 DB . 86.14 -15.67 -50.77
C5 WT8 DB . 85.78 -16.81 -51.72
C6 WT8 DB . 86.94 -17.25 -52.62
C7 WT8 DB . 88.18 -15.42 -49.49
C8 WT8 DB . 89.68 -15.47 -49.43
C10 WT8 DB . 82.93 -16.86 -50.97
C13 WT8 DB . 90.08 -18.82 -51.25
C1 WT8 DB . 83.58 -15.84 -51.88
C11 WT8 DB . 85.86 -19.36 -53.47
C12 WT8 DB . 89.20 -17.87 -52.01
C2 WT8 DB . 83.93 -14.55 -51.12
C3 WT8 DB . 85.43 -14.37 -51.15
C9 WT8 DB . 86.45 -18.01 -53.83
N4 WT8 DB . 87.58 -15.45 -50.66
N9 WT8 DB . 87.55 -15.33 -48.40
O11 WT8 DB . 82.19 -17.72 -51.47
O12 WT8 DB . 83.17 -16.76 -49.77
O13 WT8 DB . 87.54 -18.22 -54.73
O14 WT8 DB . 89.67 -16.99 -52.72
O3 WT8 DB . 85.86 -14.00 -52.47
O5 WT8 DB . 84.71 -16.39 -52.58
O5 A2G EB . 52.03 1.42 -94.37
C1 A2G EB . 52.47 0.48 -93.43
C2 A2G EB . 52.46 -0.88 -94.15
N2 A2G EB . 52.74 -1.92 -93.18
C3 A2G EB . 53.46 -0.84 -95.32
O3 A2G EB . 53.49 -2.08 -96.04
C4 A2G EB . 53.31 0.40 -96.23
O4 A2G EB . 52.34 0.21 -97.27
C5 A2G EB . 52.97 1.67 -95.44
C6 A2G EB . 52.40 2.78 -96.29
O6 A2G EB . 51.34 3.50 -95.66
C7 A2G EB . 53.87 -2.64 -93.10
O7 A2G EB . 54.11 -3.60 -93.82
C8 A2G EB . 54.89 -2.10 -92.14
O5 A2G EB . 51.80 -2.03 -97.64
C1 A2G EB . 52.22 -2.67 -96.45
C2 A2G EB . 52.46 -4.17 -96.55
N2 A2G EB . 53.78 -4.37 -97.09
C3 A2G EB . 51.45 -4.87 -97.47
O3 A2G EB . 50.28 -5.35 -96.81
C4 A2G EB . 51.09 -4.07 -98.73
O4 A2G EB . 50.00 -4.69 -99.39
C5 A2G EB . 50.72 -2.63 -98.38
C6 A2G EB . 49.42 -2.47 -97.61
O6 A2G EB . 49.11 -1.10 -97.41
C7 A2G EB . 54.35 -5.57 -97.11
O7 A2G EB . 54.56 -6.16 -98.16
C8 A2G EB . 54.75 -6.14 -95.78
C1 MAN EB . 50.47 -6.52 -95.98
C2 MAN EB . 51.45 -7.56 -96.59
C3 MAN EB . 50.76 -8.56 -97.54
C4 MAN EB . 49.48 -9.08 -96.91
C5 MAN EB . 48.58 -7.91 -96.65
C6 MAN EB . 47.19 -8.31 -96.16
O2 MAN EB . 52.11 -8.33 -95.58
O3 MAN EB . 51.63 -9.66 -97.85
O4 MAN EB . 48.85 -10.01 -97.79
O5 MAN EB . 49.18 -7.08 -95.64
O6 MAN EB . 47.27 -8.56 -94.75
N1 WT8 EB . 49.00 -14.45 -101.47
C4 WT8 EB . 49.84 -13.89 -98.47
C5 WT8 EB . 48.96 -13.08 -99.42
C6 WT8 EB . 49.38 -13.17 -100.88
C7 WT8 EB . 50.74 -16.11 -98.83
C8 WT8 EB . 51.42 -17.09 -99.73
C10 WT8 EB . 47.31 -11.90 -97.27
C13 WT8 EB . 49.29 -16.39 -102.85
C1 WT8 EB . 48.70 -11.47 -97.65
C11 WT8 EB . 47.30 -12.14 -101.86
C12 WT8 EB . 49.83 -15.12 -102.24
C2 WT8 EB . 49.77 -12.10 -96.72
C3 WT8 EB . 50.67 -12.97 -97.56
C9 WT8 EB . 48.81 -12.03 -101.70
N4 WT8 EB . 50.71 -14.82 -99.16
N9 WT8 EB . 50.23 -16.55 -97.76
O11 WT8 EB . 46.36 -11.17 -97.56
O12 WT8 EB . 47.21 -12.97 -96.66
O13 WT8 EB . 49.40 -12.04 -103.01
O14 WT8 EB . 50.97 -14.75 -102.46
O3 WT8 EB . 51.52 -12.18 -98.39
O5 WT8 EB . 48.98 -11.70 -99.04
O5 A2G FB . 58.19 43.29 -93.86
C1 A2G FB . 57.38 42.15 -94.09
C2 A2G FB . 56.43 42.54 -95.23
N2 A2G FB . 55.45 41.50 -95.42
C3 A2G FB . 57.25 42.85 -96.50
O3 A2G FB . 56.42 43.22 -97.60
C4 A2G FB . 58.43 43.81 -96.27
O4 A2G FB . 58.06 45.17 -96.39
C5 A2G FB . 59.13 43.57 -94.92
C6 A2G FB . 59.99 44.72 -94.47
O6 A2G FB . 59.90 44.99 -93.06
C7 A2G FB . 55.39 40.62 -96.42
O7 A2G FB . 54.88 40.91 -97.51
C8 A2G FB . 56.10 39.33 -96.21
O5 A2G FB . 56.03 45.51 -97.48
C1 A2G FB . 55.40 44.24 -97.38
C2 A2G FB . 54.29 43.98 -98.40
N2 A2G FB . 54.91 43.55 -99.63
C3 A2G FB . 53.44 45.21 -98.70
O3 A2G FB . 52.30 45.38 -97.85
C4 A2G FB . 54.25 46.51 -98.78
O4 A2G FB . 53.37 47.63 -98.82
C5 A2G FB . 55.17 46.67 -97.58
C6 A2G FB . 54.48 46.90 -96.25
O6 A2G FB . 55.40 47.11 -95.20
C7 A2G FB . 54.21 43.05 -100.63
O7 A2G FB . 54.07 43.66 -101.68
C8 A2G FB . 53.59 41.70 -100.41
C1 MAN FB . 51.21 44.45 -98.11
C2 MAN FB . 50.98 44.18 -99.63
C3 MAN FB . 50.05 45.20 -100.30
C4 MAN FB . 48.83 45.45 -99.43
C5 MAN FB . 49.28 45.95 -98.08
C6 MAN FB . 48.14 46.38 -97.18
O2 MAN FB . 50.42 42.89 -99.86
O3 MAN FB . 49.64 44.77 -101.60
O4 MAN FB . 47.96 46.39 -100.06
O5 MAN FB . 50.03 44.91 -97.42
O6 MAN FB . 47.63 45.21 -96.54
N1 WT8 FB . 45.26 48.55 -104.67
C4 WT8 FB . 45.39 45.78 -103.14
C5 WT8 FB . 45.86 47.18 -102.71
C6 WT8 FB . 46.37 48.03 -103.87
C7 WT8 FB . 44.08 45.22 -105.09
C8 WT8 FB . 43.82 45.37 -106.56
C10 WT8 FB . 45.50 46.68 -99.83
C13 WT8 FB . 44.14 49.18 -106.69
C1 WT8 FB . 46.64 46.18 -100.66
C11 WT8 FB . 46.45 50.22 -102.61
C12 WT8 FB . 45.31 48.55 -105.99
C2 WT8 FB . 46.41 44.72 -101.12
C3 WT8 FB . 46.33 44.69 -102.63
C9 WT8 FB . 47.25 49.17 -103.38
N4 WT8 FB . 45.21 45.66 -104.58
N9 WT8 FB . 43.19 44.64 -104.39
O11 WT8 FB . 45.71 47.60 -99.02
O12 WT8 FB . 44.41 46.14 -99.99
O13 WT8 FB . 47.86 49.81 -104.51
O14 WT8 FB . 46.24 48.06 -106.62
O3 WT8 FB . 47.63 44.92 -103.20
O5 WT8 FB . 46.93 47.05 -101.77
O5 A2G GB . 95.97 44.66 -74.85
C1 A2G GB . 94.68 45.20 -75.10
C2 A2G GB . 94.83 46.72 -74.97
N2 A2G GB . 93.51 47.32 -75.05
C3 A2G GB . 95.80 47.22 -76.05
O3 A2G GB . 95.97 48.65 -75.98
C4 A2G GB . 97.12 46.44 -76.13
O4 A2G GB . 98.11 46.95 -75.24
C5 A2G GB . 96.93 44.94 -75.90
C6 A2G GB . 98.20 44.21 -75.54
O6 A2G GB . 98.02 43.22 -74.53
C7 A2G GB . 93.01 48.04 -76.07
O7 A2G GB . 93.27 49.22 -76.24
C8 A2G GB . 92.23 47.25 -77.07
O5 A2G GB . 97.66 49.09 -74.45
C1 A2G GB . 96.27 49.24 -74.69
C2 A2G GB . 95.76 50.68 -74.75
N2 A2G GB . 96.02 51.19 -76.06
C3 A2G GB . 96.45 51.61 -73.73
O3 A2G GB . 95.81 51.67 -72.46
C4 A2G GB . 97.95 51.34 -73.58
O4 A2G GB . 98.46 52.07 -72.46
C5 A2G GB . 98.23 49.86 -73.36
C6 A2G GB . 97.75 49.29 -72.03
O6 A2G GB . 98.12 47.94 -71.88
C7 A2G GB . 95.50 52.34 -76.49
O7 A2G GB . 96.22 53.31 -76.69
C8 A2G GB . 94.03 52.38 -76.71
C1 MAN GB . 94.57 52.44 -72.44
C2 MAN GB . 94.61 53.71 -73.34
C3 MAN GB . 95.16 54.94 -72.60
C4 MAN GB . 94.56 55.05 -71.22
C5 MAN GB . 94.87 53.81 -70.44
C6 MAN GB . 94.42 53.87 -68.99
O2 MAN GB . 93.30 54.07 -73.81
O3 MAN GB . 94.94 56.15 -73.35
O4 MAN GB . 95.07 56.21 -70.55
O5 MAN GB . 94.19 52.71 -71.07
O6 MAN GB . 93.03 53.55 -68.94
N1 WT8 GB . 96.70 61.74 -70.43
C4 WT8 GB . 94.08 60.10 -71.10
C5 WT8 GB . 95.37 59.66 -70.39
C6 WT8 GB . 96.61 60.37 -70.91
C7 WT8 GB . 93.44 62.35 -71.74
C8 WT8 GB . 93.82 63.66 -72.36
C10 WT8 GB . 94.04 57.60 -68.75
C13 WT8 GB . 97.19 64.08 -70.57
C1 WT8 GB . 94.39 57.47 -70.21
C11 WT8 GB . 98.15 59.62 -69.05
C12 WT8 GB . 97.06 62.73 -71.23
C2 WT8 GB . 93.19 57.76 -71.12
C3 WT8 GB . 93.51 58.98 -71.96
C9 WT8 GB . 97.88 59.60 -70.56
N4 WT8 GB . 94.25 61.31 -71.89
N9 WT8 GB . 92.36 62.29 -71.10
O11 WT8 GB . 94.71 56.97 -67.92
O12 WT8 GB . 93.10 58.33 -68.47
O13 WT8 GB . 98.99 60.18 -71.23
O14 WT8 GB . 97.26 62.57 -72.41
O3 WT8 GB . 94.47 58.66 -72.97
O5 WT8 GB . 95.55 58.26 -70.56
O5 A2G HB . 110.93 6.71 -86.11
C1 A2G HB . 110.81 7.78 -85.18
C2 A2G HB . 112.12 7.79 -84.39
N2 A2G HB . 111.99 8.73 -83.30
C3 A2G HB . 113.29 8.07 -85.33
O3 A2G HB . 114.55 8.10 -84.64
C4 A2G HB . 113.31 7.21 -86.61
O4 A2G HB . 113.98 5.97 -86.41
C5 A2G HB . 111.90 6.97 -87.16
C6 A2G HB . 111.81 5.80 -88.12
O6 A2G HB . 110.65 5.00 -87.95
C7 A2G HB . 112.59 9.93 -83.20
O7 A2G HB . 113.76 10.04 -82.82
C8 A2G HB . 111.82 11.09 -83.72
O5 A2G HB . 115.35 5.92 -84.53
C1 A2G HB . 114.85 6.99 -83.75
C2 A2G HB . 115.82 7.54 -82.69
N2 A2G HB . 116.71 8.47 -83.35
C3 A2G HB . 116.67 6.45 -82.02
O3 A2G HB . 116.09 5.88 -80.85
C4 A2G HB . 117.15 5.37 -82.99
O4 A2G HB . 117.72 4.29 -82.27
C5 A2G HB . 116.00 4.83 -83.84
C6 A2G HB . 114.95 4.04 -83.07
O6 A2G HB . 113.96 3.50 -83.93
C7 A2G HB . 117.52 9.26 -82.66
O7 A2G HB . 118.73 9.12 -82.68
C8 A2G HB . 116.88 10.37 -81.87
C1 MAN HB . 116.12 6.73 -79.68
C2 MAN HB . 117.43 7.57 -79.53
C3 MAN HB . 118.54 6.82 -78.80
C4 MAN HB . 117.99 6.14 -77.55
C5 MAN HB . 116.90 5.19 -77.95
C6 MAN HB . 116.37 4.36 -76.80
O2 MAN HB . 117.20 8.79 -78.83
O3 MAN HB . 119.61 7.70 -78.43
O4 MAN HB . 119.03 5.46 -76.85
O5 MAN HB . 115.80 5.95 -78.51
O6 MAN HB . 115.40 5.14 -76.10
N1 WT8 HB . 124.41 5.09 -74.81
C4 WT8 HB . 121.92 7.01 -74.49
C5 WT8 HB . 122.01 5.61 -75.09
C6 WT8 HB . 123.34 5.34 -75.78
C7 WT8 HB . 123.65 8.20 -73.26
C8 WT8 HB . 125.08 8.62 -73.14
C10 WT8 HB . 119.24 4.89 -74.44
C13 WT8 HB . 126.63 5.21 -73.94
C1 WT8 HB . 119.66 5.78 -75.57
C11 WT8 HB . 123.02 2.85 -76.04
C12 WT8 HB . 125.61 5.62 -74.97
C2 WT8 HB . 119.54 7.28 -75.20
C3 WT8 HB . 120.92 7.90 -75.24
C9 WT8 HB . 123.23 4.17 -76.76
N4 WT8 HB . 123.22 7.69 -74.41
N9 WT8 HB . 122.89 8.37 -72.26
O11 WT8 HB . 118.83 3.75 -74.70
O12 WT8 HB . 119.30 5.36 -73.31
O13 WT8 HB . 124.44 4.08 -77.52
O14 WT8 HB . 125.87 6.39 -75.88
O3 WT8 HB . 121.37 8.03 -76.59
O5 WT8 HB . 120.98 5.44 -76.05
O5 A2G IB . 89.57 1.05 -122.19
C1 A2G IB . 90.16 0.54 -120.99
C2 A2G IB . 90.61 -0.87 -121.33
N2 A2G IB . 91.06 -1.51 -120.10
C3 A2G IB . 91.67 -0.83 -122.43
O3 A2G IB . 92.14 -2.14 -122.78
C4 A2G IB . 91.29 0.02 -123.64
O4 A2G IB . 90.54 -0.70 -124.62
C5 A2G IB . 90.52 1.30 -123.24
C6 A2G IB . 89.76 1.93 -124.39
O6 A2G IB . 88.47 2.43 -124.00
C7 A2G IB . 92.33 -1.81 -119.77
O7 A2G IB . 92.91 -2.81 -120.20
C8 A2G IB . 93.03 -0.76 -118.98
O5 A2G IB . 90.70 -3.02 -124.39
C1 A2G IB . 91.14 -3.18 -123.05
C2 A2G IB . 91.81 -4.51 -122.72
N2 A2G IB . 93.19 -4.43 -123.15
C3 A2G IB . 91.16 -5.70 -123.45
O3 A2G IB . 90.10 -6.32 -122.72
C4 A2G IB . 90.74 -5.39 -124.88
O4 A2G IB . 89.94 -6.45 -125.39
C5 A2G IB . 89.93 -4.09 -124.96
C6 A2G IB . 88.56 -4.14 -124.31
O6 A2G IB . 87.84 -2.94 -124.49
C7 A2G IB . 94.08 -5.35 -122.82
O7 A2G IB . 94.56 -6.11 -123.66
C8 A2G IB . 94.47 -5.42 -121.37
C1 MAN IB . 90.52 -7.13 -121.59
C2 MAN IB . 91.84 -7.94 -121.86
C3 MAN IB . 91.57 -9.30 -122.51
C4 MAN IB . 90.42 -10.01 -121.81
C5 MAN IB . 89.19 -9.15 -121.90
C6 MAN IB . 87.95 -9.83 -121.35
O2 MAN IB . 92.56 -8.19 -120.65
O3 MAN IB . 92.74 -10.13 -122.48
O4 MAN IB . 90.20 -11.30 -122.41
O5 MAN IB . 89.42 -7.95 -121.14
O6 MAN IB . 87.96 -9.68 -119.92
N1 WT8 IB . 92.02 -16.25 -124.71
C4 WT8 IB . 92.31 -14.72 -121.96
C5 WT8 IB . 91.35 -14.49 -123.12
C6 WT8 IB . 91.95 -14.81 -124.49
C7 WT8 IB . 93.85 -16.57 -121.66
C8 WT8 IB . 94.88 -17.49 -122.24
C10 WT8 IB . 89.22 -13.37 -121.43
C13 WT8 IB . 93.00 -18.29 -125.49
C1 WT8 IB . 90.45 -12.64 -121.87
C11 WT8 IB . 89.78 -14.74 -125.77
C12 WT8 IB . 93.09 -16.81 -125.24
C2 WT8 IB . 91.54 -12.64 -120.78
C3 WT8 IB . 92.75 -13.39 -121.31
C9 WT8 IB . 91.17 -14.14 -125.61
N4 WT8 IB . 93.50 -15.49 -122.34
N9 WT8 IB . 93.37 -16.85 -120.53
O11 WT8 IB . 88.13 -13.06 -121.94
O12 WT8 IB . 89.36 -14.21 -120.56
O13 WT8 IB . 91.88 -14.30 -126.83
O14 WT8 IB . 94.10 -16.18 -125.52
O3 WT8 IB . 93.42 -12.60 -122.30
O5 WT8 IB . 90.94 -13.12 -123.13
O5 A2G JB . 83.43 41.45 -133.16
C1 A2G JB . 83.00 40.10 -133.09
C2 A2G JB . 82.12 39.88 -134.32
N2 A2G JB . 81.50 38.58 -134.24
C3 A2G JB . 82.96 40.09 -135.60
O3 A2G JB . 82.19 39.89 -136.79
C4 A2G JB . 83.79 41.38 -135.61
O4 A2G JB . 83.07 42.50 -136.11
C5 A2G JB . 84.37 41.70 -134.23
C6 A2G JB . 84.84 43.14 -134.08
O6 A2G JB . 84.51 43.72 -132.81
C7 A2G JB . 81.80 37.51 -134.98
O7 A2G JB . 81.36 37.34 -136.11
C8 A2G JB . 82.82 36.57 -134.39
O5 A2G JB . 81.16 41.91 -137.32
C1 A2G JB . 80.91 40.58 -136.90
C2 A2G JB . 80.04 39.74 -137.83
N2 A2G JB . 80.89 39.23 -138.88
C3 A2G JB . 78.91 40.54 -138.50
O3 A2G JB . 77.69 40.55 -137.76
C4 A2G JB . 79.33 41.95 -138.90
O4 A2G JB . 78.17 42.71 -139.28
C5 A2G JB . 80.02 42.69 -137.77
C6 A2G JB . 79.14 43.03 -136.57
O6 A2G JB . 79.84 43.78 -135.59
C7 A2G JB . 80.48 38.29 -139.73
O7 A2G JB . 80.30 38.55 -140.91
C8 A2G JB . 80.25 36.92 -139.16
C1 MAN JB . 76.94 39.31 -137.79
C2 MAN JB . 76.98 38.60 -139.18
C3 MAN JB . 75.87 39.08 -140.13
C4 MAN JB . 74.54 39.16 -139.40
C5 MAN JB . 74.67 40.11 -138.25
C6 MAN JB . 73.36 40.37 -137.53
O2 MAN JB . 76.83 37.19 -139.05
O3 MAN JB . 75.76 38.23 -141.28
O4 MAN JB . 73.51 39.60 -140.30
O5 MAN JB . 75.60 39.55 -137.30
O6 MAN JB . 73.13 39.29 -136.62
N1 WT8 JB . 70.87 39.57 -145.42
C4 WT8 JB . 71.60 37.47 -143.17
C5 WT8 JB . 71.60 39.01 -143.13
C6 WT8 JB . 71.96 39.64 -144.47
C7 WT8 JB . 70.73 36.05 -144.92
C8 WT8 JB . 70.61 35.73 -146.39
C10 WT8 JB . 71.07 39.17 -140.25
C13 WT8 JB . 69.85 39.29 -147.57
C1 WT8 JB . 72.39 38.84 -140.87
C11 WT8 JB . 71.29 41.99 -143.87
C12 WT8 JB . 71.06 39.24 -146.68
C2 WT8 JB . 72.64 37.32 -140.90
C3 WT8 JB . 72.75 36.88 -142.35
C9 WT8 JB . 72.43 41.08 -144.29
N4 WT8 JB . 71.63 36.94 -144.52
N9 WT8 JB . 69.98 35.42 -144.12
O11 WT8 JB . 70.90 40.29 -139.72
O12 WT8 JB . 70.20 38.30 -140.28
O13 WT8 JB . 72.95 41.57 -145.53
O14 WT8 JB . 72.16 38.92 -147.11
O3 WT8 JB . 73.98 37.34 -142.92
O5 WT8 JB . 72.54 39.45 -142.16
MG MG KB . -76.99 -3.51 56.82
MG MG LB . -145.72 -35.91 126.05
MG MG MB . -125.73 -9.37 135.21
MG MG NB . -96.07 -25.48 142.41
MG MG OB . -96.92 -51.23 119.93
MG MG PB . -112.78 -36.94 93.71
MG MG QB . -102.19 -5.08 95.62
MG MG RB . -70.97 -8.64 107.37
MG MG SB . -61.49 -37.72 93.29
MG MG TB . -77.57 -36.51 63.66
MG MG UB . -47.58 5.81 70.20
MG MG VB . -28.65 -21.56 65.05
MG MG WB . -40.84 -32.97 35.85
MG MG XB . -48.99 -4.37 20.17
MG MG YB . -25.21 16.68 31.32
MG MG ZB . 1.26 -3.88 34.72
MG MG AC . -3.86 -25.60 9.34
MG MG BC . -18.04 -5.85 -13.91
MG MG CC . -2.56 23.42 -8.03
MG MG DC . 27.90 13.51 1.46
MG MG EC . 32.20 -14.16 -16.89
MG MG FC . 15.90 -6.44 -44.99
MG MG GC . 21.42 26.51 -47.19
MG MG HC . 52.07 29.12 -34.19
MG MG IC . 66.09 0.44 -43.96
MG MG JC . 51.71 -4.52 -73.58
MG MG KC . 47.87 26.70 -84.80
MG MG LC . 74.71 41.90 -72.22
MG MG MC . 97.42 17.45 -73.08
MG MG NC . 88.74 0.79 -100.46
MG MG OC . 77.22 25.17 -120.18
#